data_2RML
#
_entry.id   2RML
#
_entity_poly.entity_id   1
_entity_poly.type   'polypeptide(L)'
_entity_poly.pdbx_seq_one_letter_code
;MLSEQKEIAMQVSGMTCAACAARIEKGLKRMPGVTDANVNLATETSNVIYDPAETGTAAIQEKIEKLGYHVVTEKAEFDI
EGMTCAACANRIEKRLNKIEGVANAPVNFALETVTVEYNPKEASVSDLKEAVDKLGYKLKLKGEQDS
;
_entity_poly.pdbx_strand_id   A
#
# COMPACT_ATOMS: atom_id res chain seq x y z
N MET A 1 -24.25 13.60 -0.74
CA MET A 1 -24.28 13.11 0.65
C MET A 1 -23.05 12.26 0.94
N LEU A 2 -22.97 11.04 0.37
CA LEU A 2 -21.87 10.08 0.56
C LEU A 2 -20.99 9.92 -0.69
N SER A 3 -19.91 9.14 -0.52
CA SER A 3 -18.69 8.88 -1.33
C SER A 3 -17.50 8.95 -0.36
N GLU A 4 -16.35 8.31 -0.63
CA GLU A 4 -15.19 8.36 0.28
C GLU A 4 -13.89 8.04 -0.47
N GLN A 5 -13.18 9.09 -0.87
CA GLN A 5 -12.01 8.98 -1.74
C GLN A 5 -10.74 8.90 -0.87
N LYS A 6 -10.04 7.77 -0.94
CA LYS A 6 -8.83 7.46 -0.19
C LYS A 6 -7.59 7.66 -1.07
N GLU A 7 -6.49 8.06 -0.45
CA GLU A 7 -5.17 8.22 -1.06
C GLU A 7 -4.28 6.97 -0.90
N ILE A 8 -3.17 6.93 -1.64
CA ILE A 8 -2.02 6.03 -1.46
C ILE A 8 -0.76 6.67 -2.07
N ALA A 9 0.40 6.40 -1.48
CA ALA A 9 1.72 6.60 -2.10
C ALA A 9 2.34 5.23 -2.44
N MET A 10 3.11 5.17 -3.53
CA MET A 10 3.62 3.94 -4.17
C MET A 10 4.88 4.29 -5.01
N GLN A 11 5.66 3.33 -5.50
CA GLN A 11 6.88 3.61 -6.27
C GLN A 11 7.05 2.70 -7.50
N VAL A 12 7.41 3.26 -8.66
CA VAL A 12 7.55 2.54 -9.94
C VAL A 12 8.86 2.89 -10.67
N SER A 13 9.56 1.88 -11.21
CA SER A 13 10.79 2.07 -11.99
C SER A 13 10.56 1.94 -13.51
N GLY A 14 11.24 2.80 -14.27
CA GLY A 14 11.15 2.95 -15.73
C GLY A 14 10.84 4.37 -16.22
N MET A 15 10.61 5.33 -15.30
CA MET A 15 10.23 6.71 -15.65
C MET A 15 11.44 7.60 -15.98
N THR A 16 12.15 7.29 -17.06
CA THR A 16 13.35 8.04 -17.49
C THR A 16 13.04 9.28 -18.35
N CYS A 17 11.76 9.67 -18.48
CA CYS A 17 11.31 10.90 -19.14
C CYS A 17 10.02 11.41 -18.47
N ALA A 18 9.78 12.72 -18.53
CA ALA A 18 8.53 13.36 -18.10
C ALA A 18 7.28 12.76 -18.76
N ALA A 19 7.40 12.24 -19.99
CA ALA A 19 6.30 11.58 -20.70
C ALA A 19 5.85 10.28 -20.01
N CYS A 20 6.75 9.59 -19.30
CA CYS A 20 6.45 8.39 -18.51
C CYS A 20 5.56 8.75 -17.31
N ALA A 21 5.95 9.80 -16.57
CA ALA A 21 5.18 10.37 -15.47
C ALA A 21 3.80 10.86 -15.96
N ALA A 22 3.78 11.65 -17.04
CA ALA A 22 2.57 12.10 -17.70
C ALA A 22 1.61 10.95 -17.99
N ARG A 23 2.06 9.87 -18.65
CA ARG A 23 1.25 8.67 -18.94
C ARG A 23 0.76 7.89 -17.71
N ILE A 24 1.40 8.00 -16.55
CA ILE A 24 0.83 7.46 -15.29
C ILE A 24 -0.34 8.32 -14.81
N GLU A 25 -0.18 9.65 -14.73
CA GLU A 25 -1.23 10.56 -14.25
C GLU A 25 -2.44 10.54 -15.20
N LYS A 26 -2.15 10.67 -16.50
CA LYS A 26 -3.11 10.59 -17.61
C LYS A 26 -3.71 9.19 -17.80
N GLY A 27 -3.07 8.14 -17.27
CA GLY A 27 -3.53 6.75 -17.33
C GLY A 27 -4.46 6.40 -16.16
N LEU A 28 -4.04 6.71 -14.93
CA LEU A 28 -4.80 6.41 -13.72
C LEU A 28 -6.12 7.17 -13.67
N LYS A 29 -6.15 8.46 -14.04
CA LYS A 29 -7.37 9.28 -14.06
C LYS A 29 -8.50 8.70 -14.95
N ARG A 30 -8.22 7.71 -15.80
CA ARG A 30 -9.23 7.00 -16.59
C ARG A 30 -9.96 5.86 -15.84
N MET A 31 -9.47 5.35 -14.70
CA MET A 31 -10.16 4.26 -14.00
C MET A 31 -11.44 4.78 -13.33
N PRO A 32 -12.61 4.10 -13.45
CA PRO A 32 -13.89 4.69 -13.05
C PRO A 32 -14.00 4.98 -11.55
N GLY A 33 -13.27 4.26 -10.69
CA GLY A 33 -13.18 4.57 -9.25
C GLY A 33 -12.09 5.59 -8.90
N VAL A 34 -11.19 5.96 -9.82
CA VAL A 34 -10.09 6.90 -9.57
C VAL A 34 -10.55 8.32 -9.88
N THR A 35 -10.11 9.29 -9.08
CA THR A 35 -10.22 10.72 -9.40
C THR A 35 -8.89 11.29 -9.82
N ASP A 36 -7.81 11.02 -9.07
CA ASP A 36 -6.58 11.81 -9.22
C ASP A 36 -5.30 10.99 -9.05
N ALA A 37 -4.22 11.48 -9.67
CA ALA A 37 -2.87 10.95 -9.56
C ALA A 37 -1.82 12.05 -9.77
N ASN A 38 -0.71 11.96 -9.04
CA ASN A 38 0.50 12.80 -9.17
C ASN A 38 1.72 11.89 -9.00
N VAL A 39 2.69 11.88 -9.92
CA VAL A 39 3.91 11.06 -9.78
C VAL A 39 5.15 11.92 -9.97
N ASN A 40 6.06 11.87 -8.99
CA ASN A 40 7.27 12.71 -9.01
C ASN A 40 8.34 12.05 -9.88
N LEU A 41 8.61 12.66 -11.04
CA LEU A 41 9.68 12.28 -11.96
C LEU A 41 11.03 12.17 -11.22
N ALA A 42 11.87 11.21 -11.63
CA ALA A 42 13.20 10.90 -11.10
C ALA A 42 13.20 10.28 -9.69
N THR A 43 12.36 10.80 -8.77
CA THR A 43 12.18 10.31 -7.38
C THR A 43 11.38 9.00 -7.35
N GLU A 44 10.46 8.82 -8.30
CA GLU A 44 9.73 7.60 -8.69
C GLU A 44 8.41 7.36 -7.94
N THR A 45 8.03 8.28 -7.03
CA THR A 45 6.94 8.10 -6.07
C THR A 45 5.62 8.59 -6.68
N SER A 46 4.67 7.68 -6.82
CA SER A 46 3.34 7.89 -7.38
C SER A 46 2.28 7.96 -6.27
N ASN A 47 1.42 8.96 -6.34
CA ASN A 47 0.51 9.38 -5.26
C ASN A 47 -0.91 9.48 -5.85
N VAL A 48 -1.82 8.59 -5.44
CA VAL A 48 -3.04 8.25 -6.21
C VAL A 48 -4.29 8.29 -5.32
N ILE A 49 -5.43 8.77 -5.82
CA ILE A 49 -6.67 9.01 -5.06
C ILE A 49 -7.92 8.48 -5.78
N TYR A 50 -8.70 7.64 -5.07
CA TYR A 50 -9.83 6.85 -5.57
C TYR A 50 -10.94 6.55 -4.53
N ASP A 51 -12.16 6.32 -5.01
CA ASP A 51 -13.27 5.67 -4.29
C ASP A 51 -13.08 4.13 -4.32
N PRO A 52 -12.77 3.49 -3.18
CA PRO A 52 -12.39 2.07 -3.11
C PRO A 52 -13.58 1.10 -3.23
N ALA A 53 -14.76 1.56 -3.67
CA ALA A 53 -15.94 0.73 -3.89
C ALA A 53 -15.96 0.12 -5.31
N GLU A 54 -15.24 0.73 -6.24
CA GLU A 54 -15.17 0.34 -7.66
C GLU A 54 -13.72 0.23 -8.17
N THR A 55 -12.73 0.86 -7.52
CA THR A 55 -11.31 0.66 -7.85
C THR A 55 -10.47 0.79 -6.59
N GLY A 56 -9.97 -0.35 -6.09
CA GLY A 56 -9.15 -0.46 -4.88
C GLY A 56 -7.66 -0.61 -5.17
N THR A 57 -6.85 -0.66 -4.10
CA THR A 57 -5.39 -0.44 -4.12
C THR A 57 -4.62 -1.33 -5.09
N ALA A 58 -4.91 -2.63 -5.15
CA ALA A 58 -4.18 -3.57 -6.03
C ALA A 58 -4.39 -3.25 -7.52
N ALA A 59 -5.56 -2.72 -7.91
CA ALA A 59 -5.82 -2.31 -9.28
C ALA A 59 -4.92 -1.14 -9.72
N ILE A 60 -4.44 -0.29 -8.81
CA ILE A 60 -3.52 0.81 -9.14
C ILE A 60 -2.15 0.26 -9.52
N GLN A 61 -1.60 -0.68 -8.74
CA GLN A 61 -0.29 -1.27 -9.07
C GLN A 61 -0.36 -2.05 -10.39
N GLU A 62 -1.47 -2.76 -10.65
CA GLU A 62 -1.65 -3.48 -11.92
C GLU A 62 -1.82 -2.52 -13.09
N LYS A 63 -2.55 -1.39 -12.94
CA LYS A 63 -2.67 -0.42 -14.03
C LYS A 63 -1.35 0.27 -14.34
N ILE A 64 -0.49 0.48 -13.34
CA ILE A 64 0.90 0.96 -13.51
C ILE A 64 1.76 -0.06 -14.25
N GLU A 65 1.73 -1.33 -13.85
CA GLU A 65 2.39 -2.43 -14.57
C GLU A 65 1.94 -2.51 -16.05
N LYS A 66 0.65 -2.29 -16.31
CA LYS A 66 0.07 -2.30 -17.67
C LYS A 66 0.68 -1.26 -18.65
N LEU A 67 1.53 -0.32 -18.21
CA LEU A 67 2.30 0.56 -19.12
C LEU A 67 3.59 -0.11 -19.65
N GLY A 68 4.09 -1.18 -19.03
CA GLY A 68 5.35 -1.83 -19.38
C GLY A 68 6.54 -1.39 -18.51
N TYR A 69 6.28 -1.02 -17.26
CA TYR A 69 7.29 -0.63 -16.25
C TYR A 69 7.67 -1.82 -15.34
N HIS A 70 8.36 -1.56 -14.23
CA HIS A 70 8.35 -2.47 -13.07
C HIS A 70 7.96 -1.70 -11.81
N VAL A 71 6.81 -2.02 -11.19
CA VAL A 71 6.42 -1.42 -9.91
C VAL A 71 7.34 -1.97 -8.80
N VAL A 72 8.14 -1.11 -8.16
CA VAL A 72 9.36 -1.54 -7.43
C VAL A 72 9.02 -1.97 -6.01
N THR A 73 8.48 -3.17 -5.93
CA THR A 73 7.75 -3.70 -4.79
C THR A 73 8.44 -4.95 -4.24
N GLU A 74 8.16 -5.20 -2.97
CA GLU A 74 8.63 -6.33 -2.20
C GLU A 74 7.49 -6.77 -1.27
N LYS A 75 7.43 -8.03 -0.86
CA LYS A 75 6.54 -8.45 0.22
C LYS A 75 7.26 -9.23 1.32
N ALA A 76 6.70 -9.16 2.53
CA ALA A 76 7.10 -9.92 3.71
C ALA A 76 5.87 -10.24 4.57
N GLU A 77 6.05 -11.18 5.50
CA GLU A 77 5.04 -11.54 6.50
C GLU A 77 5.43 -11.03 7.89
N PHE A 78 4.42 -10.60 8.64
CA PHE A 78 4.54 -10.05 9.99
C PHE A 78 3.58 -10.77 10.95
N ASP A 79 4.04 -10.92 12.19
CA ASP A 79 3.42 -11.72 13.26
C ASP A 79 2.86 -10.85 14.40
N ILE A 80 1.58 -11.05 14.75
CA ILE A 80 0.71 -10.03 15.37
C ILE A 80 0.07 -10.52 16.68
N GLU A 81 0.89 -10.72 17.72
CA GLU A 81 0.36 -11.03 19.05
C GLU A 81 -0.46 -9.87 19.60
N GLY A 82 -1.73 -10.14 19.89
CA GLY A 82 -2.74 -9.19 20.34
C GLY A 82 -3.90 -9.05 19.35
N MET A 83 -3.70 -9.43 18.09
CA MET A 83 -4.82 -9.76 17.20
C MET A 83 -5.40 -11.12 17.66
N THR A 84 -6.71 -11.16 17.94
CA THR A 84 -7.44 -12.32 18.50
C THR A 84 -8.71 -12.71 17.75
N CYS A 85 -9.16 -11.90 16.78
CA CYS A 85 -10.47 -12.00 16.12
C CYS A 85 -10.56 -11.03 14.92
N ALA A 86 -11.57 -11.17 14.06
CA ALA A 86 -11.73 -10.38 12.84
C ALA A 86 -11.75 -8.85 13.07
N ALA A 87 -12.40 -8.38 14.14
CA ALA A 87 -12.40 -6.95 14.50
C ALA A 87 -11.00 -6.45 14.92
N CYS A 88 -10.19 -7.31 15.53
CA CYS A 88 -8.80 -7.04 15.92
C CYS A 88 -7.89 -6.94 14.69
N ALA A 89 -8.05 -7.88 13.74
CA ALA A 89 -7.42 -7.81 12.43
C ALA A 89 -7.80 -6.49 11.74
N ASN A 90 -9.09 -6.20 11.60
CA ASN A 90 -9.59 -4.95 11.01
C ASN A 90 -9.03 -3.69 11.71
N ARG A 91 -8.85 -3.69 13.04
CA ARG A 91 -8.24 -2.56 13.76
C ARG A 91 -6.83 -2.20 13.28
N ILE A 92 -5.91 -3.17 13.12
CA ILE A 92 -4.59 -2.84 12.52
C ILE A 92 -4.65 -2.71 11.00
N GLU A 93 -5.50 -3.49 10.32
CA GLU A 93 -5.69 -3.45 8.87
C GLU A 93 -6.02 -2.04 8.40
N LYS A 94 -6.93 -1.32 9.08
CA LYS A 94 -7.27 0.06 8.75
C LYS A 94 -6.14 1.10 9.03
N ARG A 95 -4.92 0.64 9.31
CA ARG A 95 -3.67 1.38 9.01
C ARG A 95 -2.77 0.58 8.05
N LEU A 96 -2.46 -0.69 8.36
CA LEU A 96 -1.56 -1.57 7.61
C LEU A 96 -1.87 -1.66 6.12
N ASN A 97 -3.15 -1.65 5.74
CA ASN A 97 -3.64 -1.88 4.38
C ASN A 97 -2.87 -1.08 3.31
N LYS A 98 -2.51 0.18 3.62
CA LYS A 98 -1.74 1.07 2.73
C LYS A 98 -0.71 1.98 3.45
N ILE A 99 -0.82 2.17 4.77
CA ILE A 99 -0.14 3.18 5.61
C ILE A 99 0.07 4.50 4.84
N GLU A 100 1.31 4.82 4.48
CA GLU A 100 1.72 5.94 3.63
C GLU A 100 2.93 5.45 2.83
N GLY A 101 2.72 4.45 1.94
CA GLY A 101 3.79 3.76 1.21
C GLY A 101 3.73 2.22 1.13
N VAL A 102 2.67 1.58 1.64
CA VAL A 102 2.38 0.14 1.47
C VAL A 102 1.39 -0.01 0.31
N ALA A 103 1.60 -0.99 -0.56
CA ALA A 103 0.76 -1.25 -1.74
C ALA A 103 -0.51 -2.03 -1.37
N ASN A 104 -0.39 -3.06 -0.53
CA ASN A 104 -1.52 -3.82 0.02
C ASN A 104 -1.12 -4.69 1.23
N ALA A 105 -2.05 -4.83 2.18
CA ALA A 105 -1.92 -5.75 3.32
C ALA A 105 -3.31 -6.21 3.84
N PRO A 106 -3.70 -7.48 3.59
CA PRO A 106 -4.87 -8.12 4.20
C PRO A 106 -4.47 -8.85 5.49
N VAL A 107 -5.13 -8.54 6.62
CA VAL A 107 -4.74 -9.07 7.94
C VAL A 107 -5.56 -10.32 8.29
N ASN A 108 -4.89 -11.37 8.76
CA ASN A 108 -5.51 -12.65 9.06
C ASN A 108 -6.25 -12.67 10.41
N PHE A 109 -7.45 -13.27 10.43
CA PHE A 109 -8.38 -13.24 11.57
C PHE A 109 -8.33 -14.49 12.47
N ALA A 110 -7.45 -15.46 12.19
CA ALA A 110 -7.23 -16.64 13.03
C ALA A 110 -5.74 -17.05 13.14
N LEU A 111 -4.96 -16.85 12.08
CA LEU A 111 -3.52 -17.21 12.01
C LEU A 111 -2.61 -16.10 12.57
N GLU A 112 -3.18 -14.97 13.02
CA GLU A 112 -2.50 -13.93 13.80
C GLU A 112 -1.27 -13.35 13.07
N THR A 113 -1.38 -13.21 11.74
CA THR A 113 -0.31 -12.81 10.82
C THR A 113 -0.90 -11.88 9.75
N VAL A 114 -0.05 -11.14 9.05
CA VAL A 114 -0.42 -10.32 7.89
C VAL A 114 0.68 -10.39 6.82
N THR A 115 0.26 -10.53 5.56
CA THR A 115 1.12 -10.43 4.37
C THR A 115 1.15 -8.96 3.98
N VAL A 116 2.33 -8.34 3.97
CA VAL A 116 2.50 -6.91 3.67
C VAL A 116 3.29 -6.79 2.36
N GLU A 117 2.70 -6.14 1.36
CA GLU A 117 3.31 -5.82 0.06
C GLU A 117 3.50 -4.31 -0.06
N TYR A 118 4.75 -3.86 -0.25
CA TYR A 118 5.18 -2.48 -0.02
C TYR A 118 6.32 -2.02 -0.94
N ASN A 119 6.63 -0.73 -0.91
CA ASN A 119 7.80 -0.14 -1.57
C ASN A 119 8.94 0.09 -0.55
N PRO A 120 10.08 -0.63 -0.66
CA PRO A 120 11.25 -0.47 0.23
C PRO A 120 12.05 0.80 -0.15
N LYS A 121 11.41 1.97 -0.01
CA LYS A 121 11.87 3.25 -0.54
C LYS A 121 11.76 4.44 0.43
N GLU A 122 10.67 4.56 1.18
CA GLU A 122 10.36 5.79 1.96
C GLU A 122 9.87 5.57 3.42
N ALA A 123 9.73 4.33 3.89
CA ALA A 123 9.41 4.01 5.30
C ALA A 123 10.18 2.75 5.74
N SER A 124 10.11 2.33 7.01
CA SER A 124 10.73 1.08 7.47
C SER A 124 10.10 0.50 8.76
N VAL A 125 10.73 -0.54 9.33
CA VAL A 125 10.19 -1.40 10.41
C VAL A 125 9.82 -0.61 11.68
N SER A 126 10.48 0.52 11.93
CA SER A 126 10.11 1.47 12.99
C SER A 126 8.68 2.02 12.80
N ASP A 127 8.32 2.43 11.58
CA ASP A 127 7.02 3.03 11.28
C ASP A 127 5.90 1.97 11.33
N LEU A 128 6.22 0.74 10.90
CA LEU A 128 5.32 -0.41 11.01
C LEU A 128 5.04 -0.74 12.49
N LYS A 129 6.10 -0.79 13.32
CA LYS A 129 5.99 -0.91 14.78
C LYS A 129 5.06 0.18 15.32
N GLU A 130 5.37 1.46 15.08
CA GLU A 130 4.60 2.58 15.62
C GLU A 130 3.13 2.62 15.14
N ALA A 131 2.84 2.12 13.93
CA ALA A 131 1.46 1.97 13.45
C ALA A 131 0.66 0.89 14.20
N VAL A 132 1.31 -0.18 14.67
CA VAL A 132 0.70 -1.28 15.45
C VAL A 132 0.67 -0.99 16.95
N ASP A 133 1.69 -0.32 17.48
CA ASP A 133 1.79 0.17 18.86
C ASP A 133 0.61 1.08 19.24
N LYS A 134 0.16 1.87 18.26
CA LYS A 134 -1.00 2.75 18.32
C LYS A 134 -2.31 2.00 18.62
N LEU A 135 -2.47 0.76 18.14
CA LEU A 135 -3.58 -0.14 18.50
C LEU A 135 -3.27 -0.97 19.76
N GLY A 136 -1.99 -1.23 20.05
CA GLY A 136 -1.51 -1.87 21.28
C GLY A 136 -1.03 -3.31 21.16
N TYR A 137 -0.96 -3.87 19.94
CA TYR A 137 -0.45 -5.22 19.72
C TYR A 137 1.08 -5.16 19.60
N LYS A 138 1.74 -6.10 18.91
CA LYS A 138 3.14 -5.98 18.56
C LYS A 138 3.37 -6.53 17.15
N LEU A 139 4.57 -6.27 16.63
CA LEU A 139 5.07 -6.89 15.41
C LEU A 139 6.33 -7.67 15.72
N LYS A 140 6.37 -8.92 15.26
CA LYS A 140 7.61 -9.66 15.06
C LYS A 140 7.70 -10.08 13.58
N LEU A 141 8.90 -10.24 13.01
CA LEU A 141 9.11 -10.39 11.57
C LEU A 141 9.40 -11.85 11.23
N LYS A 142 8.80 -12.35 10.17
CA LYS A 142 8.65 -13.78 9.91
C LYS A 142 9.96 -14.30 9.31
N GLY A 143 10.77 -14.94 10.15
CA GLY A 143 12.20 -15.13 9.93
C GLY A 143 13.02 -13.91 10.32
N GLU A 144 12.64 -12.68 9.91
CA GLU A 144 13.54 -11.52 10.04
C GLU A 144 13.59 -10.84 11.41
N GLN A 145 12.74 -11.25 12.35
CA GLN A 145 12.88 -10.94 13.77
C GLN A 145 11.98 -11.88 14.57
N ASP A 146 12.57 -12.96 15.08
CA ASP A 146 11.99 -13.87 16.09
C ASP A 146 11.04 -14.91 15.48
N SER A 147 10.33 -14.53 14.40
CA SER A 147 9.44 -15.34 13.57
C SER A 147 8.06 -15.58 14.16
N MET A 1 -25.36 5.68 -0.55
CA MET A 1 -24.19 5.41 -1.41
C MET A 1 -22.91 5.70 -0.63
N LEU A 2 -21.74 5.25 -1.10
CA LEU A 2 -20.44 5.75 -0.64
C LEU A 2 -19.96 6.92 -1.51
N SER A 3 -18.90 7.58 -1.05
CA SER A 3 -18.19 8.73 -1.65
C SER A 3 -17.21 9.28 -0.60
N GLU A 4 -15.90 9.15 -0.84
CA GLU A 4 -14.81 9.67 -0.01
C GLU A 4 -13.44 9.43 -0.68
N GLN A 5 -12.96 10.41 -1.45
CA GLN A 5 -11.71 10.30 -2.20
C GLN A 5 -10.50 10.30 -1.25
N LYS A 6 -9.69 9.23 -1.31
CA LYS A 6 -8.60 8.94 -0.39
C LYS A 6 -7.31 8.50 -1.13
N GLU A 7 -6.18 8.56 -0.45
CA GLU A 7 -4.83 8.59 -1.02
C GLU A 7 -4.14 7.22 -1.14
N ILE A 8 -3.06 7.18 -1.91
CA ILE A 8 -1.95 6.24 -1.83
C ILE A 8 -0.69 6.91 -2.41
N ALA A 9 0.49 6.59 -1.84
CA ALA A 9 1.80 6.90 -2.40
C ALA A 9 2.47 5.59 -2.81
N MET A 10 3.19 5.60 -3.94
CA MET A 10 3.62 4.39 -4.66
C MET A 10 4.89 4.62 -5.48
N GLN A 11 5.54 3.53 -5.87
CA GLN A 11 6.85 3.50 -6.54
C GLN A 11 6.89 2.37 -7.60
N VAL A 12 7.84 2.45 -8.53
CA VAL A 12 7.85 1.71 -9.80
C VAL A 12 9.25 1.78 -10.43
N SER A 13 9.66 0.70 -11.10
CA SER A 13 10.92 0.62 -11.84
C SER A 13 10.78 1.21 -13.25
N GLY A 14 11.65 2.17 -13.60
CA GLY A 14 11.82 2.63 -14.99
C GLY A 14 11.32 4.04 -15.31
N MET A 15 11.10 4.92 -14.33
CA MET A 15 10.75 6.33 -14.56
C MET A 15 11.96 7.19 -14.99
N THR A 16 12.65 6.79 -16.05
CA THR A 16 13.92 7.39 -16.53
C THR A 16 13.71 8.52 -17.54
N CYS A 17 12.48 9.02 -17.68
CA CYS A 17 12.08 10.04 -18.65
C CYS A 17 10.74 10.68 -18.22
N ALA A 18 10.55 11.98 -18.46
CA ALA A 18 9.27 12.68 -18.26
C ALA A 18 8.07 12.02 -18.98
N ALA A 19 8.29 11.24 -20.04
CA ALA A 19 7.24 10.47 -20.70
C ALA A 19 6.67 9.33 -19.83
N CYS A 20 7.44 8.82 -18.86
CA CYS A 20 6.99 7.81 -17.90
C CYS A 20 5.90 8.40 -16.99
N ALA A 21 6.20 9.58 -16.43
CA ALA A 21 5.25 10.43 -15.70
C ALA A 21 3.96 10.67 -16.51
N ALA A 22 4.09 11.20 -17.73
CA ALA A 22 2.96 11.45 -18.63
C ALA A 22 2.09 10.20 -18.87
N ARG A 23 2.72 9.05 -19.12
CA ARG A 23 2.05 7.75 -19.29
C ARG A 23 1.33 7.28 -18.01
N ILE A 24 1.96 7.41 -16.83
CA ILE A 24 1.36 7.00 -15.55
C ILE A 24 0.15 7.88 -15.22
N GLU A 25 0.29 9.21 -15.28
CA GLU A 25 -0.78 10.15 -14.96
C GLU A 25 -1.96 9.99 -15.92
N LYS A 26 -1.75 10.00 -17.24
CA LYS A 26 -2.83 9.83 -18.21
C LYS A 26 -3.50 8.45 -18.12
N GLY A 27 -2.73 7.40 -17.82
CA GLY A 27 -3.23 6.04 -17.56
C GLY A 27 -4.14 5.93 -16.32
N LEU A 28 -3.82 6.64 -15.23
CA LEU A 28 -4.62 6.60 -13.99
C LEU A 28 -5.78 7.62 -14.00
N LYS A 29 -5.56 8.86 -14.46
CA LYS A 29 -6.60 9.90 -14.56
C LYS A 29 -7.85 9.48 -15.35
N ARG A 30 -7.75 8.43 -16.18
CA ARG A 30 -8.85 7.85 -16.95
C ARG A 30 -9.75 6.87 -16.17
N MET A 31 -9.34 6.32 -15.01
CA MET A 31 -10.18 5.35 -14.29
C MET A 31 -11.39 6.05 -13.65
N PRO A 32 -12.64 5.55 -13.79
CA PRO A 32 -13.82 6.23 -13.27
C PRO A 32 -13.81 6.39 -11.74
N GLY A 33 -13.08 5.53 -11.01
CA GLY A 33 -12.90 5.66 -9.57
C GLY A 33 -11.71 6.52 -9.14
N VAL A 34 -10.88 7.05 -10.04
CA VAL A 34 -9.66 7.81 -9.73
C VAL A 34 -9.93 9.29 -10.00
N THR A 35 -9.70 10.15 -9.00
CA THR A 35 -9.83 11.61 -9.15
C THR A 35 -8.55 12.21 -9.67
N ASP A 36 -7.41 11.84 -9.08
CA ASP A 36 -6.13 12.54 -9.34
C ASP A 36 -4.95 11.57 -9.30
N ALA A 37 -3.96 11.80 -10.15
CA ALA A 37 -2.64 11.17 -10.09
C ALA A 37 -1.60 12.24 -10.43
N ASN A 38 -0.58 12.38 -9.59
CA ASN A 38 0.53 13.33 -9.77
C ASN A 38 1.83 12.64 -9.35
N VAL A 39 2.84 12.55 -10.21
CA VAL A 39 4.16 12.04 -9.80
C VAL A 39 5.12 13.18 -9.43
N ASN A 40 5.71 13.08 -8.25
CA ASN A 40 6.77 13.98 -7.77
C ASN A 40 8.13 13.34 -8.08
N LEU A 41 8.55 13.44 -9.35
CA LEU A 41 9.67 12.67 -9.90
C LEU A 41 11.01 13.09 -9.27
N ALA A 42 11.15 14.33 -8.82
CA ALA A 42 12.27 14.82 -8.00
C ALA A 42 12.49 14.06 -6.67
N THR A 43 11.48 13.30 -6.18
CA THR A 43 11.61 12.32 -5.07
C THR A 43 11.13 10.93 -5.49
N GLU A 44 11.08 10.65 -6.79
CA GLU A 44 10.79 9.37 -7.44
C GLU A 44 9.44 8.71 -7.03
N THR A 45 8.50 9.49 -6.47
CA THR A 45 7.29 8.95 -5.81
C THR A 45 6.04 9.39 -6.54
N SER A 46 5.16 8.43 -6.83
CA SER A 46 3.84 8.66 -7.44
C SER A 46 2.75 8.78 -6.36
N ASN A 47 1.89 9.79 -6.46
CA ASN A 47 0.83 10.09 -5.50
C ASN A 47 -0.52 9.98 -6.22
N VAL A 48 -1.44 9.13 -5.74
CA VAL A 48 -2.71 8.82 -6.42
C VAL A 48 -3.87 8.98 -5.43
N ILE A 49 -5.00 9.53 -5.89
CA ILE A 49 -6.20 9.76 -5.08
C ILE A 49 -7.43 9.24 -5.84
N TYR A 50 -8.21 8.39 -5.17
CA TYR A 50 -9.31 7.59 -5.71
C TYR A 50 -10.45 7.39 -4.70
N ASP A 51 -11.67 7.10 -5.17
CA ASP A 51 -12.85 6.80 -4.33
C ASP A 51 -12.97 5.27 -4.09
N PRO A 52 -13.05 4.80 -2.83
CA PRO A 52 -12.84 3.39 -2.45
C PRO A 52 -14.05 2.48 -2.71
N ALA A 53 -14.91 2.81 -3.67
CA ALA A 53 -16.05 1.98 -4.07
C ALA A 53 -15.93 1.52 -5.53
N GLU A 54 -15.78 2.46 -6.48
CA GLU A 54 -15.58 2.18 -7.90
C GLU A 54 -14.22 1.52 -8.20
N THR A 55 -13.25 1.62 -7.27
CA THR A 55 -11.91 1.03 -7.39
C THR A 55 -11.24 0.83 -6.02
N GLY A 56 -10.06 0.21 -6.01
CA GLY A 56 -9.23 -0.06 -4.84
C GLY A 56 -7.74 -0.14 -5.21
N THR A 57 -6.85 -0.04 -4.20
CA THR A 57 -5.38 0.15 -4.40
C THR A 57 -4.79 -0.80 -5.44
N ALA A 58 -5.10 -2.10 -5.34
CA ALA A 58 -4.52 -3.16 -6.17
C ALA A 58 -4.78 -3.05 -7.69
N ALA A 59 -5.74 -2.21 -8.10
CA ALA A 59 -6.00 -1.90 -9.51
C ALA A 59 -4.96 -0.93 -10.12
N ILE A 60 -4.22 -0.20 -9.29
CA ILE A 60 -3.28 0.87 -9.69
C ILE A 60 -1.99 0.26 -10.25
N GLN A 61 -1.35 -0.69 -9.55
CA GLN A 61 -0.15 -1.34 -10.10
C GLN A 61 -0.44 -2.14 -11.37
N GLU A 62 -1.65 -2.67 -11.54
CA GLU A 62 -2.08 -3.24 -12.83
C GLU A 62 -2.04 -2.19 -13.95
N LYS A 63 -2.54 -0.96 -13.73
CA LYS A 63 -2.41 0.09 -14.75
C LYS A 63 -0.95 0.50 -14.98
N ILE A 64 -0.13 0.59 -13.94
CA ILE A 64 1.31 0.91 -14.09
C ILE A 64 2.02 -0.14 -14.96
N GLU A 65 1.78 -1.43 -14.69
CA GLU A 65 2.25 -2.56 -15.48
C GLU A 65 1.71 -2.57 -16.91
N LYS A 66 0.44 -2.19 -17.14
CA LYS A 66 -0.14 -2.09 -18.48
C LYS A 66 0.38 -0.89 -19.29
N LEU A 67 0.61 0.26 -18.64
CA LEU A 67 1.21 1.45 -19.26
C LEU A 67 2.69 1.19 -19.58
N GLY A 68 3.37 0.31 -18.85
CA GLY A 68 4.61 -0.34 -19.27
C GLY A 68 5.82 -0.03 -18.41
N TYR A 69 5.63 0.01 -17.09
CA TYR A 69 6.66 0.32 -16.09
C TYR A 69 6.58 -0.71 -14.95
N HIS A 70 7.71 -1.18 -14.41
CA HIS A 70 7.74 -2.48 -13.73
C HIS A 70 7.57 -2.36 -12.21
N VAL A 71 6.51 -2.93 -11.64
CA VAL A 71 6.13 -2.71 -10.23
C VAL A 71 7.21 -3.23 -9.28
N VAL A 72 7.64 -2.36 -8.35
CA VAL A 72 8.67 -2.64 -7.34
C VAL A 72 8.03 -2.86 -5.96
N THR A 73 7.03 -3.75 -5.89
CA THR A 73 6.41 -4.15 -4.63
C THR A 73 6.98 -5.48 -4.15
N GLU A 74 7.27 -5.53 -2.85
CA GLU A 74 7.80 -6.66 -2.10
C GLU A 74 6.65 -7.26 -1.28
N LYS A 75 6.67 -8.59 -1.10
CA LYS A 75 5.83 -9.28 -0.13
C LYS A 75 6.62 -9.60 1.16
N ALA A 76 6.01 -9.34 2.32
CA ALA A 76 6.51 -9.73 3.63
C ALA A 76 5.37 -10.20 4.53
N GLU A 77 5.73 -11.01 5.52
CA GLU A 77 4.85 -11.52 6.57
C GLU A 77 5.31 -10.99 7.94
N PHE A 78 4.34 -10.61 8.79
CA PHE A 78 4.54 -10.17 10.17
C PHE A 78 3.68 -10.99 11.13
N ASP A 79 4.12 -11.04 12.39
CA ASP A 79 3.45 -11.66 13.56
C ASP A 79 2.98 -10.55 14.52
N ILE A 80 1.75 -10.72 15.04
CA ILE A 80 1.12 -9.78 15.97
C ILE A 80 0.82 -10.50 17.31
N GLU A 81 1.87 -10.99 17.96
CA GLU A 81 1.90 -11.48 19.35
C GLU A 81 1.15 -10.52 20.30
N GLY A 82 -0.15 -10.79 20.48
CA GLY A 82 -1.08 -9.93 21.21
C GLY A 82 -2.53 -10.12 20.81
N MET A 83 -2.84 -10.10 19.50
CA MET A 83 -4.22 -9.96 19.01
C MET A 83 -5.07 -11.24 19.06
N THR A 84 -5.43 -11.68 20.27
CA THR A 84 -6.23 -12.90 20.56
C THR A 84 -7.72 -12.78 20.19
N CYS A 85 -8.05 -12.02 19.15
CA CYS A 85 -9.41 -11.76 18.67
C CYS A 85 -9.43 -11.24 17.24
N ALA A 86 -10.36 -11.74 16.43
CA ALA A 86 -10.63 -11.27 15.07
C ALA A 86 -10.95 -9.76 15.00
N ALA A 87 -11.59 -9.19 16.02
CA ALA A 87 -11.86 -7.75 16.09
C ALA A 87 -10.57 -6.91 16.17
N CYS A 88 -9.53 -7.41 16.83
CA CYS A 88 -8.21 -6.76 16.88
C CYS A 88 -7.51 -6.82 15.52
N ALA A 89 -7.56 -7.96 14.84
CA ALA A 89 -7.11 -8.12 13.45
C ALA A 89 -7.82 -7.13 12.51
N ASN A 90 -9.16 -7.09 12.54
CA ASN A 90 -9.96 -6.11 11.78
C ASN A 90 -9.53 -4.65 12.08
N ARG A 91 -9.32 -4.31 13.36
CA ARG A 91 -8.94 -2.95 13.77
C ARG A 91 -7.54 -2.53 13.31
N ILE A 92 -6.55 -3.43 13.25
CA ILE A 92 -5.26 -3.12 12.58
C ILE A 92 -5.39 -3.08 11.05
N GLU A 93 -6.11 -4.03 10.43
CA GLU A 93 -6.25 -4.15 8.97
C GLU A 93 -6.72 -2.84 8.33
N LYS A 94 -7.70 -2.18 8.96
CA LYS A 94 -8.26 -0.90 8.55
C LYS A 94 -7.20 0.20 8.34
N ARG A 95 -6.10 0.19 9.10
CA ARG A 95 -5.00 1.16 8.97
C ARG A 95 -3.80 0.60 8.18
N LEU A 96 -3.46 -0.69 8.33
CA LEU A 96 -2.47 -1.42 7.52
C LEU A 96 -2.74 -1.30 6.01
N ASN A 97 -4.02 -1.29 5.61
CA ASN A 97 -4.52 -1.30 4.23
C ASN A 97 -3.83 -0.41 3.20
N LYS A 98 -3.18 0.69 3.61
CA LYS A 98 -2.53 1.66 2.72
C LYS A 98 -1.46 2.51 3.40
N ILE A 99 -0.64 1.93 4.31
CA ILE A 99 0.46 2.64 4.99
C ILE A 99 1.59 3.01 4.00
N GLU A 100 1.41 4.09 3.25
CA GLU A 100 2.48 5.01 2.85
C GLU A 100 3.61 4.29 2.10
N GLY A 101 3.25 3.70 0.97
CA GLY A 101 4.07 2.70 0.25
C GLY A 101 3.51 1.29 0.40
N VAL A 102 2.82 0.97 1.50
CA VAL A 102 1.99 -0.25 1.59
C VAL A 102 0.79 -0.16 0.63
N ALA A 103 0.64 -1.17 -0.21
CA ALA A 103 -0.38 -1.27 -1.27
C ALA A 103 -1.52 -2.22 -0.90
N ASN A 104 -1.23 -3.41 -0.35
CA ASN A 104 -2.22 -4.34 0.19
C ASN A 104 -1.74 -4.94 1.52
N ALA A 105 -2.66 -5.25 2.45
CA ALA A 105 -2.32 -5.86 3.74
C ALA A 105 -3.51 -6.59 4.41
N PRO A 106 -3.91 -7.79 3.93
CA PRO A 106 -4.93 -8.62 4.56
C PRO A 106 -4.37 -9.33 5.80
N VAL A 107 -5.05 -9.17 6.94
CA VAL A 107 -4.59 -9.63 8.27
C VAL A 107 -5.28 -10.95 8.63
N ASN A 108 -4.50 -11.90 9.17
CA ASN A 108 -4.97 -13.21 9.60
C ASN A 108 -5.61 -13.17 11.00
N PHE A 109 -6.91 -13.41 11.05
CA PHE A 109 -7.77 -13.34 12.23
C PHE A 109 -7.74 -14.58 13.15
N ALA A 110 -6.91 -15.58 12.85
CA ALA A 110 -6.84 -16.87 13.57
C ALA A 110 -5.41 -17.41 13.74
N LEU A 111 -4.52 -17.12 12.80
CA LEU A 111 -3.07 -17.40 12.87
C LEU A 111 -2.25 -16.19 13.37
N GLU A 112 -2.93 -15.11 13.81
CA GLU A 112 -2.38 -13.90 14.42
C GLU A 112 -1.14 -13.30 13.72
N THR A 113 -1.19 -13.32 12.39
CA THR A 113 -0.17 -12.87 11.44
C THR A 113 -0.80 -11.91 10.43
N VAL A 114 -0.01 -11.26 9.58
CA VAL A 114 -0.47 -10.45 8.44
C VAL A 114 0.49 -10.60 7.27
N THR A 115 -0.02 -10.67 6.04
CA THR A 115 0.80 -10.61 4.80
C THR A 115 0.64 -9.21 4.21
N VAL A 116 1.76 -8.58 3.85
CA VAL A 116 1.80 -7.19 3.36
C VAL A 116 2.49 -7.15 1.98
N GLU A 117 1.90 -6.41 1.04
CA GLU A 117 2.46 -6.06 -0.28
C GLU A 117 2.70 -4.55 -0.32
N TYR A 118 3.95 -4.14 -0.60
CA TYR A 118 4.40 -2.76 -0.37
C TYR A 118 5.64 -2.38 -1.19
N ASN A 119 5.83 -1.09 -1.49
CA ASN A 119 7.08 -0.59 -2.05
C ASN A 119 8.14 -0.42 -0.93
N PRO A 120 9.20 -1.26 -0.84
CA PRO A 120 10.28 -1.07 0.14
C PRO A 120 11.10 0.20 -0.17
N LYS A 121 11.03 0.70 -1.40
CA LYS A 121 11.74 1.91 -1.86
C LYS A 121 11.50 3.13 -0.94
N GLU A 122 10.35 3.22 -0.27
CA GLU A 122 10.04 4.23 0.76
C GLU A 122 9.16 3.64 1.88
N ALA A 123 9.50 2.44 2.37
CA ALA A 123 8.85 1.84 3.54
C ALA A 123 9.81 0.91 4.28
N SER A 124 9.60 0.77 5.59
CA SER A 124 10.45 0.02 6.50
C SER A 124 9.64 -0.37 7.75
N VAL A 125 10.15 -1.29 8.58
CA VAL A 125 9.43 -1.76 9.79
C VAL A 125 9.12 -0.62 10.78
N SER A 126 9.77 0.55 10.66
CA SER A 126 9.44 1.76 11.44
C SER A 126 7.98 2.21 11.23
N ASP A 127 7.53 2.38 9.97
CA ASP A 127 6.18 2.83 9.62
C ASP A 127 5.11 1.91 10.24
N LEU A 128 5.36 0.61 10.14
CA LEU A 128 4.49 -0.47 10.61
C LEU A 128 4.40 -0.45 12.15
N LYS A 129 5.54 -0.43 12.84
CA LYS A 129 5.59 -0.38 14.31
C LYS A 129 4.96 0.90 14.87
N GLU A 130 5.28 2.08 14.33
CA GLU A 130 4.72 3.37 14.80
C GLU A 130 3.20 3.47 14.55
N ALA A 131 2.68 2.80 13.51
CA ALA A 131 1.24 2.65 13.29
C ALA A 131 0.55 1.70 14.28
N VAL A 132 1.11 0.51 14.52
CA VAL A 132 0.51 -0.50 15.43
C VAL A 132 0.59 -0.11 16.91
N ASP A 133 1.56 0.73 17.31
CA ASP A 133 1.66 1.34 18.64
C ASP A 133 0.33 1.95 19.14
N LYS A 134 -0.34 2.67 18.23
CA LYS A 134 -1.61 3.35 18.48
C LYS A 134 -2.77 2.37 18.77
N LEU A 135 -2.77 1.19 18.14
CA LEU A 135 -3.78 0.16 18.37
C LEU A 135 -3.47 -0.69 19.62
N GLY A 136 -2.18 -0.83 19.98
CA GLY A 136 -1.77 -1.23 21.34
C GLY A 136 -1.09 -2.60 21.48
N TYR A 137 -0.50 -3.16 20.42
CA TYR A 137 0.27 -4.42 20.47
C TYR A 137 1.73 -4.19 20.02
N LYS A 138 2.39 -5.15 19.34
CA LYS A 138 3.64 -4.93 18.63
C LYS A 138 3.64 -5.70 17.30
N LEU A 139 4.72 -5.60 16.54
CA LEU A 139 4.95 -6.38 15.33
C LEU A 139 6.35 -6.99 15.35
N LYS A 140 6.42 -8.30 15.11
CA LYS A 140 7.64 -9.00 14.68
C LYS A 140 7.60 -9.23 13.15
N LEU A 141 8.73 -9.23 12.45
CA LEU A 141 8.85 -9.91 11.15
C LEU A 141 8.89 -11.42 11.33
N LYS A 142 8.49 -12.14 10.29
CA LYS A 142 8.51 -13.59 10.15
C LYS A 142 9.59 -13.88 9.11
N GLY A 143 10.54 -14.73 9.47
CA GLY A 143 11.85 -14.87 8.82
C GLY A 143 12.89 -13.92 9.40
N GLU A 144 12.48 -12.75 9.90
CA GLU A 144 13.41 -11.69 10.36
C GLU A 144 13.08 -11.04 11.72
N GLN A 145 12.59 -11.82 12.69
CA GLN A 145 12.46 -11.50 14.13
C GLN A 145 11.85 -12.67 14.92
N ASP A 146 10.69 -13.18 14.48
CA ASP A 146 9.97 -14.28 15.14
C ASP A 146 10.69 -15.63 15.04
N SER A 147 11.35 -15.84 13.89
CA SER A 147 12.15 -17.02 13.42
C SER A 147 11.64 -17.51 12.06
N MET A 1 -19.07 4.91 2.77
CA MET A 1 -19.98 6.05 2.55
C MET A 1 -19.31 7.04 1.62
N LEU A 2 -20.04 7.64 0.68
CA LEU A 2 -19.49 8.59 -0.29
C LEU A 2 -19.61 10.01 0.27
N SER A 3 -18.47 10.68 0.52
CA SER A 3 -18.43 12.03 1.13
C SER A 3 -17.06 12.72 1.11
N GLU A 4 -15.94 12.00 0.96
CA GLU A 4 -14.59 12.56 1.01
C GLU A 4 -13.61 11.67 0.22
N GLN A 5 -12.63 12.29 -0.44
CA GLN A 5 -11.64 11.59 -1.25
C GLN A 5 -10.30 11.47 -0.51
N LYS A 6 -9.55 10.42 -0.85
CA LYS A 6 -8.35 9.96 -0.15
C LYS A 6 -7.23 9.62 -1.16
N GLU A 7 -6.05 9.24 -0.65
CA GLU A 7 -4.81 9.36 -1.41
C GLU A 7 -3.68 8.41 -0.95
N ILE A 8 -2.72 8.17 -1.85
CA ILE A 8 -1.50 7.38 -1.62
C ILE A 8 -0.33 8.08 -2.32
N ALA A 9 0.87 8.01 -1.73
CA ALA A 9 2.13 8.36 -2.38
C ALA A 9 2.94 7.08 -2.58
N MET A 10 3.06 6.63 -3.83
CA MET A 10 3.48 5.28 -4.22
C MET A 10 4.78 5.33 -5.02
N GLN A 11 5.58 4.26 -4.99
CA GLN A 11 6.73 4.12 -5.89
C GLN A 11 6.24 3.52 -7.23
N VAL A 12 7.11 3.37 -8.23
CA VAL A 12 6.85 3.01 -9.64
C VAL A 12 8.15 3.18 -10.40
N SER A 13 8.89 2.09 -10.53
CA SER A 13 10.28 2.08 -11.02
C SER A 13 10.37 1.64 -12.49
N GLY A 14 11.48 2.04 -13.13
CA GLY A 14 11.77 1.76 -14.54
C GLY A 14 11.32 2.86 -15.51
N MET A 15 10.92 4.04 -15.00
CA MET A 15 10.38 5.17 -15.80
C MET A 15 11.43 5.94 -16.64
N THR A 16 12.56 5.30 -16.97
CA THR A 16 13.80 5.94 -17.45
C THR A 16 13.73 6.55 -18.84
N CYS A 17 12.63 6.38 -19.59
CA CYS A 17 12.39 7.03 -20.88
C CYS A 17 11.54 8.30 -20.76
N ALA A 18 11.24 8.76 -19.54
CA ALA A 18 10.49 9.97 -19.17
C ALA A 18 8.98 9.88 -19.48
N ALA A 19 8.60 9.55 -20.71
CA ALA A 19 7.20 9.39 -21.14
C ALA A 19 6.47 8.24 -20.41
N CYS A 20 7.22 7.38 -19.72
CA CYS A 20 6.72 6.47 -18.69
C CYS A 20 5.84 7.20 -17.65
N ALA A 21 6.26 8.39 -17.20
CA ALA A 21 5.48 9.26 -16.31
C ALA A 21 4.10 9.61 -16.90
N ALA A 22 4.10 10.08 -18.16
CA ALA A 22 2.88 10.29 -18.93
C ALA A 22 2.01 9.03 -18.99
N ARG A 23 2.61 7.84 -19.18
CA ARG A 23 1.88 6.56 -19.17
C ARG A 23 1.28 6.19 -17.80
N ILE A 24 1.88 6.59 -16.67
CA ILE A 24 1.26 6.41 -15.35
C ILE A 24 0.05 7.33 -15.15
N GLU A 25 0.22 8.64 -15.40
CA GLU A 25 -0.88 9.60 -15.24
C GLU A 25 -2.02 9.32 -16.23
N LYS A 26 -1.74 9.10 -17.52
CA LYS A 26 -2.76 8.74 -18.53
C LYS A 26 -3.38 7.34 -18.31
N GLY A 27 -2.79 6.51 -17.46
CA GLY A 27 -3.34 5.22 -17.03
C GLY A 27 -4.37 5.39 -15.90
N LEU A 28 -3.94 5.94 -14.76
CA LEU A 28 -4.78 6.06 -13.56
C LEU A 28 -5.91 7.09 -13.72
N LYS A 29 -5.64 8.23 -14.35
CA LYS A 29 -6.56 9.38 -14.46
C LYS A 29 -7.78 9.13 -15.38
N ARG A 30 -8.05 7.86 -15.71
CA ARG A 30 -9.22 7.37 -16.44
C ARG A 30 -10.15 6.47 -15.58
N MET A 31 -9.74 5.99 -14.39
CA MET A 31 -10.60 5.12 -13.55
C MET A 31 -11.76 5.94 -12.95
N PRO A 32 -13.02 5.45 -12.92
CA PRO A 32 -14.19 6.28 -12.65
C PRO A 32 -14.16 6.95 -11.26
N GLY A 33 -13.59 6.27 -10.25
CA GLY A 33 -13.40 6.80 -8.90
C GLY A 33 -12.06 7.50 -8.66
N VAL A 34 -11.14 7.54 -9.63
CA VAL A 34 -9.87 8.28 -9.52
C VAL A 34 -10.12 9.71 -10.01
N THR A 35 -9.74 10.71 -9.20
CA THR A 35 -9.88 12.13 -9.55
C THR A 35 -8.55 12.72 -10.01
N ASP A 36 -7.40 12.21 -9.57
CA ASP A 36 -6.10 12.74 -10.03
C ASP A 36 -4.92 11.80 -9.76
N ALA A 37 -3.81 12.06 -10.45
CA ALA A 37 -2.53 11.39 -10.31
C ALA A 37 -1.43 12.34 -10.79
N ASN A 38 -0.42 12.59 -9.95
CA ASN A 38 0.72 13.45 -10.27
C ASN A 38 2.02 12.71 -9.94
N VAL A 39 2.84 12.38 -10.93
CA VAL A 39 4.10 11.64 -10.72
C VAL A 39 5.30 12.60 -10.74
N ASN A 40 5.96 12.70 -9.59
CA ASN A 40 7.15 13.51 -9.38
C ASN A 40 8.37 12.76 -9.96
N LEU A 41 8.68 13.02 -11.24
CA LEU A 41 9.86 12.46 -11.93
C LEU A 41 11.17 13.06 -11.40
N ALA A 42 11.14 14.24 -10.79
CA ALA A 42 12.25 14.88 -10.07
C ALA A 42 12.50 14.28 -8.65
N THR A 43 12.08 13.03 -8.40
CA THR A 43 12.24 12.27 -7.13
C THR A 43 12.05 10.77 -7.35
N GLU A 44 10.99 10.41 -8.08
CA GLU A 44 10.55 9.07 -8.52
C GLU A 44 9.44 8.53 -7.59
N THR A 45 8.29 9.22 -7.54
CA THR A 45 7.13 8.89 -6.66
C THR A 45 5.84 9.42 -7.29
N SER A 46 4.79 8.60 -7.27
CA SER A 46 3.47 8.90 -7.85
C SER A 46 2.42 9.17 -6.75
N ASN A 47 1.78 10.34 -6.82
CA ASN A 47 0.85 10.83 -5.81
C ASN A 47 -0.57 10.75 -6.37
N VAL A 48 -1.41 9.85 -5.84
CA VAL A 48 -2.71 9.47 -6.46
C VAL A 48 -3.88 9.84 -5.54
N ILE A 49 -5.00 10.29 -6.11
CA ILE A 49 -6.16 10.84 -5.37
C ILE A 49 -7.48 10.33 -5.98
N TYR A 50 -8.37 9.80 -5.12
CA TYR A 50 -9.51 8.95 -5.50
C TYR A 50 -10.60 8.81 -4.41
N ASP A 51 -11.80 8.34 -4.79
CA ASP A 51 -12.90 7.98 -3.90
C ASP A 51 -12.71 6.55 -3.31
N PRO A 52 -12.84 6.37 -1.98
CA PRO A 52 -12.55 5.10 -1.31
C PRO A 52 -13.69 4.07 -1.39
N ALA A 53 -14.82 4.35 -2.05
CA ALA A 53 -15.90 3.37 -2.27
C ALA A 53 -15.81 2.74 -3.67
N GLU A 54 -15.77 3.56 -4.73
CA GLU A 54 -15.70 3.10 -6.13
C GLU A 54 -14.25 2.91 -6.63
N THR A 55 -13.24 2.92 -5.76
CA THR A 55 -11.86 2.51 -6.08
C THR A 55 -11.22 1.85 -4.86
N GLY A 56 -11.23 0.51 -4.85
CA GLY A 56 -10.55 -0.33 -3.86
C GLY A 56 -9.07 -0.45 -4.18
N THR A 57 -8.21 -0.37 -3.15
CA THR A 57 -6.77 -0.08 -3.30
C THR A 57 -6.02 -0.97 -4.28
N ALA A 58 -6.32 -2.27 -4.36
CA ALA A 58 -5.64 -3.21 -5.26
C ALA A 58 -5.74 -2.85 -6.75
N ALA A 59 -6.78 -2.09 -7.14
CA ALA A 59 -6.97 -1.59 -8.49
C ALA A 59 -5.87 -0.62 -8.96
N ILE A 60 -5.11 -0.03 -8.02
CA ILE A 60 -4.05 0.93 -8.31
C ILE A 60 -2.82 0.22 -8.89
N GLN A 61 -2.26 -0.79 -8.20
CA GLN A 61 -1.15 -1.56 -8.76
C GLN A 61 -1.57 -2.34 -10.02
N GLU A 62 -2.81 -2.84 -10.08
CA GLU A 62 -3.36 -3.51 -11.28
C GLU A 62 -3.38 -2.57 -12.50
N LYS A 63 -3.64 -1.27 -12.33
CA LYS A 63 -3.55 -0.30 -13.43
C LYS A 63 -2.13 0.27 -13.67
N ILE A 64 -1.21 0.20 -12.70
CA ILE A 64 0.22 0.59 -12.89
C ILE A 64 1.02 -0.50 -13.61
N GLU A 65 1.04 -1.72 -13.07
CA GLU A 65 1.83 -2.85 -13.62
C GLU A 65 1.34 -3.25 -15.03
N LYS A 66 0.10 -2.86 -15.38
CA LYS A 66 -0.50 -2.83 -16.72
C LYS A 66 0.37 -2.14 -17.79
N LEU A 67 1.21 -1.16 -17.41
CA LEU A 67 2.09 -0.45 -18.35
C LEU A 67 3.45 -1.15 -18.56
N GLY A 68 3.82 -2.12 -17.71
CA GLY A 68 5.13 -2.79 -17.76
C GLY A 68 6.24 -2.04 -17.00
N TYR A 69 5.90 -0.98 -16.26
CA TYR A 69 6.75 -0.38 -15.22
C TYR A 69 6.39 -1.00 -13.85
N HIS A 70 7.34 -1.13 -12.93
CA HIS A 70 7.16 -2.01 -11.76
C HIS A 70 7.32 -1.24 -10.44
N VAL A 71 6.37 -1.35 -9.50
CA VAL A 71 6.32 -0.65 -8.18
C VAL A 71 7.36 -1.20 -7.17
N VAL A 72 8.54 -1.59 -7.67
CA VAL A 72 9.69 -2.21 -6.97
C VAL A 72 9.20 -3.24 -5.94
N THR A 73 8.32 -4.13 -6.44
CA THR A 73 7.34 -4.87 -5.65
C THR A 73 7.99 -6.00 -4.89
N GLU A 74 8.00 -5.86 -3.56
CA GLU A 74 8.51 -6.84 -2.61
C GLU A 74 7.40 -7.15 -1.59
N LYS A 75 7.50 -8.31 -0.92
CA LYS A 75 6.63 -8.64 0.21
C LYS A 75 7.35 -8.55 1.56
N ALA A 76 6.62 -8.15 2.60
CA ALA A 76 7.02 -8.31 4.01
C ALA A 76 6.01 -9.22 4.72
N GLU A 77 6.44 -9.90 5.78
CA GLU A 77 5.58 -10.74 6.63
C GLU A 77 5.88 -10.41 8.09
N PHE A 78 4.84 -10.28 8.91
CA PHE A 78 4.92 -9.95 10.33
C PHE A 78 4.06 -10.88 11.19
N ASP A 79 4.43 -11.02 12.46
CA ASP A 79 3.72 -11.77 13.50
C ASP A 79 2.85 -10.81 14.34
N ILE A 80 1.58 -11.18 14.51
CA ILE A 80 0.54 -10.39 15.19
C ILE A 80 0.30 -10.95 16.59
N GLU A 81 1.24 -10.69 17.49
CA GLU A 81 1.11 -11.03 18.91
C GLU A 81 0.15 -10.06 19.62
N GLY A 82 -1.11 -10.16 19.23
CA GLY A 82 -2.18 -9.27 19.62
C GLY A 82 -3.59 -9.70 19.18
N MET A 83 -3.75 -10.71 18.31
CA MET A 83 -5.04 -11.05 17.68
C MET A 83 -5.31 -12.57 17.71
N THR A 84 -6.57 -12.97 17.91
CA THR A 84 -7.02 -14.38 18.05
C THR A 84 -8.37 -14.66 17.37
N CYS A 85 -8.70 -13.92 16.31
CA CYS A 85 -9.98 -14.00 15.57
C CYS A 85 -9.93 -13.17 14.27
N ALA A 86 -10.72 -13.55 13.27
CA ALA A 86 -10.78 -12.85 11.97
C ALA A 86 -11.12 -11.36 12.14
N ALA A 87 -12.08 -11.02 13.01
CA ALA A 87 -12.39 -9.63 13.34
C ALA A 87 -11.20 -8.86 13.97
N CYS A 88 -10.36 -9.55 14.76
CA CYS A 88 -9.16 -8.96 15.38
C CYS A 88 -8.04 -8.73 14.35
N ALA A 89 -7.94 -9.58 13.33
CA ALA A 89 -7.14 -9.32 12.12
C ALA A 89 -7.69 -8.10 11.36
N ASN A 90 -8.98 -8.08 11.03
CA ASN A 90 -9.62 -6.97 10.31
C ASN A 90 -9.41 -5.60 11.00
N ARG A 91 -9.41 -5.57 12.35
CA ARG A 91 -9.17 -4.36 13.15
C ARG A 91 -7.77 -3.73 12.95
N ILE A 92 -6.74 -4.51 12.58
CA ILE A 92 -5.46 -3.93 12.07
C ILE A 92 -5.40 -3.87 10.54
N GLU A 93 -6.07 -4.77 9.81
CA GLU A 93 -6.10 -4.78 8.35
C GLU A 93 -6.53 -3.42 7.78
N LYS A 94 -7.62 -2.85 8.28
CA LYS A 94 -8.10 -1.53 7.88
C LYS A 94 -7.10 -0.38 8.14
N ARG A 95 -6.11 -0.58 9.02
CA ARG A 95 -4.94 0.29 9.16
C ARG A 95 -3.91 -0.06 8.09
N LEU A 96 -3.47 -1.32 8.04
CA LEU A 96 -2.38 -1.84 7.21
C LEU A 96 -2.58 -1.75 5.70
N ASN A 97 -3.81 -1.92 5.19
CA ASN A 97 -4.13 -2.12 3.77
C ASN A 97 -3.37 -1.21 2.78
N LYS A 98 -3.14 0.06 3.15
CA LYS A 98 -2.71 1.11 2.23
C LYS A 98 -2.02 2.31 2.91
N ILE A 99 -1.52 2.17 4.15
CA ILE A 99 -1.05 3.26 5.06
C ILE A 99 -0.52 4.48 4.32
N GLU A 100 0.70 4.39 3.79
CA GLU A 100 1.28 5.26 2.78
C GLU A 100 2.22 4.40 1.94
N GLY A 101 1.92 4.25 0.65
CA GLY A 101 2.84 3.76 -0.40
C GLY A 101 2.97 2.24 -0.44
N VAL A 102 2.76 1.61 0.70
CA VAL A 102 2.34 0.21 0.82
C VAL A 102 1.09 -0.06 -0.07
N ALA A 103 1.11 -1.19 -0.77
CA ALA A 103 0.17 -1.49 -1.86
C ALA A 103 -0.93 -2.49 -1.46
N ASN A 104 -0.64 -3.39 -0.50
CA ASN A 104 -1.63 -4.37 -0.02
C ASN A 104 -1.25 -4.95 1.35
N ALA A 105 -2.21 -5.57 2.06
CA ALA A 105 -1.96 -6.24 3.35
C ALA A 105 -3.06 -7.23 3.79
N PRO A 106 -3.11 -8.45 3.23
CA PRO A 106 -3.91 -9.54 3.77
C PRO A 106 -3.37 -10.01 5.13
N VAL A 107 -3.95 -9.50 6.22
CA VAL A 107 -3.75 -10.03 7.58
C VAL A 107 -4.43 -11.41 7.69
N ASN A 108 -3.66 -12.41 8.11
CA ASN A 108 -3.95 -13.82 7.86
C ASN A 108 -4.64 -14.49 9.09
N PHE A 109 -5.93 -14.75 8.93
CA PHE A 109 -6.96 -14.69 9.98
C PHE A 109 -7.02 -15.84 11.01
N ALA A 110 -6.20 -16.87 10.83
CA ALA A 110 -6.05 -18.02 11.74
C ALA A 110 -4.57 -18.30 12.06
N LEU A 111 -3.65 -17.84 11.21
CA LEU A 111 -2.21 -18.01 11.30
C LEU A 111 -1.53 -16.90 12.13
N GLU A 112 -2.30 -15.91 12.59
CA GLU A 112 -1.88 -14.90 13.59
C GLU A 112 -0.68 -14.06 13.12
N THR A 113 -0.65 -13.84 11.81
CA THR A 113 0.42 -13.23 11.00
C THR A 113 -0.22 -12.31 9.96
N VAL A 114 0.58 -11.54 9.22
CA VAL A 114 0.13 -10.74 8.06
C VAL A 114 1.20 -10.81 6.96
N THR A 115 0.75 -10.81 5.70
CA THR A 115 1.62 -10.59 4.53
C THR A 115 1.26 -9.23 3.94
N VAL A 116 2.28 -8.44 3.60
CA VAL A 116 2.17 -7.07 3.07
C VAL A 116 2.84 -7.00 1.69
N GLU A 117 2.20 -6.31 0.74
CA GLU A 117 2.74 -5.97 -0.59
C GLU A 117 3.17 -4.50 -0.58
N TYR A 118 4.43 -4.19 -0.93
CA TYR A 118 4.99 -2.84 -0.78
C TYR A 118 6.23 -2.53 -1.64
N ASN A 119 6.67 -1.27 -1.57
CA ASN A 119 7.98 -0.81 -2.03
C ASN A 119 8.95 -0.70 -0.84
N PRO A 120 10.18 -1.25 -0.91
CA PRO A 120 11.19 -1.13 0.14
C PRO A 120 11.91 0.24 0.06
N LYS A 121 11.15 1.35 0.00
CA LYS A 121 11.71 2.71 -0.14
C LYS A 121 11.12 3.74 0.85
N GLU A 122 9.81 4.01 0.79
CA GLU A 122 9.27 5.25 1.40
C GLU A 122 8.93 5.19 2.91
N ALA A 123 9.05 4.03 3.57
CA ALA A 123 8.72 3.84 4.99
C ALA A 123 9.54 2.71 5.64
N SER A 124 9.51 2.63 6.97
CA SER A 124 10.28 1.65 7.77
C SER A 124 9.41 0.97 8.84
N VAL A 125 9.90 -0.11 9.47
CA VAL A 125 9.15 -0.84 10.52
C VAL A 125 8.95 0.03 11.77
N SER A 126 9.76 1.08 11.97
CA SER A 126 9.52 2.11 12.99
C SER A 126 8.15 2.80 12.80
N ASP A 127 7.81 3.16 11.55
CA ASP A 127 6.56 3.82 11.21
C ASP A 127 5.37 2.85 11.35
N LEU A 128 5.56 1.59 10.92
CA LEU A 128 4.54 0.53 10.98
C LEU A 128 4.20 0.17 12.43
N LYS A 129 5.21 -0.04 13.29
CA LYS A 129 4.99 -0.28 14.71
C LYS A 129 4.26 0.91 15.38
N GLU A 130 4.66 2.16 15.14
CA GLU A 130 3.94 3.32 15.68
C GLU A 130 2.48 3.41 15.17
N ALA A 131 2.19 3.02 13.93
CA ALA A 131 0.84 2.98 13.39
C ALA A 131 -0.06 1.88 14.00
N VAL A 132 0.53 0.78 14.46
CA VAL A 132 -0.15 -0.37 15.09
C VAL A 132 -0.24 -0.30 16.62
N ASP A 133 0.71 0.38 17.28
CA ASP A 133 0.70 0.67 18.73
C ASP A 133 -0.62 1.34 19.16
N LYS A 134 -1.16 2.18 18.29
CA LYS A 134 -2.43 2.88 18.42
C LYS A 134 -3.65 1.95 18.51
N LEU A 135 -3.56 0.72 17.96
CA LEU A 135 -4.55 -0.35 18.09
C LEU A 135 -4.25 -1.29 19.28
N GLY A 136 -3.09 -1.14 19.94
CA GLY A 136 -2.66 -1.89 21.12
C GLY A 136 -1.71 -3.05 20.84
N TYR A 137 -1.75 -3.63 19.64
CA TYR A 137 -0.90 -4.77 19.28
C TYR A 137 0.58 -4.33 19.05
N LYS A 138 1.45 -5.26 18.66
CA LYS A 138 2.75 -4.95 18.06
C LYS A 138 2.97 -5.89 16.90
N LEU A 139 3.71 -5.42 15.91
CA LEU A 139 4.17 -6.24 14.80
C LEU A 139 5.57 -6.70 15.14
N LYS A 140 5.82 -8.01 15.06
CA LYS A 140 7.19 -8.53 15.18
C LYS A 140 7.71 -9.03 13.82
N LEU A 141 9.00 -8.89 13.55
CA LEU A 141 9.60 -9.23 12.24
C LEU A 141 9.93 -10.71 12.09
N LYS A 142 9.74 -11.20 10.88
CA LYS A 142 9.81 -12.61 10.50
C LYS A 142 11.20 -12.86 9.90
N GLY A 143 11.97 -13.77 10.50
CA GLY A 143 13.39 -13.93 10.16
C GLY A 143 14.29 -12.80 10.67
N GLU A 144 13.77 -11.77 11.37
CA GLU A 144 14.57 -10.62 11.84
C GLU A 144 14.41 -10.24 13.34
N GLN A 145 13.60 -10.97 14.12
CA GLN A 145 13.19 -10.54 15.47
C GLN A 145 12.44 -11.66 16.20
N ASP A 146 11.23 -11.98 15.72
CA ASP A 146 10.43 -13.17 16.06
C ASP A 146 10.86 -14.39 15.24
N SER A 147 11.52 -14.14 14.10
CA SER A 147 12.55 -15.01 13.51
C SER A 147 11.96 -16.30 12.94
N MET A 1 -18.96 7.37 5.88
CA MET A 1 -20.43 7.32 5.74
C MET A 1 -20.90 7.23 4.28
N LEU A 2 -20.58 8.19 3.40
CA LEU A 2 -21.02 8.19 1.99
C LEU A 2 -20.27 7.16 1.12
N SER A 3 -18.95 7.15 1.20
CA SER A 3 -18.07 6.19 0.53
C SER A 3 -16.79 6.11 1.37
N GLU A 4 -16.07 7.24 1.40
CA GLU A 4 -14.94 7.62 2.26
C GLU A 4 -13.62 7.25 1.57
N GLN A 5 -12.85 8.26 1.16
CA GLN A 5 -11.78 8.15 0.17
C GLN A 5 -10.40 7.99 0.83
N LYS A 6 -9.42 7.48 0.10
CA LYS A 6 -8.06 7.34 0.64
C LYS A 6 -6.96 7.63 -0.40
N GLU A 7 -5.82 8.08 0.11
CA GLU A 7 -4.56 8.17 -0.62
C GLU A 7 -3.89 6.79 -0.74
N ILE A 8 -3.00 6.64 -1.71
CA ILE A 8 -1.86 5.73 -1.66
C ILE A 8 -0.69 6.35 -2.44
N ALA A 9 0.53 6.02 -2.05
CA ALA A 9 1.74 6.29 -2.82
C ALA A 9 2.59 5.02 -2.96
N MET A 10 3.43 4.97 -4.00
CA MET A 10 4.32 3.86 -4.38
C MET A 10 5.60 4.41 -5.03
N GLN A 11 6.74 3.74 -4.84
CA GLN A 11 7.91 4.00 -5.67
C GLN A 11 7.70 3.41 -7.08
N VAL A 12 7.94 4.17 -8.14
CA VAL A 12 7.68 3.79 -9.55
C VAL A 12 8.97 3.81 -10.38
N SER A 13 9.55 2.65 -10.67
CA SER A 13 10.78 2.55 -11.48
C SER A 13 10.51 2.29 -12.97
N GLY A 14 11.31 2.96 -13.82
CA GLY A 14 11.26 2.89 -15.28
C GLY A 14 10.99 4.23 -16.00
N MET A 15 10.97 5.36 -15.27
CA MET A 15 10.54 6.67 -15.81
C MET A 15 11.70 7.63 -16.18
N THR A 16 12.65 7.19 -17.02
CA THR A 16 13.76 8.04 -17.50
C THR A 16 13.33 8.94 -18.67
N CYS A 17 12.31 9.79 -18.42
CA CYS A 17 11.70 10.81 -19.26
C CYS A 17 10.41 11.28 -18.58
N ALA A 18 10.12 12.58 -18.60
CA ALA A 18 8.83 13.12 -18.16
C ALA A 18 7.66 12.55 -18.99
N ALA A 19 7.94 12.05 -20.19
CA ALA A 19 6.97 11.37 -21.05
C ALA A 19 6.42 10.07 -20.42
N CYS A 20 7.15 9.48 -19.47
CA CYS A 20 6.71 8.33 -18.67
C CYS A 20 5.71 8.77 -17.59
N ALA A 21 6.05 9.81 -16.81
CA ALA A 21 5.11 10.45 -15.89
C ALA A 21 3.80 10.85 -16.61
N ALA A 22 3.91 11.43 -17.81
CA ALA A 22 2.79 11.75 -18.68
C ALA A 22 1.94 10.54 -19.07
N ARG A 23 2.51 9.33 -19.25
CA ARG A 23 1.74 8.08 -19.40
C ARG A 23 1.02 7.68 -18.10
N ILE A 24 1.64 7.88 -16.93
CA ILE A 24 1.14 7.34 -15.64
C ILE A 24 -0.10 8.11 -15.19
N GLU A 25 -0.02 9.44 -15.18
CA GLU A 25 -1.13 10.31 -14.76
C GLU A 25 -2.30 10.19 -15.74
N LYS A 26 -2.04 10.17 -17.05
CA LYS A 26 -3.02 9.93 -18.08
C LYS A 26 -3.71 8.56 -17.95
N GLY A 27 -2.94 7.51 -17.63
CA GLY A 27 -3.45 6.16 -17.38
C GLY A 27 -4.36 6.08 -16.15
N LEU A 28 -3.90 6.57 -14.99
CA LEU A 28 -4.70 6.53 -13.74
C LEU A 28 -5.93 7.44 -13.81
N LYS A 29 -5.87 8.57 -14.52
CA LYS A 29 -7.01 9.45 -14.75
C LYS A 29 -8.13 8.78 -15.60
N ARG A 30 -7.81 7.71 -16.34
CA ARG A 30 -8.77 6.84 -17.05
C ARG A 30 -9.16 5.62 -16.21
N MET A 31 -9.98 5.86 -15.18
CA MET A 31 -10.42 4.92 -14.14
C MET A 31 -11.86 5.22 -13.71
N PRO A 32 -12.57 4.28 -13.05
CA PRO A 32 -13.87 4.54 -12.44
C PRO A 32 -13.74 5.31 -11.10
N GLY A 33 -12.81 4.93 -10.21
CA GLY A 33 -12.78 5.46 -8.83
C GLY A 33 -11.65 6.43 -8.46
N VAL A 34 -10.66 6.61 -9.33
CA VAL A 34 -9.51 7.51 -9.10
C VAL A 34 -9.95 8.96 -9.27
N THR A 35 -9.80 9.77 -8.22
CA THR A 35 -10.10 11.20 -8.24
C THR A 35 -8.85 12.04 -8.46
N ASP A 36 -7.65 11.52 -8.16
CA ASP A 36 -6.39 12.19 -8.52
C ASP A 36 -5.21 11.23 -8.71
N ALA A 37 -4.26 11.59 -9.58
CA ALA A 37 -2.92 11.05 -9.64
C ALA A 37 -1.91 12.20 -9.85
N ASN A 38 -0.78 12.13 -9.14
CA ASN A 38 0.35 13.05 -9.27
C ASN A 38 1.66 12.32 -8.94
N VAL A 39 2.63 12.29 -9.87
CA VAL A 39 3.93 11.61 -9.66
C VAL A 39 5.10 12.58 -9.52
N ASN A 40 5.88 12.40 -8.45
CA ASN A 40 7.11 13.13 -8.19
C ASN A 40 8.29 12.47 -8.92
N LEU A 41 8.46 12.86 -10.19
CA LEU A 41 9.55 12.44 -11.08
C LEU A 41 10.93 12.74 -10.44
N ALA A 42 11.07 13.88 -9.78
CA ALA A 42 12.29 14.33 -9.10
C ALA A 42 12.55 13.62 -7.74
N THR A 43 12.08 12.38 -7.57
CA THR A 43 12.25 11.55 -6.36
C THR A 43 12.10 10.07 -6.67
N GLU A 44 10.99 9.70 -7.35
CA GLU A 44 10.57 8.37 -7.86
C GLU A 44 9.24 7.87 -7.21
N THR A 45 8.53 8.70 -6.43
CA THR A 45 7.29 8.33 -5.73
C THR A 45 6.08 8.84 -6.50
N SER A 46 5.18 7.94 -6.87
CA SER A 46 3.87 8.23 -7.47
C SER A 46 2.79 8.21 -6.40
N ASN A 47 1.89 9.18 -6.44
CA ASN A 47 0.86 9.42 -5.42
C ASN A 47 -0.52 9.44 -6.10
N VAL A 48 -1.55 8.84 -5.50
CA VAL A 48 -2.93 8.87 -6.00
C VAL A 48 -3.93 9.04 -4.86
N ILE A 49 -5.15 9.49 -5.20
CA ILE A 49 -6.30 9.52 -4.29
C ILE A 49 -7.51 8.91 -5.02
N TYR A 50 -8.21 7.98 -4.37
CA TYR A 50 -9.34 7.25 -4.95
C TYR A 50 -10.47 6.91 -3.96
N ASP A 51 -11.63 6.53 -4.53
CA ASP A 51 -12.86 6.11 -3.85
C ASP A 51 -12.90 4.56 -3.75
N PRO A 52 -12.63 3.98 -2.56
CA PRO A 52 -12.45 2.54 -2.36
C PRO A 52 -13.80 1.82 -2.36
N ALA A 53 -14.17 1.39 -3.56
CA ALA A 53 -15.44 0.76 -3.95
C ALA A 53 -15.49 0.55 -5.48
N GLU A 54 -15.10 1.58 -6.23
CA GLU A 54 -15.11 1.63 -7.70
C GLU A 54 -13.75 1.20 -8.29
N THR A 55 -12.67 1.83 -7.80
CA THR A 55 -11.28 1.40 -8.00
C THR A 55 -10.87 0.62 -6.76
N GLY A 56 -10.16 -0.49 -6.96
CA GLY A 56 -9.54 -1.28 -5.90
C GLY A 56 -8.03 -1.05 -5.82
N THR A 57 -7.40 -1.40 -4.69
CA THR A 57 -5.98 -1.08 -4.41
C THR A 57 -5.03 -1.63 -5.47
N ALA A 58 -5.17 -2.91 -5.84
CA ALA A 58 -4.31 -3.54 -6.84
C ALA A 58 -4.48 -2.97 -8.26
N ALA A 59 -5.63 -2.35 -8.56
CA ALA A 59 -5.85 -1.68 -9.84
C ALA A 59 -4.95 -0.43 -10.01
N ILE A 60 -4.41 0.14 -8.92
CA ILE A 60 -3.42 1.23 -8.99
C ILE A 60 -2.09 0.72 -9.56
N GLN A 61 -1.53 -0.37 -9.03
CA GLN A 61 -0.28 -0.92 -9.58
C GLN A 61 -0.51 -1.53 -10.96
N GLU A 62 -1.65 -2.20 -11.21
CA GLU A 62 -2.06 -2.68 -12.55
C GLU A 62 -2.00 -1.56 -13.60
N LYS A 63 -2.53 -0.37 -13.30
CA LYS A 63 -2.53 0.73 -14.27
C LYS A 63 -1.13 1.23 -14.63
N ILE A 64 -0.11 0.92 -13.81
CA ILE A 64 1.29 1.22 -14.10
C ILE A 64 2.03 -0.02 -14.68
N GLU A 65 1.65 -1.25 -14.29
CA GLU A 65 2.08 -2.48 -14.98
C GLU A 65 1.64 -2.46 -16.47
N LYS A 66 0.53 -1.78 -16.79
CA LYS A 66 0.08 -1.45 -18.15
C LYS A 66 1.13 -0.70 -18.99
N LEU A 67 2.15 -0.09 -18.36
CA LEU A 67 3.32 0.51 -19.03
C LEU A 67 4.59 -0.35 -18.92
N GLY A 68 4.53 -1.54 -18.32
CA GLY A 68 5.64 -2.50 -18.21
C GLY A 68 6.65 -2.15 -17.10
N TYR A 69 6.24 -1.39 -16.09
CA TYR A 69 7.15 -0.82 -15.09
C TYR A 69 7.69 -1.80 -14.04
N HIS A 70 8.52 -1.25 -13.16
CA HIS A 70 9.07 -1.89 -11.97
C HIS A 70 8.50 -1.21 -10.71
N VAL A 71 7.54 -1.84 -10.02
CA VAL A 71 7.01 -1.34 -8.74
C VAL A 71 7.98 -1.52 -7.56
N VAL A 72 8.91 -2.48 -7.69
CA VAL A 72 10.01 -2.81 -6.75
C VAL A 72 9.45 -3.25 -5.38
N THR A 73 8.47 -4.17 -5.41
CA THR A 73 7.76 -4.65 -4.21
C THR A 73 8.16 -6.07 -3.82
N GLU A 74 7.75 -6.44 -2.61
CA GLU A 74 7.71 -7.81 -2.13
C GLU A 74 6.46 -8.01 -1.26
N LYS A 75 5.98 -9.26 -1.15
CA LYS A 75 5.05 -9.68 -0.10
C LYS A 75 5.81 -10.27 1.09
N ALA A 76 5.79 -9.58 2.23
CA ALA A 76 6.38 -10.02 3.50
C ALA A 76 5.29 -10.35 4.53
N GLU A 77 5.53 -11.34 5.38
CA GLU A 77 4.63 -11.68 6.49
C GLU A 77 5.13 -11.13 7.83
N PHE A 78 4.21 -10.51 8.56
CA PHE A 78 4.37 -10.02 9.93
C PHE A 78 3.37 -10.75 10.84
N ASP A 79 3.64 -10.81 12.15
CA ASP A 79 2.72 -11.36 13.16
C ASP A 79 2.20 -10.26 14.09
N ILE A 80 0.92 -10.37 14.45
CA ILE A 80 0.22 -9.48 15.35
C ILE A 80 0.16 -10.12 16.74
N GLU A 81 1.02 -9.67 17.63
CA GLU A 81 0.91 -9.94 19.07
C GLU A 81 -0.01 -8.88 19.67
N GLY A 82 -1.30 -8.99 19.34
CA GLY A 82 -2.32 -7.99 19.68
C GLY A 82 -3.79 -8.38 19.44
N MET A 83 -4.09 -9.55 18.84
CA MET A 83 -5.44 -9.84 18.32
C MET A 83 -5.87 -11.31 18.42
N THR A 84 -7.16 -11.54 18.72
CA THR A 84 -7.77 -12.86 18.96
C THR A 84 -9.19 -13.05 18.41
N CYS A 85 -9.91 -11.97 18.10
CA CYS A 85 -11.32 -11.96 17.64
C CYS A 85 -11.43 -11.17 16.33
N ALA A 86 -12.34 -11.55 15.42
CA ALA A 86 -12.37 -11.09 14.02
C ALA A 86 -12.13 -9.58 13.81
N ALA A 87 -12.94 -8.71 14.44
CA ALA A 87 -12.81 -7.24 14.30
C ALA A 87 -11.46 -6.66 14.78
N CYS A 88 -10.67 -7.41 15.54
CA CYS A 88 -9.33 -6.99 15.99
C CYS A 88 -8.30 -6.95 14.85
N ALA A 89 -8.47 -7.79 13.81
CA ALA A 89 -7.79 -7.64 12.53
C ALA A 89 -8.23 -6.32 11.88
N ASN A 90 -9.54 -6.13 11.70
CA ASN A 90 -10.07 -4.93 11.02
C ASN A 90 -9.64 -3.60 11.68
N ARG A 91 -9.49 -3.56 13.01
CA ARG A 91 -8.98 -2.41 13.77
C ARG A 91 -7.60 -1.92 13.28
N ILE A 92 -6.68 -2.82 12.91
CA ILE A 92 -5.41 -2.44 12.25
C ILE A 92 -5.49 -2.44 10.72
N GLU A 93 -6.31 -3.33 10.13
CA GLU A 93 -6.45 -3.48 8.67
C GLU A 93 -6.76 -2.15 8.00
N LYS A 94 -7.70 -1.35 8.52
CA LYS A 94 -8.05 -0.06 7.94
C LYS A 94 -6.83 0.90 7.81
N ARG A 95 -5.81 0.75 8.66
CA ARG A 95 -4.52 1.43 8.54
C ARG A 95 -3.58 0.67 7.59
N LEU A 96 -3.33 -0.62 7.85
CA LEU A 96 -2.44 -1.51 7.08
C LEU A 96 -2.73 -1.54 5.58
N ASN A 97 -4.00 -1.69 5.22
CA ASN A 97 -4.51 -1.79 3.84
C ASN A 97 -3.91 -0.72 2.91
N LYS A 98 -3.80 0.52 3.41
CA LYS A 98 -3.16 1.65 2.74
C LYS A 98 -2.53 2.62 3.76
N ILE A 99 -1.33 2.28 4.24
CA ILE A 99 -0.43 3.22 4.94
C ILE A 99 0.18 4.20 3.93
N GLU A 100 1.43 3.98 3.55
CA GLU A 100 2.11 4.68 2.48
C GLU A 100 3.20 3.71 2.02
N GLY A 101 3.11 3.31 0.76
CA GLY A 101 4.08 2.43 0.07
C GLY A 101 3.74 0.95 0.16
N VAL A 102 3.00 0.60 1.21
CA VAL A 102 2.15 -0.61 1.25
C VAL A 102 1.00 -0.49 0.24
N ALA A 103 0.79 -1.55 -0.54
CA ALA A 103 -0.20 -1.65 -1.60
C ALA A 103 -1.32 -2.62 -1.24
N ASN A 104 -0.98 -3.81 -0.70
CA ASN A 104 -1.99 -4.79 -0.25
C ASN A 104 -1.66 -5.29 1.16
N ALA A 105 -2.67 -5.58 1.99
CA ALA A 105 -2.44 -6.15 3.34
C ALA A 105 -3.59 -7.09 3.82
N PRO A 106 -3.80 -8.26 3.18
CA PRO A 106 -4.80 -9.22 3.60
C PRO A 106 -4.41 -9.90 4.94
N VAL A 107 -4.85 -9.30 6.05
CA VAL A 107 -4.69 -9.80 7.43
C VAL A 107 -5.33 -11.19 7.60
N ASN A 108 -4.63 -12.11 8.30
CA ASN A 108 -5.13 -13.42 8.74
C ASN A 108 -5.92 -13.30 10.06
N PHE A 109 -6.88 -14.20 10.27
CA PHE A 109 -7.54 -14.34 11.58
C PHE A 109 -6.75 -15.25 12.54
N ALA A 110 -6.82 -16.57 12.36
CA ALA A 110 -6.43 -17.59 13.34
C ALA A 110 -4.92 -17.81 13.39
N LEU A 111 -4.23 -17.57 12.28
CA LEU A 111 -2.77 -17.55 12.19
C LEU A 111 -2.18 -16.27 12.80
N GLU A 112 -2.99 -15.22 13.02
CA GLU A 112 -2.62 -13.94 13.66
C GLU A 112 -1.58 -13.12 12.88
N THR A 113 -1.30 -13.50 11.63
CA THR A 113 -0.35 -12.81 10.77
C THR A 113 -1.04 -11.80 9.88
N VAL A 114 -0.25 -11.01 9.17
CA VAL A 114 -0.71 -10.23 8.01
C VAL A 114 0.38 -10.31 6.94
N THR A 115 -0.03 -10.70 5.72
CA THR A 115 0.83 -10.65 4.53
C THR A 115 0.70 -9.25 3.96
N VAL A 116 1.80 -8.53 3.86
CA VAL A 116 1.85 -7.13 3.38
C VAL A 116 2.66 -7.08 2.09
N GLU A 117 2.06 -6.59 1.00
CA GLU A 117 2.70 -6.36 -0.30
C GLU A 117 2.97 -4.87 -0.45
N TYR A 118 4.26 -4.53 -0.60
CA TYR A 118 4.79 -3.16 -0.44
C TYR A 118 6.16 -2.94 -1.09
N ASN A 119 6.54 -1.69 -1.38
CA ASN A 119 7.90 -1.35 -1.84
C ASN A 119 8.78 -0.78 -0.70
N PRO A 120 9.85 -1.48 -0.28
CA PRO A 120 10.67 -1.10 0.89
C PRO A 120 11.51 0.17 0.71
N LYS A 121 11.53 0.79 -0.48
CA LYS A 121 11.98 2.18 -0.63
C LYS A 121 11.21 3.15 0.30
N GLU A 122 9.89 3.02 0.34
CA GLU A 122 9.00 3.99 0.97
C GLU A 122 8.91 3.84 2.50
N ALA A 123 9.13 2.64 3.05
CA ALA A 123 8.91 2.32 4.46
C ALA A 123 9.58 1.00 4.86
N SER A 124 9.90 0.83 6.15
CA SER A 124 10.33 -0.44 6.73
C SER A 124 9.76 -0.62 8.16
N VAL A 125 10.34 -1.53 8.95
CA VAL A 125 9.86 -2.02 10.26
C VAL A 125 9.53 -0.89 11.26
N SER A 126 10.35 0.18 11.29
CA SER A 126 10.16 1.33 12.19
C SER A 126 8.95 2.19 11.79
N ASP A 127 8.78 2.44 10.49
CA ASP A 127 7.68 3.20 9.88
C ASP A 127 6.35 2.45 10.10
N LEU A 128 6.36 1.13 9.84
CA LEU A 128 5.23 0.23 10.03
C LEU A 128 4.85 0.11 11.51
N LYS A 129 5.83 0.02 12.42
CA LYS A 129 5.59 0.23 13.85
C LYS A 129 4.87 1.54 14.13
N GLU A 130 5.39 2.71 13.76
CA GLU A 130 4.70 3.99 14.05
C GLU A 130 3.27 4.02 13.51
N ALA A 131 3.02 3.40 12.35
CA ALA A 131 1.69 3.28 11.78
C ALA A 131 0.72 2.36 12.55
N VAL A 132 1.23 1.41 13.35
CA VAL A 132 0.45 0.52 14.23
C VAL A 132 0.46 0.97 15.71
N ASP A 133 1.45 1.76 16.15
CA ASP A 133 1.62 2.18 17.55
C ASP A 133 0.42 3.00 18.05
N LYS A 134 -0.20 3.82 17.17
CA LYS A 134 -1.45 4.53 17.44
C LYS A 134 -2.64 3.59 17.71
N LEU A 135 -2.65 2.39 17.12
CA LEU A 135 -3.66 1.34 17.35
C LEU A 135 -3.32 0.45 18.56
N GLY A 136 -2.11 0.58 19.15
CA GLY A 136 -1.78 0.04 20.47
C GLY A 136 -1.16 -1.37 20.47
N TYR A 137 -1.08 -2.05 19.33
CA TYR A 137 -0.40 -3.36 19.21
C TYR A 137 1.13 -3.19 19.02
N LYS A 138 1.87 -4.31 18.95
CA LYS A 138 3.20 -4.35 18.32
C LYS A 138 3.25 -5.42 17.23
N LEU A 139 4.30 -5.38 16.42
CA LEU A 139 4.50 -6.22 15.26
C LEU A 139 5.75 -7.06 15.49
N LYS A 140 5.59 -8.37 15.34
CA LYS A 140 6.70 -9.32 15.17
C LYS A 140 6.94 -9.62 13.68
N LEU A 141 8.08 -10.23 13.33
CA LEU A 141 8.51 -10.49 11.96
C LEU A 141 9.00 -11.92 11.75
N LYS A 142 8.63 -12.48 10.61
CA LYS A 142 8.56 -13.93 10.35
C LYS A 142 9.79 -14.36 9.52
N GLY A 143 10.95 -14.12 10.12
CA GLY A 143 12.27 -14.13 9.49
C GLY A 143 13.09 -12.92 9.91
N GLU A 144 12.55 -11.70 9.76
CA GLU A 144 13.18 -10.46 10.23
C GLU A 144 12.96 -10.17 11.74
N GLN A 145 13.25 -11.20 12.55
CA GLN A 145 13.66 -11.22 13.97
C GLN A 145 13.23 -12.52 14.64
N ASP A 146 11.91 -12.70 14.84
CA ASP A 146 11.34 -13.67 15.77
C ASP A 146 11.10 -15.05 15.12
N SER A 147 11.29 -15.12 13.80
CA SER A 147 11.04 -16.23 12.86
C SER A 147 9.57 -16.47 12.56
N MET A 1 -17.15 13.95 -1.41
CA MET A 1 -18.62 13.91 -1.54
C MET A 1 -19.15 12.52 -1.18
N LEU A 2 -20.43 12.23 -1.44
CA LEU A 2 -21.09 10.96 -1.09
C LEU A 2 -20.45 9.78 -1.83
N SER A 3 -20.03 8.77 -1.05
CA SER A 3 -19.10 7.65 -1.31
C SER A 3 -17.91 7.91 -0.36
N GLU A 4 -16.65 7.90 -0.82
CA GLU A 4 -15.59 8.70 -0.19
C GLU A 4 -14.47 9.02 -1.18
N GLN A 5 -13.38 9.61 -0.72
CA GLN A 5 -12.10 9.60 -1.42
C GLN A 5 -11.02 9.30 -0.39
N LYS A 6 -10.03 8.51 -0.78
CA LYS A 6 -8.84 8.17 -0.01
C LYS A 6 -7.58 8.54 -0.82
N GLU A 7 -6.47 8.69 -0.11
CA GLU A 7 -5.22 9.24 -0.63
C GLU A 7 -4.07 8.35 -0.16
N ILE A 8 -3.28 7.83 -1.11
CA ILE A 8 -2.16 6.92 -0.87
C ILE A 8 -1.02 7.30 -1.81
N ALA A 9 0.22 7.10 -1.38
CA ALA A 9 1.43 7.28 -2.17
C ALA A 9 2.27 5.99 -2.22
N MET A 10 3.23 5.93 -3.13
CA MET A 10 4.08 4.78 -3.47
C MET A 10 5.35 5.24 -4.20
N GLN A 11 6.32 4.34 -4.35
CA GLN A 11 7.45 4.47 -5.27
C GLN A 11 7.19 3.64 -6.53
N VAL A 12 7.92 3.85 -7.64
CA VAL A 12 7.65 3.24 -8.95
C VAL A 12 8.88 3.32 -9.86
N SER A 13 9.13 2.27 -10.65
CA SER A 13 10.35 2.13 -11.49
C SER A 13 10.06 2.09 -13.00
N GLY A 14 11.05 2.55 -13.78
CA GLY A 14 11.03 2.66 -15.25
C GLY A 14 10.80 4.08 -15.77
N MET A 15 10.97 5.11 -14.93
CA MET A 15 10.53 6.48 -15.24
C MET A 15 11.51 7.33 -16.07
N THR A 16 12.71 6.84 -16.41
CA THR A 16 13.88 7.66 -16.82
C THR A 16 13.85 8.04 -18.31
N CYS A 17 12.79 8.73 -18.72
CA CYS A 17 12.53 9.19 -20.10
C CYS A 17 11.39 10.26 -20.20
N ALA A 18 10.90 10.78 -19.06
CA ALA A 18 9.77 11.71 -18.89
C ALA A 18 8.40 11.13 -19.27
N ALA A 19 8.22 10.64 -20.51
CA ALA A 19 6.98 10.05 -21.02
C ALA A 19 6.49 8.85 -20.19
N CYS A 20 7.38 8.17 -19.48
CA CYS A 20 7.09 7.14 -18.49
C CYS A 20 6.24 7.68 -17.33
N ALA A 21 6.68 8.78 -16.70
CA ALA A 21 5.95 9.46 -15.64
C ALA A 21 4.58 9.97 -16.13
N ALA A 22 4.55 10.56 -17.33
CA ALA A 22 3.30 10.95 -18.00
C ALA A 22 2.32 9.76 -18.18
N ARG A 23 2.84 8.55 -18.44
CA ARG A 23 2.04 7.33 -18.54
C ARG A 23 1.46 6.85 -17.21
N ILE A 24 2.06 7.17 -16.06
CA ILE A 24 1.47 6.88 -14.74
C ILE A 24 0.16 7.65 -14.58
N GLU A 25 0.22 8.99 -14.72
CA GLU A 25 -0.94 9.85 -14.50
C GLU A 25 -2.01 9.65 -15.58
N LYS A 26 -1.66 9.76 -16.88
CA LYS A 26 -2.64 9.59 -17.96
C LYS A 26 -3.14 8.14 -18.09
N GLY A 27 -2.33 7.15 -17.67
CA GLY A 27 -2.75 5.77 -17.50
C GLY A 27 -3.87 5.61 -16.48
N LEU A 28 -3.68 6.07 -15.24
CA LEU A 28 -4.70 5.99 -14.18
C LEU A 28 -5.92 6.88 -14.44
N LYS A 29 -5.78 7.97 -15.21
CA LYS A 29 -6.90 8.83 -15.59
C LYS A 29 -8.03 8.08 -16.34
N ARG A 30 -7.76 6.91 -16.94
CA ARG A 30 -8.77 5.92 -17.34
C ARG A 30 -8.93 4.83 -16.26
N MET A 31 -9.71 5.13 -15.22
CA MET A 31 -10.17 4.24 -14.13
C MET A 31 -11.57 4.72 -13.69
N PRO A 32 -12.43 3.87 -13.07
CA PRO A 32 -13.78 4.29 -12.70
C PRO A 32 -13.82 5.17 -11.43
N GLY A 33 -13.04 4.86 -10.39
CA GLY A 33 -13.11 5.54 -9.08
C GLY A 33 -11.95 6.47 -8.76
N VAL A 34 -10.98 6.63 -9.67
CA VAL A 34 -9.81 7.51 -9.48
C VAL A 34 -10.21 8.96 -9.79
N THR A 35 -9.96 9.86 -8.84
CA THR A 35 -10.09 11.30 -9.03
C THR A 35 -8.85 11.81 -9.75
N ASP A 36 -7.65 11.49 -9.26
CA ASP A 36 -6.39 11.84 -9.94
C ASP A 36 -5.18 11.08 -9.37
N ALA A 37 -4.17 10.88 -10.20
CA ALA A 37 -2.84 10.38 -9.80
C ALA A 37 -1.78 11.43 -10.13
N ASN A 38 -0.77 11.59 -9.28
CA ASN A 38 0.28 12.61 -9.41
C ASN A 38 1.66 12.07 -9.06
N VAL A 39 2.69 12.31 -9.87
CA VAL A 39 4.07 11.88 -9.58
C VAL A 39 5.04 13.06 -9.51
N ASN A 40 5.68 13.23 -8.34
CA ASN A 40 6.67 14.29 -8.10
C ASN A 40 8.08 13.78 -8.47
N LEU A 41 8.45 13.87 -9.75
CA LEU A 41 9.70 13.31 -10.29
C LEU A 41 10.95 13.86 -9.60
N ALA A 42 10.97 15.13 -9.16
CA ALA A 42 12.10 15.77 -8.47
C ALA A 42 12.38 15.27 -7.03
N THR A 43 11.87 14.09 -6.68
CA THR A 43 11.97 13.39 -5.38
C THR A 43 11.69 11.90 -5.58
N GLU A 44 10.67 11.60 -6.41
CA GLU A 44 10.38 10.33 -7.11
C GLU A 44 9.21 9.54 -6.47
N THR A 45 8.34 10.25 -5.73
CA THR A 45 7.14 9.70 -5.06
C THR A 45 5.93 9.85 -5.98
N SER A 46 5.20 8.76 -6.16
CA SER A 46 3.92 8.72 -6.89
C SER A 46 2.75 8.67 -5.90
N ASN A 47 1.59 9.24 -6.28
CA ASN A 47 0.45 9.50 -5.40
C ASN A 47 -0.85 9.22 -6.14
N VAL A 48 -1.89 8.68 -5.48
CA VAL A 48 -3.22 8.43 -6.08
C VAL A 48 -4.32 8.84 -5.11
N ILE A 49 -5.31 9.58 -5.62
CA ILE A 49 -6.53 10.03 -4.93
C ILE A 49 -7.74 9.41 -5.65
N TYR A 50 -8.47 8.56 -4.92
CA TYR A 50 -9.48 7.64 -5.47
C TYR A 50 -10.51 7.18 -4.41
N ASP A 51 -11.74 6.83 -4.82
CA ASP A 51 -12.69 6.16 -3.95
C ASP A 51 -12.23 4.71 -3.67
N PRO A 52 -12.15 4.29 -2.39
CA PRO A 52 -11.52 3.02 -2.00
C PRO A 52 -12.38 1.76 -2.21
N ALA A 53 -13.64 1.88 -2.64
CA ALA A 53 -14.52 0.74 -2.94
C ALA A 53 -14.83 0.65 -4.44
N GLU A 54 -15.22 1.77 -5.05
CA GLU A 54 -15.38 1.95 -6.50
C GLU A 54 -14.06 1.82 -7.28
N THR A 55 -12.91 1.78 -6.59
CA THR A 55 -11.63 1.32 -7.15
C THR A 55 -10.80 0.67 -6.05
N GLY A 56 -10.30 -0.53 -6.35
CA GLY A 56 -9.48 -1.32 -5.44
C GLY A 56 -8.00 -0.94 -5.51
N THR A 57 -7.30 -1.13 -4.39
CA THR A 57 -5.83 -0.96 -4.30
C THR A 57 -5.08 -1.78 -5.34
N ALA A 58 -5.52 -3.02 -5.60
CA ALA A 58 -4.95 -3.85 -6.66
C ALA A 58 -5.29 -3.36 -8.08
N ALA A 59 -6.41 -2.66 -8.28
CA ALA A 59 -6.80 -2.17 -9.61
C ALA A 59 -5.93 -1.00 -10.03
N ILE A 60 -5.54 -0.12 -9.10
CA ILE A 60 -4.54 0.93 -9.42
C ILE A 60 -3.14 0.35 -9.63
N GLN A 61 -2.73 -0.70 -8.90
CA GLN A 61 -1.44 -1.35 -9.16
C GLN A 61 -1.45 -2.03 -10.54
N GLU A 62 -2.50 -2.80 -10.86
CA GLU A 62 -2.67 -3.40 -12.20
C GLU A 62 -2.64 -2.32 -13.28
N LYS A 63 -3.32 -1.18 -13.08
CA LYS A 63 -3.35 -0.13 -14.11
C LYS A 63 -1.98 0.53 -14.33
N ILE A 64 -1.10 0.58 -13.34
CA ILE A 64 0.29 1.04 -13.51
C ILE A 64 1.11 -0.01 -14.28
N GLU A 65 1.12 -1.26 -13.81
CA GLU A 65 1.85 -2.39 -14.43
C GLU A 65 1.43 -2.57 -15.91
N LYS A 66 0.15 -2.28 -16.22
CA LYS A 66 -0.45 -2.22 -17.56
C LYS A 66 0.18 -1.23 -18.56
N LEU A 67 1.09 -0.34 -18.14
CA LEU A 67 1.88 0.52 -19.04
C LEU A 67 3.31 0.00 -19.26
N GLY A 68 3.76 -1.04 -18.53
CA GLY A 68 5.14 -1.53 -18.59
C GLY A 68 6.11 -0.75 -17.69
N TYR A 69 5.57 0.04 -16.75
CA TYR A 69 6.31 0.67 -15.65
C TYR A 69 5.83 0.05 -14.34
N HIS A 70 6.74 -0.27 -13.41
CA HIS A 70 6.44 -1.28 -12.40
C HIS A 70 6.51 -0.73 -10.97
N VAL A 71 5.54 -1.12 -10.12
CA VAL A 71 5.26 -0.54 -8.78
C VAL A 71 6.29 -1.00 -7.72
N VAL A 72 7.23 -1.86 -8.09
CA VAL A 72 8.40 -2.28 -7.30
C VAL A 72 7.96 -3.06 -6.05
N THR A 73 6.91 -3.88 -6.21
CA THR A 73 6.27 -4.54 -5.07
C THR A 73 7.01 -5.79 -4.64
N GLU A 74 7.52 -5.74 -3.42
CA GLU A 74 8.12 -6.85 -2.71
C GLU A 74 7.11 -7.36 -1.67
N LYS A 75 7.06 -8.68 -1.45
CA LYS A 75 6.13 -9.29 -0.50
C LYS A 75 6.83 -9.79 0.78
N ALA A 76 6.09 -9.82 1.89
CA ALA A 76 6.56 -10.31 3.19
C ALA A 76 5.38 -10.79 4.04
N GLU A 77 5.67 -11.50 5.13
CA GLU A 77 4.71 -11.74 6.21
C GLU A 77 5.22 -11.20 7.55
N PHE A 78 4.32 -10.59 8.31
CA PHE A 78 4.53 -10.13 9.68
C PHE A 78 3.61 -10.91 10.63
N ASP A 79 4.01 -10.97 11.90
CA ASP A 79 3.33 -11.71 12.98
C ASP A 79 2.89 -10.75 14.10
N ILE A 80 1.62 -10.85 14.50
CA ILE A 80 0.90 -9.87 15.31
C ILE A 80 0.67 -10.40 16.73
N GLU A 81 1.75 -10.70 17.43
CA GLU A 81 1.75 -11.13 18.84
C GLU A 81 1.11 -10.06 19.75
N GLY A 82 -0.19 -10.19 19.95
CA GLY A 82 -1.06 -9.13 20.49
C GLY A 82 -2.52 -9.34 20.11
N MET A 83 -2.80 -9.68 18.84
CA MET A 83 -4.14 -9.86 18.30
C MET A 83 -4.52 -11.37 18.33
N THR A 84 -5.76 -11.71 18.72
CA THR A 84 -6.21 -13.11 18.90
C THR A 84 -7.43 -13.52 18.09
N CYS A 85 -8.03 -12.60 17.31
CA CYS A 85 -9.32 -12.77 16.63
C CYS A 85 -9.58 -11.65 15.60
N ALA A 86 -10.49 -11.90 14.63
CA ALA A 86 -10.81 -11.03 13.49
C ALA A 86 -11.05 -9.54 13.83
N ALA A 87 -11.72 -9.24 14.95
CA ALA A 87 -11.99 -7.87 15.38
C ALA A 87 -10.71 -7.09 15.77
N CYS A 88 -9.66 -7.78 16.21
CA CYS A 88 -8.32 -7.23 16.48
C CYS A 88 -7.48 -7.14 15.20
N ALA A 89 -7.59 -8.11 14.30
CA ALA A 89 -6.97 -8.08 12.99
C ALA A 89 -7.40 -6.85 12.18
N ASN A 90 -8.71 -6.67 11.95
CA ASN A 90 -9.20 -5.55 11.14
C ASN A 90 -8.87 -4.16 11.75
N ARG A 91 -8.74 -4.06 13.08
CA ARG A 91 -8.26 -2.86 13.78
C ARG A 91 -6.85 -2.41 13.36
N ILE A 92 -5.90 -3.31 13.08
CA ILE A 92 -4.62 -2.93 12.43
C ILE A 92 -4.77 -2.84 10.91
N GLU A 93 -5.58 -3.71 10.28
CA GLU A 93 -5.74 -3.80 8.83
C GLU A 93 -6.12 -2.45 8.21
N LYS A 94 -7.10 -1.72 8.77
CA LYS A 94 -7.52 -0.44 8.21
C LYS A 94 -6.41 0.65 8.19
N ARG A 95 -5.23 0.38 8.76
CA ARG A 95 -3.97 1.00 8.38
C ARG A 95 -3.14 0.08 7.46
N LEU A 96 -2.71 -1.10 7.96
CA LEU A 96 -1.77 -2.02 7.31
C LEU A 96 -2.07 -2.27 5.84
N ASN A 97 -3.35 -2.45 5.48
CA ASN A 97 -3.85 -2.78 4.15
C ASN A 97 -3.17 -2.00 3.02
N LYS A 98 -2.96 -0.69 3.24
CA LYS A 98 -2.50 0.30 2.24
C LYS A 98 -1.46 1.32 2.79
N ILE A 99 -1.46 1.63 4.10
CA ILE A 99 -0.79 2.76 4.79
C ILE A 99 -0.45 3.93 3.85
N GLU A 100 0.84 4.09 3.58
CA GLU A 100 1.43 4.89 2.53
C GLU A 100 2.56 3.98 2.03
N GLY A 101 2.41 3.46 0.82
CA GLY A 101 3.40 2.62 0.13
C GLY A 101 3.08 1.12 0.08
N VAL A 102 2.02 0.69 0.78
CA VAL A 102 1.56 -0.72 0.76
C VAL A 102 0.52 -0.88 -0.35
N ALA A 103 0.69 -1.90 -1.19
CA ALA A 103 -0.24 -2.26 -2.26
C ALA A 103 -1.33 -3.21 -1.74
N ASN A 104 -0.96 -4.23 -0.97
CA ASN A 104 -1.91 -5.17 -0.37
C ASN A 104 -1.47 -5.56 1.05
N ALA A 105 -2.42 -5.72 1.98
CA ALA A 105 -2.20 -6.41 3.26
C ALA A 105 -3.52 -6.87 3.90
N PRO A 106 -4.05 -8.06 3.54
CA PRO A 106 -5.13 -8.71 4.26
C PRO A 106 -4.58 -9.37 5.54
N VAL A 107 -5.13 -9.01 6.70
CA VAL A 107 -4.64 -9.52 8.01
C VAL A 107 -5.35 -10.82 8.36
N ASN A 108 -4.58 -11.85 8.70
CA ASN A 108 -5.07 -13.19 9.02
C ASN A 108 -5.70 -13.25 10.42
N PHE A 109 -6.86 -13.91 10.55
CA PHE A 109 -7.66 -13.91 11.77
C PHE A 109 -7.40 -15.10 12.70
N ALA A 110 -6.75 -16.16 12.20
CA ALA A 110 -6.53 -17.43 12.91
C ALA A 110 -5.03 -17.75 13.04
N LEU A 111 -4.23 -17.40 12.04
CA LEU A 111 -2.77 -17.57 12.05
C LEU A 111 -2.06 -16.45 12.82
N GLU A 112 -2.74 -15.33 13.08
CA GLU A 112 -2.21 -14.12 13.75
C GLU A 112 -1.13 -13.40 12.93
N THR A 113 -1.04 -13.68 11.63
CA THR A 113 -0.11 -13.03 10.70
C THR A 113 -0.83 -11.95 9.89
N VAL A 114 -0.06 -11.19 9.11
CA VAL A 114 -0.55 -10.42 7.96
C VAL A 114 0.40 -10.65 6.78
N THR A 115 -0.19 -10.87 5.61
CA THR A 115 0.52 -11.15 4.35
C THR A 115 0.56 -9.84 3.56
N VAL A 116 1.74 -9.27 3.35
CA VAL A 116 1.95 -7.88 2.91
C VAL A 116 2.64 -7.83 1.53
N GLU A 117 2.27 -6.85 0.70
CA GLU A 117 2.91 -6.48 -0.57
C GLU A 117 3.04 -4.95 -0.67
N TYR A 118 4.26 -4.42 -0.85
CA TYR A 118 4.60 -2.98 -0.73
C TYR A 118 5.88 -2.59 -1.49
N ASN A 119 6.16 -1.29 -1.65
CA ASN A 119 7.48 -0.81 -2.11
C ASN A 119 8.43 -0.51 -0.92
N PRO A 120 9.50 -1.33 -0.70
CA PRO A 120 10.50 -1.08 0.33
C PRO A 120 11.41 0.08 -0.10
N LYS A 121 10.96 1.31 0.17
CA LYS A 121 11.56 2.54 -0.33
C LYS A 121 11.27 3.75 0.58
N GLU A 122 9.98 4.07 0.77
CA GLU A 122 9.57 5.39 1.28
C GLU A 122 9.38 5.48 2.81
N ALA A 123 9.41 4.34 3.52
CA ALA A 123 9.19 4.23 4.96
C ALA A 123 9.89 2.97 5.52
N SER A 124 9.93 2.80 6.84
CA SER A 124 10.59 1.64 7.48
C SER A 124 9.66 0.87 8.44
N VAL A 125 10.08 -0.29 8.95
CA VAL A 125 9.38 -1.04 10.03
C VAL A 125 9.15 -0.17 11.27
N SER A 126 9.91 0.92 11.46
CA SER A 126 9.65 1.91 12.51
C SER A 126 8.26 2.56 12.36
N ASP A 127 7.88 2.93 11.13
CA ASP A 127 6.60 3.56 10.82
C ASP A 127 5.45 2.55 10.89
N LEU A 128 5.72 1.28 10.53
CA LEU A 128 4.79 0.17 10.76
C LEU A 128 4.54 -0.03 12.26
N LYS A 129 5.61 -0.05 13.06
CA LYS A 129 5.53 0.01 14.53
C LYS A 129 4.68 1.18 15.01
N GLU A 130 4.85 2.40 14.51
CA GLU A 130 4.02 3.53 14.97
C GLU A 130 2.54 3.38 14.55
N ALA A 131 2.26 2.90 13.34
CA ALA A 131 0.89 2.60 12.90
C ALA A 131 0.21 1.53 13.77
N VAL A 132 0.95 0.50 14.20
CA VAL A 132 0.49 -0.56 15.11
C VAL A 132 0.43 -0.11 16.59
N ASP A 133 1.22 0.89 17.02
CA ASP A 133 1.26 1.35 18.41
C ASP A 133 -0.04 2.02 18.87
N LYS A 134 -0.77 2.64 17.93
CA LYS A 134 -2.15 3.10 18.13
C LYS A 134 -3.08 1.96 18.60
N LEU A 135 -2.86 0.73 18.13
CA LEU A 135 -3.61 -0.47 18.53
C LEU A 135 -2.94 -1.23 19.69
N GLY A 136 -1.75 -0.80 20.13
CA GLY A 136 -1.07 -1.29 21.33
C GLY A 136 -0.27 -2.57 21.14
N TYR A 137 -0.24 -3.17 19.95
CA TYR A 137 0.50 -4.41 19.67
C TYR A 137 1.96 -4.13 19.25
N LYS A 138 2.70 -5.16 18.81
CA LYS A 138 3.99 -5.02 18.15
C LYS A 138 4.05 -5.98 16.96
N LEU A 139 5.08 -5.81 16.14
CA LEU A 139 5.28 -6.56 14.90
C LEU A 139 6.55 -7.40 15.06
N LYS A 140 6.39 -8.71 14.98
CA LYS A 140 7.50 -9.64 14.73
C LYS A 140 7.57 -9.92 13.23
N LEU A 141 8.76 -10.18 12.67
CA LEU A 141 8.92 -10.48 11.25
C LEU A 141 9.24 -11.97 11.08
N LYS A 142 8.71 -12.58 10.03
CA LYS A 142 8.42 -14.01 10.01
C LYS A 142 9.64 -14.81 9.51
N GLY A 143 10.61 -14.92 10.41
CA GLY A 143 12.00 -15.26 10.17
C GLY A 143 12.90 -14.09 10.54
N GLU A 144 12.54 -12.88 10.12
CA GLU A 144 13.45 -11.73 10.10
C GLU A 144 13.48 -10.94 11.42
N GLN A 145 12.55 -11.17 12.35
CA GLN A 145 12.67 -10.78 13.75
C GLN A 145 11.78 -11.67 14.60
N ASP A 146 12.42 -12.62 15.26
CA ASP A 146 11.92 -13.58 16.24
C ASP A 146 11.13 -14.75 15.62
N SER A 147 10.39 -14.50 14.53
CA SER A 147 9.58 -15.46 13.77
C SER A 147 8.37 -16.05 14.50
N MET A 1 -19.38 13.19 8.33
CA MET A 1 -18.05 12.54 8.25
C MET A 1 -18.21 11.23 7.49
N LEU A 2 -17.52 11.07 6.35
CA LEU A 2 -17.54 9.86 5.52
C LEU A 2 -16.33 9.86 4.57
N SER A 3 -16.38 10.64 3.49
CA SER A 3 -15.30 10.88 2.52
C SER A 3 -15.07 9.69 1.57
N GLU A 4 -15.72 9.71 0.39
CA GLU A 4 -15.67 8.60 -0.58
C GLU A 4 -14.53 8.76 -1.61
N GLN A 5 -13.69 9.79 -1.47
CA GLN A 5 -12.48 9.91 -2.25
C GLN A 5 -11.33 9.35 -1.41
N LYS A 6 -10.81 8.18 -1.81
CA LYS A 6 -9.78 7.42 -1.11
C LYS A 6 -8.42 7.48 -1.83
N GLU A 7 -7.38 7.05 -1.13
CA GLU A 7 -5.99 7.45 -1.37
C GLU A 7 -5.02 6.25 -1.44
N ILE A 8 -3.93 6.43 -2.20
CA ILE A 8 -2.77 5.53 -2.27
C ILE A 8 -1.57 6.28 -2.85
N ALA A 9 -0.36 5.97 -2.35
CA ALA A 9 0.90 6.43 -2.90
C ALA A 9 1.94 5.29 -2.86
N MET A 10 2.93 5.34 -3.75
CA MET A 10 3.96 4.31 -3.98
C MET A 10 5.23 4.94 -4.56
N GLN A 11 6.35 4.23 -4.51
CA GLN A 11 7.51 4.52 -5.36
C GLN A 11 7.23 4.01 -6.77
N VAL A 12 7.63 4.72 -7.83
CA VAL A 12 7.62 4.19 -9.22
C VAL A 12 9.01 4.28 -9.87
N SER A 13 9.62 3.13 -10.11
CA SER A 13 10.96 2.99 -10.70
C SER A 13 10.89 2.68 -12.20
N GLY A 14 11.89 3.13 -12.98
CA GLY A 14 11.95 2.98 -14.44
C GLY A 14 11.47 4.23 -15.18
N MET A 15 11.35 5.36 -14.48
CA MET A 15 11.00 6.65 -15.10
C MET A 15 12.14 7.24 -15.92
N THR A 16 11.75 7.91 -17.00
CA THR A 16 12.59 8.65 -17.95
C THR A 16 11.84 9.94 -18.27
N CYS A 17 12.27 11.03 -17.63
CA CYS A 17 11.70 12.38 -17.69
C CYS A 17 10.24 12.44 -17.19
N ALA A 18 9.62 13.62 -17.32
CA ALA A 18 8.19 13.84 -17.17
C ALA A 18 7.35 13.05 -18.19
N ALA A 19 7.97 12.41 -19.20
CA ALA A 19 7.24 11.62 -20.20
C ALA A 19 6.67 10.32 -19.59
N CYS A 20 7.36 9.75 -18.59
CA CYS A 20 6.85 8.63 -17.81
C CYS A 20 5.69 9.03 -16.89
N ALA A 21 5.75 10.22 -16.28
CA ALA A 21 4.61 10.82 -15.57
C ALA A 21 3.42 11.00 -16.53
N ALA A 22 3.64 11.62 -17.70
CA ALA A 22 2.62 11.79 -18.75
C ALA A 22 1.98 10.47 -19.21
N ARG A 23 2.74 9.36 -19.21
CA ARG A 23 2.21 8.01 -19.49
C ARG A 23 1.37 7.43 -18.34
N ILE A 24 1.79 7.62 -17.08
CA ILE A 24 1.04 7.15 -15.89
C ILE A 24 -0.26 7.95 -15.72
N GLU A 25 -0.15 9.28 -15.66
CA GLU A 25 -1.24 10.17 -15.28
C GLU A 25 -2.41 10.08 -16.27
N LYS A 26 -2.15 10.10 -17.58
CA LYS A 26 -3.15 9.87 -18.61
C LYS A 26 -3.80 8.48 -18.50
N GLY A 27 -3.05 7.46 -18.08
CA GLY A 27 -3.54 6.08 -17.89
C GLY A 27 -4.59 5.97 -16.77
N LEU A 28 -4.36 6.59 -15.60
CA LEU A 28 -5.35 6.56 -14.51
C LEU A 28 -6.51 7.53 -14.74
N LYS A 29 -6.28 8.72 -15.31
CA LYS A 29 -7.37 9.69 -15.53
C LYS A 29 -8.49 9.12 -16.43
N ARG A 30 -8.14 8.19 -17.34
CA ARG A 30 -9.05 7.38 -18.16
C ARG A 30 -9.54 6.11 -17.43
N MET A 31 -10.32 6.30 -16.36
CA MET A 31 -10.92 5.25 -15.53
C MET A 31 -12.31 5.68 -15.02
N PRO A 32 -13.21 4.75 -14.63
CA PRO A 32 -14.50 5.08 -14.06
C PRO A 32 -14.36 5.59 -12.61
N GLY A 33 -13.91 4.73 -11.69
CA GLY A 33 -13.82 5.02 -10.25
C GLY A 33 -12.53 5.71 -9.85
N VAL A 34 -12.12 6.76 -10.57
CA VAL A 34 -10.87 7.51 -10.29
C VAL A 34 -11.17 9.01 -10.23
N THR A 35 -10.55 9.69 -9.26
CA THR A 35 -10.54 11.16 -9.14
C THR A 35 -9.37 11.67 -9.96
N ASP A 36 -8.15 11.25 -9.65
CA ASP A 36 -6.92 11.88 -10.17
C ASP A 36 -5.66 11.05 -9.88
N ALA A 37 -4.57 11.32 -10.61
CA ALA A 37 -3.25 10.74 -10.40
C ALA A 37 -2.15 11.80 -10.61
N ASN A 38 -1.12 11.77 -9.77
CA ASN A 38 -0.05 12.78 -9.73
C ASN A 38 1.29 12.09 -9.46
N VAL A 39 2.28 12.28 -10.35
CA VAL A 39 3.62 11.68 -10.25
C VAL A 39 4.66 12.77 -9.95
N ASN A 40 5.41 12.57 -8.87
CA ASN A 40 6.35 13.54 -8.28
C ASN A 40 7.69 13.63 -9.03
N LEU A 41 8.26 12.49 -9.44
CA LEU A 41 9.58 12.33 -10.07
C LEU A 41 10.74 12.62 -9.09
N ALA A 42 10.88 13.84 -8.57
CA ALA A 42 12.05 14.31 -7.80
C ALA A 42 12.36 13.53 -6.50
N THR A 43 11.37 12.81 -5.98
CA THR A 43 11.47 11.80 -4.90
C THR A 43 10.67 10.53 -5.25
N GLU A 44 10.38 10.34 -6.54
CA GLU A 44 10.04 9.05 -7.17
C GLU A 44 8.65 8.51 -6.81
N THR A 45 7.80 9.35 -6.22
CA THR A 45 6.44 9.01 -5.76
C THR A 45 5.44 9.05 -6.90
N SER A 46 4.59 8.04 -6.97
CA SER A 46 3.32 8.07 -7.70
C SER A 46 2.17 8.09 -6.69
N ASN A 47 1.17 8.96 -6.89
CA ASN A 47 0.06 9.18 -5.96
C ASN A 47 -1.27 9.09 -6.73
N VAL A 48 -2.28 8.37 -6.21
CA VAL A 48 -3.57 8.18 -6.89
C VAL A 48 -4.74 8.38 -5.91
N ILE A 49 -5.81 9.04 -6.40
CA ILE A 49 -7.04 9.33 -5.67
C ILE A 49 -8.22 8.75 -6.45
N TYR A 50 -9.08 7.98 -5.78
CA TYR A 50 -10.05 7.07 -6.41
C TYR A 50 -11.36 6.90 -5.61
N ASP A 51 -12.35 6.26 -6.24
CA ASP A 51 -13.64 5.89 -5.65
C ASP A 51 -13.60 4.38 -5.27
N PRO A 52 -13.87 4.02 -4.01
CA PRO A 52 -13.72 2.65 -3.49
C PRO A 52 -14.92 1.74 -3.79
N ALA A 53 -15.99 2.24 -4.44
CA ALA A 53 -17.11 1.43 -4.91
C ALA A 53 -16.95 1.03 -6.39
N GLU A 54 -16.33 1.88 -7.21
CA GLU A 54 -16.16 1.66 -8.66
C GLU A 54 -14.74 1.27 -9.10
N THR A 55 -13.76 1.17 -8.18
CA THR A 55 -12.39 0.73 -8.49
C THR A 55 -11.74 0.09 -7.25
N GLY A 56 -11.01 -1.01 -7.47
CA GLY A 56 -10.30 -1.78 -6.44
C GLY A 56 -8.78 -1.51 -6.45
N THR A 57 -8.15 -1.70 -5.28
CA THR A 57 -6.74 -1.36 -5.00
C THR A 57 -5.76 -1.97 -5.98
N ALA A 58 -5.73 -3.30 -6.14
CA ALA A 58 -4.70 -3.99 -6.92
C ALA A 58 -4.62 -3.55 -8.39
N ALA A 59 -5.76 -3.17 -8.97
CA ALA A 59 -5.85 -2.61 -10.32
C ALA A 59 -5.14 -1.26 -10.48
N ILE A 60 -4.86 -0.54 -9.39
CA ILE A 60 -4.11 0.72 -9.41
C ILE A 60 -2.63 0.44 -9.68
N GLN A 61 -1.93 -0.34 -8.84
CA GLN A 61 -0.52 -0.64 -9.13
C GLN A 61 -0.36 -1.48 -10.41
N GLU A 62 -1.30 -2.38 -10.73
CA GLU A 62 -1.27 -3.08 -12.00
C GLU A 62 -1.37 -2.10 -13.18
N LYS A 63 -2.17 -1.04 -13.08
CA LYS A 63 -2.20 0.02 -14.11
C LYS A 63 -0.90 0.84 -14.19
N ILE A 64 -0.06 0.89 -13.16
CA ILE A 64 1.31 1.43 -13.26
C ILE A 64 2.20 0.43 -14.01
N GLU A 65 2.25 -0.83 -13.56
CA GLU A 65 3.14 -1.85 -14.15
C GLU A 65 2.73 -2.25 -15.58
N LYS A 66 1.49 -1.95 -15.99
CA LYS A 66 0.98 -1.99 -17.39
C LYS A 66 1.79 -1.11 -18.35
N LEU A 67 2.49 -0.07 -17.88
CA LEU A 67 3.38 0.75 -18.71
C LEU A 67 4.81 0.19 -18.80
N GLY A 68 5.20 -0.74 -17.93
CA GLY A 68 6.58 -1.22 -17.79
C GLY A 68 7.41 -0.43 -16.77
N TYR A 69 6.77 0.44 -15.97
CA TYR A 69 7.38 1.09 -14.81
C TYR A 69 7.08 0.26 -13.55
N HIS A 70 8.07 0.00 -12.70
CA HIS A 70 7.96 -0.98 -11.62
C HIS A 70 7.78 -0.29 -10.26
N VAL A 71 6.76 -0.68 -9.50
CA VAL A 71 6.64 -0.37 -8.06
C VAL A 71 7.61 -1.23 -7.25
N VAL A 72 7.94 -2.43 -7.76
CA VAL A 72 8.93 -3.36 -7.16
C VAL A 72 8.34 -3.96 -5.88
N THR A 73 7.27 -4.73 -6.05
CA THR A 73 6.48 -5.32 -4.96
C THR A 73 7.14 -6.60 -4.46
N GLU A 74 7.48 -6.64 -3.18
CA GLU A 74 8.09 -7.77 -2.49
C GLU A 74 7.46 -7.95 -1.10
N LYS A 75 7.52 -9.17 -0.58
CA LYS A 75 6.60 -9.62 0.46
C LYS A 75 7.27 -10.11 1.76
N ALA A 76 6.64 -9.79 2.89
CA ALA A 76 7.04 -10.19 4.23
C ALA A 76 5.81 -10.54 5.07
N GLU A 77 5.97 -11.44 6.03
CA GLU A 77 4.90 -11.83 6.94
C GLU A 77 5.22 -11.38 8.36
N PHE A 78 4.30 -10.58 8.92
CA PHE A 78 4.42 -9.98 10.24
C PHE A 78 3.55 -10.72 11.26
N ASP A 79 4.10 -10.79 12.47
CA ASP A 79 3.67 -11.55 13.64
C ASP A 79 2.93 -10.58 14.60
N ILE A 80 1.59 -10.71 14.65
CA ILE A 80 0.68 -9.76 15.31
C ILE A 80 0.48 -10.15 16.78
N GLU A 81 1.52 -9.89 17.57
CA GLU A 81 1.61 -10.12 19.00
C GLU A 81 0.72 -9.13 19.80
N GLY A 82 -0.61 -9.24 19.62
CA GLY A 82 -1.60 -8.39 20.28
C GLY A 82 -3.05 -8.60 19.87
N MET A 83 -3.33 -9.12 18.66
CA MET A 83 -4.70 -9.36 18.21
C MET A 83 -5.23 -10.70 18.76
N THR A 84 -6.54 -10.78 19.02
CA THR A 84 -7.22 -11.96 19.60
C THR A 84 -8.60 -12.24 18.99
N CYS A 85 -8.90 -11.64 17.83
CA CYS A 85 -10.22 -11.63 17.21
C CYS A 85 -10.16 -11.00 15.80
N ALA A 86 -11.08 -11.41 14.91
CA ALA A 86 -11.26 -10.83 13.59
C ALA A 86 -11.48 -9.31 13.61
N ALA A 87 -12.16 -8.78 14.64
CA ALA A 87 -12.30 -7.33 14.84
C ALA A 87 -10.95 -6.63 15.05
N CYS A 88 -10.03 -7.24 15.83
CA CYS A 88 -8.68 -6.72 16.06
C CYS A 88 -7.80 -6.81 14.81
N ALA A 89 -7.88 -7.92 14.08
CA ALA A 89 -7.23 -8.10 12.79
C ALA A 89 -7.71 -7.02 11.79
N ASN A 90 -9.01 -6.93 11.52
CA ASN A 90 -9.56 -5.98 10.54
C ASN A 90 -9.31 -4.50 10.92
N ARG A 91 -9.30 -4.17 12.21
CA ARG A 91 -8.92 -2.82 12.71
C ARG A 91 -7.48 -2.42 12.34
N ILE A 92 -6.51 -3.34 12.35
CA ILE A 92 -5.17 -3.02 11.80
C ILE A 92 -5.09 -3.18 10.28
N GLU A 93 -5.80 -4.17 9.71
CA GLU A 93 -5.86 -4.43 8.26
C GLU A 93 -6.20 -3.16 7.48
N LYS A 94 -7.24 -2.42 7.89
CA LYS A 94 -7.65 -1.18 7.23
C LYS A 94 -6.53 -0.14 7.06
N ARG A 95 -5.53 -0.15 7.95
CA ARG A 95 -4.32 0.69 7.86
C ARG A 95 -3.21 -0.02 7.07
N LEU A 96 -2.88 -1.25 7.45
CA LEU A 96 -1.85 -2.11 6.84
C LEU A 96 -2.01 -2.26 5.32
N ASN A 97 -3.25 -2.39 4.83
CA ASN A 97 -3.58 -2.72 3.44
C ASN A 97 -2.87 -1.82 2.39
N LYS A 98 -2.61 -0.55 2.72
CA LYS A 98 -1.94 0.43 1.85
C LYS A 98 -0.84 1.27 2.53
N ILE A 99 -0.98 1.61 3.82
CA ILE A 99 -0.22 2.66 4.56
C ILE A 99 0.23 3.78 3.61
N GLU A 100 1.54 3.87 3.34
CA GLU A 100 2.10 4.53 2.18
C GLU A 100 3.04 3.50 1.57
N GLY A 101 2.76 3.08 0.33
CA GLY A 101 3.63 2.20 -0.43
C GLY A 101 3.31 0.71 -0.36
N VAL A 102 2.29 0.29 0.41
CA VAL A 102 1.86 -1.12 0.50
C VAL A 102 0.89 -1.44 -0.66
N ALA A 103 1.12 -2.57 -1.31
CA ALA A 103 0.36 -3.07 -2.46
C ALA A 103 -0.75 -4.07 -2.05
N ASN A 104 -0.47 -4.93 -1.06
CA ASN A 104 -1.46 -5.81 -0.43
C ASN A 104 -1.14 -6.02 1.08
N ALA A 105 -2.17 -6.18 1.91
CA ALA A 105 -2.07 -6.81 3.22
C ALA A 105 -3.44 -7.30 3.75
N PRO A 106 -3.76 -8.62 3.62
CA PRO A 106 -4.83 -9.28 4.37
C PRO A 106 -4.30 -9.84 5.70
N VAL A 107 -5.02 -9.63 6.81
CA VAL A 107 -4.58 -10.01 8.17
C VAL A 107 -5.32 -11.26 8.66
N ASN A 108 -4.56 -12.28 9.12
CA ASN A 108 -5.13 -13.49 9.72
C ASN A 108 -5.53 -13.30 11.19
N PHE A 109 -6.66 -13.91 11.57
CA PHE A 109 -7.31 -13.73 12.87
C PHE A 109 -7.26 -14.96 13.79
N ALA A 110 -6.60 -16.03 13.36
CA ALA A 110 -6.32 -17.22 14.19
C ALA A 110 -4.82 -17.51 14.21
N LEU A 111 -4.14 -17.41 13.06
CA LEU A 111 -2.71 -17.68 12.90
C LEU A 111 -1.82 -16.54 13.43
N GLU A 112 -2.38 -15.33 13.61
CA GLU A 112 -1.69 -14.09 14.04
C GLU A 112 -0.76 -13.50 12.95
N THR A 113 -0.80 -14.01 11.71
CA THR A 113 0.08 -13.62 10.61
C THR A 113 -0.64 -12.66 9.68
N VAL A 114 -0.05 -11.51 9.36
CA VAL A 114 -0.45 -10.72 8.18
C VAL A 114 0.58 -10.92 7.08
N THR A 115 0.14 -11.24 5.86
CA THR A 115 1.00 -11.35 4.68
C THR A 115 1.01 -9.99 3.99
N VAL A 116 2.11 -9.26 4.08
CA VAL A 116 2.27 -7.90 3.53
C VAL A 116 3.08 -7.96 2.24
N GLU A 117 2.69 -7.20 1.22
CA GLU A 117 3.45 -7.00 -0.01
C GLU A 117 3.50 -5.51 -0.36
N TYR A 118 4.70 -4.96 -0.52
CA TYR A 118 4.98 -3.52 -0.59
C TYR A 118 6.30 -3.22 -1.32
N ASN A 119 6.69 -1.94 -1.43
CA ASN A 119 8.05 -1.57 -1.83
C ASN A 119 8.94 -1.36 -0.59
N PRO A 120 9.96 -2.21 -0.33
CA PRO A 120 10.92 -2.01 0.76
C PRO A 120 11.90 -0.85 0.47
N LYS A 121 11.90 -0.33 -0.76
CA LYS A 121 12.78 0.73 -1.22
C LYS A 121 12.61 2.05 -0.43
N GLU A 122 11.41 2.37 0.06
CA GLU A 122 11.14 3.62 0.80
C GLU A 122 10.82 3.43 2.29
N ALA A 123 10.18 2.32 2.70
CA ALA A 123 9.61 2.15 4.05
C ALA A 123 10.18 0.93 4.81
N SER A 124 10.24 1.03 6.14
CA SER A 124 10.92 0.06 7.02
C SER A 124 10.07 -0.38 8.23
N VAL A 125 10.58 -1.28 9.08
CA VAL A 125 9.81 -1.84 10.22
C VAL A 125 9.55 -0.75 11.28
N SER A 126 10.31 0.34 11.31
CA SER A 126 10.03 1.51 12.15
C SER A 126 8.72 2.20 11.77
N ASP A 127 8.47 2.37 10.47
CA ASP A 127 7.26 3.04 9.96
C ASP A 127 6.02 2.19 10.27
N LEU A 128 6.12 0.88 10.01
CA LEU A 128 5.07 -0.10 10.30
C LEU A 128 4.79 -0.18 11.81
N LYS A 129 5.83 -0.13 12.65
CA LYS A 129 5.68 0.03 14.09
C LYS A 129 4.91 1.30 14.44
N GLU A 130 5.38 2.50 14.07
CA GLU A 130 4.70 3.76 14.45
C GLU A 130 3.27 3.87 13.87
N ALA A 131 2.98 3.19 12.75
CA ALA A 131 1.62 3.05 12.22
C ALA A 131 0.70 2.13 13.03
N VAL A 132 1.22 1.15 13.76
CA VAL A 132 0.46 0.19 14.59
C VAL A 132 0.45 0.55 16.08
N ASP A 133 1.50 1.16 16.61
CA ASP A 133 1.71 1.38 18.06
C ASP A 133 0.63 2.27 18.69
N LYS A 134 0.16 3.27 17.95
CA LYS A 134 -0.92 4.17 18.37
C LYS A 134 -2.31 3.48 18.40
N LEU A 135 -2.49 2.33 17.73
CA LEU A 135 -3.67 1.46 17.89
C LEU A 135 -3.55 0.53 19.12
N GLY A 136 -2.40 0.49 19.82
CA GLY A 136 -2.22 -0.19 21.11
C GLY A 136 -1.59 -1.57 21.03
N TYR A 137 -1.37 -2.13 19.83
CA TYR A 137 -0.63 -3.39 19.61
C TYR A 137 0.80 -3.11 19.12
N LYS A 138 1.58 -4.14 18.73
CA LYS A 138 2.82 -3.97 18.01
C LYS A 138 2.94 -5.06 16.94
N LEU A 139 3.97 -4.93 16.13
CA LEU A 139 4.39 -5.90 15.14
C LEU A 139 5.70 -6.57 15.59
N LYS A 140 5.87 -7.85 15.25
CA LYS A 140 7.17 -8.46 15.02
C LYS A 140 7.25 -9.02 13.58
N LEU A 141 8.40 -9.60 13.18
CA LEU A 141 8.55 -10.40 11.95
C LEU A 141 8.77 -11.88 12.25
N LYS A 142 8.56 -12.68 11.20
CA LYS A 142 8.70 -14.13 11.13
C LYS A 142 10.11 -14.42 10.61
N GLY A 143 10.93 -15.12 11.38
CA GLY A 143 12.36 -15.28 11.13
C GLY A 143 13.12 -14.01 11.52
N GLU A 144 12.79 -12.88 10.89
CA GLU A 144 13.48 -11.61 11.07
C GLU A 144 13.04 -10.81 12.32
N GLN A 145 12.76 -11.52 13.44
CA GLN A 145 12.49 -11.03 14.80
C GLN A 145 12.08 -12.17 15.73
N ASP A 146 10.81 -12.56 15.77
CA ASP A 146 10.30 -13.48 16.80
C ASP A 146 10.75 -14.91 16.54
N SER A 147 10.88 -15.25 15.26
CA SER A 147 11.25 -16.53 14.62
C SER A 147 10.00 -17.25 14.11
N MET A 1 -17.51 11.59 8.80
CA MET A 1 -16.65 10.69 8.00
C MET A 1 -15.71 11.52 7.13
N LEU A 2 -14.74 10.89 6.45
CA LEU A 2 -13.92 11.52 5.40
C LEU A 2 -14.82 12.05 4.26
N SER A 3 -15.56 11.13 3.62
CA SER A 3 -16.51 11.26 2.49
C SER A 3 -16.47 9.97 1.67
N GLU A 4 -15.85 9.96 0.48
CA GLU A 4 -15.84 8.79 -0.44
C GLU A 4 -14.56 8.66 -1.28
N GLN A 5 -13.42 9.26 -0.91
CA GLN A 5 -12.19 9.21 -1.73
C GLN A 5 -10.97 9.02 -0.83
N LYS A 6 -9.90 8.36 -1.32
CA LYS A 6 -8.66 8.12 -0.58
C LYS A 6 -7.39 8.27 -1.47
N GLU A 7 -6.25 8.48 -0.79
CA GLU A 7 -4.89 8.65 -1.31
C GLU A 7 -4.02 7.39 -1.08
N ILE A 8 -3.10 7.11 -2.00
CA ILE A 8 -1.88 6.29 -1.81
C ILE A 8 -0.70 6.91 -2.56
N ALA A 9 0.54 6.55 -2.19
CA ALA A 9 1.78 7.02 -2.84
C ALA A 9 2.86 5.92 -2.87
N MET A 10 3.32 5.54 -4.07
CA MET A 10 4.20 4.40 -4.30
C MET A 10 5.42 4.80 -5.13
N GLN A 11 6.62 4.41 -4.72
CA GLN A 11 7.80 4.52 -5.57
C GLN A 11 7.64 3.49 -6.72
N VAL A 12 7.89 3.90 -7.96
CA VAL A 12 7.65 3.08 -9.16
C VAL A 12 8.78 3.29 -10.16
N SER A 13 9.53 2.23 -10.42
CA SER A 13 10.90 2.32 -10.92
C SER A 13 11.00 2.11 -12.44
N GLY A 14 11.70 3.04 -13.11
CA GLY A 14 11.90 3.14 -14.56
C GLY A 14 11.54 4.51 -15.14
N MET A 15 11.46 5.57 -14.34
CA MET A 15 10.84 6.84 -14.72
C MET A 15 11.79 7.97 -15.16
N THR A 16 13.12 7.81 -15.09
CA THR A 16 14.09 8.84 -15.53
C THR A 16 14.20 8.88 -17.05
N CYS A 17 13.14 9.37 -17.69
CA CYS A 17 13.00 9.60 -19.14
C CYS A 17 11.79 10.51 -19.46
N ALA A 18 11.47 11.43 -18.54
CA ALA A 18 10.40 12.44 -18.59
C ALA A 18 8.98 11.88 -18.79
N ALA A 19 8.69 11.38 -19.99
CA ALA A 19 7.36 10.93 -20.43
C ALA A 19 6.82 9.71 -19.68
N CYS A 20 7.67 8.96 -18.96
CA CYS A 20 7.23 7.88 -18.07
C CYS A 20 6.17 8.36 -17.05
N ALA A 21 6.36 9.58 -16.51
CA ALA A 21 5.39 10.28 -15.68
C ALA A 21 4.05 10.46 -16.41
N ALA A 22 4.10 11.13 -17.57
CA ALA A 22 2.93 11.37 -18.42
C ALA A 22 2.21 10.08 -18.85
N ARG A 23 2.94 8.96 -19.03
CA ARG A 23 2.38 7.64 -19.34
C ARG A 23 1.57 7.06 -18.18
N ILE A 24 2.06 7.13 -16.94
CA ILE A 24 1.30 6.65 -15.76
C ILE A 24 0.13 7.58 -15.45
N GLU A 25 0.33 8.90 -15.46
CA GLU A 25 -0.75 9.86 -15.22
C GLU A 25 -1.88 9.72 -16.24
N LYS A 26 -1.59 9.77 -17.56
CA LYS A 26 -2.63 9.62 -18.58
C LYS A 26 -3.28 8.21 -18.59
N GLY A 27 -2.63 7.21 -18.00
CA GLY A 27 -3.20 5.88 -17.77
C GLY A 27 -4.18 5.87 -16.60
N LEU A 28 -3.75 6.24 -15.39
CA LEU A 28 -4.57 6.16 -14.17
C LEU A 28 -5.69 7.21 -14.16
N LYS A 29 -5.44 8.43 -14.63
CA LYS A 29 -6.44 9.49 -14.75
C LYS A 29 -7.58 9.15 -15.72
N ARG A 30 -7.41 8.12 -16.58
CA ARG A 30 -8.40 7.61 -17.52
C ARG A 30 -8.88 6.23 -17.07
N MET A 31 -9.93 6.24 -16.24
CA MET A 31 -10.44 5.16 -15.39
C MET A 31 -11.89 5.50 -15.00
N PRO A 32 -12.70 4.55 -14.48
CA PRO A 32 -14.02 4.86 -13.92
C PRO A 32 -13.93 5.50 -12.53
N GLY A 33 -13.21 4.89 -11.57
CA GLY A 33 -13.22 5.33 -10.16
C GLY A 33 -11.97 6.07 -9.67
N VAL A 34 -10.88 6.11 -10.43
CA VAL A 34 -9.69 6.94 -10.10
C VAL A 34 -10.01 8.38 -10.49
N THR A 35 -9.95 9.30 -9.52
CA THR A 35 -10.30 10.70 -9.74
C THR A 35 -9.11 11.52 -10.20
N ASP A 36 -7.88 11.19 -9.77
CA ASP A 36 -6.66 11.80 -10.34
C ASP A 36 -5.38 11.04 -9.92
N ALA A 37 -4.26 11.33 -10.59
CA ALA A 37 -2.97 10.72 -10.30
C ALA A 37 -1.83 11.63 -10.76
N ASN A 38 -0.76 11.68 -9.98
CA ASN A 38 0.48 12.41 -10.30
C ASN A 38 1.69 11.46 -10.33
N VAL A 39 2.80 11.93 -10.91
CA VAL A 39 4.14 11.39 -10.70
C VAL A 39 5.10 12.50 -10.26
N ASN A 40 5.67 12.33 -9.07
CA ASN A 40 6.86 13.03 -8.63
C ASN A 40 8.10 12.29 -9.17
N LEU A 41 8.59 12.71 -10.33
CA LEU A 41 9.77 12.12 -10.98
C LEU A 41 11.04 12.36 -10.15
N ALA A 42 11.16 13.54 -9.52
CA ALA A 42 12.27 13.91 -8.63
C ALA A 42 12.38 13.09 -7.33
N THR A 43 11.47 12.13 -7.09
CA THR A 43 11.59 11.07 -6.07
C THR A 43 10.94 9.76 -6.55
N GLU A 44 10.85 9.57 -7.87
CA GLU A 44 10.35 8.37 -8.57
C GLU A 44 9.05 7.76 -7.99
N THR A 45 8.10 8.62 -7.55
CA THR A 45 6.93 8.23 -6.77
C THR A 45 5.66 8.70 -7.46
N SER A 46 4.81 7.75 -7.83
CA SER A 46 3.46 8.04 -8.27
C SER A 46 2.52 8.11 -7.06
N ASN A 47 1.51 8.97 -7.13
CA ASN A 47 0.60 9.22 -6.02
C ASN A 47 -0.81 9.47 -6.56
N VAL A 48 -1.79 8.75 -6.01
CA VAL A 48 -3.05 8.42 -6.69
C VAL A 48 -4.23 8.67 -5.76
N ILE A 49 -5.30 9.27 -6.30
CA ILE A 49 -6.53 9.61 -5.58
C ILE A 49 -7.73 8.96 -6.28
N TYR A 50 -8.48 8.12 -5.53
CA TYR A 50 -9.57 7.31 -6.09
C TYR A 50 -10.78 7.08 -5.17
N ASP A 51 -11.91 6.69 -5.77
CA ASP A 51 -13.20 6.37 -5.15
C ASP A 51 -13.36 4.85 -4.97
N PRO A 52 -13.70 4.35 -3.78
CA PRO A 52 -13.70 2.93 -3.45
C PRO A 52 -14.93 2.17 -3.98
N ALA A 53 -15.89 2.85 -4.64
CA ALA A 53 -17.03 2.20 -5.29
C ALA A 53 -16.61 1.57 -6.63
N GLU A 54 -16.17 2.39 -7.58
CA GLU A 54 -15.93 1.99 -8.97
C GLU A 54 -14.45 1.62 -9.26
N THR A 55 -13.65 1.35 -8.22
CA THR A 55 -12.23 0.96 -8.35
C THR A 55 -11.78 0.20 -7.11
N GLY A 56 -11.37 -1.06 -7.30
CA GLY A 56 -10.69 -1.87 -6.31
C GLY A 56 -9.17 -1.67 -6.38
N THR A 57 -8.48 -1.75 -5.23
CA THR A 57 -7.06 -1.35 -5.07
C THR A 57 -6.10 -1.97 -6.09
N ALA A 58 -6.27 -3.26 -6.40
CA ALA A 58 -5.45 -3.98 -7.37
C ALA A 58 -5.53 -3.43 -8.81
N ALA A 59 -6.55 -2.64 -9.17
CA ALA A 59 -6.61 -1.92 -10.44
C ALA A 59 -5.43 -0.94 -10.63
N ILE A 60 -4.81 -0.47 -9.55
CA ILE A 60 -3.61 0.36 -9.61
C ILE A 60 -2.41 -0.45 -10.13
N GLN A 61 -2.09 -1.60 -9.51
CA GLN A 61 -0.95 -2.41 -9.98
C GLN A 61 -1.22 -3.04 -11.35
N GLU A 62 -2.46 -3.49 -11.62
CA GLU A 62 -2.92 -4.06 -12.90
C GLU A 62 -2.96 -3.05 -14.05
N LYS A 63 -2.90 -1.74 -13.77
CA LYS A 63 -2.69 -0.70 -14.79
C LYS A 63 -1.27 -0.10 -14.79
N ILE A 64 -0.56 0.01 -13.65
CA ILE A 64 0.83 0.53 -13.62
C ILE A 64 1.82 -0.47 -14.21
N GLU A 65 1.89 -1.70 -13.69
CA GLU A 65 2.90 -2.70 -14.08
C GLU A 65 2.79 -3.03 -15.58
N LYS A 66 1.60 -2.84 -16.17
CA LYS A 66 1.33 -2.96 -17.60
C LYS A 66 2.19 -2.06 -18.51
N LEU A 67 2.77 -0.95 -18.01
CA LEU A 67 3.58 -0.03 -18.81
C LEU A 67 5.07 -0.42 -18.87
N GLY A 68 5.58 -1.25 -17.95
CA GLY A 68 7.00 -1.60 -17.86
C GLY A 68 7.82 -0.70 -16.91
N TYR A 69 7.15 0.13 -16.11
CA TYR A 69 7.71 0.74 -14.91
C TYR A 69 7.12 -0.01 -13.70
N HIS A 70 7.96 -0.45 -12.76
CA HIS A 70 7.58 -1.51 -11.81
C HIS A 70 7.59 -1.01 -10.36
N VAL A 71 6.56 -1.32 -9.57
CA VAL A 71 6.23 -0.63 -8.30
C VAL A 71 7.09 -1.11 -7.10
N VAL A 72 8.34 -1.50 -7.41
CA VAL A 72 9.41 -2.04 -6.53
C VAL A 72 8.83 -2.81 -5.33
N THR A 73 8.15 -3.90 -5.70
CA THR A 73 7.15 -4.57 -4.88
C THR A 73 7.78 -5.65 -4.01
N GLU A 74 7.28 -5.79 -2.79
CA GLU A 74 7.41 -7.01 -2.00
C GLU A 74 6.11 -7.22 -1.19
N LYS A 75 5.73 -8.47 -0.97
CA LYS A 75 4.70 -8.84 -0.01
C LYS A 75 5.33 -9.35 1.29
N ALA A 76 5.60 -8.42 2.21
CA ALA A 76 6.29 -8.69 3.47
C ALA A 76 5.29 -9.18 4.53
N GLU A 77 5.67 -10.22 5.27
CA GLU A 77 4.82 -10.78 6.33
C GLU A 77 5.29 -10.44 7.74
N PHE A 78 4.35 -9.88 8.53
CA PHE A 78 4.55 -9.45 9.91
C PHE A 78 3.63 -10.26 10.83
N ASP A 79 4.09 -10.53 12.06
CA ASP A 79 3.35 -11.23 13.11
C ASP A 79 2.73 -10.23 14.10
N ILE A 80 1.41 -10.34 14.29
CA ILE A 80 0.59 -9.45 15.14
C ILE A 80 0.60 -9.96 16.58
N GLU A 81 1.79 -10.04 17.17
CA GLU A 81 1.98 -10.72 18.44
C GLU A 81 1.31 -9.94 19.59
N GLY A 82 0.07 -10.34 19.83
CA GLY A 82 -0.84 -9.75 20.79
C GLY A 82 -2.32 -9.80 20.37
N MET A 83 -2.60 -10.02 19.08
CA MET A 83 -3.97 -10.20 18.56
C MET A 83 -4.53 -11.59 18.97
N THR A 84 -5.86 -11.75 18.94
CA THR A 84 -6.57 -12.90 19.56
C THR A 84 -7.83 -13.40 18.86
N CYS A 85 -8.41 -12.63 17.93
CA CYS A 85 -9.71 -12.87 17.28
C CYS A 85 -9.81 -12.04 15.99
N ALA A 86 -10.70 -12.41 15.07
CA ALA A 86 -10.95 -11.69 13.82
C ALA A 86 -11.23 -10.19 14.02
N ALA A 87 -11.87 -9.81 15.13
CA ALA A 87 -12.06 -8.41 15.52
C ALA A 87 -10.74 -7.66 15.77
N CYS A 88 -9.75 -8.31 16.41
CA CYS A 88 -8.43 -7.71 16.69
C CYS A 88 -7.61 -7.55 15.40
N ALA A 89 -7.70 -8.52 14.49
CA ALA A 89 -7.14 -8.44 13.14
C ALA A 89 -7.79 -7.31 12.33
N ASN A 90 -9.12 -7.36 12.13
CA ASN A 90 -9.84 -6.40 11.27
C ASN A 90 -9.74 -4.94 11.77
N ARG A 91 -9.62 -4.72 13.09
CA ARG A 91 -9.30 -3.42 13.68
C ARG A 91 -8.01 -2.81 13.12
N ILE A 92 -6.91 -3.57 13.07
CA ILE A 92 -5.66 -3.06 12.47
C ILE A 92 -5.68 -3.11 10.94
N GLU A 93 -6.37 -4.10 10.34
CA GLU A 93 -6.53 -4.21 8.89
C GLU A 93 -7.10 -2.91 8.31
N LYS A 94 -8.13 -2.32 8.94
CA LYS A 94 -8.71 -1.05 8.48
C LYS A 94 -7.70 0.11 8.33
N ARG A 95 -6.51 0.05 8.96
CA ARG A 95 -5.36 0.88 8.61
C ARG A 95 -4.41 0.16 7.64
N LEU A 96 -3.87 -1.02 8.02
CA LEU A 96 -2.85 -1.77 7.26
C LEU A 96 -3.21 -1.94 5.77
N ASN A 97 -4.47 -2.25 5.47
CA ASN A 97 -5.02 -2.56 4.15
C ASN A 97 -4.49 -1.68 3.01
N LYS A 98 -4.36 -0.36 3.27
CA LYS A 98 -3.87 0.64 2.31
C LYS A 98 -3.15 1.83 2.99
N ILE A 99 -2.15 1.59 3.85
CA ILE A 99 -1.25 2.66 4.37
C ILE A 99 -0.42 3.30 3.24
N GLU A 100 -1.03 4.20 2.50
CA GLU A 100 -0.44 5.44 1.96
C GLU A 100 0.61 5.20 0.86
N GLY A 101 0.60 4.01 0.27
CA GLY A 101 1.73 3.36 -0.39
C GLY A 101 1.69 1.84 -0.27
N VAL A 102 0.99 1.33 0.75
CA VAL A 102 0.47 -0.05 0.74
C VAL A 102 -0.59 -0.24 -0.36
N ALA A 103 -0.40 -1.27 -1.19
CA ALA A 103 -1.32 -1.66 -2.25
C ALA A 103 -2.40 -2.62 -1.73
N ASN A 104 -2.01 -3.70 -1.03
CA ASN A 104 -2.94 -4.67 -0.46
C ASN A 104 -2.45 -5.18 0.91
N ALA A 105 -3.34 -5.43 1.87
CA ALA A 105 -3.02 -6.20 3.09
C ALA A 105 -4.27 -6.81 3.77
N PRO A 106 -4.46 -8.15 3.71
CA PRO A 106 -5.38 -8.87 4.59
C PRO A 106 -4.63 -9.34 5.85
N VAL A 107 -5.25 -9.19 7.02
CA VAL A 107 -4.69 -9.61 8.32
C VAL A 107 -5.34 -10.95 8.73
N ASN A 108 -4.52 -11.94 9.03
CA ASN A 108 -4.90 -13.33 9.32
C ASN A 108 -5.63 -13.47 10.67
N PHE A 109 -6.69 -14.28 10.71
CA PHE A 109 -7.59 -14.38 11.87
C PHE A 109 -7.19 -15.44 12.91
N ALA A 110 -6.36 -16.43 12.53
CA ALA A 110 -5.97 -17.54 13.41
C ALA A 110 -4.46 -17.60 13.65
N LEU A 111 -3.65 -17.37 12.61
CA LEU A 111 -2.19 -17.37 12.64
C LEU A 111 -1.64 -16.12 13.34
N GLU A 112 -2.45 -15.05 13.38
CA GLU A 112 -2.11 -13.76 14.00
C GLU A 112 -0.93 -13.13 13.21
N THR A 113 -1.04 -13.06 11.87
CA THR A 113 -0.06 -12.45 10.96
C THR A 113 -0.77 -11.46 10.02
N VAL A 114 -0.02 -10.72 9.21
CA VAL A 114 -0.52 -9.94 8.06
C VAL A 114 0.47 -10.04 6.90
N THR A 115 -0.06 -10.19 5.67
CA THR A 115 0.70 -10.17 4.42
C THR A 115 0.56 -8.79 3.79
N VAL A 116 1.60 -7.97 3.84
CA VAL A 116 1.56 -6.56 3.38
C VAL A 116 2.25 -6.45 2.02
N GLU A 117 1.46 -6.24 0.96
CA GLU A 117 1.93 -6.07 -0.42
C GLU A 117 2.03 -4.58 -0.75
N TYR A 118 3.28 -4.13 -0.91
CA TYR A 118 3.64 -2.71 -0.99
C TYR A 118 5.04 -2.45 -1.56
N ASN A 119 5.45 -1.17 -1.57
CA ASN A 119 6.82 -0.75 -1.85
C ASN A 119 7.57 -0.48 -0.53
N PRO A 120 8.48 -1.37 -0.08
CA PRO A 120 9.14 -1.27 1.23
C PRO A 120 10.16 -0.14 1.34
N LYS A 121 10.46 0.56 0.25
CA LYS A 121 11.44 1.65 0.21
C LYS A 121 11.06 2.84 1.14
N GLU A 122 9.77 3.15 1.32
CA GLU A 122 9.34 4.30 2.14
C GLU A 122 9.40 3.98 3.66
N ALA A 123 8.72 2.92 4.09
CA ALA A 123 8.37 2.68 5.50
C ALA A 123 8.60 1.21 5.90
N SER A 124 8.99 0.97 7.14
CA SER A 124 9.41 -0.35 7.62
C SER A 124 8.96 -0.60 9.08
N VAL A 125 9.63 -1.51 9.78
CA VAL A 125 9.26 -2.01 11.12
C VAL A 125 9.22 -0.92 12.18
N SER A 126 10.01 0.15 12.07
CA SER A 126 9.88 1.34 12.92
C SER A 126 8.51 2.01 12.73
N ASP A 127 8.20 2.45 11.50
CA ASP A 127 6.97 3.15 11.13
C ASP A 127 5.74 2.32 11.52
N LEU A 128 5.74 1.03 11.17
CA LEU A 128 4.61 0.12 11.31
C LEU A 128 4.40 -0.29 12.78
N LYS A 129 5.46 -0.61 13.53
CA LYS A 129 5.32 -0.82 14.98
C LYS A 129 4.78 0.45 15.68
N GLU A 130 5.32 1.63 15.40
CA GLU A 130 4.88 2.87 16.06
C GLU A 130 3.47 3.31 15.64
N ALA A 131 2.97 2.86 14.49
CA ALA A 131 1.55 2.94 14.12
C ALA A 131 0.67 1.94 14.90
N VAL A 132 1.09 0.67 15.04
CA VAL A 132 0.29 -0.39 15.69
C VAL A 132 0.35 -0.37 17.23
N ASP A 133 1.39 0.22 17.83
CA ASP A 133 1.51 0.40 19.29
C ASP A 133 0.39 1.30 19.85
N LYS A 134 -0.06 2.26 19.05
CA LYS A 134 -1.23 3.12 19.30
C LYS A 134 -2.57 2.34 19.28
N LEU A 135 -2.64 1.23 18.54
CA LEU A 135 -3.76 0.27 18.56
C LEU A 135 -3.58 -0.84 19.63
N GLY A 136 -2.43 -0.91 20.30
CA GLY A 136 -2.21 -1.75 21.49
C GLY A 136 -1.50 -3.09 21.25
N TYR A 137 -1.06 -3.39 20.03
CA TYR A 137 -0.27 -4.60 19.68
C TYR A 137 1.11 -4.22 19.08
N LYS A 138 1.84 -5.16 18.48
CA LYS A 138 3.06 -4.86 17.72
C LYS A 138 3.24 -5.84 16.56
N LEU A 139 4.24 -5.56 15.73
CA LEU A 139 4.49 -6.26 14.47
C LEU A 139 5.94 -6.77 14.46
N LYS A 140 6.13 -8.07 14.72
CA LYS A 140 7.46 -8.70 14.52
C LYS A 140 7.62 -9.26 13.08
N LEU A 141 8.65 -8.86 12.33
CA LEU A 141 8.92 -9.38 10.96
C LEU A 141 9.48 -10.81 10.99
N LYS A 142 9.17 -11.56 9.92
CA LYS A 142 9.53 -12.96 9.68
C LYS A 142 10.88 -13.00 8.96
N GLY A 143 11.92 -13.47 9.65
CA GLY A 143 13.33 -13.39 9.25
C GLY A 143 13.90 -11.98 9.40
N GLU A 144 13.13 -10.98 8.94
CA GLU A 144 13.52 -9.58 8.90
C GLU A 144 13.27 -8.80 10.20
N GLN A 145 12.98 -9.50 11.31
CA GLN A 145 13.30 -9.05 12.67
C GLN A 145 13.47 -10.20 13.67
N ASP A 146 12.43 -11.01 13.92
CA ASP A 146 12.47 -11.92 15.08
C ASP A 146 13.36 -13.13 14.82
N SER A 147 13.17 -13.70 13.62
CA SER A 147 13.71 -14.93 13.00
C SER A 147 12.53 -15.70 12.41
N MET A 1 -22.63 8.39 -1.35
CA MET A 1 -22.56 9.40 -2.42
C MET A 1 -21.38 10.33 -2.15
N LEU A 2 -20.19 9.92 -2.61
CA LEU A 2 -18.87 10.56 -2.51
C LEU A 2 -18.62 11.34 -1.20
N SER A 3 -18.67 10.65 -0.05
CA SER A 3 -18.48 11.27 1.28
C SER A 3 -17.08 11.88 1.51
N GLU A 4 -16.07 11.54 0.72
CA GLU A 4 -14.66 11.92 0.84
C GLU A 4 -13.87 11.30 -0.33
N GLN A 5 -12.84 12.01 -0.82
CA GLN A 5 -11.92 11.46 -1.82
C GLN A 5 -10.69 10.93 -1.07
N LYS A 6 -10.17 9.75 -1.43
CA LYS A 6 -9.19 9.02 -0.58
C LYS A 6 -7.83 8.76 -1.25
N GLU A 7 -6.79 8.74 -0.42
CA GLU A 7 -5.40 8.91 -0.78
C GLU A 7 -4.57 7.62 -0.69
N ILE A 8 -3.54 7.49 -1.53
CA ILE A 8 -2.46 6.50 -1.43
C ILE A 8 -1.22 6.98 -2.20
N ALA A 9 -0.01 6.54 -1.81
CA ALA A 9 1.22 6.84 -2.55
C ALA A 9 2.21 5.67 -2.47
N MET A 10 3.09 5.54 -3.47
CA MET A 10 4.13 4.49 -3.57
C MET A 10 5.36 5.00 -4.34
N GLN A 11 6.55 4.50 -3.99
CA GLN A 11 7.74 4.65 -4.85
C GLN A 11 7.56 3.71 -6.07
N VAL A 12 8.02 4.09 -7.26
CA VAL A 12 7.84 3.38 -8.53
C VAL A 12 9.13 3.44 -9.34
N SER A 13 9.44 2.46 -10.19
CA SER A 13 10.64 2.51 -11.02
C SER A 13 10.51 1.87 -12.42
N GLY A 14 11.51 2.15 -13.27
CA GLY A 14 11.47 1.93 -14.71
C GLY A 14 11.03 3.18 -15.49
N MET A 15 11.03 4.37 -14.88
CA MET A 15 10.59 5.61 -15.54
C MET A 15 11.70 6.34 -16.32
N THR A 16 12.85 5.69 -16.59
CA THR A 16 14.06 6.33 -17.15
C THR A 16 13.90 6.85 -18.60
N CYS A 17 12.75 6.65 -19.25
CA CYS A 17 12.42 7.23 -20.55
C CYS A 17 11.58 8.52 -20.41
N ALA A 18 11.29 8.97 -19.17
CA ALA A 18 10.62 10.20 -18.75
C ALA A 18 9.11 10.24 -19.06
N ALA A 19 8.72 9.93 -20.30
CA ALA A 19 7.31 9.86 -20.75
C ALA A 19 6.51 8.75 -20.03
N CYS A 20 7.20 7.84 -19.34
CA CYS A 20 6.66 6.97 -18.31
C CYS A 20 5.75 7.72 -17.31
N ALA A 21 6.19 8.89 -16.84
CA ALA A 21 5.38 9.76 -15.97
C ALA A 21 4.06 10.18 -16.65
N ALA A 22 4.14 10.69 -17.88
CA ALA A 22 2.98 11.08 -18.69
C ALA A 22 2.01 9.91 -18.92
N ARG A 23 2.55 8.72 -19.19
CA ARG A 23 1.82 7.46 -19.33
C ARG A 23 1.11 7.04 -18.02
N ILE A 24 1.71 7.24 -16.85
CA ILE A 24 1.08 6.89 -15.55
C ILE A 24 -0.10 7.81 -15.24
N GLU A 25 0.08 9.14 -15.31
CA GLU A 25 -0.98 10.09 -14.95
C GLU A 25 -2.18 9.92 -15.89
N LYS A 26 -1.97 9.87 -17.22
CA LYS A 26 -3.01 9.51 -18.17
C LYS A 26 -3.63 8.13 -17.88
N GLY A 27 -2.80 7.13 -17.56
CA GLY A 27 -3.18 5.72 -17.36
C GLY A 27 -4.22 5.51 -16.27
N LEU A 28 -4.06 6.17 -15.11
CA LEU A 28 -5.11 6.15 -14.08
C LEU A 28 -6.30 7.05 -14.45
N LYS A 29 -6.05 8.28 -14.90
CA LYS A 29 -7.08 9.32 -15.11
C LYS A 29 -8.21 8.93 -16.09
N ARG A 30 -8.12 7.79 -16.79
CA ARG A 30 -9.15 7.32 -17.73
C ARG A 30 -10.47 6.87 -17.06
N MET A 31 -10.45 6.45 -15.79
CA MET A 31 -11.58 5.74 -15.14
C MET A 31 -12.35 6.59 -14.09
N PRO A 32 -13.69 6.42 -13.94
CA PRO A 32 -14.51 7.19 -12.99
C PRO A 32 -14.13 6.95 -11.53
N GLY A 33 -13.46 5.84 -11.23
CA GLY A 33 -12.99 5.51 -9.88
C GLY A 33 -11.72 6.25 -9.45
N VAL A 34 -11.16 7.16 -10.25
CA VAL A 34 -10.05 8.06 -9.84
C VAL A 34 -10.46 9.53 -10.02
N THR A 35 -9.76 10.45 -9.34
CA THR A 35 -9.98 11.89 -9.48
C THR A 35 -8.70 12.73 -9.46
N ASP A 36 -7.54 12.16 -9.10
CA ASP A 36 -6.23 12.75 -9.36
C ASP A 36 -5.10 11.70 -9.30
N ALA A 37 -4.03 11.90 -10.07
CA ALA A 37 -2.81 11.09 -10.04
C ALA A 37 -1.62 12.00 -10.41
N ASN A 38 -0.59 12.01 -9.56
CA ASN A 38 0.61 12.83 -9.73
C ASN A 38 1.85 11.97 -9.49
N VAL A 39 2.76 11.90 -10.46
CA VAL A 39 4.01 11.15 -10.33
C VAL A 39 5.22 12.07 -10.50
N ASN A 40 6.06 12.07 -9.47
CA ASN A 40 7.33 12.80 -9.41
C ASN A 40 8.44 11.87 -9.91
N LEU A 41 8.99 12.08 -11.12
CA LEU A 41 10.12 11.30 -11.62
C LEU A 41 11.46 11.66 -10.94
N ALA A 42 11.65 12.90 -10.49
CA ALA A 42 12.85 13.36 -9.78
C ALA A 42 13.01 12.76 -8.37
N THR A 43 12.01 12.01 -7.88
CA THR A 43 12.09 11.15 -6.69
C THR A 43 11.32 9.84 -6.92
N GLU A 44 11.18 9.44 -8.18
CA GLU A 44 10.47 8.27 -8.71
C GLU A 44 9.31 7.73 -7.82
N THR A 45 8.31 8.58 -7.53
CA THR A 45 7.22 8.32 -6.57
C THR A 45 5.88 8.81 -7.12
N SER A 46 4.87 7.95 -7.02
CA SER A 46 3.49 8.18 -7.49
C SER A 46 2.51 8.37 -6.33
N ASN A 47 1.54 9.26 -6.51
CA ASN A 47 0.62 9.75 -5.47
C ASN A 47 -0.78 9.85 -6.10
N VAL A 48 -1.80 9.20 -5.52
CA VAL A 48 -3.12 9.04 -6.17
C VAL A 48 -4.26 9.40 -5.21
N ILE A 49 -5.29 10.06 -5.74
CA ILE A 49 -6.54 10.40 -5.04
C ILE A 49 -7.72 9.81 -5.85
N TYR A 50 -8.53 8.98 -5.19
CA TYR A 50 -9.51 8.11 -5.86
C TYR A 50 -10.86 7.99 -5.14
N ASP A 51 -11.84 7.42 -5.86
CA ASP A 51 -13.19 7.12 -5.38
C ASP A 51 -13.31 5.62 -5.02
N PRO A 52 -13.67 5.28 -3.76
CA PRO A 52 -13.78 3.90 -3.32
C PRO A 52 -15.06 3.18 -3.78
N ALA A 53 -15.98 3.84 -4.50
CA ALA A 53 -17.17 3.20 -5.06
C ALA A 53 -16.92 2.55 -6.44
N GLU A 54 -16.46 3.32 -7.43
CA GLU A 54 -16.31 2.86 -8.82
C GLU A 54 -14.94 2.19 -9.11
N THR A 55 -14.14 1.92 -8.08
CA THR A 55 -12.83 1.22 -8.18
C THR A 55 -12.44 0.65 -6.82
N GLY A 56 -11.80 -0.52 -6.84
CA GLY A 56 -11.18 -1.16 -5.67
C GLY A 56 -9.73 -0.73 -5.48
N THR A 57 -9.19 -0.92 -4.27
CA THR A 57 -7.89 -0.34 -3.87
C THR A 57 -6.68 -0.98 -4.54
N ALA A 58 -6.79 -2.19 -5.09
CA ALA A 58 -5.68 -2.88 -5.76
C ALA A 58 -5.49 -2.40 -7.21
N ALA A 59 -6.60 -2.21 -7.94
CA ALA A 59 -6.61 -1.72 -9.32
C ALA A 59 -5.91 -0.36 -9.51
N ILE A 60 -5.81 0.44 -8.44
CA ILE A 60 -5.05 1.69 -8.41
C ILE A 60 -3.56 1.47 -8.72
N GLN A 61 -2.85 0.61 -7.98
CA GLN A 61 -1.43 0.36 -8.27
C GLN A 61 -1.25 -0.68 -9.37
N GLU A 62 -2.19 -1.62 -9.55
CA GLU A 62 -2.15 -2.56 -10.68
C GLU A 62 -2.21 -1.83 -12.04
N LYS A 63 -2.88 -0.67 -12.15
CA LYS A 63 -2.81 0.10 -13.40
C LYS A 63 -1.39 0.63 -13.70
N ILE A 64 -0.56 0.89 -12.69
CA ILE A 64 0.84 1.34 -12.85
C ILE A 64 1.66 0.23 -13.49
N GLU A 65 1.61 -0.97 -12.89
CA GLU A 65 2.15 -2.21 -13.45
C GLU A 65 1.67 -2.43 -14.90
N LYS A 66 0.38 -2.22 -15.16
CA LYS A 66 -0.24 -2.34 -16.48
C LYS A 66 0.05 -1.20 -17.48
N LEU A 67 0.85 -0.20 -17.12
CA LEU A 67 1.49 0.73 -18.08
C LEU A 67 2.92 0.32 -18.45
N GLY A 68 3.51 -0.68 -17.78
CA GLY A 68 4.78 -1.29 -18.13
C GLY A 68 6.00 -0.79 -17.34
N TYR A 69 5.78 -0.06 -16.24
CA TYR A 69 6.79 0.33 -15.25
C TYR A 69 6.37 -0.21 -13.87
N HIS A 70 7.31 -0.57 -13.00
CA HIS A 70 6.98 -1.43 -11.87
C HIS A 70 6.99 -0.67 -10.53
N VAL A 71 6.01 -0.89 -9.65
CA VAL A 71 5.80 -0.05 -8.43
C VAL A 71 6.78 -0.39 -7.28
N VAL A 72 8.01 -0.78 -7.65
CA VAL A 72 9.07 -1.41 -6.85
C VAL A 72 8.51 -2.32 -5.76
N THR A 73 7.61 -3.20 -6.22
CA THR A 73 6.69 -3.98 -5.41
C THR A 73 7.43 -5.14 -4.78
N GLU A 74 7.31 -5.26 -3.47
CA GLU A 74 7.94 -6.30 -2.68
C GLU A 74 6.91 -6.89 -1.70
N LYS A 75 7.21 -8.08 -1.19
CA LYS A 75 6.38 -8.83 -0.25
C LYS A 75 7.10 -9.01 1.09
N ALA A 76 6.34 -8.97 2.19
CA ALA A 76 6.83 -9.25 3.54
C ALA A 76 5.77 -10.04 4.34
N GLU A 77 6.21 -10.72 5.39
CA GLU A 77 5.33 -11.37 6.37
C GLU A 77 5.76 -10.97 7.78
N PHE A 78 4.78 -10.55 8.58
CA PHE A 78 4.95 -10.17 9.98
C PHE A 78 4.13 -11.09 10.88
N ASP A 79 4.55 -11.18 12.15
CA ASP A 79 3.78 -11.79 13.24
C ASP A 79 3.20 -10.69 14.15
N ILE A 80 1.94 -10.88 14.56
CA ILE A 80 1.28 -10.10 15.60
C ILE A 80 1.29 -10.88 16.91
N GLU A 81 1.84 -10.27 17.96
CA GLU A 81 1.69 -10.72 19.35
C GLU A 81 0.59 -9.84 19.97
N GLY A 82 -0.66 -10.29 19.87
CA GLY A 82 -1.80 -9.42 20.21
C GLY A 82 -3.20 -9.99 19.99
N MET A 83 -3.49 -10.49 18.79
CA MET A 83 -4.85 -10.74 18.29
C MET A 83 -5.31 -12.20 18.40
N THR A 84 -6.60 -12.40 18.70
CA THR A 84 -7.19 -13.68 19.14
C THR A 84 -8.54 -14.02 18.48
N CYS A 85 -8.97 -13.24 17.49
CA CYS A 85 -10.21 -13.37 16.70
C CYS A 85 -10.10 -12.53 15.41
N ALA A 86 -10.93 -12.86 14.41
CA ALA A 86 -10.91 -12.19 13.10
C ALA A 86 -11.15 -10.67 13.21
N ALA A 87 -12.10 -10.22 14.04
CA ALA A 87 -12.33 -8.78 14.28
C ALA A 87 -11.08 -8.02 14.76
N CYS A 88 -10.20 -8.67 15.53
CA CYS A 88 -8.94 -8.08 16.03
C CYS A 88 -7.87 -7.99 14.93
N ALA A 89 -7.86 -8.93 13.99
CA ALA A 89 -7.14 -8.79 12.72
C ALA A 89 -7.72 -7.65 11.88
N ASN A 90 -9.05 -7.60 11.66
CA ASN A 90 -9.69 -6.58 10.83
C ASN A 90 -9.47 -5.14 11.35
N ARG A 91 -9.30 -4.95 12.66
CA ARG A 91 -8.87 -3.67 13.28
C ARG A 91 -7.52 -3.17 12.73
N ILE A 92 -6.51 -4.03 12.65
CA ILE A 92 -5.20 -3.65 12.07
C ILE A 92 -5.21 -3.70 10.53
N GLU A 93 -5.90 -4.66 9.92
CA GLU A 93 -5.94 -4.93 8.48
C GLU A 93 -6.28 -3.65 7.68
N LYS A 94 -7.37 -2.96 8.04
CA LYS A 94 -7.81 -1.74 7.37
C LYS A 94 -6.80 -0.58 7.46
N ARG A 95 -5.95 -0.56 8.50
CA ARG A 95 -4.78 0.33 8.55
C ARG A 95 -3.66 -0.20 7.66
N LEU A 96 -3.16 -1.42 7.92
CA LEU A 96 -1.97 -1.99 7.28
C LEU A 96 -2.04 -2.05 5.76
N ASN A 97 -3.22 -2.25 5.16
CA ASN A 97 -3.37 -2.18 3.70
C ASN A 97 -2.91 -0.82 3.14
N LYS A 98 -3.22 0.28 3.83
CA LYS A 98 -3.21 1.65 3.31
C LYS A 98 -2.69 2.66 4.35
N ILE A 99 -1.48 2.39 4.86
CA ILE A 99 -0.68 3.36 5.62
C ILE A 99 0.02 4.32 4.63
N GLU A 100 1.34 4.29 4.56
CA GLU A 100 2.17 5.08 3.67
C GLU A 100 3.00 4.05 2.89
N GLY A 101 2.87 3.98 1.56
CA GLY A 101 3.81 3.24 0.69
C GLY A 101 3.53 1.75 0.59
N VAL A 102 2.87 1.20 1.59
CA VAL A 102 2.10 -0.05 1.54
C VAL A 102 0.95 0.02 0.52
N ALA A 103 0.65 -1.12 -0.11
CA ALA A 103 -0.43 -1.27 -1.10
C ALA A 103 -1.54 -2.24 -0.66
N ASN A 104 -1.17 -3.41 -0.13
CA ASN A 104 -2.12 -4.43 0.34
C ASN A 104 -1.59 -5.17 1.57
N ALA A 105 -2.48 -5.74 2.40
CA ALA A 105 -2.11 -6.56 3.55
C ALA A 105 -3.26 -7.47 4.05
N PRO A 106 -3.41 -8.73 3.57
CA PRO A 106 -4.39 -9.68 4.11
C PRO A 106 -3.86 -10.33 5.40
N VAL A 107 -4.64 -10.27 6.49
CA VAL A 107 -4.24 -10.78 7.82
C VAL A 107 -4.81 -12.19 8.07
N ASN A 108 -4.03 -13.04 8.76
CA ASN A 108 -4.41 -14.39 9.16
C ASN A 108 -5.08 -14.43 10.55
N PHE A 109 -6.11 -15.27 10.72
CA PHE A 109 -6.97 -15.30 11.92
C PHE A 109 -6.74 -16.49 12.86
N ALA A 110 -5.75 -17.34 12.59
CA ALA A 110 -5.38 -18.49 13.44
C ALA A 110 -3.87 -18.57 13.67
N LEU A 111 -3.07 -18.27 12.64
CA LEU A 111 -1.60 -18.30 12.66
C LEU A 111 -0.99 -17.04 13.31
N GLU A 112 -1.76 -15.95 13.39
CA GLU A 112 -1.39 -14.63 13.94
C GLU A 112 -0.44 -13.82 13.05
N THR A 113 -0.29 -14.20 11.79
CA THR A 113 0.59 -13.54 10.82
C THR A 113 -0.21 -12.61 9.92
N VAL A 114 0.48 -11.75 9.19
CA VAL A 114 -0.07 -10.92 8.12
C VAL A 114 0.93 -10.86 6.96
N THR A 115 0.45 -11.11 5.73
CA THR A 115 1.22 -10.86 4.50
C THR A 115 1.05 -9.38 4.16
N VAL A 116 2.13 -8.71 3.78
CA VAL A 116 2.13 -7.29 3.36
C VAL A 116 2.74 -7.18 1.96
N GLU A 117 2.16 -6.33 1.11
CA GLU A 117 2.58 -6.02 -0.26
C GLU A 117 2.75 -4.51 -0.38
N TYR A 118 3.96 -4.06 -0.73
CA TYR A 118 4.44 -2.70 -0.43
C TYR A 118 5.63 -2.27 -1.32
N ASN A 119 6.08 -1.01 -1.20
CA ASN A 119 7.45 -0.64 -1.60
C ASN A 119 8.37 -0.56 -0.35
N PRO A 120 9.59 -1.12 -0.39
CA PRO A 120 10.53 -1.11 0.73
C PRO A 120 11.35 0.19 0.84
N LYS A 121 11.05 1.21 0.04
CA LYS A 121 11.91 2.38 -0.14
C LYS A 121 11.49 3.59 0.71
N GLU A 122 10.20 3.91 0.76
CA GLU A 122 9.63 5.01 1.54
C GLU A 122 8.73 4.56 2.70
N ALA A 123 8.66 3.25 2.96
CA ALA A 123 8.05 2.65 4.16
C ALA A 123 9.12 1.83 4.92
N SER A 124 9.03 1.78 6.25
CA SER A 124 10.04 1.11 7.08
C SER A 124 9.49 0.70 8.46
N VAL A 125 10.17 -0.25 9.11
CA VAL A 125 9.64 -1.00 10.27
C VAL A 125 9.54 -0.13 11.54
N SER A 126 10.30 0.96 11.64
CA SER A 126 10.13 1.93 12.74
C SER A 126 8.72 2.56 12.71
N ASP A 127 8.28 3.07 11.55
CA ASP A 127 6.95 3.67 11.38
C ASP A 127 5.83 2.63 11.54
N LEU A 128 6.03 1.40 11.05
CA LEU A 128 5.06 0.31 11.23
C LEU A 128 4.91 -0.08 12.70
N LYS A 129 6.02 -0.27 13.44
CA LYS A 129 5.96 -0.54 14.88
C LYS A 129 5.33 0.62 15.66
N GLU A 130 5.71 1.87 15.37
CA GLU A 130 5.09 3.07 15.98
C GLU A 130 3.58 3.18 15.70
N ALA A 131 3.09 2.70 14.55
CA ALA A 131 1.67 2.70 14.19
C ALA A 131 0.88 1.55 14.86
N VAL A 132 1.46 0.33 14.89
CA VAL A 132 0.80 -0.83 15.53
C VAL A 132 0.84 -0.75 17.07
N ASP A 133 1.83 -0.07 17.66
CA ASP A 133 1.83 0.34 19.07
C ASP A 133 0.51 1.03 19.43
N LYS A 134 0.13 2.03 18.62
CA LYS A 134 -1.07 2.85 18.81
C LYS A 134 -2.38 2.05 18.61
N LEU A 135 -2.40 1.01 17.76
CA LEU A 135 -3.52 0.06 17.66
C LEU A 135 -3.58 -0.97 18.81
N GLY A 136 -2.56 -1.01 19.69
CA GLY A 136 -2.59 -1.79 20.93
C GLY A 136 -1.89 -3.15 20.88
N TYR A 137 -1.16 -3.43 19.80
CA TYR A 137 -0.33 -4.62 19.61
C TYR A 137 1.14 -4.21 19.31
N LYS A 138 1.94 -5.13 18.75
CA LYS A 138 3.25 -4.84 18.16
C LYS A 138 3.53 -5.85 17.04
N LEU A 139 4.51 -5.56 16.20
CA LEU A 139 4.89 -6.37 15.05
C LEU A 139 6.28 -6.95 15.24
N LYS A 140 6.36 -8.28 15.28
CA LYS A 140 7.59 -9.02 15.08
C LYS A 140 7.73 -9.39 13.59
N LEU A 141 8.97 -9.61 13.12
CA LEU A 141 9.27 -9.97 11.73
C LEU A 141 9.81 -11.39 11.61
N LYS A 142 9.51 -11.98 10.47
CA LYS A 142 9.80 -13.36 10.09
C LYS A 142 11.23 -13.37 9.54
N GLY A 143 12.15 -13.98 10.29
CA GLY A 143 13.61 -13.87 10.07
C GLY A 143 14.16 -12.55 10.59
N GLU A 144 13.52 -11.42 10.26
CA GLU A 144 14.10 -10.10 10.54
C GLU A 144 14.02 -9.64 12.01
N GLN A 145 13.19 -10.25 12.88
CA GLN A 145 13.23 -9.95 14.31
C GLN A 145 13.04 -11.17 15.22
N ASP A 146 11.96 -11.95 15.09
CA ASP A 146 11.67 -13.05 16.04
C ASP A 146 12.01 -14.45 15.49
N SER A 147 12.29 -14.52 14.19
CA SER A 147 12.73 -15.66 13.37
C SER A 147 11.53 -16.39 12.78
N MET A 1 -18.08 -2.45 4.88
CA MET A 1 -18.34 -1.40 3.86
C MET A 1 -17.29 -0.31 3.94
N LEU A 2 -16.87 0.22 2.78
CA LEU A 2 -16.08 1.45 2.65
C LEU A 2 -16.72 2.37 1.58
N SER A 3 -16.30 3.64 1.55
CA SER A 3 -16.79 4.73 0.70
C SER A 3 -16.20 6.04 1.25
N GLU A 4 -15.10 6.51 0.68
CA GLU A 4 -14.35 7.74 1.02
C GLU A 4 -13.02 7.75 0.27
N GLN A 5 -12.76 8.80 -0.51
CA GLN A 5 -11.57 8.84 -1.36
C GLN A 5 -10.38 9.35 -0.56
N LYS A 6 -9.33 8.53 -0.47
CA LYS A 6 -8.16 8.77 0.38
C LYS A 6 -6.86 8.74 -0.44
N GLU A 7 -5.85 9.40 0.09
CA GLU A 7 -4.52 9.54 -0.49
C GLU A 7 -3.61 8.33 -0.20
N ILE A 8 -2.49 8.22 -0.91
CA ILE A 8 -1.39 7.27 -0.76
C ILE A 8 -0.22 7.73 -1.65
N ALA A 9 1.00 7.24 -1.38
CA ALA A 9 2.17 7.45 -2.23
C ALA A 9 3.04 6.18 -2.30
N MET A 10 3.66 5.94 -3.46
CA MET A 10 4.52 4.78 -3.78
C MET A 10 5.66 5.21 -4.71
N GLN A 11 6.80 4.51 -4.69
CA GLN A 11 7.79 4.65 -5.76
C GLN A 11 7.26 4.11 -7.10
N VAL A 12 7.78 4.62 -8.21
CA VAL A 12 7.34 4.33 -9.59
C VAL A 12 8.57 4.26 -10.50
N SER A 13 9.10 3.06 -10.75
CA SER A 13 10.47 2.93 -11.30
C SER A 13 10.52 2.63 -12.81
N GLY A 14 11.69 2.90 -13.43
CA GLY A 14 11.91 2.76 -14.88
C GLY A 14 11.50 3.97 -15.71
N MET A 15 11.24 5.13 -15.10
CA MET A 15 10.68 6.32 -15.76
C MET A 15 11.63 7.12 -16.68
N THR A 16 12.85 6.65 -16.97
CA THR A 16 13.94 7.46 -17.56
C THR A 16 13.84 7.71 -19.08
N CYS A 17 12.62 7.60 -19.63
CA CYS A 17 12.19 8.15 -20.92
C CYS A 17 11.32 9.43 -20.72
N ALA A 18 11.07 9.84 -19.47
CA ALA A 18 10.42 11.08 -19.00
C ALA A 18 8.89 11.08 -19.19
N ALA A 19 8.42 10.82 -20.42
CA ALA A 19 6.99 10.76 -20.77
C ALA A 19 6.23 9.64 -20.04
N CYS A 20 6.94 8.73 -19.38
CA CYS A 20 6.42 7.85 -18.33
C CYS A 20 5.50 8.62 -17.36
N ALA A 21 5.93 9.79 -16.86
CA ALA A 21 5.11 10.69 -16.04
C ALA A 21 3.75 10.99 -16.71
N ALA A 22 3.80 11.57 -17.92
CA ALA A 22 2.62 11.94 -18.71
C ALA A 22 1.68 10.74 -18.97
N ARG A 23 2.24 9.58 -19.32
CA ARG A 23 1.52 8.33 -19.55
C ARG A 23 0.85 7.79 -18.27
N ILE A 24 1.48 7.90 -17.09
CA ILE A 24 0.96 7.31 -15.85
C ILE A 24 -0.14 8.21 -15.26
N GLU A 25 0.06 9.54 -15.25
CA GLU A 25 -0.96 10.50 -14.81
C GLU A 25 -2.22 10.39 -15.68
N LYS A 26 -2.10 10.44 -17.01
CA LYS A 26 -3.21 10.23 -17.91
C LYS A 26 -3.87 8.85 -17.74
N GLY A 27 -3.07 7.79 -17.51
CA GLY A 27 -3.55 6.41 -17.30
C GLY A 27 -4.34 6.24 -16.01
N LEU A 28 -3.96 6.90 -14.92
CA LEU A 28 -4.72 6.92 -13.67
C LEU A 28 -5.98 7.79 -13.79
N LYS A 29 -5.91 8.94 -14.45
CA LYS A 29 -7.08 9.78 -14.78
C LYS A 29 -8.10 9.07 -15.71
N ARG A 30 -7.75 7.90 -16.28
CA ARG A 30 -8.64 6.98 -17.02
C ARG A 30 -9.29 5.88 -16.15
N MET A 31 -9.10 5.86 -14.82
CA MET A 31 -9.84 4.98 -13.89
C MET A 31 -11.09 5.70 -13.32
N PRO A 32 -12.14 4.99 -12.85
CA PRO A 32 -13.35 5.63 -12.35
C PRO A 32 -13.14 6.30 -10.99
N GLY A 33 -12.88 5.54 -9.92
CA GLY A 33 -12.83 6.03 -8.53
C GLY A 33 -11.54 6.73 -8.13
N VAL A 34 -10.73 7.13 -9.11
CA VAL A 34 -9.43 7.82 -8.95
C VAL A 34 -9.67 9.31 -9.16
N THR A 35 -9.58 10.11 -8.09
CA THR A 35 -9.87 11.54 -8.13
C THR A 35 -8.66 12.36 -8.54
N ASP A 36 -7.42 11.94 -8.21
CA ASP A 36 -6.22 12.65 -8.71
C ASP A 36 -4.92 11.82 -8.65
N ALA A 37 -3.91 12.15 -9.46
CA ALA A 37 -2.60 11.51 -9.49
C ALA A 37 -1.52 12.50 -9.96
N ASN A 38 -0.35 12.49 -9.30
CA ASN A 38 0.82 13.26 -9.72
C ASN A 38 2.14 12.56 -9.36
N VAL A 39 3.16 12.68 -10.20
CA VAL A 39 4.53 12.21 -9.92
C VAL A 39 5.46 13.36 -9.53
N ASN A 40 6.30 13.14 -8.51
CA ASN A 40 7.21 14.18 -7.97
C ASN A 40 8.63 14.19 -8.57
N LEU A 41 8.95 13.23 -9.43
CA LEU A 41 10.19 13.15 -10.23
C LEU A 41 11.43 12.94 -9.35
N ALA A 42 11.86 13.97 -8.61
CA ALA A 42 13.10 14.03 -7.84
C ALA A 42 13.23 12.99 -6.72
N THR A 43 12.14 12.30 -6.34
CA THR A 43 12.19 11.12 -5.43
C THR A 43 11.66 9.83 -6.09
N GLU A 44 11.18 9.91 -7.34
CA GLU A 44 10.76 8.72 -8.11
C GLU A 44 9.42 8.18 -7.57
N THR A 45 8.62 9.06 -6.93
CA THR A 45 7.38 8.76 -6.19
C THR A 45 6.17 9.31 -6.92
N SER A 46 5.12 8.50 -7.02
CA SER A 46 3.77 8.94 -7.37
C SER A 46 2.91 9.10 -6.10
N ASN A 47 2.17 10.21 -6.05
CA ASN A 47 1.27 10.60 -4.97
C ASN A 47 -0.16 10.63 -5.56
N VAL A 48 -1.09 9.83 -5.05
CA VAL A 48 -2.37 9.55 -5.73
C VAL A 48 -3.55 9.48 -4.74
N ILE A 49 -4.75 9.84 -5.19
CA ILE A 49 -5.96 9.95 -4.37
C ILE A 49 -7.16 9.27 -5.06
N TYR A 50 -7.77 8.31 -4.36
CA TYR A 50 -8.78 7.37 -4.89
C TYR A 50 -9.61 6.62 -3.80
N ASP A 51 -10.73 6.03 -4.20
CA ASP A 51 -11.67 5.29 -3.34
C ASP A 51 -11.34 3.77 -3.19
N PRO A 52 -11.43 3.20 -1.97
CA PRO A 52 -11.09 1.80 -1.69
C PRO A 52 -12.23 0.78 -1.93
N ALA A 53 -13.44 1.20 -2.30
CA ALA A 53 -14.54 0.31 -2.66
C ALA A 53 -14.80 0.37 -4.18
N GLU A 54 -15.02 1.57 -4.71
CA GLU A 54 -15.30 1.87 -6.11
C GLU A 54 -14.12 1.62 -7.08
N THR A 55 -12.92 1.25 -6.59
CA THR A 55 -11.74 0.90 -7.42
C THR A 55 -10.76 -0.01 -6.68
N GLY A 56 -10.18 0.46 -5.56
CA GLY A 56 -9.25 -0.35 -4.76
C GLY A 56 -7.80 -0.36 -5.28
N THR A 57 -6.83 -0.55 -4.37
CA THR A 57 -5.38 -0.35 -4.60
C THR A 57 -4.79 -1.30 -5.64
N ALA A 58 -5.20 -2.57 -5.65
CA ALA A 58 -4.75 -3.54 -6.64
C ALA A 58 -5.10 -3.12 -8.08
N ALA A 59 -6.26 -2.49 -8.30
CA ALA A 59 -6.66 -1.96 -9.60
C ALA A 59 -5.80 -0.75 -10.03
N ILE A 60 -5.37 0.10 -9.08
CA ILE A 60 -4.38 1.16 -9.35
C ILE A 60 -3.08 0.52 -9.85
N GLN A 61 -2.47 -0.39 -9.07
CA GLN A 61 -1.14 -0.90 -9.43
C GLN A 61 -1.15 -1.69 -10.74
N GLU A 62 -2.23 -2.46 -11.01
CA GLU A 62 -2.40 -3.18 -12.26
C GLU A 62 -2.53 -2.21 -13.45
N LYS A 63 -3.25 -1.09 -13.31
CA LYS A 63 -3.32 -0.10 -14.39
C LYS A 63 -1.98 0.62 -14.63
N ILE A 64 -1.20 0.94 -13.59
CA ILE A 64 0.15 1.51 -13.79
C ILE A 64 1.06 0.47 -14.45
N GLU A 65 1.03 -0.81 -14.02
CA GLU A 65 1.83 -1.88 -14.63
C GLU A 65 1.47 -2.13 -16.10
N LYS A 66 0.21 -1.89 -16.48
CA LYS A 66 -0.26 -1.89 -17.87
C LYS A 66 0.31 -0.77 -18.74
N LEU A 67 0.90 0.31 -18.18
CA LEU A 67 1.71 1.26 -18.97
C LEU A 67 3.10 0.69 -19.29
N GLY A 68 3.66 -0.20 -18.47
CA GLY A 68 4.92 -0.91 -18.77
C GLY A 68 6.16 -0.41 -18.01
N TYR A 69 5.95 0.31 -16.91
CA TYR A 69 6.99 0.67 -15.93
C TYR A 69 7.39 -0.52 -15.02
N HIS A 70 8.09 -0.27 -13.91
CA HIS A 70 8.28 -1.25 -12.83
C HIS A 70 7.79 -0.72 -11.46
N VAL A 71 6.77 -1.35 -10.86
CA VAL A 71 6.24 -1.03 -9.51
C VAL A 71 7.23 -1.31 -8.35
N VAL A 72 8.25 -2.12 -8.60
CA VAL A 72 9.44 -2.38 -7.74
C VAL A 72 9.07 -2.91 -6.34
N THR A 73 8.20 -3.94 -6.31
CA THR A 73 7.57 -4.51 -5.10
C THR A 73 8.24 -5.78 -4.59
N GLU A 74 8.13 -6.00 -3.29
CA GLU A 74 8.47 -7.23 -2.58
C GLU A 74 7.34 -7.56 -1.58
N LYS A 75 7.23 -8.82 -1.15
CA LYS A 75 6.24 -9.27 -0.15
C LYS A 75 6.88 -9.81 1.13
N ALA A 76 6.22 -9.62 2.26
CA ALA A 76 6.64 -10.07 3.59
C ALA A 76 5.42 -10.47 4.44
N GLU A 77 5.65 -11.28 5.47
CA GLU A 77 4.61 -11.75 6.39
C GLU A 77 5.03 -11.48 7.84
N PHE A 78 4.07 -11.01 8.62
CA PHE A 78 4.23 -10.50 9.97
C PHE A 78 3.27 -11.20 10.94
N ASP A 79 3.64 -11.22 12.21
CA ASP A 79 2.81 -11.63 13.33
C ASP A 79 2.44 -10.39 14.16
N ILE A 80 1.15 -10.16 14.37
CA ILE A 80 0.67 -9.16 15.32
C ILE A 80 0.80 -9.77 16.71
N GLU A 81 1.34 -9.00 17.64
CA GLU A 81 1.13 -9.25 19.07
C GLU A 81 0.30 -8.08 19.59
N GLY A 82 -0.84 -8.41 20.20
CA GLY A 82 -1.82 -7.46 20.72
C GLY A 82 -3.26 -7.78 20.33
N MET A 83 -3.48 -8.28 19.11
CA MET A 83 -4.81 -8.56 18.56
C MET A 83 -5.23 -10.03 18.76
N THR A 84 -6.54 -10.25 18.92
CA THR A 84 -7.10 -11.48 19.51
C THR A 84 -8.31 -12.10 18.79
N CYS A 85 -8.91 -11.39 17.83
CA CYS A 85 -10.17 -11.78 17.17
C CYS A 85 -10.45 -10.92 15.92
N ALA A 86 -11.56 -11.20 15.22
CA ALA A 86 -12.00 -10.54 13.98
C ALA A 86 -12.02 -9.00 14.06
N ALA A 87 -12.65 -8.42 15.07
CA ALA A 87 -12.65 -6.96 15.27
C ALA A 87 -11.24 -6.39 15.46
N CYS A 88 -10.34 -7.15 16.10
CA CYS A 88 -8.97 -6.74 16.41
C CYS A 88 -8.10 -6.70 15.14
N ALA A 89 -8.28 -7.63 14.21
CA ALA A 89 -7.74 -7.56 12.84
C ALA A 89 -8.39 -6.41 12.03
N ASN A 90 -9.72 -6.28 12.06
CA ASN A 90 -10.46 -5.27 11.28
C ASN A 90 -10.00 -3.82 11.62
N ARG A 91 -9.75 -3.54 12.91
CA ARG A 91 -9.07 -2.34 13.41
C ARG A 91 -7.82 -1.94 12.62
N ILE A 92 -6.92 -2.88 12.32
CA ILE A 92 -5.72 -2.58 11.53
C ILE A 92 -5.97 -2.62 10.03
N GLU A 93 -6.86 -3.48 9.51
CA GLU A 93 -7.13 -3.61 8.07
C GLU A 93 -7.38 -2.25 7.40
N LYS A 94 -8.33 -1.45 7.91
CA LYS A 94 -8.69 -0.15 7.37
C LYS A 94 -7.50 0.84 7.25
N ARG A 95 -6.39 0.62 7.97
CA ARG A 95 -5.14 1.36 7.85
C ARG A 95 -4.06 0.60 7.05
N LEU A 96 -3.84 -0.69 7.30
CA LEU A 96 -2.87 -1.56 6.61
C LEU A 96 -3.10 -1.57 5.09
N ASN A 97 -4.37 -1.52 4.67
CA ASN A 97 -4.81 -1.38 3.28
C ASN A 97 -4.06 -0.26 2.51
N LYS A 98 -3.79 0.88 3.16
CA LYS A 98 -3.15 2.07 2.58
C LYS A 98 -2.43 2.91 3.67
N ILE A 99 -1.25 2.46 4.13
CA ILE A 99 -0.31 3.24 4.98
C ILE A 99 0.48 4.24 4.12
N GLU A 100 1.78 4.03 3.97
CA GLU A 100 2.65 4.67 3.00
C GLU A 100 3.39 3.51 2.32
N GLY A 101 3.27 3.41 0.99
CA GLY A 101 4.13 2.57 0.12
C GLY A 101 3.68 1.11 0.00
N VAL A 102 2.85 0.70 0.95
CA VAL A 102 2.04 -0.53 0.92
C VAL A 102 0.96 -0.51 -0.17
N ALA A 103 0.80 -1.65 -0.86
CA ALA A 103 -0.20 -1.85 -1.91
C ALA A 103 -1.27 -2.89 -1.53
N ASN A 104 -0.90 -3.97 -0.83
CA ASN A 104 -1.85 -4.99 -0.34
C ASN A 104 -1.47 -5.42 1.08
N ALA A 105 -2.47 -5.75 1.92
CA ALA A 105 -2.23 -6.18 3.30
C ALA A 105 -3.38 -7.04 3.92
N PRO A 106 -3.68 -8.24 3.39
CA PRO A 106 -4.71 -9.12 3.95
C PRO A 106 -4.31 -9.68 5.32
N VAL A 107 -4.96 -9.16 6.36
CA VAL A 107 -4.79 -9.55 7.78
C VAL A 107 -5.60 -10.82 8.11
N ASN A 108 -4.94 -11.80 8.76
CA ASN A 108 -5.54 -12.99 9.37
C ASN A 108 -6.01 -12.72 10.82
N PHE A 109 -7.20 -13.20 11.17
CA PHE A 109 -7.86 -12.88 12.45
C PHE A 109 -7.83 -14.00 13.49
N ALA A 110 -7.42 -15.21 13.11
CA ALA A 110 -7.34 -16.38 14.00
C ALA A 110 -5.89 -16.78 14.28
N LEU A 111 -5.01 -16.66 13.27
CA LEU A 111 -3.57 -16.91 13.36
C LEU A 111 -2.80 -15.72 13.94
N GLU A 112 -3.42 -14.53 13.94
CA GLU A 112 -2.87 -13.24 14.34
C GLU A 112 -1.81 -12.69 13.38
N THR A 113 -1.71 -13.19 12.14
CA THR A 113 -0.69 -12.78 11.16
C THR A 113 -1.26 -11.77 10.16
N VAL A 114 -0.40 -11.09 9.40
CA VAL A 114 -0.80 -10.33 8.21
C VAL A 114 0.28 -10.50 7.12
N THR A 115 -0.16 -10.71 5.88
CA THR A 115 0.71 -10.78 4.68
C THR A 115 0.66 -9.40 4.03
N VAL A 116 1.80 -8.79 3.72
CA VAL A 116 1.90 -7.42 3.21
C VAL A 116 2.77 -7.40 1.94
N GLU A 117 2.34 -6.64 0.93
CA GLU A 117 3.01 -6.53 -0.38
C GLU A 117 3.09 -5.05 -0.79
N TYR A 118 4.32 -4.59 -1.08
CA TYR A 118 4.69 -3.18 -0.96
C TYR A 118 5.98 -2.83 -1.74
N ASN A 119 6.28 -1.55 -1.99
CA ASN A 119 7.63 -1.14 -2.42
C ASN A 119 8.49 -0.60 -1.26
N PRO A 120 9.66 -1.22 -0.96
CA PRO A 120 10.45 -0.94 0.23
C PRO A 120 11.34 0.31 0.12
N LYS A 121 11.29 1.03 -1.01
CA LYS A 121 12.11 2.22 -1.26
C LYS A 121 12.01 3.30 -0.17
N GLU A 122 10.81 3.53 0.36
CA GLU A 122 10.52 4.51 1.43
C GLU A 122 9.74 3.91 2.61
N ALA A 123 9.33 2.64 2.56
CA ALA A 123 8.47 1.99 3.56
C ALA A 123 9.19 0.81 4.24
N SER A 124 9.16 0.76 5.57
CA SER A 124 9.80 -0.31 6.36
C SER A 124 9.15 -0.49 7.75
N VAL A 125 9.73 -1.36 8.58
CA VAL A 125 9.19 -1.80 9.88
C VAL A 125 9.06 -0.63 10.89
N SER A 126 9.77 0.49 10.69
CA SER A 126 9.52 1.72 11.45
C SER A 126 8.11 2.28 11.17
N ASP A 127 7.74 2.43 9.89
CA ASP A 127 6.44 2.92 9.45
C ASP A 127 5.32 1.96 9.89
N LEU A 128 5.54 0.65 9.68
CA LEU A 128 4.57 -0.39 9.99
C LEU A 128 4.29 -0.46 11.49
N LYS A 129 5.33 -0.41 12.34
CA LYS A 129 5.10 -0.31 13.79
C LYS A 129 4.42 1.01 14.17
N GLU A 130 4.90 2.19 13.76
CA GLU A 130 4.26 3.45 14.14
C GLU A 130 2.83 3.62 13.57
N ALA A 131 2.46 2.88 12.51
CA ALA A 131 1.09 2.78 12.01
C ALA A 131 0.16 1.87 12.83
N VAL A 132 0.70 0.83 13.48
CA VAL A 132 -0.05 -0.18 14.27
C VAL A 132 -0.04 0.09 15.78
N ASP A 133 0.96 0.83 16.28
CA ASP A 133 1.16 1.19 17.70
C ASP A 133 -0.10 1.79 18.33
N LYS A 134 -0.63 2.83 17.68
CA LYS A 134 -1.81 3.58 18.11
C LYS A 134 -3.13 2.78 17.90
N LEU A 135 -3.10 1.68 17.15
CA LEU A 135 -4.20 0.70 17.07
C LEU A 135 -4.14 -0.36 18.20
N GLY A 136 -3.08 -0.36 19.01
CA GLY A 136 -2.97 -1.10 20.28
C GLY A 136 -1.93 -2.22 20.30
N TYR A 137 -1.19 -2.44 19.21
CA TYR A 137 -0.40 -3.67 18.99
C TYR A 137 1.05 -3.38 18.55
N LYS A 138 1.78 -4.41 18.11
CA LYS A 138 3.01 -4.30 17.33
C LYS A 138 3.14 -5.46 16.33
N LEU A 139 3.99 -5.28 15.33
CA LEU A 139 4.25 -6.22 14.25
C LEU A 139 5.66 -6.80 14.36
N LYS A 140 5.75 -8.05 14.78
CA LYS A 140 6.95 -8.89 14.62
C LYS A 140 7.04 -9.42 13.17
N LEU A 141 8.24 -9.63 12.62
CA LEU A 141 8.44 -10.36 11.35
C LEU A 141 8.53 -11.87 11.60
N LYS A 142 8.08 -12.64 10.60
CA LYS A 142 8.02 -14.11 10.61
C LYS A 142 9.29 -14.62 9.93
N GLY A 143 10.12 -15.36 10.66
CA GLY A 143 11.49 -15.74 10.27
C GLY A 143 12.48 -14.58 10.37
N GLU A 144 12.10 -13.40 9.89
CA GLU A 144 12.97 -12.22 9.84
C GLU A 144 13.07 -11.43 11.16
N GLN A 145 12.33 -11.83 12.23
CA GLN A 145 12.59 -11.35 13.60
C GLN A 145 12.34 -12.41 14.68
N ASP A 146 11.08 -12.73 14.99
CA ASP A 146 10.72 -13.46 16.22
C ASP A 146 10.35 -14.94 15.98
N SER A 147 10.39 -15.32 14.71
CA SER A 147 10.40 -16.67 14.12
C SER A 147 9.01 -17.12 13.65
N MET A 1 -19.08 0.37 0.42
CA MET A 1 -19.71 1.70 0.49
C MET A 1 -18.69 2.77 0.15
N LEU A 2 -19.05 3.77 -0.66
CA LEU A 2 -18.29 5.02 -0.78
C LEU A 2 -18.63 5.99 0.37
N SER A 3 -17.97 7.14 0.44
CA SER A 3 -18.22 8.33 1.30
C SER A 3 -17.02 9.29 1.33
N GLU A 4 -15.79 8.77 1.40
CA GLU A 4 -14.54 9.53 1.49
C GLU A 4 -13.39 8.76 0.83
N GLN A 5 -12.36 9.48 0.38
CA GLN A 5 -11.23 8.93 -0.38
C GLN A 5 -9.97 8.81 0.49
N LYS A 6 -8.90 8.16 -0.01
CA LYS A 6 -7.62 8.10 0.69
C LYS A 6 -6.40 7.89 -0.24
N GLU A 7 -5.19 8.06 0.30
CA GLU A 7 -3.98 8.35 -0.48
C GLU A 7 -2.84 7.30 -0.35
N ILE A 8 -2.07 7.15 -1.43
CA ILE A 8 -0.92 6.24 -1.57
C ILE A 8 0.19 6.94 -2.37
N ALA A 9 1.48 6.75 -2.04
CA ALA A 9 2.61 7.21 -2.84
C ALA A 9 3.59 6.07 -3.15
N MET A 10 3.60 5.59 -4.41
CA MET A 10 4.36 4.40 -4.84
C MET A 10 5.53 4.79 -5.74
N GLN A 11 6.72 4.22 -5.50
CA GLN A 11 7.90 4.44 -6.34
C GLN A 11 7.77 3.57 -7.61
N VAL A 12 7.81 4.18 -8.79
CA VAL A 12 7.37 3.60 -10.07
C VAL A 12 8.54 3.58 -11.07
N SER A 13 9.31 2.49 -11.09
CA SER A 13 10.69 2.59 -11.58
C SER A 13 10.86 2.31 -13.08
N GLY A 14 11.51 3.25 -13.78
CA GLY A 14 11.74 3.22 -15.23
C GLY A 14 11.34 4.50 -15.97
N MET A 15 11.23 5.64 -15.30
CA MET A 15 10.77 6.90 -15.90
C MET A 15 11.87 7.67 -16.65
N THR A 16 12.92 6.99 -17.11
CA THR A 16 14.15 7.57 -17.70
C THR A 16 13.96 8.33 -19.02
N CYS A 17 12.75 8.30 -19.61
CA CYS A 17 12.35 9.04 -20.81
C CYS A 17 11.50 10.30 -20.46
N ALA A 18 11.24 10.55 -19.17
CA ALA A 18 10.54 11.71 -18.57
C ALA A 18 9.02 11.76 -18.87
N ALA A 19 8.60 11.59 -20.12
CA ALA A 19 7.19 11.50 -20.54
C ALA A 19 6.46 10.27 -19.97
N CYS A 20 7.20 9.37 -19.35
CA CYS A 20 6.70 8.35 -18.43
C CYS A 20 5.77 8.94 -17.34
N ALA A 21 6.11 10.12 -16.82
CA ALA A 21 5.27 10.90 -15.92
C ALA A 21 3.90 11.21 -16.54
N ALA A 22 3.90 11.86 -17.72
CA ALA A 22 2.70 12.12 -18.53
C ALA A 22 1.86 10.85 -18.76
N ARG A 23 2.50 9.73 -19.14
CA ARG A 23 1.86 8.42 -19.31
C ARG A 23 1.18 7.92 -18.03
N ILE A 24 1.74 8.14 -16.84
CA ILE A 24 1.17 7.69 -15.56
C ILE A 24 -0.09 8.48 -15.21
N GLU A 25 0.00 9.82 -15.15
CA GLU A 25 -1.13 10.65 -14.73
C GLU A 25 -2.31 10.53 -15.70
N LYS A 26 -2.06 10.60 -17.01
CA LYS A 26 -3.13 10.45 -18.01
C LYS A 26 -3.66 9.01 -18.11
N GLY A 27 -2.83 8.01 -17.79
CA GLY A 27 -3.20 6.59 -17.72
C GLY A 27 -4.08 6.27 -16.51
N LEU A 28 -3.77 6.82 -15.34
CA LEU A 28 -4.60 6.67 -14.13
C LEU A 28 -5.91 7.45 -14.24
N LYS A 29 -5.92 8.63 -14.89
CA LYS A 29 -7.15 9.40 -15.14
C LYS A 29 -8.23 8.64 -15.95
N ARG A 30 -7.92 7.45 -16.51
CA ARG A 30 -8.91 6.56 -17.14
C ARG A 30 -9.86 5.87 -16.16
N MET A 31 -9.44 5.58 -14.92
CA MET A 31 -10.19 4.70 -13.99
C MET A 31 -10.91 5.52 -12.90
N PRO A 32 -12.25 5.65 -12.93
CA PRO A 32 -12.98 6.63 -12.10
C PRO A 32 -12.94 6.36 -10.60
N GLY A 33 -12.50 5.18 -10.15
CA GLY A 33 -12.19 4.91 -8.74
C GLY A 33 -10.91 5.59 -8.26
N VAL A 34 -10.10 6.17 -9.15
CA VAL A 34 -9.03 7.14 -8.85
C VAL A 34 -9.53 8.51 -9.27
N THR A 35 -9.31 9.55 -8.45
CA THR A 35 -9.63 10.94 -8.80
C THR A 35 -8.39 11.82 -8.90
N ASP A 36 -7.33 11.54 -8.14
CA ASP A 36 -6.06 12.29 -8.29
C ASP A 36 -4.88 11.34 -8.59
N ALA A 37 -4.03 11.73 -9.54
CA ALA A 37 -2.66 11.23 -9.70
C ALA A 37 -1.69 12.42 -9.81
N ASN A 38 -0.55 12.34 -9.13
CA ASN A 38 0.42 13.43 -8.96
C ASN A 38 1.85 12.85 -8.90
N VAL A 39 2.59 12.87 -10.00
CA VAL A 39 3.88 12.15 -10.09
C VAL A 39 5.09 13.07 -9.87
N ASN A 40 5.86 12.76 -8.82
CA ASN A 40 7.16 13.35 -8.54
C ASN A 40 8.23 12.59 -9.36
N LEU A 41 8.60 13.14 -10.52
CA LEU A 41 9.63 12.58 -11.40
C LEU A 41 11.00 12.54 -10.70
N ALA A 42 11.35 13.56 -9.91
CA ALA A 42 12.69 13.75 -9.35
C ALA A 42 13.15 12.64 -8.38
N THR A 43 12.23 11.99 -7.64
CA THR A 43 12.49 10.75 -6.88
C THR A 43 11.70 9.54 -7.41
N GLU A 44 11.06 9.67 -8.57
CA GLU A 44 10.45 8.58 -9.32
C GLU A 44 9.22 7.93 -8.61
N THR A 45 8.37 8.76 -7.97
CA THR A 45 7.24 8.34 -7.12
C THR A 45 5.92 8.96 -7.56
N SER A 46 4.88 8.15 -7.71
CA SER A 46 3.52 8.58 -8.04
C SER A 46 2.63 8.64 -6.78
N ASN A 47 2.11 9.83 -6.46
CA ASN A 47 1.25 10.10 -5.31
C ASN A 47 -0.22 10.16 -5.81
N VAL A 48 -1.10 9.28 -5.33
CA VAL A 48 -2.46 9.11 -5.85
C VAL A 48 -3.53 9.20 -4.75
N ILE A 49 -4.76 9.60 -5.10
CA ILE A 49 -5.94 9.61 -4.20
C ILE A 49 -7.15 8.98 -4.90
N TYR A 50 -7.78 8.02 -4.19
CA TYR A 50 -8.77 7.08 -4.73
C TYR A 50 -9.97 6.77 -3.78
N ASP A 51 -11.10 6.31 -4.36
CA ASP A 51 -12.31 5.84 -3.67
C ASP A 51 -12.33 4.29 -3.58
N PRO A 52 -12.66 3.70 -2.41
CA PRO A 52 -12.54 2.27 -2.19
C PRO A 52 -13.65 1.40 -2.80
N ALA A 53 -14.78 1.97 -3.25
CA ALA A 53 -16.01 1.21 -3.52
C ALA A 53 -16.28 0.91 -5.00
N GLU A 54 -15.88 1.81 -5.91
CA GLU A 54 -16.07 1.66 -7.35
C GLU A 54 -14.85 1.03 -8.06
N THR A 55 -13.80 0.66 -7.31
CA THR A 55 -12.62 -0.05 -7.81
C THR A 55 -11.98 -0.83 -6.65
N GLY A 56 -10.81 -0.40 -6.16
CA GLY A 56 -9.93 -1.20 -5.30
C GLY A 56 -8.45 -0.85 -5.54
N THR A 57 -7.58 -1.19 -4.58
CA THR A 57 -6.16 -0.78 -4.56
C THR A 57 -5.33 -1.47 -5.65
N ALA A 58 -5.48 -2.79 -5.82
CA ALA A 58 -4.67 -3.60 -6.74
C ALA A 58 -4.78 -3.13 -8.21
N ALA A 59 -5.92 -2.58 -8.61
CA ALA A 59 -6.14 -2.02 -9.95
C ALA A 59 -5.19 -0.85 -10.27
N ILE A 60 -4.75 -0.09 -9.27
CA ILE A 60 -3.84 1.05 -9.45
C ILE A 60 -2.46 0.55 -9.88
N GLN A 61 -1.90 -0.44 -9.18
CA GLN A 61 -0.61 -1.02 -9.57
C GLN A 61 -0.72 -1.81 -10.88
N GLU A 62 -1.82 -2.54 -11.13
CA GLU A 62 -2.03 -3.17 -12.45
C GLU A 62 -2.01 -2.15 -13.60
N LYS A 63 -2.67 -0.99 -13.43
CA LYS A 63 -2.70 0.04 -14.47
C LYS A 63 -1.34 0.74 -14.67
N ILE A 64 -0.53 0.85 -13.61
CA ILE A 64 0.86 1.37 -13.68
C ILE A 64 1.79 0.38 -14.40
N GLU A 65 1.84 -0.88 -13.97
CA GLU A 65 2.73 -1.88 -14.54
C GLU A 65 2.37 -2.21 -16.00
N LYS A 66 1.13 -1.90 -16.44
CA LYS A 66 0.69 -1.95 -17.84
C LYS A 66 1.50 -1.02 -18.78
N LEU A 67 2.21 0.00 -18.27
CA LEU A 67 3.10 0.87 -19.06
C LEU A 67 4.51 0.26 -19.25
N GLY A 68 4.88 -0.77 -18.49
CA GLY A 68 6.16 -1.49 -18.61
C GLY A 68 7.29 -0.94 -17.75
N TYR A 69 6.96 -0.21 -16.67
CA TYR A 69 7.88 0.09 -15.57
C TYR A 69 8.09 -1.16 -14.68
N HIS A 70 8.63 -0.98 -13.47
CA HIS A 70 8.20 -1.83 -12.34
C HIS A 70 8.09 -1.02 -11.02
N VAL A 71 6.95 -1.13 -10.32
CA VAL A 71 6.60 -0.36 -9.11
C VAL A 71 7.33 -0.82 -7.82
N VAL A 72 8.50 -1.45 -7.97
CA VAL A 72 9.44 -1.95 -6.92
C VAL A 72 8.78 -2.49 -5.64
N THR A 73 7.66 -3.24 -5.76
CA THR A 73 6.83 -3.75 -4.65
C THR A 73 7.09 -5.22 -4.38
N GLU A 74 6.92 -5.66 -3.14
CA GLU A 74 7.04 -7.05 -2.69
C GLU A 74 6.04 -7.33 -1.56
N LYS A 75 5.65 -8.60 -1.40
CA LYS A 75 4.84 -9.07 -0.26
C LYS A 75 5.69 -9.72 0.85
N ALA A 76 5.33 -9.48 2.10
CA ALA A 76 5.94 -10.05 3.30
C ALA A 76 4.86 -10.40 4.36
N GLU A 77 5.21 -11.30 5.28
CA GLU A 77 4.31 -11.81 6.31
C GLU A 77 4.79 -11.40 7.71
N PHE A 78 3.87 -10.84 8.52
CA PHE A 78 4.11 -10.41 9.90
C PHE A 78 3.12 -11.11 10.86
N ASP A 79 3.45 -11.14 12.14
CA ASP A 79 2.65 -11.67 13.23
C ASP A 79 2.21 -10.55 14.20
N ILE A 80 0.90 -10.41 14.35
CA ILE A 80 0.19 -9.43 15.20
C ILE A 80 0.01 -10.02 16.60
N GLU A 81 1.13 -10.37 17.25
CA GLU A 81 1.07 -11.05 18.53
C GLU A 81 0.46 -10.12 19.57
N GLY A 82 -0.74 -10.49 20.00
CA GLY A 82 -1.57 -9.76 20.94
C GLY A 82 -3.00 -9.52 20.47
N MET A 83 -3.34 -9.77 19.19
CA MET A 83 -4.72 -9.70 18.71
C MET A 83 -5.49 -10.99 19.00
N THR A 84 -6.69 -10.87 19.58
CA THR A 84 -7.48 -11.98 20.15
C THR A 84 -8.83 -12.22 19.50
N CYS A 85 -9.24 -11.34 18.58
CA CYS A 85 -10.54 -11.33 17.92
C CYS A 85 -10.41 -10.77 16.49
N ALA A 86 -11.31 -11.15 15.58
CA ALA A 86 -11.41 -10.55 14.25
C ALA A 86 -11.57 -9.02 14.28
N ALA A 87 -12.17 -8.46 15.34
CA ALA A 87 -12.22 -7.01 15.57
C ALA A 87 -10.84 -6.38 15.83
N CYS A 88 -9.92 -7.11 16.49
CA CYS A 88 -8.54 -6.64 16.72
C CYS A 88 -7.71 -6.62 15.43
N ALA A 89 -7.90 -7.61 14.55
CA ALA A 89 -7.39 -7.59 13.19
C ALA A 89 -7.93 -6.37 12.42
N ASN A 90 -9.26 -6.23 12.33
CA ASN A 90 -9.92 -5.10 11.65
C ASN A 90 -9.43 -3.73 12.17
N ARG A 91 -9.27 -3.57 13.50
CA ARG A 91 -8.79 -2.34 14.13
C ARG A 91 -7.43 -1.84 13.61
N ILE A 92 -6.50 -2.74 13.26
CA ILE A 92 -5.27 -2.34 12.55
C ILE A 92 -5.47 -2.31 11.03
N GLU A 93 -6.14 -3.32 10.46
CA GLU A 93 -6.31 -3.48 9.00
C GLU A 93 -6.88 -2.21 8.35
N LYS A 94 -7.84 -1.55 9.01
CA LYS A 94 -8.50 -0.33 8.56
C LYS A 94 -7.54 0.85 8.31
N ARG A 95 -6.36 0.90 8.96
CA ARG A 95 -5.27 1.85 8.66
C ARG A 95 -4.12 1.21 7.87
N LEU A 96 -3.73 -0.02 8.20
CA LEU A 96 -2.62 -0.75 7.58
C LEU A 96 -2.83 -0.96 6.07
N ASN A 97 -4.08 -1.17 5.66
CA ASN A 97 -4.55 -1.36 4.27
C ASN A 97 -3.68 -0.71 3.20
N LYS A 98 -3.55 0.61 3.25
CA LYS A 98 -2.72 1.42 2.37
C LYS A 98 -2.02 2.55 3.13
N ILE A 99 -1.03 2.26 3.99
CA ILE A 99 -0.15 3.31 4.55
C ILE A 99 0.76 3.89 3.46
N GLU A 100 0.23 4.82 2.68
CA GLU A 100 0.91 6.01 2.12
C GLU A 100 1.95 5.64 1.05
N GLY A 101 1.87 4.41 0.53
CA GLY A 101 2.89 3.72 -0.24
C GLY A 101 2.74 2.20 -0.11
N VAL A 102 2.18 1.73 1.00
CA VAL A 102 1.62 0.37 1.10
C VAL A 102 0.45 0.16 0.12
N ALA A 103 0.47 -0.96 -0.60
CA ALA A 103 -0.50 -1.32 -1.64
C ALA A 103 -1.63 -2.23 -1.12
N ASN A 104 -1.31 -3.29 -0.36
CA ASN A 104 -2.29 -4.15 0.32
C ASN A 104 -1.81 -4.55 1.72
N ALA A 105 -2.73 -4.88 2.65
CA ALA A 105 -2.40 -5.46 3.96
C ALA A 105 -3.56 -6.25 4.63
N PRO A 106 -4.08 -7.34 4.02
CA PRO A 106 -5.16 -8.14 4.59
C PRO A 106 -4.67 -9.03 5.76
N VAL A 107 -5.24 -8.82 6.95
CA VAL A 107 -4.87 -9.47 8.21
C VAL A 107 -5.68 -10.76 8.41
N ASN A 108 -5.06 -11.77 9.04
CA ASN A 108 -5.70 -13.02 9.46
C ASN A 108 -6.54 -12.80 10.76
N PHE A 109 -6.52 -13.77 11.67
CA PHE A 109 -7.14 -13.74 12.99
C PHE A 109 -6.52 -14.90 13.81
N ALA A 110 -6.94 -16.14 13.57
CA ALA A 110 -6.61 -17.32 14.37
C ALA A 110 -5.15 -17.80 14.23
N LEU A 111 -4.47 -17.53 13.10
CA LEU A 111 -3.03 -17.73 12.96
C LEU A 111 -2.24 -16.56 13.56
N GLU A 112 -2.91 -15.43 13.82
CA GLU A 112 -2.40 -14.16 14.37
C GLU A 112 -1.52 -13.38 13.36
N THR A 113 -1.59 -13.68 12.07
CA THR A 113 -0.68 -13.13 11.04
C THR A 113 -1.33 -12.05 10.20
N VAL A 114 -0.54 -11.38 9.36
CA VAL A 114 -0.98 -10.51 8.25
C VAL A 114 -0.04 -10.72 7.06
N THR A 115 -0.56 -10.59 5.84
CA THR A 115 0.26 -10.46 4.62
C THR A 115 0.21 -9.01 4.21
N VAL A 116 1.38 -8.39 4.04
CA VAL A 116 1.54 -6.96 3.67
C VAL A 116 2.25 -6.89 2.32
N GLU A 117 1.85 -5.97 1.45
CA GLU A 117 2.34 -5.79 0.08
C GLU A 117 2.64 -4.30 -0.17
N TYR A 118 3.90 -3.97 -0.44
CA TYR A 118 4.40 -2.58 -0.49
C TYR A 118 5.77 -2.41 -1.18
N ASN A 119 6.07 -1.18 -1.60
CA ASN A 119 7.40 -0.80 -2.10
C ASN A 119 8.24 -0.11 -1.00
N PRO A 120 9.44 -0.64 -0.64
CA PRO A 120 10.19 -0.20 0.53
C PRO A 120 11.05 1.06 0.32
N LYS A 121 11.02 1.71 -0.87
CA LYS A 121 11.84 2.91 -1.11
C LYS A 121 11.54 4.03 -0.09
N GLU A 122 10.28 4.18 0.34
CA GLU A 122 9.84 5.20 1.32
C GLU A 122 9.12 4.57 2.53
N ALA A 123 9.29 3.26 2.80
CA ALA A 123 8.54 2.53 3.82
C ALA A 123 9.29 1.30 4.35
N SER A 124 8.95 0.85 5.55
CA SER A 124 9.70 -0.15 6.31
C SER A 124 8.87 -0.72 7.48
N VAL A 125 9.46 -1.56 8.34
CA VAL A 125 8.83 -2.05 9.58
C VAL A 125 8.49 -0.90 10.53
N SER A 126 9.20 0.24 10.43
CA SER A 126 8.88 1.51 11.08
C SER A 126 7.40 1.91 10.94
N ASP A 127 6.92 2.08 9.71
CA ASP A 127 5.59 2.57 9.38
C ASP A 127 4.50 1.65 9.97
N LEU A 128 4.75 0.34 9.87
CA LEU A 128 3.85 -0.70 10.31
C LEU A 128 3.76 -0.70 11.85
N LYS A 129 4.90 -0.75 12.57
CA LYS A 129 4.93 -0.49 14.01
C LYS A 129 4.20 0.78 14.39
N GLU A 130 4.58 1.93 13.83
CA GLU A 130 4.17 3.23 14.34
C GLU A 130 2.69 3.55 14.00
N ALA A 131 2.06 2.76 13.12
CA ALA A 131 0.59 2.62 13.04
C ALA A 131 -0.02 1.64 14.07
N VAL A 132 0.55 0.44 14.28
CA VAL A 132 0.05 -0.58 15.23
C VAL A 132 0.24 -0.17 16.70
N ASP A 133 1.22 0.68 17.02
CA ASP A 133 1.55 1.20 18.35
C ASP A 133 0.39 1.98 18.98
N LYS A 134 -0.43 2.61 18.13
CA LYS A 134 -1.68 3.29 18.49
C LYS A 134 -2.74 2.33 19.07
N LEU A 135 -2.69 1.04 18.72
CA LEU A 135 -3.50 -0.06 19.26
C LEU A 135 -2.77 -0.87 20.34
N GLY A 136 -1.44 -0.68 20.49
CA GLY A 136 -0.61 -1.25 21.55
C GLY A 136 -0.10 -2.67 21.29
N TYR A 137 -0.44 -3.28 20.14
CA TYR A 137 0.11 -4.59 19.74
C TYR A 137 1.54 -4.45 19.17
N LYS A 138 2.15 -5.54 18.70
CA LYS A 138 3.49 -5.52 18.10
C LYS A 138 3.57 -6.47 16.91
N LEU A 139 4.55 -6.19 16.05
CA LEU A 139 4.72 -6.86 14.76
C LEU A 139 6.01 -7.68 14.77
N LYS A 140 5.87 -8.95 15.11
CA LYS A 140 6.97 -9.91 15.00
C LYS A 140 7.09 -10.42 13.54
N LEU A 141 8.22 -10.19 12.86
CA LEU A 141 8.47 -10.77 11.52
C LEU A 141 8.77 -12.26 11.61
N LYS A 142 8.41 -12.96 10.53
CA LYS A 142 8.52 -14.41 10.35
C LYS A 142 9.81 -14.68 9.59
N GLY A 143 10.77 -15.35 10.23
CA GLY A 143 12.15 -15.39 9.74
C GLY A 143 12.87 -14.10 10.11
N GLU A 144 12.48 -12.96 9.52
CA GLU A 144 13.21 -11.69 9.63
C GLU A 144 12.96 -10.88 10.93
N GLN A 145 12.81 -11.57 12.07
CA GLN A 145 12.88 -11.01 13.44
C GLN A 145 12.76 -12.14 14.47
N ASP A 146 11.55 -12.71 14.64
CA ASP A 146 11.27 -13.75 15.64
C ASP A 146 11.94 -15.08 15.27
N SER A 147 12.05 -15.35 13.96
CA SER A 147 12.71 -16.50 13.32
C SER A 147 11.75 -17.68 13.18
N MET A 1 -21.44 7.72 2.63
CA MET A 1 -21.98 8.84 1.83
C MET A 1 -20.94 9.93 1.66
N LEU A 2 -21.05 10.71 0.59
CA LEU A 2 -20.14 11.82 0.20
C LEU A 2 -18.78 11.28 -0.27
N SER A 3 -17.76 12.14 -0.33
CA SER A 3 -16.46 11.87 -0.91
C SER A 3 -15.51 11.15 0.09
N GLU A 4 -15.91 9.97 0.58
CA GLU A 4 -15.08 9.12 1.44
C GLU A 4 -14.01 8.39 0.60
N GLN A 5 -13.16 9.19 -0.04
CA GLN A 5 -12.11 8.78 -0.96
C GLN A 5 -10.78 8.59 -0.21
N LYS A 6 -9.83 7.82 -0.77
CA LYS A 6 -8.59 7.45 -0.08
C LYS A 6 -7.34 7.71 -0.96
N GLU A 7 -6.26 8.16 -0.33
CA GLU A 7 -4.97 8.43 -0.96
C GLU A 7 -3.97 7.27 -0.77
N ILE A 8 -2.95 7.20 -1.63
CA ILE A 8 -1.84 6.24 -1.62
C ILE A 8 -0.65 6.83 -2.40
N ALA A 9 0.59 6.52 -2.00
CA ALA A 9 1.79 6.83 -2.78
C ALA A 9 2.68 5.58 -2.94
N MET A 10 3.41 5.49 -4.05
CA MET A 10 4.14 4.29 -4.52
C MET A 10 5.40 4.71 -5.29
N GLN A 11 6.53 4.02 -5.10
CA GLN A 11 7.70 4.19 -5.96
C GLN A 11 7.45 3.38 -7.25
N VAL A 12 7.76 3.95 -8.43
CA VAL A 12 7.46 3.39 -9.75
C VAL A 12 8.64 3.62 -10.69
N SER A 13 9.24 2.55 -11.20
CA SER A 13 10.59 2.55 -11.78
C SER A 13 10.61 2.35 -13.31
N GLY A 14 11.27 3.30 -14.00
CA GLY A 14 11.48 3.31 -15.46
C GLY A 14 11.02 4.59 -16.17
N MET A 15 10.85 5.71 -15.44
CA MET A 15 10.37 6.96 -16.03
C MET A 15 11.51 7.84 -16.57
N THR A 16 11.34 8.33 -17.81
CA THR A 16 12.14 9.36 -18.46
C THR A 16 11.26 10.58 -18.71
N CYS A 17 11.51 11.65 -17.95
CA CYS A 17 10.94 12.99 -18.10
C CYS A 17 9.42 13.03 -17.87
N ALA A 18 8.84 14.22 -18.07
CA ALA A 18 7.40 14.45 -18.13
C ALA A 18 6.62 13.51 -19.08
N ALA A 19 7.29 12.79 -19.98
CA ALA A 19 6.60 11.94 -20.97
C ALA A 19 6.22 10.56 -20.41
N CYS A 20 7.12 9.89 -19.67
CA CYS A 20 6.73 8.70 -18.91
C CYS A 20 5.73 9.03 -17.80
N ALA A 21 5.86 10.20 -17.17
CA ALA A 21 4.84 10.73 -16.25
C ALA A 21 3.48 10.87 -16.94
N ALA A 22 3.43 11.52 -18.11
CA ALA A 22 2.22 11.63 -18.93
C ALA A 22 1.61 10.25 -19.24
N ARG A 23 2.43 9.23 -19.53
CA ARG A 23 1.96 7.86 -19.76
C ARG A 23 1.41 7.16 -18.51
N ILE A 24 1.95 7.41 -17.31
CA ILE A 24 1.38 6.93 -16.03
C ILE A 24 0.01 7.57 -15.78
N GLU A 25 -0.08 8.89 -15.81
CA GLU A 25 -1.29 9.64 -15.44
C GLU A 25 -2.42 9.39 -16.45
N LYS A 26 -2.15 9.49 -17.76
CA LYS A 26 -3.14 9.16 -18.80
C LYS A 26 -3.42 7.65 -18.91
N GLY A 27 -2.68 6.80 -18.20
CA GLY A 27 -2.97 5.39 -17.97
C GLY A 27 -4.03 5.21 -16.88
N LEU A 28 -3.76 5.73 -15.66
CA LEU A 28 -4.64 5.53 -14.50
C LEU A 28 -5.98 6.27 -14.62
N LYS A 29 -6.02 7.49 -15.16
CA LYS A 29 -7.23 8.34 -15.18
C LYS A 29 -8.47 7.71 -15.86
N ARG A 30 -8.27 6.60 -16.57
CA ARG A 30 -9.31 5.80 -17.23
C ARG A 30 -10.08 4.89 -16.25
N MET A 31 -9.56 4.67 -15.04
CA MET A 31 -10.30 4.04 -13.93
C MET A 31 -11.48 4.97 -13.55
N PRO A 32 -12.74 4.52 -13.61
CA PRO A 32 -13.92 5.38 -13.62
C PRO A 32 -13.96 6.33 -12.41
N GLY A 33 -13.59 5.83 -11.22
CA GLY A 33 -13.36 6.63 -10.03
C GLY A 33 -11.95 6.45 -9.45
N VAL A 34 -10.89 6.61 -10.27
CA VAL A 34 -9.67 7.23 -9.71
C VAL A 34 -9.97 8.73 -9.63
N THR A 35 -9.82 9.33 -8.44
CA THR A 35 -10.05 10.75 -8.19
C THR A 35 -9.00 11.54 -8.92
N ASP A 36 -7.73 11.18 -8.73
CA ASP A 36 -6.61 11.84 -9.39
C ASP A 36 -5.31 11.03 -9.29
N ALA A 37 -4.42 11.21 -10.26
CA ALA A 37 -3.10 10.61 -10.31
C ALA A 37 -2.05 11.69 -10.60
N ASN A 38 -1.00 11.74 -9.78
CA ASN A 38 -0.02 12.83 -9.74
C ASN A 38 1.37 12.24 -9.53
N VAL A 39 2.24 12.18 -10.56
CA VAL A 39 3.52 11.46 -10.48
C VAL A 39 4.73 12.39 -10.44
N ASN A 40 5.49 12.30 -9.34
CA ASN A 40 6.79 12.91 -9.16
C ASN A 40 7.89 12.02 -9.78
N LEU A 41 8.13 12.22 -11.08
CA LEU A 41 9.21 11.53 -11.80
C LEU A 41 10.60 11.83 -11.24
N ALA A 42 10.84 13.04 -10.70
CA ALA A 42 12.11 13.48 -10.14
C ALA A 42 12.52 12.74 -8.85
N THR A 43 11.62 11.92 -8.28
CA THR A 43 11.91 10.93 -7.22
C THR A 43 11.20 9.61 -7.52
N GLU A 44 10.94 9.34 -8.81
CA GLU A 44 10.22 8.19 -9.36
C GLU A 44 9.08 7.63 -8.46
N THR A 45 8.19 8.50 -7.99
CA THR A 45 7.13 8.19 -7.01
C THR A 45 5.80 8.79 -7.47
N SER A 46 4.77 7.96 -7.52
CA SER A 46 3.39 8.33 -7.87
C SER A 46 2.53 8.53 -6.62
N ASN A 47 1.56 9.46 -6.71
CA ASN A 47 0.69 9.89 -5.62
C ASN A 47 -0.75 9.88 -6.16
N VAL A 48 -1.59 8.96 -5.69
CA VAL A 48 -2.87 8.61 -6.31
C VAL A 48 -3.99 8.65 -5.28
N ILE A 49 -5.17 9.15 -5.69
CA ILE A 49 -6.37 9.23 -4.85
C ILE A 49 -7.54 8.58 -5.61
N TYR A 50 -8.35 7.76 -4.94
CA TYR A 50 -9.44 6.98 -5.57
C TYR A 50 -10.71 6.83 -4.73
N ASP A 51 -11.82 6.46 -5.40
CA ASP A 51 -13.15 6.28 -4.85
C ASP A 51 -13.44 4.78 -4.58
N PRO A 52 -13.63 4.35 -3.31
CA PRO A 52 -13.65 2.95 -2.90
C PRO A 52 -15.02 2.30 -3.18
N ALA A 53 -15.26 2.07 -4.46
CA ALA A 53 -16.46 1.47 -5.05
C ALA A 53 -16.28 1.31 -6.56
N GLU A 54 -15.69 2.32 -7.20
CA GLU A 54 -15.42 2.40 -8.64
C GLU A 54 -14.06 1.79 -9.04
N THR A 55 -13.12 1.61 -8.08
CA THR A 55 -11.81 0.96 -8.25
C THR A 55 -11.20 0.60 -6.89
N GLY A 56 -10.02 -0.02 -6.92
CA GLY A 56 -9.31 -0.58 -5.75
C GLY A 56 -7.78 -0.45 -5.81
N THR A 57 -7.13 -0.74 -4.69
CA THR A 57 -5.67 -0.56 -4.49
C THR A 57 -4.83 -1.43 -5.41
N ALA A 58 -5.22 -2.70 -5.60
CA ALA A 58 -4.49 -3.61 -6.50
C ALA A 58 -4.70 -3.22 -7.98
N ALA A 59 -5.89 -2.78 -8.38
CA ALA A 59 -6.13 -2.28 -9.74
C ALA A 59 -5.23 -1.08 -10.10
N ILE A 60 -4.89 -0.22 -9.14
CA ILE A 60 -3.95 0.90 -9.33
C ILE A 60 -2.51 0.41 -9.56
N GLN A 61 -1.99 -0.47 -8.71
CA GLN A 61 -0.62 -0.98 -8.88
C GLN A 61 -0.49 -1.92 -10.09
N GLU A 62 -1.53 -2.69 -10.41
CA GLU A 62 -1.63 -3.47 -11.65
C GLU A 62 -1.59 -2.53 -12.87
N LYS A 63 -2.28 -1.37 -12.86
CA LYS A 63 -2.17 -0.43 -13.99
C LYS A 63 -0.78 0.19 -14.15
N ILE A 64 0.00 0.33 -13.09
CA ILE A 64 1.41 0.77 -13.20
C ILE A 64 2.22 -0.28 -14.00
N GLU A 65 2.15 -1.55 -13.56
CA GLU A 65 2.77 -2.68 -14.24
C GLU A 65 2.25 -2.83 -15.69
N LYS A 66 0.94 -2.70 -15.93
CA LYS A 66 0.33 -2.80 -17.26
C LYS A 66 0.65 -1.61 -18.19
N LEU A 67 1.18 -0.48 -17.67
CA LEU A 67 1.74 0.61 -18.47
C LEU A 67 3.23 0.41 -18.80
N GLY A 68 3.88 -0.62 -18.22
CA GLY A 68 5.26 -1.03 -18.53
C GLY A 68 6.31 -0.55 -17.53
N TYR A 69 5.90 0.08 -16.42
CA TYR A 69 6.81 0.57 -15.38
C TYR A 69 6.80 -0.38 -14.17
N HIS A 70 7.95 -0.65 -13.57
CA HIS A 70 8.03 -1.65 -12.51
C HIS A 70 7.59 -1.01 -11.17
N VAL A 71 6.59 -1.54 -10.48
CA VAL A 71 6.05 -0.92 -9.24
C VAL A 71 6.93 -1.17 -7.98
N VAL A 72 8.00 -1.96 -8.13
CA VAL A 72 9.20 -2.06 -7.24
C VAL A 72 8.86 -2.27 -5.77
N THR A 73 7.95 -3.23 -5.57
CA THR A 73 7.43 -3.68 -4.29
C THR A 73 8.20 -4.89 -3.78
N GLU A 74 8.19 -5.04 -2.47
CA GLU A 74 8.54 -6.26 -1.73
C GLU A 74 7.30 -6.71 -0.96
N LYS A 75 7.17 -8.01 -0.72
CA LYS A 75 6.26 -8.53 0.30
C LYS A 75 7.00 -8.95 1.58
N ALA A 76 6.33 -8.85 2.72
CA ALA A 76 6.78 -9.33 4.02
C ALA A 76 5.59 -9.95 4.78
N GLU A 77 5.86 -10.85 5.72
CA GLU A 77 4.86 -11.50 6.55
C GLU A 77 5.26 -11.32 8.02
N PHE A 78 4.29 -10.91 8.84
CA PHE A 78 4.45 -10.61 10.25
C PHE A 78 3.45 -11.44 11.08
N ASP A 79 3.78 -11.63 12.35
CA ASP A 79 2.91 -12.14 13.42
C ASP A 79 2.48 -10.99 14.34
N ILE A 80 1.22 -11.02 14.75
CA ILE A 80 0.67 -10.14 15.77
C ILE A 80 0.73 -10.85 17.12
N GLU A 81 1.45 -10.27 18.07
CA GLU A 81 1.11 -10.44 19.50
C GLU A 81 0.15 -9.30 19.83
N GLY A 82 -1.08 -9.63 20.24
CA GLY A 82 -2.16 -8.67 20.44
C GLY A 82 -3.53 -9.03 19.84
N MET A 83 -3.67 -10.14 19.10
CA MET A 83 -4.93 -10.50 18.42
C MET A 83 -5.20 -12.02 18.35
N THR A 84 -6.49 -12.38 18.36
CA THR A 84 -7.03 -13.74 18.52
C THR A 84 -8.30 -13.99 17.70
N CYS A 85 -8.74 -13.03 16.89
CA CYS A 85 -10.07 -12.97 16.26
C CYS A 85 -10.13 -11.89 15.15
N ALA A 86 -11.05 -12.05 14.20
CA ALA A 86 -11.21 -11.19 13.02
C ALA A 86 -11.49 -9.71 13.35
N ALA A 87 -12.23 -9.42 14.42
CA ALA A 87 -12.43 -8.05 14.90
C ALA A 87 -11.11 -7.39 15.34
N CYS A 88 -10.27 -8.16 16.05
CA CYS A 88 -8.95 -7.73 16.51
C CYS A 88 -7.96 -7.56 15.36
N ALA A 89 -8.03 -8.40 14.33
CA ALA A 89 -7.31 -8.22 13.08
C ALA A 89 -7.73 -6.92 12.36
N ASN A 90 -9.03 -6.72 12.13
CA ASN A 90 -9.53 -5.56 11.38
C ASN A 90 -9.15 -4.22 12.06
N ARG A 91 -9.05 -4.19 13.40
CA ARG A 91 -8.48 -3.09 14.18
C ARG A 91 -7.15 -2.54 13.67
N ILE A 92 -6.21 -3.41 13.25
CA ILE A 92 -4.98 -2.96 12.58
C ILE A 92 -5.12 -2.90 11.06
N GLU A 93 -5.87 -3.82 10.45
CA GLU A 93 -6.03 -3.91 8.99
C GLU A 93 -6.44 -2.57 8.39
N LYS A 94 -7.42 -1.87 8.97
CA LYS A 94 -7.89 -0.59 8.46
C LYS A 94 -6.80 0.50 8.37
N ARG A 95 -5.71 0.36 9.15
CA ARG A 95 -4.52 1.23 9.07
C ARG A 95 -3.42 0.61 8.19
N LEU A 96 -3.13 -0.69 8.34
CA LEU A 96 -2.15 -1.44 7.55
C LEU A 96 -2.39 -1.33 6.05
N ASN A 97 -3.65 -1.45 5.62
CA ASN A 97 -4.08 -1.56 4.22
C ASN A 97 -3.39 -0.56 3.27
N LYS A 98 -3.17 0.67 3.72
CA LYS A 98 -2.47 1.76 3.03
C LYS A 98 -1.73 2.68 4.03
N ILE A 99 -0.64 2.20 4.62
CA ILE A 99 0.40 3.09 5.21
C ILE A 99 1.25 3.72 4.07
N GLU A 100 2.34 4.41 4.38
CA GLU A 100 3.13 5.23 3.46
C GLU A 100 3.93 4.28 2.59
N GLY A 101 3.63 4.22 1.29
CA GLY A 101 4.22 3.23 0.39
C GLY A 101 3.53 1.87 0.40
N VAL A 102 2.44 1.65 1.18
CA VAL A 102 1.80 0.34 1.30
C VAL A 102 0.72 0.13 0.23
N ALA A 103 0.94 -0.87 -0.63
CA ALA A 103 0.15 -1.18 -1.82
C ALA A 103 -0.96 -2.21 -1.55
N ASN A 104 -0.70 -3.18 -0.67
CA ASN A 104 -1.67 -4.12 -0.11
C ASN A 104 -1.25 -4.54 1.32
N ALA A 105 -2.21 -4.89 2.19
CA ALA A 105 -1.93 -5.53 3.48
C ALA A 105 -3.16 -6.28 4.08
N PRO A 106 -3.43 -7.52 3.65
CA PRO A 106 -4.47 -8.37 4.26
C PRO A 106 -3.97 -9.06 5.55
N VAL A 107 -4.70 -8.90 6.65
CA VAL A 107 -4.43 -9.55 7.95
C VAL A 107 -5.21 -10.86 8.05
N ASN A 108 -4.66 -11.85 8.74
CA ASN A 108 -5.33 -13.11 9.10
C ASN A 108 -6.33 -12.89 10.27
N PHE A 109 -6.50 -13.88 11.17
CA PHE A 109 -7.39 -13.85 12.34
C PHE A 109 -7.22 -15.05 13.28
N ALA A 110 -6.77 -16.20 12.76
CA ALA A 110 -6.62 -17.47 13.50
C ALA A 110 -5.15 -17.91 13.60
N LEU A 111 -4.38 -17.74 12.51
CA LEU A 111 -2.94 -17.95 12.47
C LEU A 111 -2.16 -16.75 13.05
N GLU A 112 -2.85 -15.63 13.34
CA GLU A 112 -2.34 -14.43 14.01
C GLU A 112 -1.40 -13.57 13.15
N THR A 113 -1.34 -13.80 11.83
CA THR A 113 -0.40 -13.16 10.91
C THR A 113 -1.00 -11.99 10.15
N VAL A 114 -0.16 -11.28 9.41
CA VAL A 114 -0.53 -10.33 8.33
C VAL A 114 0.50 -10.45 7.21
N THR A 115 0.04 -10.39 5.95
CA THR A 115 0.90 -10.25 4.77
C THR A 115 0.88 -8.77 4.38
N VAL A 116 2.05 -8.15 4.22
CA VAL A 116 2.23 -6.73 3.89
C VAL A 116 2.99 -6.62 2.57
N GLU A 117 2.58 -5.70 1.69
CA GLU A 117 3.02 -5.61 0.30
C GLU A 117 3.22 -4.12 -0.05
N TYR A 118 4.47 -3.68 -0.20
CA TYR A 118 4.84 -2.25 -0.10
C TYR A 118 6.20 -1.91 -0.73
N ASN A 119 6.53 -0.61 -0.82
CA ASN A 119 7.86 -0.14 -1.23
C ASN A 119 8.79 0.05 0.00
N PRO A 120 9.79 -0.83 0.24
CA PRO A 120 10.76 -0.64 1.34
C PRO A 120 11.66 0.58 1.12
N LYS A 121 11.74 1.09 -0.11
CA LYS A 121 12.43 2.31 -0.52
C LYS A 121 12.16 3.52 0.40
N GLU A 122 11.01 3.60 1.07
CA GLU A 122 10.61 4.75 1.90
C GLU A 122 10.13 4.43 3.32
N ALA A 123 10.13 3.16 3.78
CA ALA A 123 9.71 2.77 5.14
C ALA A 123 10.27 1.40 5.56
N SER A 124 10.36 1.16 6.87
CA SER A 124 10.95 -0.07 7.42
C SER A 124 10.28 -0.53 8.74
N VAL A 125 10.87 -1.48 9.47
CA VAL A 125 10.23 -2.17 10.60
C VAL A 125 9.90 -1.21 11.74
N SER A 126 10.67 -0.13 11.91
CA SER A 126 10.33 0.94 12.86
C SER A 126 8.95 1.54 12.56
N ASP A 127 8.68 1.91 11.30
CA ASP A 127 7.42 2.53 10.89
C ASP A 127 6.24 1.58 11.06
N LEU A 128 6.44 0.29 10.77
CA LEU A 128 5.43 -0.74 10.91
C LEU A 128 5.11 -1.06 12.39
N LYS A 129 6.12 -1.05 13.28
CA LYS A 129 5.87 -0.99 14.72
C LYS A 129 5.12 0.30 15.10
N GLU A 130 5.68 1.48 14.81
CA GLU A 130 5.17 2.81 15.18
C GLU A 130 3.71 3.04 14.72
N ALA A 131 3.32 2.54 13.55
CA ALA A 131 1.96 2.64 13.02
C ALA A 131 0.95 1.69 13.68
N VAL A 132 1.41 0.60 14.31
CA VAL A 132 0.62 -0.42 15.02
C VAL A 132 0.56 -0.17 16.54
N ASP A 133 1.59 0.43 17.13
CA ASP A 133 1.60 0.93 18.51
C ASP A 133 0.44 1.93 18.72
N LYS A 134 0.16 2.75 17.71
CA LYS A 134 -0.97 3.67 17.67
C LYS A 134 -2.35 3.00 17.78
N LEU A 135 -2.47 1.70 17.44
CA LEU A 135 -3.65 0.86 17.69
C LEU A 135 -3.54 0.01 18.98
N GLY A 136 -2.33 -0.22 19.50
CA GLY A 136 -2.08 -0.87 20.80
C GLY A 136 -1.51 -2.29 20.76
N TYR A 137 -1.04 -2.80 19.62
CA TYR A 137 -0.38 -4.12 19.53
C TYR A 137 1.15 -3.94 19.30
N LYS A 138 1.80 -4.91 18.65
CA LYS A 138 3.10 -4.79 17.99
C LYS A 138 3.22 -5.86 16.88
N LEU A 139 4.27 -5.79 16.07
CA LEU A 139 4.51 -6.71 14.96
C LEU A 139 5.85 -7.43 15.13
N LYS A 140 5.76 -8.73 15.39
CA LYS A 140 6.85 -9.68 15.22
C LYS A 140 7.07 -10.03 13.73
N LEU A 141 8.31 -10.13 13.26
CA LEU A 141 8.63 -10.68 11.93
C LEU A 141 8.75 -12.21 11.96
N LYS A 142 8.58 -12.79 10.77
CA LYS A 142 8.68 -14.21 10.47
C LYS A 142 10.12 -14.48 10.04
N GLY A 143 10.81 -15.38 10.73
CA GLY A 143 12.27 -15.46 10.69
C GLY A 143 12.86 -14.38 11.60
N GLU A 144 12.70 -13.13 11.18
CA GLU A 144 13.42 -11.97 11.73
C GLU A 144 12.88 -11.39 13.06
N GLN A 145 12.14 -12.15 13.89
CA GLN A 145 11.78 -11.73 15.25
C GLN A 145 11.11 -12.82 16.10
N ASP A 146 10.03 -13.44 15.60
CA ASP A 146 9.43 -14.65 16.19
C ASP A 146 10.23 -15.91 15.79
N SER A 147 10.83 -15.84 14.60
CA SER A 147 11.40 -16.98 13.85
C SER A 147 10.30 -17.89 13.31
N MET A 1 -8.91 15.55 5.11
CA MET A 1 -9.51 14.49 5.95
C MET A 1 -9.57 13.19 5.15
N LEU A 2 -9.43 12.03 5.80
CA LEU A 2 -9.62 10.71 5.16
C LEU A 2 -10.72 9.94 5.90
N SER A 3 -11.81 9.63 5.20
CA SER A 3 -12.96 8.80 5.66
C SER A 3 -13.96 8.59 4.51
N GLU A 4 -13.46 8.45 3.27
CA GLU A 4 -14.27 8.55 2.04
C GLU A 4 -13.44 8.04 0.86
N GLN A 5 -12.66 8.93 0.23
CA GLN A 5 -11.62 8.58 -0.73
C GLN A 5 -10.36 8.09 0.00
N LYS A 6 -9.44 7.48 -0.75
CA LYS A 6 -8.16 6.94 -0.25
C LYS A 6 -7.02 7.29 -1.24
N GLU A 7 -5.84 7.58 -0.70
CA GLU A 7 -4.60 7.86 -1.43
C GLU A 7 -3.54 6.77 -1.18
N ILE A 8 -2.73 6.48 -2.18
CA ILE A 8 -1.46 5.73 -2.05
C ILE A 8 -0.43 6.40 -2.98
N ALA A 9 0.86 6.30 -2.63
CA ALA A 9 1.97 6.59 -3.53
C ALA A 9 2.99 5.45 -3.54
N MET A 10 3.67 5.26 -4.66
CA MET A 10 4.73 4.24 -4.84
C MET A 10 5.83 4.72 -5.81
N GLN A 11 7.07 4.28 -5.57
CA GLN A 11 8.18 4.49 -6.50
C GLN A 11 8.14 3.40 -7.60
N VAL A 12 8.39 3.80 -8.84
CA VAL A 12 8.47 2.89 -9.99
C VAL A 12 9.90 2.84 -10.53
N SER A 13 10.18 1.86 -11.38
CA SER A 13 11.29 1.82 -12.33
C SER A 13 10.73 1.78 -13.76
N GLY A 14 10.79 2.92 -14.45
CA GLY A 14 10.47 3.08 -15.87
C GLY A 14 9.70 4.34 -16.28
N MET A 15 9.58 5.37 -15.42
CA MET A 15 8.93 6.66 -15.81
C MET A 15 9.88 7.61 -16.59
N THR A 16 10.78 7.02 -17.37
CA THR A 16 11.89 7.65 -18.13
C THR A 16 11.41 8.72 -19.12
N CYS A 17 12.29 9.70 -19.37
CA CYS A 17 12.18 10.77 -20.37
C CYS A 17 11.02 11.74 -20.10
N ALA A 18 10.33 11.63 -18.95
CA ALA A 18 9.11 12.34 -18.57
C ALA A 18 7.88 11.99 -19.44
N ALA A 19 8.07 11.36 -20.60
CA ALA A 19 6.98 10.86 -21.44
C ALA A 19 6.33 9.61 -20.84
N CYS A 20 7.14 8.69 -20.28
CA CYS A 20 6.62 7.56 -19.52
C CYS A 20 5.90 8.01 -18.23
N ALA A 21 6.32 9.14 -17.64
CA ALA A 21 5.60 9.83 -16.56
C ALA A 21 4.25 10.42 -17.03
N ALA A 22 4.22 11.10 -18.18
CA ALA A 22 2.98 11.61 -18.80
C ALA A 22 1.95 10.48 -19.06
N ARG A 23 2.43 9.32 -19.54
CA ARG A 23 1.63 8.09 -19.66
C ARG A 23 1.06 7.56 -18.33
N ILE A 24 1.60 7.94 -17.17
CA ILE A 24 1.06 7.54 -15.85
C ILE A 24 -0.02 8.50 -15.34
N GLU A 25 0.22 9.82 -15.32
CA GLU A 25 -0.78 10.78 -14.80
C GLU A 25 -2.11 10.68 -15.56
N LYS A 26 -2.08 10.59 -16.90
CA LYS A 26 -3.25 10.32 -17.70
C LYS A 26 -3.70 8.84 -17.64
N GLY A 27 -2.76 7.90 -17.45
CA GLY A 27 -2.99 6.44 -17.49
C GLY A 27 -3.84 5.91 -16.33
N LEU A 28 -3.68 6.45 -15.13
CA LEU A 28 -4.67 6.21 -14.05
C LEU A 28 -5.97 6.95 -14.36
N LYS A 29 -5.90 8.24 -14.75
CA LYS A 29 -7.04 9.17 -14.86
C LYS A 29 -8.14 8.83 -15.89
N ARG A 30 -8.06 7.65 -16.50
CA ARG A 30 -9.15 7.00 -17.23
C ARG A 30 -9.98 6.00 -16.39
N MET A 31 -9.68 5.80 -15.11
CA MET A 31 -10.38 4.83 -14.23
C MET A 31 -11.62 5.48 -13.60
N PRO A 32 -12.79 4.81 -13.56
CA PRO A 32 -14.08 5.46 -13.27
C PRO A 32 -14.23 6.05 -11.86
N GLY A 33 -13.34 5.70 -10.91
CA GLY A 33 -13.33 6.29 -9.56
C GLY A 33 -12.05 7.03 -9.17
N VAL A 34 -11.02 7.12 -10.02
CA VAL A 34 -9.81 7.87 -9.63
C VAL A 34 -10.09 9.38 -9.70
N THR A 35 -9.76 10.09 -8.63
CA THR A 35 -9.85 11.55 -8.55
C THR A 35 -8.66 12.16 -9.27
N ASP A 36 -7.43 11.68 -9.00
CA ASP A 36 -6.23 12.14 -9.72
C ASP A 36 -4.97 11.29 -9.48
N ALA A 37 -3.93 11.49 -10.31
CA ALA A 37 -2.62 10.88 -10.18
C ALA A 37 -1.54 11.89 -10.60
N ASN A 38 -0.49 12.03 -9.78
CA ASN A 38 0.54 13.06 -9.92
C ASN A 38 1.92 12.44 -9.60
N VAL A 39 2.94 12.60 -10.44
CA VAL A 39 4.29 12.05 -10.19
C VAL A 39 5.31 13.14 -9.82
N ASN A 40 6.03 12.92 -8.72
CA ASN A 40 7.29 13.58 -8.42
C ASN A 40 8.43 12.79 -9.10
N LEU A 41 8.92 13.30 -10.24
CA LEU A 41 9.89 12.59 -11.07
C LEU A 41 11.30 12.65 -10.46
N ALA A 42 11.62 13.71 -9.71
CA ALA A 42 12.88 13.85 -8.94
C ALA A 42 13.10 12.73 -7.88
N THR A 43 12.08 11.90 -7.59
CA THR A 43 12.19 10.65 -6.83
C THR A 43 11.35 9.51 -7.43
N GLU A 44 11.06 9.56 -8.74
CA GLU A 44 10.34 8.57 -9.56
C GLU A 44 9.09 7.93 -8.88
N THR A 45 8.33 8.75 -8.14
CA THR A 45 7.23 8.31 -7.28
C THR A 45 5.92 8.92 -7.74
N SER A 46 4.95 8.06 -8.04
CA SER A 46 3.59 8.45 -8.43
C SER A 46 2.64 8.37 -7.23
N ASN A 47 1.77 9.37 -7.09
CA ASN A 47 0.88 9.61 -5.96
C ASN A 47 -0.55 9.67 -6.50
N VAL A 48 -1.44 8.77 -6.07
CA VAL A 48 -2.76 8.55 -6.70
C VAL A 48 -3.88 8.54 -5.65
N ILE A 49 -4.99 9.22 -5.96
CA ILE A 49 -6.12 9.48 -5.06
C ILE A 49 -7.43 9.09 -5.75
N TYR A 50 -8.24 8.25 -5.10
CA TYR A 50 -9.39 7.57 -5.70
C TYR A 50 -10.55 7.27 -4.74
N ASP A 51 -11.74 7.02 -5.32
CA ASP A 51 -12.90 6.45 -4.63
C ASP A 51 -12.79 4.91 -4.57
N PRO A 52 -12.74 4.32 -3.35
CA PRO A 52 -12.55 2.88 -3.14
C PRO A 52 -13.81 2.00 -3.29
N ALA A 53 -14.94 2.55 -3.76
CA ALA A 53 -16.09 1.76 -4.21
C ALA A 53 -15.91 1.35 -5.68
N GLU A 54 -15.51 2.32 -6.50
CA GLU A 54 -15.17 2.15 -7.91
C GLU A 54 -13.79 1.51 -8.13
N THR A 55 -12.79 1.80 -7.28
CA THR A 55 -11.38 1.49 -7.57
C THR A 55 -10.75 0.67 -6.44
N GLY A 56 -10.48 -0.61 -6.69
CA GLY A 56 -9.91 -1.54 -5.70
C GLY A 56 -8.39 -1.44 -5.59
N THR A 57 -7.82 -1.76 -4.41
CA THR A 57 -6.40 -1.52 -4.07
C THR A 57 -5.42 -2.20 -5.03
N ALA A 58 -5.69 -3.46 -5.40
CA ALA A 58 -4.88 -4.22 -6.36
C ALA A 58 -4.82 -3.56 -7.75
N ALA A 59 -5.92 -2.95 -8.22
CA ALA A 59 -5.99 -2.27 -9.50
C ALA A 59 -5.10 -1.01 -9.55
N ILE A 60 -4.74 -0.43 -8.39
CA ILE A 60 -3.87 0.76 -8.30
C ILE A 60 -2.44 0.42 -8.72
N GLN A 61 -1.85 -0.66 -8.20
CA GLN A 61 -0.55 -1.12 -8.68
C GLN A 61 -0.67 -1.71 -10.09
N GLU A 62 -1.70 -2.53 -10.35
CA GLU A 62 -1.83 -3.24 -11.62
C GLU A 62 -2.00 -2.28 -12.80
N LYS A 63 -2.71 -1.16 -12.67
CA LYS A 63 -2.82 -0.20 -13.77
C LYS A 63 -1.49 0.52 -14.05
N ILE A 64 -0.61 0.70 -13.06
CA ILE A 64 0.76 1.22 -13.27
C ILE A 64 1.61 0.18 -13.99
N GLU A 65 1.64 -1.06 -13.49
CA GLU A 65 2.32 -2.20 -14.12
C GLU A 65 1.84 -2.40 -15.58
N LYS A 66 0.57 -2.08 -15.88
CA LYS A 66 0.00 -2.20 -17.23
C LYS A 66 0.62 -1.25 -18.28
N LEU A 67 1.29 -0.17 -17.87
CA LEU A 67 2.05 0.67 -18.82
C LEU A 67 3.39 0.03 -19.23
N GLY A 68 3.85 -1.04 -18.57
CA GLY A 68 5.12 -1.72 -18.89
C GLY A 68 6.33 -1.05 -18.23
N TYR A 69 6.13 -0.56 -17.01
CA TYR A 69 7.14 -0.13 -16.04
C TYR A 69 6.95 -0.96 -14.75
N HIS A 70 7.98 -1.17 -13.94
CA HIS A 70 7.83 -2.03 -12.75
C HIS A 70 7.76 -1.19 -11.47
N VAL A 71 6.68 -1.32 -10.67
CA VAL A 71 6.62 -0.74 -9.33
C VAL A 71 7.58 -1.51 -8.42
N VAL A 72 8.31 -0.83 -7.52
CA VAL A 72 9.46 -1.43 -6.80
C VAL A 72 9.03 -2.23 -5.56
N THR A 73 8.12 -3.17 -5.77
CA THR A 73 7.35 -3.88 -4.74
C THR A 73 7.90 -5.27 -4.45
N GLU A 74 7.90 -5.63 -3.16
CA GLU A 74 8.16 -6.99 -2.67
C GLU A 74 7.16 -7.35 -1.56
N LYS A 75 7.21 -8.61 -1.12
CA LYS A 75 6.34 -9.16 -0.07
C LYS A 75 7.09 -9.35 1.28
N ALA A 76 6.35 -9.32 2.38
CA ALA A 76 6.84 -9.62 3.74
C ALA A 76 5.72 -10.20 4.62
N GLU A 77 6.08 -10.77 5.77
CA GLU A 77 5.16 -11.13 6.85
C GLU A 77 5.63 -10.56 8.21
N PHE A 78 4.65 -10.16 9.02
CA PHE A 78 4.83 -9.62 10.37
C PHE A 78 3.85 -10.29 11.35
N ASP A 79 4.17 -10.26 12.65
CA ASP A 79 3.46 -10.93 13.74
C ASP A 79 2.70 -9.90 14.60
N ILE A 80 1.41 -10.12 14.87
CA ILE A 80 0.56 -9.22 15.67
C ILE A 80 0.16 -9.84 17.00
N GLU A 81 1.14 -10.20 17.83
CA GLU A 81 0.88 -10.63 19.20
C GLU A 81 0.06 -9.58 19.95
N GLY A 82 -1.20 -9.89 20.21
CA GLY A 82 -2.18 -8.89 20.61
C GLY A 82 -3.54 -9.15 19.97
N MET A 83 -3.53 -9.45 18.67
CA MET A 83 -4.71 -9.85 17.89
C MET A 83 -4.96 -11.36 18.08
N THR A 84 -6.20 -11.76 18.35
CA THR A 84 -6.57 -13.15 18.72
C THR A 84 -7.78 -13.71 17.97
N CYS A 85 -8.34 -12.97 17.01
CA CYS A 85 -9.69 -13.17 16.48
C CYS A 85 -9.90 -12.42 15.15
N ALA A 86 -10.78 -12.91 14.27
CA ALA A 86 -11.19 -12.19 13.06
C ALA A 86 -11.70 -10.77 13.35
N ALA A 87 -12.37 -10.56 14.49
CA ALA A 87 -12.81 -9.25 14.96
C ALA A 87 -11.67 -8.31 15.41
N CYS A 88 -10.48 -8.85 15.74
CA CYS A 88 -9.26 -8.07 15.92
C CYS A 88 -8.57 -7.81 14.58
N ALA A 89 -8.45 -8.85 13.76
CA ALA A 89 -7.84 -8.79 12.43
C ALA A 89 -8.49 -7.70 11.56
N ASN A 90 -9.81 -7.72 11.37
CA ASN A 90 -10.52 -6.75 10.53
C ASN A 90 -10.24 -5.28 10.92
N ARG A 91 -10.08 -4.98 12.22
CA ARG A 91 -9.76 -3.62 12.70
C ARG A 91 -8.37 -3.15 12.25
N ILE A 92 -7.33 -3.98 12.42
CA ILE A 92 -5.97 -3.65 11.96
C ILE A 92 -5.82 -3.77 10.44
N GLU A 93 -6.45 -4.78 9.83
CA GLU A 93 -6.45 -5.03 8.38
C GLU A 93 -6.96 -3.80 7.63
N LYS A 94 -8.06 -3.19 8.06
CA LYS A 94 -8.58 -1.96 7.43
C LYS A 94 -7.58 -0.79 7.35
N ARG A 95 -6.51 -0.77 8.17
CA ARG A 95 -5.34 0.08 7.93
C ARG A 95 -4.25 -0.65 7.14
N LEU A 96 -3.75 -1.79 7.62
CA LEU A 96 -2.66 -2.58 7.01
C LEU A 96 -2.84 -2.83 5.52
N ASN A 97 -4.07 -3.13 5.09
CA ASN A 97 -4.45 -3.49 3.73
C ASN A 97 -4.05 -2.44 2.68
N LYS A 98 -3.97 -1.15 3.06
CA LYS A 98 -3.81 -0.02 2.13
C LYS A 98 -2.90 1.12 2.64
N ILE A 99 -2.56 1.15 3.94
CA ILE A 99 -1.92 2.23 4.73
C ILE A 99 -1.79 3.57 4.00
N GLU A 100 -0.65 3.75 3.34
CA GLU A 100 -0.07 4.95 2.74
C GLU A 100 1.37 4.51 2.42
N GLY A 101 1.52 3.90 1.24
CA GLY A 101 2.80 3.37 0.74
C GLY A 101 2.86 1.86 0.54
N VAL A 102 1.74 1.16 0.71
CA VAL A 102 1.57 -0.30 0.55
C VAL A 102 0.48 -0.59 -0.48
N ALA A 103 0.54 -1.74 -1.15
CA ALA A 103 -0.43 -2.15 -2.18
C ALA A 103 -1.49 -3.11 -1.61
N ASN A 104 -1.07 -4.16 -0.90
CA ASN A 104 -2.00 -5.10 -0.25
C ASN A 104 -1.52 -5.54 1.14
N ALA A 105 -2.44 -5.98 2.00
CA ALA A 105 -2.14 -6.80 3.18
C ALA A 105 -3.37 -7.54 3.73
N PRO A 106 -3.43 -8.89 3.64
CA PRO A 106 -4.44 -9.69 4.33
C PRO A 106 -3.88 -10.25 5.66
N VAL A 107 -4.64 -10.08 6.75
CA VAL A 107 -4.26 -10.50 8.12
C VAL A 107 -4.73 -11.95 8.39
N ASN A 108 -3.86 -12.75 9.00
CA ASN A 108 -4.09 -14.14 9.38
C ASN A 108 -4.87 -14.29 10.70
N PHE A 109 -5.82 -15.22 10.74
CA PHE A 109 -6.75 -15.41 11.86
C PHE A 109 -6.34 -16.50 12.87
N ALA A 110 -5.46 -17.44 12.46
CA ALA A 110 -5.06 -18.61 13.24
C ALA A 110 -3.60 -18.55 13.73
N LEU A 111 -2.73 -17.85 12.99
CA LEU A 111 -1.32 -17.66 13.32
C LEU A 111 -1.08 -16.40 14.18
N GLU A 112 -1.95 -15.39 14.03
CA GLU A 112 -1.82 -14.04 14.59
C GLU A 112 -0.68 -13.26 13.88
N THR A 113 -0.64 -13.38 12.54
CA THR A 113 0.34 -12.76 11.62
C THR A 113 -0.41 -11.95 10.57
N VAL A 114 0.30 -11.17 9.77
CA VAL A 114 -0.23 -10.47 8.58
C VAL A 114 0.81 -10.52 7.47
N THR A 115 0.35 -10.76 6.25
CA THR A 115 1.15 -10.77 5.03
C THR A 115 1.00 -9.41 4.36
N VAL A 116 2.08 -8.82 3.84
CA VAL A 116 2.10 -7.46 3.29
C VAL A 116 2.80 -7.44 1.91
N GLU A 117 2.26 -6.65 0.98
CA GLU A 117 2.81 -6.37 -0.36
C GLU A 117 2.97 -4.85 -0.52
N TYR A 118 4.21 -4.40 -0.71
CA TYR A 118 4.60 -2.98 -0.60
C TYR A 118 5.97 -2.64 -1.20
N ASN A 119 6.32 -1.35 -1.28
CA ASN A 119 7.66 -0.88 -1.66
C ASN A 119 8.45 -0.35 -0.44
N PRO A 120 9.79 -0.50 -0.41
CA PRO A 120 10.65 -0.07 0.71
C PRO A 120 10.99 1.43 0.69
N LYS A 121 10.29 2.26 -0.11
CA LYS A 121 10.55 3.71 -0.22
C LYS A 121 9.53 4.54 0.58
N GLU A 122 8.24 4.21 0.46
CA GLU A 122 7.11 4.97 1.02
C GLU A 122 6.52 4.40 2.34
N ALA A 123 6.99 3.24 2.81
CA ALA A 123 6.58 2.68 4.10
C ALA A 123 7.70 1.89 4.79
N SER A 124 7.74 1.96 6.12
CA SER A 124 8.76 1.39 6.99
C SER A 124 8.13 0.76 8.26
N VAL A 125 8.96 0.28 9.17
CA VAL A 125 8.55 -0.15 10.53
C VAL A 125 8.03 1.01 11.38
N SER A 126 8.34 2.27 11.02
CA SER A 126 7.65 3.44 11.59
C SER A 126 6.14 3.40 11.29
N ASP A 127 5.77 3.30 10.01
CA ASP A 127 4.39 3.27 9.53
C ASP A 127 3.60 2.11 10.12
N LEU A 128 4.21 0.91 10.10
CA LEU A 128 3.64 -0.35 10.58
C LEU A 128 3.42 -0.30 12.09
N LYS A 129 4.44 0.07 12.88
CA LYS A 129 4.26 0.23 14.32
C LYS A 129 3.20 1.29 14.62
N GLU A 130 3.27 2.52 14.11
CA GLU A 130 2.24 3.54 14.39
C GLU A 130 0.83 3.12 13.93
N ALA A 131 0.70 2.32 12.87
CA ALA A 131 -0.59 1.77 12.42
C ALA A 131 -1.23 0.77 13.40
N VAL A 132 -0.42 0.05 14.18
CA VAL A 132 -0.87 -1.01 15.11
C VAL A 132 -0.80 -0.61 16.60
N ASP A 133 0.16 0.24 16.98
CA ASP A 133 0.41 0.68 18.36
C ASP A 133 -0.85 1.29 18.97
N LYS A 134 -1.43 2.28 18.26
CA LYS A 134 -2.61 3.02 18.72
C LYS A 134 -3.92 2.19 18.71
N LEU A 135 -3.92 1.00 18.10
CA LEU A 135 -5.03 0.02 18.20
C LEU A 135 -4.89 -0.87 19.45
N GLY A 136 -3.73 -0.84 20.13
CA GLY A 136 -3.45 -1.47 21.43
C GLY A 136 -2.38 -2.56 21.40
N TYR A 137 -2.10 -3.13 20.23
CA TYR A 137 -1.17 -4.26 20.06
C TYR A 137 0.27 -3.80 19.73
N LYS A 138 1.12 -4.68 19.18
CA LYS A 138 2.39 -4.31 18.57
C LYS A 138 2.63 -5.17 17.30
N LEU A 139 3.66 -4.82 16.51
CA LEU A 139 4.13 -5.63 15.39
C LEU A 139 5.57 -6.07 15.62
N LYS A 140 5.84 -7.36 15.36
CA LYS A 140 7.18 -7.95 15.40
C LYS A 140 7.52 -8.55 14.03
N LEU A 141 8.78 -8.47 13.60
CA LEU A 141 9.18 -8.95 12.26
C LEU A 141 9.54 -10.42 12.26
N LYS A 142 9.28 -11.08 11.13
CA LYS A 142 9.48 -12.51 10.96
C LYS A 142 10.83 -12.73 10.27
N GLY A 143 11.68 -13.55 10.87
CA GLY A 143 13.11 -13.66 10.57
C GLY A 143 13.87 -12.44 11.12
N GLU A 144 13.47 -11.23 10.70
CA GLU A 144 14.14 -9.97 11.02
C GLU A 144 14.04 -9.53 12.50
N GLN A 145 13.25 -10.21 13.34
CA GLN A 145 13.17 -9.90 14.77
C GLN A 145 12.84 -11.12 15.64
N ASP A 146 11.59 -11.59 15.62
CA ASP A 146 11.07 -12.56 16.59
C ASP A 146 10.96 -13.99 16.05
N SER A 147 11.21 -14.14 14.73
CA SER A 147 11.61 -15.37 14.01
C SER A 147 10.50 -16.00 13.16
N MET A 1 -8.61 12.35 6.36
CA MET A 1 -9.75 11.52 5.90
C MET A 1 -10.61 12.33 4.95
N LEU A 2 -10.70 11.94 3.68
CA LEU A 2 -11.76 12.37 2.75
C LEU A 2 -12.97 11.46 2.94
N SER A 3 -14.17 11.91 2.55
CA SER A 3 -15.43 11.23 2.92
C SER A 3 -15.55 9.80 2.35
N GLU A 4 -15.08 9.57 1.13
CA GLU A 4 -14.92 8.22 0.56
C GLU A 4 -13.83 8.10 -0.52
N GLN A 5 -13.29 9.20 -1.07
CA GLN A 5 -12.09 9.13 -1.92
C GLN A 5 -10.88 8.72 -1.06
N LYS A 6 -10.00 7.85 -1.56
CA LYS A 6 -8.90 7.25 -0.77
C LYS A 6 -7.54 7.29 -1.48
N GLU A 7 -6.49 7.49 -0.72
CA GLU A 7 -5.13 7.81 -1.16
C GLU A 7 -4.15 6.62 -1.14
N ILE A 8 -3.06 6.72 -1.92
CA ILE A 8 -1.88 5.83 -1.96
C ILE A 8 -0.69 6.55 -2.63
N ALA A 9 0.56 6.21 -2.28
CA ALA A 9 1.75 6.67 -2.99
C ALA A 9 2.81 5.54 -3.10
N MET A 10 3.55 5.44 -4.20
CA MET A 10 4.41 4.28 -4.51
C MET A 10 5.48 4.60 -5.58
N GLN A 11 6.69 4.00 -5.53
CA GLN A 11 7.70 4.20 -6.59
C GLN A 11 7.41 3.28 -7.79
N VAL A 12 7.37 3.86 -8.99
CA VAL A 12 7.28 3.17 -10.28
C VAL A 12 8.55 3.45 -11.07
N SER A 13 9.30 2.41 -11.44
CA SER A 13 10.69 2.54 -11.89
C SER A 13 10.96 2.12 -13.33
N GLY A 14 11.82 2.91 -13.99
CA GLY A 14 12.17 2.83 -15.41
C GLY A 14 11.71 4.07 -16.19
N MET A 15 11.49 5.22 -15.54
CA MET A 15 10.89 6.41 -16.17
C MET A 15 11.89 7.30 -16.94
N THR A 16 13.07 6.79 -17.31
CA THR A 16 14.20 7.56 -17.90
C THR A 16 13.98 8.04 -19.34
N CYS A 17 12.75 7.99 -19.88
CA CYS A 17 12.35 8.66 -21.12
C CYS A 17 11.50 9.93 -20.84
N ALA A 18 11.31 10.28 -19.56
CA ALA A 18 10.58 11.43 -19.01
C ALA A 18 9.06 11.33 -19.19
N ALA A 19 8.59 11.20 -20.45
CA ALA A 19 7.19 11.07 -20.82
C ALA A 19 6.51 9.81 -20.25
N CYS A 20 7.28 8.86 -19.71
CA CYS A 20 6.81 7.82 -18.80
C CYS A 20 5.87 8.39 -17.71
N ALA A 21 6.26 9.51 -17.08
CA ALA A 21 5.43 10.25 -16.12
C ALA A 21 4.06 10.63 -16.71
N ALA A 22 4.08 11.38 -17.82
CA ALA A 22 2.90 11.79 -18.58
C ALA A 22 2.03 10.60 -19.07
N ARG A 23 2.63 9.42 -19.23
CA ARG A 23 1.96 8.18 -19.60
C ARG A 23 1.30 7.48 -18.39
N ILE A 24 1.88 7.54 -17.17
CA ILE A 24 1.28 6.98 -15.94
C ILE A 24 0.01 7.71 -15.58
N GLU A 25 0.06 9.05 -15.47
CA GLU A 25 -1.11 9.85 -15.09
C GLU A 25 -2.27 9.66 -16.07
N LYS A 26 -2.02 9.70 -17.39
CA LYS A 26 -3.05 9.47 -18.39
C LYS A 26 -3.54 8.02 -18.47
N GLY A 27 -2.73 7.04 -18.03
CA GLY A 27 -3.11 5.62 -17.85
C GLY A 27 -4.08 5.43 -16.69
N LEU A 28 -3.84 6.08 -15.55
CA LEU A 28 -4.76 6.08 -14.40
C LEU A 28 -6.03 6.88 -14.70
N LYS A 29 -5.89 8.14 -15.14
CA LYS A 29 -6.98 9.11 -15.38
C LYS A 29 -8.04 8.65 -16.40
N ARG A 30 -7.76 7.55 -17.12
CA ARG A 30 -8.69 6.80 -17.97
C ARG A 30 -9.87 6.20 -17.19
N MET A 31 -9.70 5.93 -15.88
CA MET A 31 -10.64 5.20 -15.02
C MET A 31 -11.83 6.06 -14.59
N PRO A 32 -13.05 5.51 -14.50
CA PRO A 32 -14.19 6.20 -13.89
C PRO A 32 -13.95 6.42 -12.39
N GLY A 33 -13.31 5.47 -11.71
CA GLY A 33 -13.05 5.48 -10.27
C GLY A 33 -11.65 5.92 -9.87
N VAL A 34 -10.99 6.79 -10.64
CA VAL A 34 -9.82 7.56 -10.14
C VAL A 34 -10.16 9.04 -10.12
N THR A 35 -9.79 9.76 -9.05
CA THR A 35 -10.13 11.18 -8.84
C THR A 35 -8.92 12.10 -9.00
N ASP A 36 -7.70 11.62 -8.77
CA ASP A 36 -6.46 12.26 -9.27
C ASP A 36 -5.25 11.31 -9.25
N ALA A 37 -4.25 11.58 -10.11
CA ALA A 37 -2.96 10.92 -10.14
C ALA A 37 -1.85 11.94 -10.44
N ASN A 38 -0.77 11.92 -9.65
CA ASN A 38 0.35 12.87 -9.72
C ASN A 38 1.66 12.12 -9.53
N VAL A 39 2.52 12.04 -10.56
CA VAL A 39 3.77 11.27 -10.50
C VAL A 39 5.01 12.18 -10.45
N ASN A 40 5.80 12.01 -9.39
CA ASN A 40 7.02 12.75 -9.10
C ASN A 40 8.20 12.24 -9.94
N LEU A 41 8.50 12.92 -11.04
CA LEU A 41 9.68 12.66 -11.88
C LEU A 41 10.99 13.23 -11.28
N ALA A 42 10.91 14.11 -10.27
CA ALA A 42 12.06 14.51 -9.44
C ALA A 42 12.39 13.46 -8.35
N THR A 43 11.74 12.29 -8.40
CA THR A 43 12.15 10.99 -7.84
C THR A 43 11.60 9.95 -8.83
N GLU A 44 10.64 9.11 -8.46
CA GLU A 44 9.96 8.14 -9.36
C GLU A 44 8.59 7.72 -8.76
N THR A 45 7.89 8.65 -8.10
CA THR A 45 6.87 8.34 -7.07
C THR A 45 5.49 8.72 -7.54
N SER A 46 4.63 7.74 -7.79
CA SER A 46 3.24 7.94 -8.20
C SER A 46 2.32 8.05 -6.98
N ASN A 47 1.70 9.23 -6.80
CA ASN A 47 0.75 9.55 -5.75
C ASN A 47 -0.66 9.53 -6.37
N VAL A 48 -1.59 8.73 -5.85
CA VAL A 48 -2.89 8.44 -6.51
C VAL A 48 -4.04 8.54 -5.50
N ILE A 49 -5.17 9.08 -5.92
CA ILE A 49 -6.41 9.17 -5.14
C ILE A 49 -7.58 8.62 -5.98
N TYR A 50 -8.29 7.63 -5.44
CA TYR A 50 -9.27 6.78 -6.14
C TYR A 50 -10.61 6.62 -5.40
N ASP A 51 -11.60 6.03 -6.08
CA ASP A 51 -12.94 5.72 -5.57
C ASP A 51 -13.03 4.22 -5.19
N PRO A 52 -13.29 3.87 -3.91
CA PRO A 52 -13.28 2.48 -3.43
C PRO A 52 -14.57 1.68 -3.72
N ALA A 53 -15.60 2.29 -4.34
CA ALA A 53 -16.76 1.55 -4.85
C ALA A 53 -16.59 1.23 -6.35
N GLU A 54 -16.12 2.20 -7.12
CA GLU A 54 -15.99 2.11 -8.59
C GLU A 54 -14.60 1.65 -9.06
N THR A 55 -13.67 1.33 -8.14
CA THR A 55 -12.25 0.97 -8.37
C THR A 55 -11.64 0.39 -7.08
N GLY A 56 -10.48 -0.25 -7.17
CA GLY A 56 -9.73 -0.79 -6.02
C GLY A 56 -8.22 -0.59 -6.13
N THR A 57 -7.51 -0.67 -4.98
CA THR A 57 -6.03 -0.52 -4.88
C THR A 57 -5.28 -1.38 -5.91
N ALA A 58 -5.64 -2.66 -6.01
CA ALA A 58 -5.01 -3.55 -6.98
C ALA A 58 -5.33 -3.20 -8.45
N ALA A 59 -6.50 -2.62 -8.72
CA ALA A 59 -6.92 -2.27 -10.07
C ALA A 59 -6.16 -1.04 -10.59
N ILE A 60 -5.76 -0.12 -9.70
CA ILE A 60 -4.86 0.99 -10.02
C ILE A 60 -3.39 0.59 -10.05
N GLN A 61 -2.89 -0.31 -9.19
CA GLN A 61 -1.50 -0.81 -9.32
C GLN A 61 -1.31 -1.56 -10.65
N GLU A 62 -2.30 -2.35 -11.06
CA GLU A 62 -2.37 -2.98 -12.39
C GLU A 62 -2.36 -1.93 -13.52
N LYS A 63 -3.04 -0.78 -13.34
CA LYS A 63 -3.00 0.32 -14.32
C LYS A 63 -1.68 1.12 -14.31
N ILE A 64 -0.76 0.90 -13.37
CA ILE A 64 0.63 1.38 -13.48
C ILE A 64 1.44 0.39 -14.32
N GLU A 65 1.46 -0.89 -13.92
CA GLU A 65 2.17 -1.97 -14.62
C GLU A 65 1.84 -2.04 -16.13
N LYS A 66 0.58 -1.78 -16.51
CA LYS A 66 0.14 -1.83 -17.91
C LYS A 66 0.87 -0.85 -18.86
N LEU A 67 1.63 0.13 -18.35
CA LEU A 67 2.42 1.05 -19.19
C LEU A 67 3.84 0.55 -19.48
N GLY A 68 4.34 -0.48 -18.77
CA GLY A 68 5.68 -1.03 -19.01
C GLY A 68 6.81 -0.27 -18.30
N TYR A 69 6.48 0.48 -17.24
CA TYR A 69 7.41 1.00 -16.23
C TYR A 69 6.89 0.47 -14.88
N HIS A 70 7.75 -0.09 -14.02
CA HIS A 70 7.26 -1.14 -13.10
C HIS A 70 7.29 -0.74 -11.62
N VAL A 71 6.23 -1.08 -10.89
CA VAL A 71 6.06 -0.75 -9.47
C VAL A 71 7.12 -1.48 -8.64
N VAL A 72 7.89 -0.72 -7.86
CA VAL A 72 8.82 -1.28 -6.87
C VAL A 72 7.99 -1.78 -5.68
N THR A 73 7.93 -3.10 -5.47
CA THR A 73 7.12 -3.73 -4.42
C THR A 73 7.57 -5.16 -4.13
N GLU A 74 7.39 -5.62 -2.89
CA GLU A 74 7.36 -7.05 -2.56
C GLU A 74 6.48 -7.34 -1.35
N LYS A 75 6.23 -8.62 -1.03
CA LYS A 75 5.48 -9.00 0.18
C LYS A 75 6.43 -9.22 1.38
N ALA A 76 6.31 -8.36 2.40
CA ALA A 76 6.80 -8.66 3.75
C ALA A 76 5.68 -9.35 4.55
N GLU A 77 6.04 -10.20 5.50
CA GLU A 77 5.12 -10.80 6.46
C GLU A 77 5.61 -10.57 7.90
N PHE A 78 4.67 -10.46 8.83
CA PHE A 78 4.91 -10.08 10.22
C PHE A 78 4.05 -10.90 11.17
N ASP A 79 4.56 -11.11 12.38
CA ASP A 79 3.94 -11.87 13.45
C ASP A 79 3.40 -10.90 14.51
N ILE A 80 2.14 -11.02 14.90
CA ILE A 80 1.53 -10.28 16.01
C ILE A 80 1.49 -11.19 17.22
N GLU A 81 1.60 -10.60 18.40
CA GLU A 81 1.16 -11.24 19.64
C GLU A 81 0.22 -10.27 20.36
N GLY A 82 -1.09 -10.48 20.24
CA GLY A 82 -2.05 -9.53 20.82
C GLY A 82 -3.52 -9.64 20.37
N MET A 83 -3.88 -10.59 19.50
CA MET A 83 -5.12 -10.53 18.69
C MET A 83 -5.78 -11.89 18.44
N THR A 84 -6.17 -12.56 19.52
CA THR A 84 -6.81 -13.91 19.58
C THR A 84 -8.19 -14.04 18.93
N CYS A 85 -8.58 -13.13 18.03
CA CYS A 85 -9.89 -13.10 17.36
C CYS A 85 -9.81 -12.37 16.01
N ALA A 86 -10.60 -12.81 15.03
CA ALA A 86 -10.73 -12.16 13.72
C ALA A 86 -11.19 -10.68 13.82
N ALA A 87 -11.97 -10.32 14.84
CA ALA A 87 -12.29 -8.92 15.13
C ALA A 87 -11.05 -8.10 15.56
N CYS A 88 -10.14 -8.71 16.32
CA CYS A 88 -8.87 -8.10 16.73
C CYS A 88 -7.89 -7.94 15.56
N ALA A 89 -7.87 -8.88 14.62
CA ALA A 89 -7.20 -8.73 13.34
C ALA A 89 -7.79 -7.56 12.53
N ASN A 90 -9.09 -7.58 12.24
CA ASN A 90 -9.75 -6.56 11.42
C ASN A 90 -9.61 -5.13 12.00
N ARG A 91 -9.56 -5.00 13.35
CA ARG A 91 -9.21 -3.78 14.07
C ARG A 91 -7.88 -3.14 13.63
N ILE A 92 -6.83 -3.92 13.37
CA ILE A 92 -5.57 -3.35 12.80
C ILE A 92 -5.59 -3.32 11.27
N GLU A 93 -6.20 -4.32 10.63
CA GLU A 93 -6.30 -4.46 9.17
C GLU A 93 -6.80 -3.17 8.50
N LYS A 94 -7.81 -2.52 9.08
CA LYS A 94 -8.38 -1.27 8.60
C LYS A 94 -7.36 -0.14 8.40
N ARG A 95 -6.25 -0.14 9.14
CA ARG A 95 -5.11 0.79 8.95
C ARG A 95 -3.93 0.15 8.20
N LEU A 96 -3.64 -1.14 8.42
CA LEU A 96 -2.62 -1.90 7.65
C LEU A 96 -2.84 -1.83 6.14
N ASN A 97 -4.10 -2.02 5.69
CA ASN A 97 -4.55 -2.03 4.31
C ASN A 97 -3.85 -1.03 3.39
N LYS A 98 -3.71 0.22 3.83
CA LYS A 98 -2.92 1.27 3.20
C LYS A 98 -2.31 2.21 4.28
N ILE A 99 -1.13 1.84 4.79
CA ILE A 99 -0.26 2.76 5.55
C ILE A 99 0.40 3.74 4.58
N GLU A 100 1.71 3.64 4.37
CA GLU A 100 2.45 4.43 3.40
C GLU A 100 3.21 3.42 2.55
N GLY A 101 2.99 3.46 1.24
CA GLY A 101 3.69 2.59 0.28
C GLY A 101 3.08 1.20 0.14
N VAL A 102 2.25 0.79 1.10
CA VAL A 102 1.44 -0.43 1.07
C VAL A 102 0.40 -0.40 -0.07
N ALA A 103 0.43 -1.44 -0.91
CA ALA A 103 -0.56 -1.70 -1.96
C ALA A 103 -1.67 -2.64 -1.47
N ASN A 104 -1.32 -3.73 -0.76
CA ASN A 104 -2.30 -4.67 -0.20
C ASN A 104 -1.83 -5.21 1.16
N ALA A 105 -2.68 -5.22 2.19
CA ALA A 105 -2.37 -5.91 3.45
C ALA A 105 -3.61 -6.57 4.10
N PRO A 106 -3.81 -7.89 3.89
CA PRO A 106 -4.77 -8.69 4.65
C PRO A 106 -4.11 -9.29 5.89
N VAL A 107 -4.83 -9.28 7.01
CA VAL A 107 -4.38 -9.87 8.29
C VAL A 107 -5.00 -11.26 8.44
N ASN A 108 -4.28 -12.17 9.10
CA ASN A 108 -4.73 -13.53 9.38
C ASN A 108 -5.67 -13.55 10.62
N PHE A 109 -5.63 -14.62 11.41
CA PHE A 109 -6.40 -14.76 12.65
C PHE A 109 -5.65 -15.67 13.63
N ALA A 110 -5.81 -17.00 13.52
CA ALA A 110 -5.32 -17.97 14.51
C ALA A 110 -3.79 -17.95 14.71
N LEU A 111 -3.06 -17.75 13.61
CA LEU A 111 -1.62 -17.51 13.55
C LEU A 111 -1.19 -16.23 14.29
N GLU A 112 -2.11 -15.28 14.42
CA GLU A 112 -1.89 -13.86 14.72
C GLU A 112 -0.71 -13.34 13.85
N THR A 113 -0.91 -13.25 12.54
CA THR A 113 0.09 -12.77 11.55
C THR A 113 -0.57 -11.82 10.54
N VAL A 114 0.21 -11.08 9.77
CA VAL A 114 -0.27 -10.23 8.65
C VAL A 114 0.71 -10.29 7.47
N THR A 115 0.18 -10.26 6.25
CA THR A 115 0.94 -10.18 4.99
C THR A 115 0.79 -8.78 4.44
N VAL A 116 1.89 -8.17 3.99
CA VAL A 116 1.94 -6.77 3.56
C VAL A 116 2.69 -6.68 2.22
N GLU A 117 1.97 -6.45 1.13
CA GLU A 117 2.50 -6.14 -0.20
C GLU A 117 2.68 -4.63 -0.30
N TYR A 118 3.95 -4.21 -0.39
CA TYR A 118 4.35 -2.80 -0.26
C TYR A 118 5.66 -2.39 -0.95
N ASN A 119 5.78 -1.08 -1.09
CA ASN A 119 6.99 -0.32 -1.37
C ASN A 119 7.58 0.26 -0.06
N PRO A 120 8.88 0.10 0.23
CA PRO A 120 9.47 0.52 1.51
C PRO A 120 9.94 1.98 1.55
N LYS A 121 10.13 2.67 0.42
CA LYS A 121 10.90 3.94 0.39
C LYS A 121 10.21 5.14 1.07
N GLU A 122 8.90 5.05 1.33
CA GLU A 122 8.08 6.04 2.04
C GLU A 122 7.69 5.58 3.47
N ALA A 123 8.28 4.48 3.99
CA ALA A 123 7.88 3.86 5.25
C ALA A 123 9.03 3.14 5.96
N SER A 124 8.74 2.51 7.09
CA SER A 124 9.67 1.79 7.96
C SER A 124 8.90 0.89 8.94
N VAL A 125 9.57 0.09 9.77
CA VAL A 125 8.91 -0.70 10.82
C VAL A 125 8.27 0.21 11.90
N SER A 126 8.67 1.49 11.99
CA SER A 126 7.98 2.45 12.86
C SER A 126 6.52 2.63 12.42
N ASP A 127 6.27 2.91 11.14
CA ASP A 127 4.96 3.21 10.58
C ASP A 127 3.98 2.02 10.76
N LEU A 128 4.50 0.80 10.67
CA LEU A 128 3.76 -0.44 10.90
C LEU A 128 3.41 -0.61 12.38
N LYS A 129 4.39 -0.43 13.29
CA LYS A 129 4.11 -0.44 14.72
C LYS A 129 3.13 0.68 15.10
N GLU A 130 3.30 1.90 14.59
CA GLU A 130 2.40 3.05 14.78
C GLU A 130 1.04 2.91 14.06
N ALA A 131 0.81 1.82 13.32
CA ALA A 131 -0.54 1.33 13.01
C ALA A 131 -1.12 0.42 14.10
N VAL A 132 -0.35 -0.56 14.58
CA VAL A 132 -0.78 -1.60 15.53
C VAL A 132 -0.85 -1.13 17.00
N ASP A 133 0.03 -0.22 17.42
CA ASP A 133 0.16 0.28 18.81
C ASP A 133 -1.08 1.08 19.26
N LYS A 134 -1.78 1.68 18.29
CA LYS A 134 -3.07 2.35 18.46
C LYS A 134 -4.19 1.40 18.93
N LEU A 135 -4.08 0.10 18.60
CA LEU A 135 -5.01 -0.96 19.01
C LEU A 135 -4.51 -1.77 20.22
N GLY A 136 -3.22 -1.66 20.56
CA GLY A 136 -2.60 -2.18 21.80
C GLY A 136 -1.77 -3.45 21.66
N TYR A 137 -1.47 -3.91 20.45
CA TYR A 137 -0.66 -5.13 20.20
C TYR A 137 0.81 -4.77 19.87
N LYS A 138 1.64 -5.73 19.42
CA LYS A 138 2.94 -5.45 18.81
C LYS A 138 3.20 -6.37 17.62
N LEU A 139 4.09 -5.93 16.74
CA LEU A 139 4.58 -6.67 15.58
C LEU A 139 6.02 -7.10 15.81
N LYS A 140 6.33 -8.37 15.56
CA LYS A 140 7.68 -8.89 15.40
C LYS A 140 7.92 -9.27 13.92
N LEU A 141 9.10 -8.98 13.38
CA LEU A 141 9.46 -9.27 11.98
C LEU A 141 9.75 -10.77 11.75
N LYS A 142 9.50 -11.23 10.52
CA LYS A 142 9.43 -12.66 10.16
C LYS A 142 10.63 -13.03 9.28
N GLY A 143 11.71 -13.46 9.94
CA GLY A 143 13.04 -13.69 9.34
C GLY A 143 14.03 -12.55 9.59
N GLU A 144 13.54 -11.35 9.96
CA GLU A 144 14.35 -10.22 10.43
C GLU A 144 13.99 -9.74 11.86
N GLN A 145 13.55 -10.65 12.74
CA GLN A 145 13.46 -10.38 14.18
C GLN A 145 13.30 -11.65 15.00
N ASP A 146 12.06 -12.08 15.27
CA ASP A 146 11.79 -13.26 16.10
C ASP A 146 11.94 -14.56 15.29
N SER A 147 11.72 -14.44 13.99
CA SER A 147 11.66 -15.47 12.95
C SER A 147 10.29 -16.10 12.83
N MET A 1 -21.83 15.85 -2.36
CA MET A 1 -22.56 14.57 -2.42
C MET A 1 -22.12 13.63 -1.30
N LEU A 2 -20.85 13.20 -1.29
CA LEU A 2 -20.21 12.43 -0.21
C LEU A 2 -18.82 13.01 0.09
N SER A 3 -18.04 12.41 1.00
CA SER A 3 -16.72 12.93 1.43
C SER A 3 -15.85 11.81 1.99
N GLU A 4 -15.40 10.89 1.11
CA GLU A 4 -14.86 9.58 1.52
C GLU A 4 -14.02 8.87 0.43
N GLN A 5 -13.40 9.60 -0.49
CA GLN A 5 -12.45 9.01 -1.45
C GLN A 5 -11.05 8.89 -0.82
N LYS A 6 -10.23 7.95 -1.33
CA LYS A 6 -8.98 7.48 -0.69
C LYS A 6 -7.70 8.07 -1.32
N GLU A 7 -6.56 7.95 -0.61
CA GLU A 7 -5.27 8.53 -0.95
C GLU A 7 -4.15 7.49 -0.80
N ILE A 8 -3.18 7.44 -1.73
CA ILE A 8 -2.05 6.50 -1.73
C ILE A 8 -0.91 7.00 -2.64
N ALA A 9 0.34 6.59 -2.34
CA ALA A 9 1.54 6.92 -3.12
C ALA A 9 2.63 5.84 -3.00
N MET A 10 3.45 5.65 -4.03
CA MET A 10 4.49 4.59 -4.12
C MET A 10 5.68 5.04 -4.99
N GLN A 11 6.92 4.62 -4.68
CA GLN A 11 8.02 4.66 -5.66
C GLN A 11 7.78 3.65 -6.78
N VAL A 12 8.24 3.98 -7.99
CA VAL A 12 8.19 3.13 -9.19
C VAL A 12 9.61 2.96 -9.77
N SER A 13 9.78 2.01 -10.70
CA SER A 13 10.98 1.81 -11.51
C SER A 13 10.66 1.93 -13.00
N GLY A 14 11.37 2.86 -13.66
CA GLY A 14 11.39 3.06 -15.11
C GLY A 14 10.92 4.44 -15.58
N MET A 15 10.70 5.40 -14.68
CA MET A 15 10.16 6.73 -15.00
C MET A 15 11.20 7.85 -15.17
N THR A 16 12.51 7.53 -15.18
CA THR A 16 13.57 8.41 -15.72
C THR A 16 13.40 8.54 -17.24
N CYS A 17 12.51 9.46 -17.64
CA CYS A 17 11.95 9.64 -18.99
C CYS A 17 10.95 10.81 -19.01
N ALA A 18 10.21 11.03 -17.91
CA ALA A 18 9.18 12.06 -17.69
C ALA A 18 7.88 11.77 -18.46
N ALA A 19 7.94 11.52 -19.77
CA ALA A 19 6.76 11.23 -20.62
C ALA A 19 6.11 9.87 -20.31
N CYS A 20 6.85 8.99 -19.64
CA CYS A 20 6.32 7.83 -18.89
C CYS A 20 5.23 8.20 -17.88
N ALA A 21 5.36 9.34 -17.17
CA ALA A 21 4.31 9.86 -16.29
C ALA A 21 3.06 10.22 -17.07
N ALA A 22 3.18 10.86 -18.24
CA ALA A 22 2.03 11.09 -19.13
C ALA A 22 1.33 9.78 -19.54
N ARG A 23 2.07 8.67 -19.70
CA ARG A 23 1.49 7.32 -19.88
C ARG A 23 0.86 6.73 -18.60
N ILE A 24 1.47 6.91 -17.42
CA ILE A 24 0.94 6.41 -16.14
C ILE A 24 -0.32 7.17 -15.71
N GLU A 25 -0.23 8.50 -15.68
CA GLU A 25 -1.32 9.39 -15.26
C GLU A 25 -2.53 9.21 -16.17
N LYS A 26 -2.35 9.10 -17.50
CA LYS A 26 -3.47 8.82 -18.40
C LYS A 26 -4.02 7.38 -18.27
N GLY A 27 -3.18 6.39 -17.91
CA GLY A 27 -3.57 5.00 -17.65
C GLY A 27 -4.44 4.87 -16.41
N LEU A 28 -4.16 5.65 -15.37
CA LEU A 28 -5.00 5.79 -14.18
C LEU A 28 -6.27 6.58 -14.51
N LYS A 29 -6.13 7.83 -14.96
CA LYS A 29 -7.22 8.79 -15.25
C LYS A 29 -8.26 8.28 -16.27
N ARG A 30 -7.92 7.23 -17.04
CA ARG A 30 -8.80 6.49 -17.93
C ARG A 30 -10.12 6.06 -17.24
N MET A 31 -10.04 5.51 -16.02
CA MET A 31 -11.18 4.90 -15.34
C MET A 31 -11.78 5.78 -14.22
N PRO A 32 -13.12 5.78 -14.02
CA PRO A 32 -13.79 6.48 -12.93
C PRO A 32 -13.42 5.94 -11.53
N GLY A 33 -12.68 4.83 -11.47
CA GLY A 33 -12.03 4.34 -10.25
C GLY A 33 -10.91 5.23 -9.71
N VAL A 34 -10.45 6.24 -10.47
CA VAL A 34 -9.55 7.29 -9.96
C VAL A 34 -10.21 8.66 -10.11
N THR A 35 -9.82 9.65 -9.29
CA THR A 35 -10.09 11.07 -9.61
C THR A 35 -8.83 11.77 -10.10
N ASP A 36 -7.69 11.59 -9.43
CA ASP A 36 -6.48 12.39 -9.69
C ASP A 36 -5.21 11.54 -9.59
N ALA A 37 -4.29 11.73 -10.54
CA ALA A 37 -2.95 11.12 -10.56
C ALA A 37 -1.89 12.22 -10.71
N ASN A 38 -0.84 12.12 -9.88
CA ASN A 38 0.18 13.17 -9.72
C ASN A 38 1.56 12.53 -9.48
N VAL A 39 2.43 12.56 -10.49
CA VAL A 39 3.83 12.14 -10.35
C VAL A 39 4.63 13.16 -9.52
N ASN A 40 5.50 12.67 -8.63
CA ASN A 40 6.65 13.40 -8.09
C ASN A 40 7.91 12.84 -8.78
N LEU A 41 8.28 13.45 -9.90
CA LEU A 41 9.30 12.91 -10.80
C LEU A 41 10.70 12.88 -10.16
N ALA A 42 11.07 13.95 -9.43
CA ALA A 42 12.40 14.15 -8.86
C ALA A 42 12.88 13.09 -7.85
N THR A 43 11.97 12.23 -7.36
CA THR A 43 12.28 11.06 -6.50
C THR A 43 11.81 9.72 -7.09
N GLU A 44 11.03 9.74 -8.19
CA GLU A 44 10.45 8.58 -8.89
C GLU A 44 9.25 7.94 -8.14
N THR A 45 8.38 8.80 -7.57
CA THR A 45 7.15 8.42 -6.84
C THR A 45 5.93 8.84 -7.62
N SER A 46 4.90 7.99 -7.63
CA SER A 46 3.56 8.32 -8.13
C SER A 46 2.57 8.43 -6.95
N ASN A 47 1.74 9.48 -6.94
CA ASN A 47 0.77 9.79 -5.88
C ASN A 47 -0.64 9.87 -6.48
N VAL A 48 -1.66 9.26 -5.88
CA VAL A 48 -3.02 9.22 -6.46
C VAL A 48 -4.12 9.43 -5.42
N ILE A 49 -5.26 9.96 -5.88
CA ILE A 49 -6.52 10.08 -5.13
C ILE A 49 -7.60 9.34 -5.94
N TYR A 50 -8.27 8.37 -5.31
CA TYR A 50 -9.03 7.33 -6.01
C TYR A 50 -10.39 6.99 -5.37
N ASP A 51 -11.29 6.41 -6.18
CA ASP A 51 -12.65 6.06 -5.80
C ASP A 51 -12.74 4.59 -5.32
N PRO A 52 -13.24 4.33 -4.09
CA PRO A 52 -13.23 2.99 -3.51
C PRO A 52 -14.34 2.06 -4.03
N ALA A 53 -15.18 2.48 -4.99
CA ALA A 53 -16.33 1.70 -5.47
C ALA A 53 -16.25 1.38 -6.97
N GLU A 54 -15.68 2.27 -7.80
CA GLU A 54 -15.44 2.03 -9.23
C GLU A 54 -14.10 1.33 -9.51
N THR A 55 -13.43 0.77 -8.49
CA THR A 55 -12.21 -0.05 -8.64
C THR A 55 -11.93 -0.90 -7.39
N GLY A 56 -10.71 -1.43 -7.29
CA GLY A 56 -10.16 -2.13 -6.13
C GLY A 56 -8.75 -1.64 -5.78
N THR A 57 -8.16 -2.20 -4.73
CA THR A 57 -6.84 -1.79 -4.19
C THR A 57 -5.71 -2.13 -5.17
N ALA A 58 -5.50 -3.42 -5.46
CA ALA A 58 -4.42 -3.86 -6.35
C ALA A 58 -4.60 -3.34 -7.79
N ALA A 59 -5.81 -2.99 -8.22
CA ALA A 59 -6.09 -2.39 -9.53
C ALA A 59 -5.23 -1.16 -9.84
N ILE A 60 -4.81 -0.41 -8.81
CA ILE A 60 -3.93 0.77 -8.95
C ILE A 60 -2.54 0.35 -9.46
N GLN A 61 -1.89 -0.62 -8.82
CA GLN A 61 -0.60 -1.13 -9.31
C GLN A 61 -0.77 -1.94 -10.60
N GLU A 62 -1.90 -2.62 -10.80
CA GLU A 62 -2.28 -3.31 -12.04
C GLU A 62 -2.23 -2.34 -13.24
N LYS A 63 -2.86 -1.16 -13.12
CA LYS A 63 -2.86 -0.16 -14.20
C LYS A 63 -1.52 0.57 -14.36
N ILE A 64 -0.64 0.58 -13.36
CA ILE A 64 0.76 1.01 -13.51
C ILE A 64 1.56 -0.03 -14.31
N GLU A 65 1.51 -1.29 -13.89
CA GLU A 65 2.24 -2.42 -14.49
C GLU A 65 1.85 -2.63 -15.97
N LYS A 66 0.59 -2.40 -16.33
CA LYS A 66 0.10 -2.49 -17.71
C LYS A 66 0.79 -1.55 -18.72
N LEU A 67 1.46 -0.47 -18.27
CA LEU A 67 2.27 0.37 -19.18
C LEU A 67 3.58 -0.30 -19.57
N GLY A 68 4.12 -1.24 -18.78
CA GLY A 68 5.38 -1.94 -19.06
C GLY A 68 6.59 -1.42 -18.28
N TYR A 69 6.38 -0.54 -17.29
CA TYR A 69 7.38 -0.21 -16.26
C TYR A 69 7.25 -1.21 -15.08
N HIS A 70 7.74 -0.92 -13.86
CA HIS A 70 7.49 -1.78 -12.70
C HIS A 70 7.30 -1.02 -11.38
N VAL A 71 6.37 -1.44 -10.51
CA VAL A 71 6.36 -1.00 -9.10
C VAL A 71 7.43 -1.74 -8.30
N VAL A 72 8.04 -1.08 -7.32
CA VAL A 72 9.13 -1.64 -6.49
C VAL A 72 8.61 -2.08 -5.12
N THR A 73 7.69 -3.07 -5.13
CA THR A 73 7.04 -3.59 -3.92
C THR A 73 7.66 -4.89 -3.43
N GLU A 74 7.50 -5.17 -2.15
CA GLU A 74 7.75 -6.46 -1.52
C GLU A 74 6.61 -6.81 -0.55
N LYS A 75 6.24 -8.09 -0.55
CA LYS A 75 5.12 -8.73 0.17
C LYS A 75 5.55 -9.36 1.51
N ALA A 76 6.07 -8.55 2.43
CA ALA A 76 6.67 -9.01 3.68
C ALA A 76 5.63 -9.60 4.65
N GLU A 77 5.94 -10.73 5.29
CA GLU A 77 5.09 -11.36 6.31
C GLU A 77 5.52 -10.95 7.72
N PHE A 78 4.64 -10.23 8.42
CA PHE A 78 4.78 -9.88 9.83
C PHE A 78 3.92 -10.82 10.71
N ASP A 79 4.33 -10.98 11.97
CA ASP A 79 3.63 -11.71 13.04
C ASP A 79 3.08 -10.71 14.06
N ILE A 80 1.81 -10.87 14.48
CA ILE A 80 1.10 -9.98 15.41
C ILE A 80 0.59 -10.75 16.64
N GLU A 81 1.48 -11.51 17.28
CA GLU A 81 1.20 -12.12 18.58
C GLU A 81 0.55 -11.14 19.56
N GLY A 82 -0.67 -11.50 19.99
CA GLY A 82 -1.56 -10.69 20.84
C GLY A 82 -2.92 -10.39 20.21
N MET A 83 -3.07 -10.42 18.87
CA MET A 83 -4.33 -10.08 18.18
C MET A 83 -5.39 -11.20 18.17
N THR A 84 -5.59 -11.90 19.30
CA THR A 84 -6.34 -13.18 19.43
C THR A 84 -7.87 -13.09 19.28
N CYS A 85 -8.39 -12.15 18.49
CA CYS A 85 -9.78 -12.01 18.11
C CYS A 85 -9.90 -11.37 16.72
N ALA A 86 -10.93 -11.73 15.94
CA ALA A 86 -11.18 -11.14 14.63
C ALA A 86 -11.34 -9.60 14.68
N ALA A 87 -11.85 -9.07 15.80
CA ALA A 87 -11.89 -7.64 16.08
C ALA A 87 -10.49 -7.00 16.11
N CYS A 88 -9.48 -7.68 16.68
CA CYS A 88 -8.09 -7.21 16.74
C CYS A 88 -7.45 -7.12 15.35
N ALA A 89 -7.62 -8.17 14.54
CA ALA A 89 -7.18 -8.20 13.15
C ALA A 89 -7.79 -7.03 12.36
N ASN A 90 -9.12 -6.87 12.36
CA ASN A 90 -9.78 -5.74 11.67
C ASN A 90 -9.32 -4.36 12.22
N ARG A 91 -9.09 -4.24 13.54
CA ARG A 91 -8.62 -2.99 14.16
C ARG A 91 -7.23 -2.55 13.67
N ILE A 92 -6.28 -3.47 13.40
CA ILE A 92 -5.06 -3.10 12.67
C ILE A 92 -5.29 -2.97 11.17
N GLU A 93 -6.01 -3.92 10.54
CA GLU A 93 -6.21 -3.98 9.09
C GLU A 93 -6.74 -2.65 8.55
N LYS A 94 -7.80 -2.10 9.13
CA LYS A 94 -8.46 -0.91 8.61
C LYS A 94 -7.55 0.32 8.46
N ARG A 95 -6.36 0.35 9.12
CA ARG A 95 -5.26 1.25 8.75
C ARG A 95 -4.17 0.56 7.92
N LEU A 96 -3.63 -0.60 8.35
CA LEU A 96 -2.57 -1.34 7.65
C LEU A 96 -2.81 -1.46 6.13
N ASN A 97 -4.04 -1.85 5.76
CA ASN A 97 -4.50 -2.19 4.40
C ASN A 97 -3.85 -1.36 3.28
N LYS A 98 -3.85 -0.03 3.43
CA LYS A 98 -3.17 0.92 2.55
C LYS A 98 -2.50 2.08 3.32
N ILE A 99 -1.56 1.83 4.24
CA ILE A 99 -0.72 2.91 4.83
C ILE A 99 0.26 3.47 3.78
N GLU A 100 -0.24 4.29 2.85
CA GLU A 100 0.42 5.53 2.40
C GLU A 100 1.87 5.31 1.89
N GLY A 101 2.04 4.25 1.09
CA GLY A 101 3.30 3.53 0.85
C GLY A 101 3.08 2.02 0.84
N VAL A 102 2.22 1.52 1.75
CA VAL A 102 1.61 0.19 1.68
C VAL A 102 0.54 0.14 0.59
N ALA A 103 0.69 -0.82 -0.32
CA ALA A 103 -0.20 -1.08 -1.44
C ALA A 103 -1.32 -2.06 -1.05
N ASN A 104 -1.00 -3.19 -0.41
CA ASN A 104 -1.99 -4.15 0.08
C ASN A 104 -1.57 -4.73 1.44
N ALA A 105 -2.51 -4.93 2.38
CA ALA A 105 -2.27 -5.68 3.61
C ALA A 105 -3.56 -6.31 4.17
N PRO A 106 -3.92 -7.55 3.76
CA PRO A 106 -4.94 -8.36 4.40
C PRO A 106 -4.36 -9.06 5.63
N VAL A 107 -5.03 -8.94 6.78
CA VAL A 107 -4.52 -9.43 8.07
C VAL A 107 -5.10 -10.83 8.38
N ASN A 108 -4.21 -11.75 8.76
CA ASN A 108 -4.49 -13.17 8.92
C ASN A 108 -4.77 -13.56 10.38
N PHE A 109 -6.02 -13.91 10.68
CA PHE A 109 -6.51 -14.04 12.05
C PHE A 109 -5.93 -15.27 12.78
N ALA A 110 -6.30 -16.49 12.38
CA ALA A 110 -5.94 -17.72 13.10
C ALA A 110 -4.43 -18.02 13.07
N LEU A 111 -3.76 -17.64 11.98
CA LEU A 111 -2.31 -17.74 11.79
C LEU A 111 -1.56 -16.67 12.61
N GLU A 112 -2.20 -15.53 12.87
CA GLU A 112 -1.71 -14.40 13.67
C GLU A 112 -0.62 -13.62 12.92
N THR A 113 -0.74 -13.51 11.58
CA THR A 113 0.23 -12.84 10.69
C THR A 113 -0.45 -11.77 9.86
N VAL A 114 0.30 -10.98 9.10
CA VAL A 114 -0.24 -10.08 8.04
C VAL A 114 0.76 -10.04 6.89
N THR A 115 0.25 -10.16 5.65
CA THR A 115 1.05 -10.17 4.43
C THR A 115 1.02 -8.77 3.84
N VAL A 116 2.09 -8.01 4.04
CA VAL A 116 2.17 -6.57 3.74
C VAL A 116 2.92 -6.38 2.42
N GLU A 117 2.21 -6.02 1.35
CA GLU A 117 2.79 -5.55 0.11
C GLU A 117 2.96 -4.03 0.17
N TYR A 118 4.21 -3.58 0.28
CA TYR A 118 4.60 -2.17 0.30
C TYR A 118 5.88 -1.90 -0.47
N ASN A 119 6.20 -0.63 -0.76
CA ASN A 119 7.51 -0.28 -1.33
C ASN A 119 8.53 0.05 -0.22
N PRO A 120 9.55 -0.81 0.03
CA PRO A 120 10.50 -0.64 1.14
C PRO A 120 11.45 0.55 0.97
N LYS A 121 11.35 1.27 -0.15
CA LYS A 121 12.09 2.50 -0.40
C LYS A 121 11.63 3.68 0.50
N GLU A 122 10.42 3.63 1.07
CA GLU A 122 9.75 4.80 1.67
C GLU A 122 9.14 4.59 3.09
N ALA A 123 9.42 3.47 3.77
CA ALA A 123 9.07 3.24 5.18
C ALA A 123 9.88 2.10 5.81
N SER A 124 10.08 2.16 7.12
CA SER A 124 10.84 1.18 7.91
C SER A 124 9.95 0.39 8.89
N VAL A 125 10.46 -0.71 9.46
CA VAL A 125 9.75 -1.47 10.51
C VAL A 125 9.38 -0.60 11.72
N SER A 126 10.14 0.45 12.02
CA SER A 126 9.80 1.39 13.12
C SER A 126 8.47 2.11 12.90
N ASP A 127 8.15 2.50 11.66
CA ASP A 127 6.93 3.24 11.31
C ASP A 127 5.69 2.35 11.53
N LEU A 128 5.80 1.07 11.17
CA LEU A 128 4.77 0.06 11.40
C LEU A 128 4.64 -0.28 12.89
N LYS A 129 5.76 -0.39 13.62
CA LYS A 129 5.74 -0.59 15.08
C LYS A 129 5.04 0.58 15.79
N GLU A 130 5.38 1.83 15.49
CA GLU A 130 4.71 3.02 16.02
C GLU A 130 3.20 3.06 15.72
N ALA A 131 2.75 2.46 14.62
CA ALA A 131 1.33 2.31 14.30
C ALA A 131 0.66 1.18 15.11
N VAL A 132 1.25 -0.01 15.16
CA VAL A 132 0.66 -1.18 15.87
C VAL A 132 0.74 -1.05 17.40
N ASP A 133 1.69 -0.28 17.94
CA ASP A 133 1.78 0.07 19.37
C ASP A 133 0.46 0.67 19.90
N LYS A 134 -0.12 1.56 19.09
CA LYS A 134 -1.35 2.29 19.37
C LYS A 134 -2.59 1.37 19.42
N LEU A 135 -2.60 0.27 18.64
CA LEU A 135 -3.62 -0.77 18.72
C LEU A 135 -3.35 -1.82 19.81
N GLY A 136 -2.13 -1.85 20.36
CA GLY A 136 -1.82 -2.53 21.62
C GLY A 136 -1.15 -3.90 21.52
N TYR A 137 -0.54 -4.23 20.38
CA TYR A 137 0.14 -5.52 20.13
C TYR A 137 1.65 -5.33 19.86
N LYS A 138 2.35 -6.31 19.26
CA LYS A 138 3.72 -6.14 18.79
C LYS A 138 3.91 -6.84 17.44
N LEU A 139 4.73 -6.24 16.58
CA LEU A 139 5.08 -6.78 15.28
C LEU A 139 6.41 -7.53 15.40
N LYS A 140 6.30 -8.85 15.54
CA LYS A 140 7.39 -9.76 15.25
C LYS A 140 7.56 -9.92 13.71
N LEU A 141 8.65 -10.55 13.26
CA LEU A 141 8.94 -10.75 11.83
C LEU A 141 9.36 -12.17 11.51
N LYS A 142 8.93 -12.65 10.35
CA LYS A 142 9.14 -14.01 9.88
C LYS A 142 10.49 -14.05 9.17
N GLY A 143 11.45 -14.77 9.76
CA GLY A 143 12.87 -14.79 9.36
C GLY A 143 13.58 -13.51 9.80
N GLU A 144 12.97 -12.34 9.54
CA GLU A 144 13.62 -11.05 9.69
C GLU A 144 13.81 -10.57 11.15
N GLN A 145 13.18 -11.20 12.14
CA GLN A 145 13.60 -11.05 13.55
C GLN A 145 13.28 -12.28 14.42
N ASP A 146 12.07 -12.80 14.34
CA ASP A 146 11.52 -13.73 15.35
C ASP A 146 11.50 -15.19 14.90
N SER A 147 11.37 -15.40 13.58
CA SER A 147 11.56 -16.63 12.77
C SER A 147 10.40 -16.96 11.84
N MET A 1 -20.97 18.40 -1.95
CA MET A 1 -19.81 17.48 -2.00
C MET A 1 -19.94 16.42 -0.92
N LEU A 2 -19.88 15.15 -1.32
CA LEU A 2 -20.07 13.97 -0.47
C LEU A 2 -19.50 12.72 -1.17
N SER A 3 -18.86 11.84 -0.41
CA SER A 3 -18.28 10.53 -0.75
C SER A 3 -17.41 10.15 0.47
N GLU A 4 -16.60 9.10 0.35
CA GLU A 4 -15.37 8.94 1.11
C GLU A 4 -14.35 8.28 0.21
N GLN A 5 -13.07 8.58 0.39
CA GLN A 5 -12.03 8.23 -0.58
C GLN A 5 -10.78 7.76 0.16
N LYS A 6 -10.06 6.84 -0.47
CA LYS A 6 -8.79 6.32 0.04
C LYS A 6 -7.63 6.90 -0.78
N GLU A 7 -6.55 7.29 -0.10
CA GLU A 7 -5.44 8.05 -0.65
C GLU A 7 -4.10 7.46 -0.19
N ILE A 8 -3.22 7.15 -1.14
CA ILE A 8 -1.96 6.40 -0.89
C ILE A 8 -0.89 6.72 -1.93
N ALA A 9 0.35 6.34 -1.60
CA ALA A 9 1.53 6.42 -2.45
C ALA A 9 2.06 5.02 -2.83
N MET A 10 2.90 4.99 -3.87
CA MET A 10 3.61 3.83 -4.45
C MET A 10 4.93 4.28 -5.11
N GLN A 11 5.93 3.42 -5.16
CA GLN A 11 7.13 3.60 -5.99
C GLN A 11 6.91 2.91 -7.35
N VAL A 12 7.55 3.43 -8.39
CA VAL A 12 7.58 2.82 -9.73
C VAL A 12 8.97 3.07 -10.32
N SER A 13 9.67 1.99 -10.66
CA SER A 13 11.05 2.04 -11.13
C SER A 13 11.11 2.06 -12.67
N GLY A 14 11.93 3.01 -13.17
CA GLY A 14 12.21 3.20 -14.60
C GLY A 14 11.69 4.50 -15.19
N MET A 15 11.41 5.56 -14.40
CA MET A 15 10.81 6.81 -14.91
C MET A 15 11.81 7.82 -15.51
N THR A 16 13.02 7.39 -15.87
CA THR A 16 14.18 8.21 -16.26
C THR A 16 14.03 8.97 -17.58
N CYS A 17 12.87 8.90 -18.25
CA CYS A 17 12.52 9.71 -19.42
C CYS A 17 11.47 10.81 -19.10
N ALA A 18 11.09 10.97 -17.83
CA ALA A 18 10.21 12.00 -17.25
C ALA A 18 8.72 11.81 -17.64
N ALA A 19 8.43 11.72 -18.93
CA ALA A 19 7.09 11.47 -19.49
C ALA A 19 6.45 10.16 -19.01
N CYS A 20 7.24 9.27 -18.41
CA CYS A 20 6.79 8.10 -17.64
C CYS A 20 5.70 8.47 -16.62
N ALA A 21 5.87 9.57 -15.88
CA ALA A 21 4.84 10.16 -15.02
C ALA A 21 3.55 10.44 -15.81
N ALA A 22 3.64 11.30 -16.84
CA ALA A 22 2.51 11.69 -17.70
C ALA A 22 1.78 10.50 -18.33
N ARG A 23 2.51 9.44 -18.70
CA ARG A 23 1.95 8.18 -19.21
C ARG A 23 1.20 7.38 -18.14
N ILE A 24 1.72 7.31 -16.90
CA ILE A 24 1.02 6.64 -15.79
C ILE A 24 -0.24 7.42 -15.40
N GLU A 25 -0.16 8.75 -15.33
CA GLU A 25 -1.30 9.63 -15.06
C GLU A 25 -2.40 9.47 -16.12
N LYS A 26 -2.06 9.50 -17.42
CA LYS A 26 -2.96 9.21 -18.52
C LYS A 26 -3.61 7.82 -18.41
N GLY A 27 -2.84 6.81 -18.00
CA GLY A 27 -3.28 5.42 -17.82
C GLY A 27 -4.22 5.23 -16.62
N LEU A 28 -3.93 5.84 -15.48
CA LEU A 28 -4.79 5.75 -14.29
C LEU A 28 -6.09 6.53 -14.47
N LYS A 29 -6.06 7.81 -14.89
CA LYS A 29 -7.18 8.76 -14.79
C LYS A 29 -8.49 8.34 -15.52
N ARG A 30 -8.43 7.28 -16.35
CA ARG A 30 -9.57 6.65 -17.03
C ARG A 30 -10.26 5.56 -16.21
N MET A 31 -9.68 5.05 -15.11
CA MET A 31 -10.33 4.04 -14.25
C MET A 31 -11.55 4.66 -13.56
N PRO A 32 -12.75 4.03 -13.63
CA PRO A 32 -14.01 4.69 -13.30
C PRO A 32 -14.05 5.31 -11.90
N GLY A 33 -13.39 4.70 -10.90
CA GLY A 33 -13.31 5.20 -9.52
C GLY A 33 -12.07 6.02 -9.17
N VAL A 34 -11.07 6.19 -10.04
CA VAL A 34 -9.87 6.98 -9.68
C VAL A 34 -10.17 8.47 -9.83
N THR A 35 -9.96 9.23 -8.75
CA THR A 35 -10.32 10.65 -8.65
C THR A 35 -9.15 11.52 -9.06
N ASP A 36 -7.94 11.23 -8.58
CA ASP A 36 -6.72 11.86 -9.10
C ASP A 36 -5.47 10.99 -8.90
N ALA A 37 -4.47 11.22 -9.75
CA ALA A 37 -3.14 10.64 -9.65
C ALA A 37 -2.11 11.72 -10.00
N ASN A 38 -1.03 11.79 -9.22
CA ASN A 38 0.06 12.76 -9.41
C ASN A 38 1.39 12.06 -9.15
N VAL A 39 2.20 11.90 -10.20
CA VAL A 39 3.42 11.09 -10.19
C VAL A 39 4.64 12.02 -10.12
N ASN A 40 5.15 12.19 -8.90
CA ASN A 40 6.20 13.15 -8.59
C ASN A 40 7.59 12.56 -8.86
N LEU A 41 8.19 12.97 -9.99
CA LEU A 41 9.56 12.61 -10.39
C LEU A 41 10.57 12.99 -9.32
N ALA A 42 10.37 14.11 -8.63
CA ALA A 42 11.37 14.69 -7.73
C ALA A 42 11.56 13.89 -6.41
N THR A 43 10.90 12.73 -6.31
CA THR A 43 11.09 11.66 -5.31
C THR A 43 10.63 10.29 -5.88
N GLU A 44 10.59 10.15 -7.21
CA GLU A 44 10.10 9.01 -8.00
C GLU A 44 8.89 8.25 -7.37
N THR A 45 7.85 8.98 -6.94
CA THR A 45 6.70 8.43 -6.19
C THR A 45 5.39 8.78 -6.87
N SER A 46 4.52 7.78 -7.02
CA SER A 46 3.15 7.92 -7.51
C SER A 46 2.18 8.12 -6.33
N ASN A 47 1.46 9.23 -6.29
CA ASN A 47 0.39 9.52 -5.32
C ASN A 47 -0.97 9.29 -5.99
N VAL A 48 -1.92 8.60 -5.36
CA VAL A 48 -3.24 8.29 -5.97
C VAL A 48 -4.38 8.43 -4.95
N ILE A 49 -5.52 8.96 -5.41
CA ILE A 49 -6.75 9.18 -4.64
C ILE A 49 -7.95 8.60 -5.40
N TYR A 50 -8.72 7.71 -4.75
CA TYR A 50 -9.81 6.95 -5.40
C TYR A 50 -11.07 6.75 -4.54
N ASP A 51 -12.22 6.57 -5.22
CA ASP A 51 -13.51 6.19 -4.65
C ASP A 51 -13.54 4.65 -4.48
N PRO A 52 -13.75 4.12 -3.25
CA PRO A 52 -13.54 2.71 -2.91
C PRO A 52 -14.74 1.83 -3.30
N ALA A 53 -15.00 1.80 -4.61
CA ALA A 53 -15.95 0.92 -5.29
C ALA A 53 -15.38 0.57 -6.66
N GLU A 54 -15.36 1.53 -7.59
CA GLU A 54 -14.98 1.35 -9.00
C GLU A 54 -13.45 1.44 -9.23
N THR A 55 -12.66 1.13 -8.19
CA THR A 55 -11.18 1.10 -8.12
C THR A 55 -10.79 0.47 -6.77
N GLY A 56 -9.60 -0.13 -6.74
CA GLY A 56 -8.91 -0.63 -5.54
C GLY A 56 -7.40 -0.41 -5.67
N THR A 57 -6.61 -0.62 -4.61
CA THR A 57 -5.14 -0.42 -4.67
C THR A 57 -4.47 -1.34 -5.68
N ALA A 58 -4.93 -2.58 -5.83
CA ALA A 58 -4.44 -3.51 -6.84
C ALA A 58 -4.62 -3.00 -8.29
N ALA A 59 -5.71 -2.29 -8.58
CA ALA A 59 -5.96 -1.70 -9.90
C ALA A 59 -4.92 -0.62 -10.27
N ILE A 60 -4.26 0.01 -9.27
CA ILE A 60 -3.16 0.96 -9.48
C ILE A 60 -1.92 0.23 -9.99
N GLN A 61 -1.48 -0.81 -9.27
CA GLN A 61 -0.28 -1.56 -9.64
C GLN A 61 -0.47 -2.31 -10.97
N GLU A 62 -1.69 -2.82 -11.22
CA GLU A 62 -2.13 -3.35 -12.51
C GLU A 62 -1.93 -2.33 -13.63
N LYS A 63 -2.38 -1.07 -13.47
CA LYS A 63 -2.22 -0.07 -14.52
C LYS A 63 -0.76 0.37 -14.73
N ILE A 64 0.04 0.47 -13.67
CA ILE A 64 1.47 0.82 -13.78
C ILE A 64 2.23 -0.24 -14.57
N GLU A 65 2.08 -1.52 -14.22
CA GLU A 65 2.64 -2.63 -14.98
C GLU A 65 2.08 -2.67 -16.41
N LYS A 66 0.82 -2.29 -16.62
CA LYS A 66 0.25 -2.11 -17.96
C LYS A 66 0.80 -0.92 -18.76
N LEU A 67 1.53 0.04 -18.19
CA LEU A 67 2.35 0.96 -18.98
C LEU A 67 3.65 0.29 -19.43
N GLY A 68 4.25 -0.56 -18.59
CA GLY A 68 5.52 -1.24 -18.87
C GLY A 68 6.70 -0.74 -18.02
N TYR A 69 6.44 0.10 -17.02
CA TYR A 69 7.39 0.46 -15.96
C TYR A 69 7.29 -0.54 -14.80
N HIS A 70 8.36 -0.76 -14.03
CA HIS A 70 8.36 -1.82 -13.03
C HIS A 70 7.78 -1.30 -11.71
N VAL A 71 6.61 -1.76 -11.25
CA VAL A 71 5.97 -1.26 -10.00
C VAL A 71 6.62 -1.83 -8.72
N VAL A 72 7.94 -2.06 -8.79
CA VAL A 72 8.89 -2.72 -7.88
C VAL A 72 8.25 -3.25 -6.59
N THR A 73 7.62 -4.42 -6.70
CA THR A 73 6.76 -4.99 -5.67
C THR A 73 7.47 -6.14 -5.00
N GLU A 74 7.36 -6.23 -3.67
CA GLU A 74 7.68 -7.43 -2.90
C GLU A 74 6.64 -7.58 -1.78
N LYS A 75 6.75 -8.66 -1.01
CA LYS A 75 5.85 -8.97 0.09
C LYS A 75 6.58 -9.55 1.31
N ALA A 76 6.01 -9.32 2.49
CA ALA A 76 6.54 -9.76 3.77
C ALA A 76 5.40 -10.28 4.65
N GLU A 77 5.73 -11.25 5.50
CA GLU A 77 4.79 -11.88 6.43
C GLU A 77 5.22 -11.54 7.87
N PHE A 78 4.37 -10.76 8.53
CA PHE A 78 4.56 -10.24 9.89
C PHE A 78 3.83 -11.12 10.91
N ASP A 79 4.35 -11.11 12.14
CA ASP A 79 3.79 -11.77 13.32
C ASP A 79 3.09 -10.73 14.22
N ILE A 80 1.81 -11.00 14.52
CA ILE A 80 0.94 -10.17 15.36
C ILE A 80 0.66 -10.92 16.67
N GLU A 81 1.71 -11.24 17.44
CA GLU A 81 1.61 -11.49 18.87
C GLU A 81 0.84 -10.34 19.55
N GLY A 82 -0.46 -10.58 19.82
CA GLY A 82 -1.44 -9.60 20.30
C GLY A 82 -2.80 -9.71 19.61
N MET A 83 -2.83 -10.18 18.35
CA MET A 83 -4.04 -10.56 17.63
C MET A 83 -4.76 -11.69 18.38
N THR A 84 -5.98 -11.40 18.85
CA THR A 84 -6.72 -12.20 19.84
C THR A 84 -8.23 -12.30 19.55
N CYS A 85 -8.64 -11.91 18.34
CA CYS A 85 -10.02 -11.83 17.81
C CYS A 85 -9.98 -11.19 16.41
N ALA A 86 -10.93 -11.50 15.53
CA ALA A 86 -11.14 -10.80 14.26
C ALA A 86 -11.25 -9.26 14.43
N ALA A 87 -11.75 -8.76 15.56
CA ALA A 87 -11.75 -7.34 15.90
C ALA A 87 -10.33 -6.76 16.09
N CYS A 88 -9.40 -7.54 16.64
CA CYS A 88 -7.97 -7.19 16.78
C CYS A 88 -7.27 -7.15 15.43
N ALA A 89 -7.62 -8.06 14.52
CA ALA A 89 -7.17 -8.02 13.12
C ALA A 89 -7.72 -6.77 12.40
N ASN A 90 -9.04 -6.57 12.40
CA ASN A 90 -9.72 -5.41 11.82
C ASN A 90 -9.08 -4.08 12.27
N ARG A 91 -8.79 -3.95 13.57
CA ARG A 91 -8.10 -2.79 14.15
C ARG A 91 -6.84 -2.36 13.38
N ILE A 92 -5.95 -3.30 13.07
CA ILE A 92 -4.72 -2.99 12.33
C ILE A 92 -4.94 -2.99 10.81
N GLU A 93 -5.72 -3.93 10.26
CA GLU A 93 -6.01 -4.06 8.82
C GLU A 93 -6.40 -2.71 8.22
N LYS A 94 -7.44 -2.07 8.76
CA LYS A 94 -8.02 -0.85 8.24
C LYS A 94 -7.07 0.35 8.12
N ARG A 95 -5.86 0.29 8.72
CA ARG A 95 -4.77 1.24 8.50
C ARG A 95 -3.54 0.61 7.82
N LEU A 96 -3.20 -0.67 8.06
CA LEU A 96 -2.12 -1.41 7.37
C LEU A 96 -2.38 -1.51 5.87
N ASN A 97 -3.63 -1.79 5.50
CA ASN A 97 -4.17 -1.73 4.14
C ASN A 97 -3.74 -0.45 3.41
N LYS A 98 -3.90 0.71 4.06
CA LYS A 98 -3.62 2.03 3.53
C LYS A 98 -2.86 2.91 4.55
N ILE A 99 -1.54 2.69 4.70
CA ILE A 99 -0.61 3.59 5.41
C ILE A 99 -0.34 4.81 4.51
N GLU A 100 0.85 4.93 3.92
CA GLU A 100 1.25 6.03 3.04
C GLU A 100 2.43 5.54 2.20
N GLY A 101 2.10 4.64 1.26
CA GLY A 101 3.00 3.57 0.81
C GLY A 101 2.50 2.24 1.35
N VAL A 102 1.85 1.45 0.49
CA VAL A 102 1.30 0.07 0.66
C VAL A 102 0.41 -0.29 -0.55
N ALA A 103 0.35 -1.58 -0.91
CA ALA A 103 -0.62 -2.11 -1.88
C ALA A 103 -1.71 -2.95 -1.20
N ASN A 104 -1.34 -3.98 -0.42
CA ASN A 104 -2.29 -4.89 0.25
C ASN A 104 -1.79 -5.34 1.63
N ALA A 105 -2.67 -5.69 2.59
CA ALA A 105 -2.29 -6.19 3.92
C ALA A 105 -3.36 -7.08 4.64
N PRO A 106 -3.86 -8.16 4.02
CA PRO A 106 -4.89 -9.03 4.61
C PRO A 106 -4.39 -9.79 5.85
N VAL A 107 -4.82 -9.34 7.03
CA VAL A 107 -4.49 -9.93 8.34
C VAL A 107 -5.21 -11.26 8.59
N ASN A 108 -4.47 -12.25 9.12
CA ASN A 108 -4.97 -13.56 9.53
C ASN A 108 -5.48 -13.58 10.98
N PHE A 109 -6.57 -14.31 11.22
CA PHE A 109 -7.31 -14.31 12.49
C PHE A 109 -7.23 -15.64 13.28
N ALA A 110 -6.37 -16.57 12.86
CA ALA A 110 -6.15 -17.86 13.54
C ALA A 110 -4.66 -18.25 13.62
N LEU A 111 -3.86 -17.83 12.64
CA LEU A 111 -2.41 -18.05 12.55
C LEU A 111 -1.59 -16.92 13.21
N GLU A 112 -2.24 -15.79 13.52
CA GLU A 112 -1.65 -14.58 14.12
C GLU A 112 -0.71 -13.81 13.16
N THR A 113 -0.77 -14.07 11.85
CA THR A 113 0.10 -13.43 10.84
C THR A 113 -0.62 -12.30 10.10
N VAL A 114 0.12 -11.51 9.35
CA VAL A 114 -0.40 -10.71 8.22
C VAL A 114 0.58 -10.73 7.05
N THR A 115 0.08 -10.95 5.84
CA THR A 115 0.86 -10.94 4.59
C THR A 115 0.66 -9.57 3.94
N VAL A 116 1.73 -8.79 3.85
CA VAL A 116 1.73 -7.40 3.34
C VAL A 116 2.45 -7.35 2.00
N GLU A 117 1.90 -6.66 1.00
CA GLU A 117 2.50 -6.41 -0.31
C GLU A 117 2.64 -4.90 -0.57
N TYR A 118 3.82 -4.48 -1.01
CA TYR A 118 4.29 -3.08 -1.10
C TYR A 118 5.66 -2.96 -1.81
N ASN A 119 6.21 -1.74 -1.94
CA ASN A 119 7.53 -1.47 -2.51
C ASN A 119 8.63 -1.51 -1.42
N PRO A 120 9.73 -2.28 -1.60
CA PRO A 120 10.91 -2.24 -0.72
C PRO A 120 11.77 -1.01 -1.04
N LYS A 121 11.19 0.20 -0.90
CA LYS A 121 11.81 1.46 -1.35
C LYS A 121 11.51 2.70 -0.48
N GLU A 122 10.54 2.65 0.43
CA GLU A 122 10.19 3.76 1.32
C GLU A 122 9.57 3.26 2.63
N ALA A 123 9.58 4.11 3.65
CA ALA A 123 9.21 3.85 5.05
C ALA A 123 10.25 2.98 5.80
N SER A 124 10.06 2.77 7.10
CA SER A 124 10.82 1.82 7.92
C SER A 124 9.90 1.04 8.86
N VAL A 125 10.43 -0.03 9.47
CA VAL A 125 9.71 -0.87 10.44
C VAL A 125 9.24 -0.05 11.65
N SER A 126 9.91 1.05 11.97
CA SER A 126 9.50 2.02 12.99
C SER A 126 8.10 2.60 12.74
N ASP A 127 7.77 2.93 11.48
CA ASP A 127 6.48 3.54 11.13
C ASP A 127 5.35 2.52 11.33
N LEU A 128 5.60 1.26 10.96
CA LEU A 128 4.68 0.15 11.10
C LEU A 128 4.45 -0.17 12.58
N LYS A 129 5.54 -0.22 13.37
CA LYS A 129 5.50 -0.38 14.82
C LYS A 129 4.65 0.73 15.47
N GLU A 130 4.89 2.00 15.14
CA GLU A 130 4.16 3.13 15.75
C GLU A 130 2.76 3.38 15.18
N ALA A 131 2.42 2.77 14.03
CA ALA A 131 1.02 2.56 13.66
C ALA A 131 0.35 1.52 14.56
N VAL A 132 0.95 0.34 14.73
CA VAL A 132 0.36 -0.80 15.47
C VAL A 132 0.34 -0.60 17.01
N ASP A 133 1.31 0.14 17.56
CA ASP A 133 1.34 0.68 18.93
C ASP A 133 0.00 1.31 19.33
N LYS A 134 -0.51 2.12 18.40
CA LYS A 134 -1.69 2.95 18.60
C LYS A 134 -3.01 2.15 18.62
N LEU A 135 -2.99 0.91 18.11
CA LEU A 135 -4.04 -0.09 18.28
C LEU A 135 -3.83 -1.03 19.49
N GLY A 136 -2.64 -1.02 20.11
CA GLY A 136 -2.34 -1.73 21.36
C GLY A 136 -1.57 -3.05 21.21
N TYR A 137 -0.89 -3.29 20.09
CA TYR A 137 -0.14 -4.52 19.81
C TYR A 137 1.31 -4.21 19.39
N LYS A 138 2.05 -5.16 18.80
CA LYS A 138 3.35 -4.90 18.19
C LYS A 138 3.49 -5.71 16.90
N LEU A 139 4.64 -5.59 16.24
CA LEU A 139 4.97 -6.33 15.02
C LEU A 139 6.30 -7.03 15.17
N LYS A 140 6.30 -8.36 15.19
CA LYS A 140 7.49 -9.14 14.82
C LYS A 140 7.45 -9.44 13.30
N LEU A 141 8.54 -9.98 12.74
CA LEU A 141 8.64 -10.36 11.32
C LEU A 141 9.23 -11.74 11.18
N LYS A 142 8.73 -12.50 10.22
CA LYS A 142 9.12 -13.87 9.96
C LYS A 142 10.29 -13.84 8.98
N GLY A 143 11.46 -14.31 9.41
CA GLY A 143 12.73 -14.01 8.75
C GLY A 143 13.23 -12.62 9.13
N GLU A 144 12.46 -11.57 8.82
CA GLU A 144 12.91 -10.18 8.87
C GLU A 144 13.02 -9.50 10.25
N GLN A 145 12.68 -10.17 11.36
CA GLN A 145 13.09 -9.73 12.71
C GLN A 145 13.26 -10.95 13.63
N ASP A 146 12.17 -11.67 13.89
CA ASP A 146 12.09 -12.73 14.89
C ASP A 146 12.57 -14.09 14.36
N SER A 147 12.59 -14.22 13.03
CA SER A 147 13.12 -15.35 12.24
C SER A 147 12.15 -16.52 12.19
N MET A 1 -21.97 4.88 0.69
CA MET A 1 -21.81 5.62 -0.58
C MET A 1 -20.35 5.98 -0.79
N LEU A 2 -19.90 6.16 -2.04
CA LEU A 2 -18.73 6.99 -2.33
C LEU A 2 -18.99 8.45 -1.88
N SER A 3 -17.98 9.16 -1.40
CA SER A 3 -18.15 10.46 -0.69
C SER A 3 -16.84 11.13 -0.23
N GLU A 4 -15.67 10.48 -0.30
CA GLU A 4 -14.48 10.95 0.38
C GLU A 4 -13.20 10.42 -0.28
N GLN A 5 -12.35 11.34 -0.74
CA GLN A 5 -11.21 10.99 -1.57
C GLN A 5 -9.95 10.88 -0.71
N LYS A 6 -9.22 9.78 -0.86
CA LYS A 6 -8.02 9.44 -0.10
C LYS A 6 -6.84 9.23 -1.05
N GLU A 7 -5.65 9.60 -0.58
CA GLU A 7 -4.38 9.44 -1.30
C GLU A 7 -3.76 8.03 -1.13
N ILE A 8 -2.77 7.73 -1.97
CA ILE A 8 -1.73 6.69 -1.90
C ILE A 8 -0.46 7.27 -2.55
N ALA A 9 0.71 6.80 -2.11
CA ALA A 9 2.00 7.00 -2.79
C ALA A 9 2.69 5.63 -2.93
N MET A 10 3.26 5.32 -4.11
CA MET A 10 3.90 4.02 -4.43
C MET A 10 5.09 4.16 -5.41
N GLN A 11 6.07 3.26 -5.31
CA GLN A 11 7.37 3.31 -6.00
C GLN A 11 7.44 2.26 -7.14
N VAL A 12 8.13 2.60 -8.24
CA VAL A 12 7.94 2.03 -9.58
C VAL A 12 9.24 2.09 -10.40
N SER A 13 9.55 1.03 -11.15
CA SER A 13 10.69 0.93 -12.06
C SER A 13 10.30 1.18 -13.53
N GLY A 14 11.25 1.72 -14.29
CA GLY A 14 11.11 2.03 -15.73
C GLY A 14 10.80 3.49 -16.02
N MET A 15 10.71 4.36 -15.00
CA MET A 15 10.45 5.79 -15.15
C MET A 15 11.61 6.63 -15.72
N THR A 16 12.66 5.96 -16.22
CA THR A 16 13.90 6.48 -16.80
C THR A 16 13.66 7.10 -18.18
N CYS A 17 12.79 8.12 -18.22
CA CYS A 17 12.26 8.77 -19.43
C CYS A 17 11.32 9.96 -19.14
N ALA A 18 10.74 10.06 -17.93
CA ALA A 18 9.80 11.10 -17.45
C ALA A 18 8.40 11.02 -18.09
N ALA A 19 8.28 10.76 -19.40
CA ALA A 19 7.00 10.55 -20.10
C ALA A 19 6.19 9.33 -19.58
N CYS A 20 6.84 8.45 -18.83
CA CYS A 20 6.20 7.48 -17.92
C CYS A 20 5.08 8.10 -17.07
N ALA A 21 5.37 9.22 -16.40
CA ALA A 21 4.39 10.01 -15.64
C ALA A 21 3.19 10.38 -16.51
N ALA A 22 3.43 11.08 -17.62
CA ALA A 22 2.42 11.49 -18.59
C ALA A 22 1.54 10.34 -19.16
N ARG A 23 2.00 9.08 -19.05
CA ARG A 23 1.22 7.87 -19.35
C ARG A 23 0.53 7.26 -18.12
N ILE A 24 1.13 7.27 -16.92
CA ILE A 24 0.49 6.78 -15.68
C ILE A 24 -0.61 7.74 -15.23
N GLU A 25 -0.30 9.02 -15.05
CA GLU A 25 -1.19 10.06 -14.54
C GLU A 25 -2.47 10.14 -15.39
N LYS A 26 -2.32 10.21 -16.71
CA LYS A 26 -3.41 10.26 -17.67
C LYS A 26 -4.24 8.95 -17.73
N GLY A 27 -3.59 7.79 -17.50
CA GLY A 27 -4.22 6.47 -17.39
C GLY A 27 -5.11 6.38 -16.15
N LEU A 28 -4.61 6.79 -14.99
CA LEU A 28 -5.37 6.78 -13.73
C LEU A 28 -6.49 7.84 -13.74
N LYS A 29 -6.22 9.06 -14.22
CA LYS A 29 -7.24 10.12 -14.34
C LYS A 29 -8.46 9.73 -15.19
N ARG A 30 -8.31 8.75 -16.10
CA ARG A 30 -9.38 8.16 -16.94
C ARG A 30 -10.21 7.06 -16.25
N MET A 31 -9.87 6.63 -15.03
CA MET A 31 -10.62 5.63 -14.24
C MET A 31 -11.93 6.22 -13.66
N PRO A 32 -12.88 5.39 -13.19
CA PRO A 32 -14.09 5.85 -12.50
C PRO A 32 -13.77 6.51 -11.15
N GLY A 33 -13.36 5.76 -10.11
CA GLY A 33 -13.26 6.28 -8.72
C GLY A 33 -12.05 7.14 -8.40
N VAL A 34 -11.06 7.19 -9.29
CA VAL A 34 -9.86 8.04 -9.18
C VAL A 34 -10.24 9.48 -9.51
N THR A 35 -9.90 10.44 -8.63
CA THR A 35 -10.04 11.87 -8.93
C THR A 35 -8.83 12.35 -9.71
N ASP A 36 -7.60 12.11 -9.21
CA ASP A 36 -6.39 12.67 -9.84
C ASP A 36 -5.07 12.16 -9.24
N ALA A 37 -3.95 12.37 -9.93
CA ALA A 37 -2.63 11.85 -9.60
C ALA A 37 -1.52 12.82 -10.05
N ASN A 38 -0.38 12.78 -9.35
CA ASN A 38 0.85 13.50 -9.72
C ASN A 38 2.09 12.64 -9.39
N VAL A 39 3.05 12.58 -10.30
CA VAL A 39 4.35 11.93 -10.08
C VAL A 39 5.28 12.79 -9.22
N ASN A 40 6.18 12.14 -8.47
CA ASN A 40 7.28 12.79 -7.72
C ASN A 40 8.62 12.82 -8.49
N LEU A 41 8.62 12.31 -9.74
CA LEU A 41 9.70 12.30 -10.74
C LEU A 41 11.05 11.84 -10.16
N ALA A 42 11.94 12.74 -9.75
CA ALA A 42 13.26 12.40 -9.20
C ALA A 42 13.14 11.56 -7.92
N THR A 43 12.07 11.75 -7.14
CA THR A 43 11.76 10.94 -5.94
C THR A 43 10.93 9.69 -6.27
N GLU A 44 10.74 9.39 -7.56
CA GLU A 44 10.61 8.01 -8.07
C GLU A 44 9.31 7.31 -7.65
N THR A 45 8.32 8.12 -7.22
CA THR A 45 7.07 7.71 -6.59
C THR A 45 5.93 8.28 -7.40
N SER A 46 4.86 7.52 -7.57
CA SER A 46 3.59 8.01 -8.09
C SER A 46 2.62 8.27 -6.94
N ASN A 47 2.04 9.46 -6.86
CA ASN A 47 1.08 9.85 -5.82
C ASN A 47 -0.32 9.95 -6.45
N VAL A 48 -1.32 9.26 -5.89
CA VAL A 48 -2.63 9.03 -6.54
C VAL A 48 -3.78 9.25 -5.55
N ILE A 49 -4.90 9.83 -5.98
CA ILE A 49 -6.03 10.23 -5.13
C ILE A 49 -7.36 9.77 -5.73
N TYR A 50 -8.14 9.02 -4.91
CA TYR A 50 -9.35 8.28 -5.30
C TYR A 50 -10.38 8.08 -4.16
N ASP A 51 -11.64 7.86 -4.50
CA ASP A 51 -12.71 7.47 -3.57
C ASP A 51 -12.70 5.93 -3.34
N PRO A 52 -12.69 5.43 -2.10
CA PRO A 52 -12.56 4.00 -1.80
C PRO A 52 -13.91 3.29 -1.94
N ALA A 53 -14.24 2.97 -3.19
CA ALA A 53 -15.41 2.19 -3.61
C ALA A 53 -15.25 1.77 -5.09
N GLU A 54 -15.26 2.75 -6.00
CA GLU A 54 -15.13 2.57 -7.45
C GLU A 54 -13.65 2.48 -7.89
N THR A 55 -12.78 1.98 -7.01
CA THR A 55 -11.31 1.84 -7.12
C THR A 55 -10.83 1.01 -5.93
N GLY A 56 -9.70 0.32 -6.12
CA GLY A 56 -9.02 -0.52 -5.12
C GLY A 56 -7.50 -0.30 -5.15
N THR A 57 -6.77 -0.82 -4.16
CA THR A 57 -5.33 -0.54 -4.00
C THR A 57 -4.47 -1.36 -4.98
N ALA A 58 -4.62 -2.68 -5.02
CA ALA A 58 -3.86 -3.55 -5.94
C ALA A 58 -4.09 -3.20 -7.43
N ALA A 59 -5.28 -2.68 -7.77
CA ALA A 59 -5.61 -2.16 -9.10
C ALA A 59 -4.71 -0.98 -9.54
N ILE A 60 -4.10 -0.23 -8.61
CA ILE A 60 -3.18 0.88 -8.92
C ILE A 60 -1.90 0.34 -9.56
N GLN A 61 -1.25 -0.63 -8.93
CA GLN A 61 -0.06 -1.25 -9.53
C GLN A 61 -0.43 -2.06 -10.77
N GLU A 62 -1.59 -2.71 -10.83
CA GLU A 62 -2.06 -3.40 -12.05
C GLU A 62 -2.18 -2.44 -13.25
N LYS A 63 -2.75 -1.25 -13.08
CA LYS A 63 -2.84 -0.27 -14.16
C LYS A 63 -1.48 0.35 -14.54
N ILE A 64 -0.50 0.36 -13.62
CA ILE A 64 0.91 0.71 -13.93
C ILE A 64 1.57 -0.39 -14.77
N GLU A 65 1.51 -1.64 -14.31
CA GLU A 65 2.05 -2.84 -14.98
C GLU A 65 1.51 -2.97 -16.42
N LYS A 66 0.28 -2.52 -16.67
CA LYS A 66 -0.35 -2.46 -17.99
C LYS A 66 0.44 -1.65 -19.06
N LEU A 67 1.35 -0.76 -18.68
CA LEU A 67 2.13 0.07 -19.63
C LEU A 67 3.44 -0.59 -20.07
N GLY A 68 4.01 -1.51 -19.28
CA GLY A 68 5.40 -1.99 -19.45
C GLY A 68 6.42 -1.20 -18.61
N TYR A 69 5.96 -0.22 -17.81
CA TYR A 69 6.63 0.15 -16.56
C TYR A 69 6.22 -0.88 -15.49
N HIS A 70 7.07 -1.18 -14.51
CA HIS A 70 6.80 -2.30 -13.58
C HIS A 70 7.11 -1.93 -12.12
N VAL A 71 6.30 -2.41 -11.18
CA VAL A 71 6.32 -1.98 -9.77
C VAL A 71 7.54 -2.53 -9.00
N VAL A 72 8.00 -1.80 -7.96
CA VAL A 72 9.03 -2.29 -7.00
C VAL A 72 8.48 -2.36 -5.56
N THR A 73 7.36 -3.07 -5.40
CA THR A 73 6.81 -3.52 -4.12
C THR A 73 7.52 -4.80 -3.67
N GLU A 74 7.61 -4.99 -2.36
CA GLU A 74 8.05 -6.22 -1.69
C GLU A 74 6.85 -6.80 -0.94
N LYS A 75 6.79 -8.13 -0.85
CA LYS A 75 5.93 -8.83 0.12
C LYS A 75 6.77 -9.27 1.34
N ALA A 76 6.30 -8.97 2.56
CA ALA A 76 6.91 -9.44 3.80
C ALA A 76 5.85 -10.00 4.75
N GLU A 77 6.26 -10.89 5.66
CA GLU A 77 5.39 -11.52 6.65
C GLU A 77 5.77 -11.07 8.07
N PHE A 78 4.75 -10.82 8.89
CA PHE A 78 4.85 -10.35 10.26
C PHE A 78 4.01 -11.24 11.18
N ASP A 79 4.34 -11.25 12.48
CA ASP A 79 3.49 -11.79 13.55
C ASP A 79 2.92 -10.64 14.38
N ILE A 80 1.62 -10.69 14.64
CA ILE A 80 0.96 -9.84 15.61
C ILE A 80 0.87 -10.62 16.92
N GLU A 81 1.73 -10.31 17.87
CA GLU A 81 1.61 -10.84 19.23
C GLU A 81 0.69 -9.91 20.01
N GLY A 82 -0.60 -10.02 19.71
CA GLY A 82 -1.58 -9.10 20.27
C GLY A 82 -3.03 -9.29 19.80
N MET A 83 -3.24 -9.85 18.60
CA MET A 83 -4.58 -10.10 18.04
C MET A 83 -5.09 -11.49 18.45
N THR A 84 -6.41 -11.62 18.66
CA THR A 84 -7.06 -12.79 19.29
C THR A 84 -8.35 -13.27 18.61
N CYS A 85 -8.73 -12.68 17.48
CA CYS A 85 -10.07 -12.76 16.87
C CYS A 85 -10.07 -12.02 15.52
N ALA A 86 -10.97 -12.38 14.59
CA ALA A 86 -11.17 -11.68 13.32
C ALA A 86 -11.40 -10.17 13.49
N ALA A 87 -12.09 -9.74 14.56
CA ALA A 87 -12.25 -8.32 14.90
C ALA A 87 -10.92 -7.63 15.25
N CYS A 88 -9.99 -8.34 15.90
CA CYS A 88 -8.67 -7.84 16.27
C CYS A 88 -7.74 -7.69 15.05
N ALA A 89 -7.85 -8.61 14.08
CA ALA A 89 -7.22 -8.48 12.77
C ALA A 89 -7.80 -7.26 12.00
N ASN A 90 -9.12 -7.20 11.82
CA ASN A 90 -9.82 -6.10 11.14
C ASN A 90 -9.44 -4.71 11.71
N ARG A 91 -9.36 -4.58 13.04
CA ARG A 91 -9.01 -3.32 13.71
C ARG A 91 -7.63 -2.74 13.34
N ILE A 92 -6.67 -3.54 12.83
CA ILE A 92 -5.45 -3.01 12.17
C ILE A 92 -5.58 -2.99 10.64
N GLU A 93 -6.05 -4.07 10.02
CA GLU A 93 -6.20 -4.26 8.57
C GLU A 93 -6.87 -3.04 7.91
N LYS A 94 -8.00 -2.60 8.44
CA LYS A 94 -8.81 -1.50 7.91
C LYS A 94 -8.05 -0.15 7.84
N ARG A 95 -6.95 0.01 8.58
CA ARG A 95 -6.03 1.18 8.51
C ARG A 95 -4.77 0.86 7.69
N LEU A 96 -4.21 -0.36 7.81
CA LEU A 96 -3.05 -0.85 7.04
C LEU A 96 -3.25 -0.80 5.51
N ASN A 97 -4.50 -0.98 5.04
CA ASN A 97 -4.97 -1.03 3.64
C ASN A 97 -4.45 0.02 2.62
N LYS A 98 -3.69 1.03 3.05
CA LYS A 98 -3.08 2.06 2.20
C LYS A 98 -2.00 2.93 2.89
N ILE A 99 -1.26 2.44 3.89
CA ILE A 99 -0.33 3.28 4.67
C ILE A 99 0.93 3.68 3.87
N GLU A 100 0.81 4.65 2.98
CA GLU A 100 1.84 5.67 2.74
C GLU A 100 3.15 5.08 2.17
N GLY A 101 2.98 4.18 1.19
CA GLY A 101 3.99 3.22 0.74
C GLY A 101 3.54 1.78 0.95
N VAL A 102 2.67 1.50 1.92
CA VAL A 102 1.92 0.23 2.03
C VAL A 102 0.77 0.19 1.03
N ALA A 103 0.68 -0.93 0.30
CA ALA A 103 -0.38 -1.24 -0.65
C ALA A 103 -1.44 -2.17 -0.02
N ASN A 104 -1.13 -3.43 0.28
CA ASN A 104 -2.13 -4.41 0.73
C ASN A 104 -1.69 -5.16 2.01
N ALA A 105 -2.64 -5.64 2.83
CA ALA A 105 -2.35 -6.29 4.12
C ALA A 105 -3.43 -7.28 4.61
N PRO A 106 -3.58 -8.47 3.98
CA PRO A 106 -4.46 -9.53 4.47
C PRO A 106 -3.97 -10.14 5.78
N VAL A 107 -4.44 -9.57 6.90
CA VAL A 107 -4.15 -10.06 8.27
C VAL A 107 -4.84 -11.40 8.56
N ASN A 108 -4.08 -12.35 9.11
CA ASN A 108 -4.49 -13.72 9.40
C ASN A 108 -5.03 -13.90 10.84
N PHE A 109 -6.34 -14.14 10.94
CA PHE A 109 -7.05 -14.28 12.22
C PHE A 109 -6.92 -15.66 12.89
N ALA A 110 -6.32 -16.64 12.21
CA ALA A 110 -6.15 -18.00 12.71
C ALA A 110 -4.70 -18.26 13.15
N LEU A 111 -3.73 -17.72 12.42
CA LEU A 111 -2.29 -17.88 12.66
C LEU A 111 -1.70 -16.76 13.53
N GLU A 112 -2.37 -15.60 13.58
CA GLU A 112 -1.98 -14.33 14.23
C GLU A 112 -0.94 -13.52 13.43
N THR A 113 -0.75 -13.84 12.15
CA THR A 113 0.27 -13.25 11.27
C THR A 113 -0.36 -12.25 10.30
N VAL A 114 0.44 -11.61 9.46
CA VAL A 114 -0.05 -10.81 8.31
C VAL A 114 1.01 -10.83 7.21
N THR A 115 0.57 -11.00 5.96
CA THR A 115 1.39 -10.77 4.76
C THR A 115 1.10 -9.35 4.31
N VAL A 116 2.14 -8.51 4.19
CA VAL A 116 2.03 -7.10 3.78
C VAL A 116 2.74 -6.90 2.45
N GLU A 117 2.07 -6.20 1.53
CA GLU A 117 2.57 -5.74 0.22
C GLU A 117 2.81 -4.24 0.29
N TYR A 118 4.05 -3.79 0.05
CA TYR A 118 4.50 -2.41 0.32
C TYR A 118 5.80 -2.04 -0.39
N ASN A 119 6.15 -0.75 -0.45
CA ASN A 119 7.45 -0.28 -0.90
C ASN A 119 8.40 -0.04 0.30
N PRO A 120 9.40 -0.92 0.56
CA PRO A 120 10.46 -0.68 1.55
C PRO A 120 11.44 0.45 1.16
N LYS A 121 11.14 1.20 0.09
CA LYS A 121 11.90 2.38 -0.36
C LYS A 121 11.41 3.68 0.31
N GLU A 122 10.39 3.62 1.19
CA GLU A 122 9.78 4.78 1.85
C GLU A 122 9.04 4.39 3.16
N ALA A 123 8.27 3.29 3.16
CA ALA A 123 7.62 2.79 4.37
C ALA A 123 8.59 1.90 5.19
N SER A 124 8.72 2.16 6.49
CA SER A 124 9.65 1.45 7.38
C SER A 124 8.94 0.56 8.42
N VAL A 125 9.69 -0.37 9.05
CA VAL A 125 9.19 -1.18 10.19
C VAL A 125 8.83 -0.30 11.39
N SER A 126 9.46 0.87 11.54
CA SER A 126 9.14 1.85 12.58
C SER A 126 7.77 2.50 12.32
N ASP A 127 7.44 2.82 11.06
CA ASP A 127 6.13 3.37 10.68
C ASP A 127 5.00 2.34 10.82
N LEU A 128 5.26 1.07 10.50
CA LEU A 128 4.32 -0.03 10.79
C LEU A 128 4.10 -0.16 12.30
N LYS A 129 5.16 -0.10 13.10
CA LYS A 129 5.04 0.05 14.55
C LYS A 129 4.25 1.29 14.97
N GLU A 130 4.47 2.49 14.43
CA GLU A 130 3.71 3.71 14.77
C GLU A 130 2.22 3.63 14.38
N ALA A 131 1.89 2.85 13.34
CA ALA A 131 0.50 2.53 13.01
C ALA A 131 -0.12 1.58 14.03
N VAL A 132 0.54 0.44 14.30
CA VAL A 132 0.02 -0.60 15.21
C VAL A 132 0.05 -0.18 16.70
N ASP A 133 0.91 0.77 17.10
CA ASP A 133 1.01 1.30 18.48
C ASP A 133 -0.31 1.89 19.01
N LYS A 134 -1.07 2.55 18.15
CA LYS A 134 -2.39 3.14 18.48
C LYS A 134 -3.50 2.08 18.59
N LEU A 135 -3.32 0.88 17.99
CA LEU A 135 -4.17 -0.30 18.21
C LEU A 135 -3.62 -1.23 19.30
N GLY A 136 -2.45 -0.92 19.86
CA GLY A 136 -1.93 -1.46 21.12
C GLY A 136 -0.91 -2.60 20.99
N TYR A 137 -0.92 -3.36 19.90
CA TYR A 137 -0.08 -4.56 19.73
C TYR A 137 1.42 -4.27 19.48
N LYS A 138 2.23 -5.32 19.30
CA LYS A 138 3.56 -5.21 18.71
C LYS A 138 3.72 -6.21 17.56
N LEU A 139 4.72 -5.94 16.71
CA LEU A 139 4.94 -6.64 15.45
C LEU A 139 6.32 -7.31 15.46
N LYS A 140 6.36 -8.63 15.39
CA LYS A 140 7.57 -9.36 14.99
C LYS A 140 7.62 -9.46 13.46
N LEU A 141 8.81 -9.59 12.87
CA LEU A 141 8.98 -9.97 11.46
C LEU A 141 9.32 -11.46 11.37
N LYS A 142 8.81 -12.10 10.33
CA LYS A 142 8.99 -13.52 10.02
C LYS A 142 10.16 -13.62 9.04
N GLY A 143 11.21 -14.33 9.43
CA GLY A 143 12.53 -14.29 8.79
C GLY A 143 13.27 -13.01 9.18
N GLU A 144 12.70 -11.86 8.81
CA GLU A 144 13.34 -10.55 8.95
C GLU A 144 13.50 -10.03 10.41
N GLN A 145 13.02 -10.75 11.42
CA GLN A 145 13.48 -10.63 12.83
C GLN A 145 13.54 -12.02 13.49
N ASP A 146 12.41 -12.54 13.99
CA ASP A 146 12.38 -13.62 15.00
C ASP A 146 12.41 -15.03 14.38
N SER A 147 12.42 -15.09 13.04
CA SER A 147 12.67 -16.24 12.14
C SER A 147 11.39 -16.93 11.69
N MET A 1 -16.83 3.67 4.68
CA MET A 1 -17.59 2.57 4.04
C MET A 1 -17.80 2.91 2.57
N LEU A 2 -19.04 3.00 2.05
CA LEU A 2 -19.33 3.18 0.61
C LEU A 2 -19.17 4.65 0.15
N SER A 3 -17.95 5.15 0.31
CA SER A 3 -17.34 6.44 -0.07
C SER A 3 -16.39 6.92 1.05
N GLU A 4 -15.13 7.17 0.70
CA GLU A 4 -14.05 7.75 1.50
C GLU A 4 -12.76 7.79 0.65
N GLN A 5 -12.45 8.96 0.08
CA GLN A 5 -11.29 9.12 -0.80
C GLN A 5 -10.03 9.32 0.05
N LYS A 6 -8.98 8.55 -0.23
CA LYS A 6 -7.71 8.53 0.51
C LYS A 6 -6.49 8.38 -0.44
N GLU A 7 -5.29 8.59 0.10
CA GLU A 7 -4.04 8.59 -0.63
C GLU A 7 -3.34 7.23 -0.63
N ILE A 8 -2.53 6.97 -1.66
CA ILE A 8 -1.64 5.80 -1.78
C ILE A 8 -0.50 6.13 -2.77
N ALA A 9 0.65 5.45 -2.66
CA ALA A 9 1.87 5.78 -3.41
C ALA A 9 2.70 4.53 -3.77
N MET A 10 3.48 4.63 -4.86
CA MET A 10 4.37 3.58 -5.37
C MET A 10 5.56 4.16 -6.15
N GLN A 11 6.76 3.62 -5.93
CA GLN A 11 8.02 4.06 -6.53
C GLN A 11 8.38 3.17 -7.72
N VAL A 12 8.80 3.79 -8.83
CA VAL A 12 8.91 3.19 -10.18
C VAL A 12 10.38 3.23 -10.65
N SER A 13 10.71 2.49 -11.70
CA SER A 13 11.77 2.87 -12.66
C SER A 13 11.26 2.77 -14.10
N GLY A 14 11.62 3.73 -14.95
CA GLY A 14 11.21 3.82 -16.36
C GLY A 14 10.23 4.95 -16.67
N MET A 15 10.04 5.94 -15.78
CA MET A 15 9.35 7.21 -16.09
C MET A 15 10.29 8.35 -16.52
N THR A 16 11.60 8.09 -16.55
CA THR A 16 12.72 9.04 -16.72
C THR A 16 12.65 10.02 -17.90
N CYS A 17 11.80 9.77 -18.92
CA CYS A 17 11.65 10.64 -20.09
C CYS A 17 10.52 11.68 -19.93
N ALA A 18 9.88 11.76 -18.75
CA ALA A 18 8.90 12.78 -18.31
C ALA A 18 7.51 12.65 -18.97
N ALA A 19 7.43 12.37 -20.27
CA ALA A 19 6.16 12.05 -20.93
C ALA A 19 5.56 10.73 -20.41
N CYS A 20 6.40 9.82 -19.92
CA CYS A 20 6.02 8.66 -19.14
C CYS A 20 5.25 9.05 -17.86
N ALA A 21 5.71 10.05 -17.11
CA ALA A 21 5.01 10.57 -15.93
C ALA A 21 3.63 11.14 -16.32
N ALA A 22 3.56 11.93 -17.40
CA ALA A 22 2.30 12.43 -17.96
C ALA A 22 1.34 11.28 -18.35
N ARG A 23 1.87 10.17 -18.90
CA ARG A 23 1.12 8.95 -19.20
C ARG A 23 0.69 8.17 -17.95
N ILE A 24 1.44 8.21 -16.84
CA ILE A 24 1.03 7.59 -15.57
C ILE A 24 -0.13 8.39 -14.96
N GLU A 25 -0.01 9.72 -14.82
CA GLU A 25 -1.08 10.56 -14.25
C GLU A 25 -2.39 10.40 -15.03
N LYS A 26 -2.36 10.57 -16.36
CA LYS A 26 -3.49 10.36 -17.25
C LYS A 26 -4.03 8.91 -17.21
N GLY A 27 -3.14 7.93 -16.98
CA GLY A 27 -3.46 6.51 -16.95
C GLY A 27 -4.24 6.11 -15.71
N LEU A 28 -3.85 6.59 -14.52
CA LEU A 28 -4.65 6.43 -13.31
C LEU A 28 -5.93 7.27 -13.36
N LYS A 29 -5.91 8.45 -14.00
CA LYS A 29 -7.10 9.30 -14.14
C LYS A 29 -8.31 8.60 -14.81
N ARG A 30 -8.09 7.48 -15.54
CA ARG A 30 -9.13 6.60 -16.08
C ARG A 30 -9.44 5.33 -15.24
N MET A 31 -9.16 5.32 -13.92
CA MET A 31 -9.72 4.30 -13.00
C MET A 31 -11.04 4.80 -12.38
N PRO A 32 -12.10 3.97 -12.30
CA PRO A 32 -13.45 4.42 -11.89
C PRO A 32 -13.51 4.96 -10.45
N GLY A 33 -12.56 4.62 -9.58
CA GLY A 33 -12.45 5.18 -8.22
C GLY A 33 -11.46 6.34 -8.05
N VAL A 34 -10.71 6.75 -9.07
CA VAL A 34 -9.60 7.72 -8.90
C VAL A 34 -10.08 9.16 -9.09
N THR A 35 -9.81 10.02 -8.10
CA THR A 35 -10.04 11.46 -8.21
C THR A 35 -8.79 12.20 -8.69
N ASP A 36 -7.57 11.76 -8.36
CA ASP A 36 -6.37 12.41 -8.90
C ASP A 36 -5.06 11.60 -8.80
N ALA A 37 -4.05 11.98 -9.58
CA ALA A 37 -2.75 11.32 -9.63
C ALA A 37 -1.60 12.34 -9.80
N ASN A 38 -0.45 12.05 -9.18
CA ASN A 38 0.70 12.95 -9.10
C ASN A 38 2.02 12.14 -9.23
N VAL A 39 2.97 12.59 -10.04
CA VAL A 39 4.31 11.98 -10.15
C VAL A 39 5.42 12.97 -9.81
N ASN A 40 6.30 12.56 -8.89
CA ASN A 40 7.62 13.17 -8.67
C ASN A 40 8.67 12.37 -9.46
N LEU A 41 9.23 12.96 -10.53
CA LEU A 41 10.27 12.31 -11.35
C LEU A 41 11.65 12.34 -10.67
N ALA A 42 11.99 13.40 -9.93
CA ALA A 42 13.28 13.52 -9.22
C ALA A 42 13.58 12.36 -8.25
N THR A 43 12.56 11.67 -7.71
CA THR A 43 12.68 10.38 -6.99
C THR A 43 11.78 9.29 -7.57
N GLU A 44 11.45 9.38 -8.86
CA GLU A 44 10.60 8.48 -9.67
C GLU A 44 9.49 7.74 -8.90
N THR A 45 8.61 8.51 -8.24
CA THR A 45 7.55 8.01 -7.36
C THR A 45 6.22 8.64 -7.70
N SER A 46 5.20 7.78 -7.77
CA SER A 46 3.81 8.13 -8.01
C SER A 46 3.02 8.16 -6.69
N ASN A 47 2.09 9.11 -6.57
CA ASN A 47 1.25 9.35 -5.39
C ASN A 47 -0.16 9.70 -5.90
N VAL A 48 -1.21 8.97 -5.50
CA VAL A 48 -2.55 9.08 -6.11
C VAL A 48 -3.65 9.09 -5.03
N ILE A 49 -4.82 9.65 -5.37
CA ILE A 49 -5.96 9.83 -4.47
C ILE A 49 -7.22 9.22 -5.11
N TYR A 50 -7.85 8.30 -4.37
CA TYR A 50 -8.89 7.39 -4.87
C TYR A 50 -9.85 6.86 -3.79
N ASP A 51 -11.04 6.39 -4.20
CA ASP A 51 -12.07 5.77 -3.35
C ASP A 51 -12.03 4.21 -3.42
N PRO A 52 -11.94 3.50 -2.29
CA PRO A 52 -11.84 2.04 -2.25
C PRO A 52 -13.15 1.31 -2.62
N ALA A 53 -14.28 2.01 -2.72
CA ALA A 53 -15.56 1.40 -3.12
C ALA A 53 -15.54 0.95 -4.59
N GLU A 54 -15.12 1.83 -5.51
CA GLU A 54 -15.13 1.57 -6.96
C GLU A 54 -13.85 0.87 -7.47
N THR A 55 -12.85 0.59 -6.64
CA THR A 55 -11.57 0.01 -7.08
C THR A 55 -10.89 -0.75 -5.96
N GLY A 56 -10.54 -2.02 -6.21
CA GLY A 56 -9.71 -2.82 -5.31
C GLY A 56 -8.24 -2.43 -5.45
N THR A 57 -7.52 -2.33 -4.33
CA THR A 57 -6.24 -1.59 -4.25
C THR A 57 -5.07 -2.21 -5.03
N ALA A 58 -5.12 -3.50 -5.36
CA ALA A 58 -4.18 -4.12 -6.32
C ALA A 58 -4.21 -3.47 -7.72
N ALA A 59 -5.29 -2.78 -8.09
CA ALA A 59 -5.37 -2.04 -9.35
C ALA A 59 -4.36 -0.88 -9.45
N ILE A 60 -3.84 -0.40 -8.31
CA ILE A 60 -2.88 0.72 -8.25
C ILE A 60 -1.58 0.37 -8.98
N GLN A 61 -1.01 -0.82 -8.75
CA GLN A 61 0.11 -1.28 -9.56
C GLN A 61 -0.32 -1.65 -10.99
N GLU A 62 -1.42 -2.40 -11.15
CA GLU A 62 -1.86 -2.96 -12.44
C GLU A 62 -1.99 -1.89 -13.53
N LYS A 63 -2.55 -0.73 -13.18
CA LYS A 63 -2.75 0.37 -14.11
C LYS A 63 -1.45 1.12 -14.45
N ILE A 64 -0.41 1.03 -13.61
CA ILE A 64 0.93 1.57 -13.89
C ILE A 64 1.75 0.56 -14.71
N GLU A 65 1.70 -0.73 -14.38
CA GLU A 65 2.26 -1.83 -15.18
C GLU A 65 1.76 -1.75 -16.64
N LYS A 66 0.49 -1.37 -16.84
CA LYS A 66 -0.11 -1.18 -18.17
C LYS A 66 0.60 -0.15 -19.07
N LEU A 67 1.45 0.74 -18.53
CA LEU A 67 2.28 1.67 -19.32
C LEU A 67 3.66 1.09 -19.68
N GLY A 68 4.02 -0.11 -19.22
CA GLY A 68 5.26 -0.80 -19.60
C GLY A 68 6.49 -0.30 -18.83
N TYR A 69 6.34 -0.13 -17.51
CA TYR A 69 7.36 0.38 -16.60
C TYR A 69 8.38 -0.69 -16.15
N HIS A 70 9.06 -0.43 -15.03
CA HIS A 70 9.64 -1.42 -14.13
C HIS A 70 9.57 -0.92 -12.68
N VAL A 71 9.96 -1.73 -11.69
CA VAL A 71 9.56 -1.51 -10.28
C VAL A 71 10.43 -2.33 -9.33
N VAL A 72 10.34 -2.03 -8.02
CA VAL A 72 10.75 -2.93 -6.94
C VAL A 72 9.59 -3.08 -5.96
N THR A 73 9.23 -4.32 -5.64
CA THR A 73 8.07 -4.71 -4.82
C THR A 73 8.44 -5.87 -3.92
N GLU A 74 7.84 -5.94 -2.73
CA GLU A 74 8.04 -7.02 -1.78
C GLU A 74 6.70 -7.45 -1.16
N LYS A 75 6.60 -8.73 -0.79
CA LYS A 75 5.57 -9.20 0.15
C LYS A 75 6.21 -9.77 1.42
N ALA A 76 5.62 -9.42 2.56
CA ALA A 76 6.05 -9.88 3.88
C ALA A 76 4.82 -10.24 4.72
N GLU A 77 5.04 -11.08 5.72
CA GLU A 77 4.09 -11.29 6.81
C GLU A 77 4.65 -10.80 8.15
N PHE A 78 3.74 -10.39 9.05
CA PHE A 78 4.05 -9.94 10.41
C PHE A 78 3.04 -10.55 11.39
N ASP A 79 3.50 -10.86 12.61
CA ASP A 79 2.68 -11.38 13.70
C ASP A 79 2.06 -10.22 14.50
N ILE A 80 0.73 -10.25 14.62
CA ILE A 80 -0.07 -9.31 15.40
C ILE A 80 -0.17 -9.84 16.83
N GLU A 81 0.91 -9.69 17.59
CA GLU A 81 1.04 -10.18 18.97
C GLU A 81 0.32 -9.27 19.96
N GLY A 82 -0.94 -8.99 19.65
CA GLY A 82 -1.83 -8.13 20.41
C GLY A 82 -3.30 -8.20 20.00
N MET A 83 -3.69 -9.08 19.07
CA MET A 83 -5.09 -9.25 18.61
C MET A 83 -5.50 -10.72 18.72
N THR A 84 -6.79 -10.99 18.99
CA THR A 84 -7.31 -12.35 19.25
C THR A 84 -8.57 -12.71 18.47
N CYS A 85 -9.11 -11.79 17.65
CA CYS A 85 -10.41 -11.91 16.97
C CYS A 85 -10.57 -10.85 15.86
N ALA A 86 -11.50 -11.08 14.93
CA ALA A 86 -11.70 -10.28 13.71
C ALA A 86 -11.84 -8.78 13.96
N ALA A 87 -12.62 -8.33 14.94
CA ALA A 87 -12.74 -6.91 15.27
C ALA A 87 -11.38 -6.24 15.55
N CYS A 88 -10.48 -6.95 16.22
CA CYS A 88 -9.12 -6.48 16.51
C CYS A 88 -8.21 -6.47 15.27
N ALA A 89 -8.39 -7.41 14.34
CA ALA A 89 -7.76 -7.39 13.02
C ALA A 89 -8.23 -6.19 12.18
N ASN A 90 -9.54 -6.05 11.96
CA ASN A 90 -10.14 -4.94 11.20
C ASN A 90 -9.69 -3.55 11.73
N ARG A 91 -9.54 -3.40 13.05
CA ARG A 91 -9.03 -2.17 13.69
C ARG A 91 -7.64 -1.73 13.20
N ILE A 92 -6.74 -2.66 12.85
CA ILE A 92 -5.47 -2.29 12.17
C ILE A 92 -5.57 -2.39 10.64
N GLU A 93 -6.35 -3.31 10.09
CA GLU A 93 -6.42 -3.57 8.63
C GLU A 93 -6.71 -2.29 7.84
N LYS A 94 -7.66 -1.47 8.29
CA LYS A 94 -8.03 -0.24 7.61
C LYS A 94 -6.84 0.75 7.45
N ARG A 95 -5.86 0.74 8.37
CA ARG A 95 -4.62 1.52 8.26
C ARG A 95 -3.51 0.75 7.54
N LEU A 96 -3.36 -0.57 7.78
CA LEU A 96 -2.41 -1.45 7.08
C LEU A 96 -2.58 -1.40 5.55
N ASN A 97 -3.83 -1.38 5.08
CA ASN A 97 -4.21 -1.15 3.67
C ASN A 97 -3.49 0.04 3.05
N LYS A 98 -3.44 1.17 3.77
CA LYS A 98 -2.86 2.44 3.34
C LYS A 98 -2.04 3.06 4.48
N ILE A 99 -0.84 2.54 4.72
CA ILE A 99 0.22 3.26 5.45
C ILE A 99 0.79 4.33 4.51
N GLU A 100 2.08 4.28 4.25
CA GLU A 100 2.76 5.02 3.20
C GLU A 100 3.42 3.94 2.35
N GLY A 101 3.16 3.92 1.04
CA GLY A 101 3.97 3.17 0.06
C GLY A 101 3.63 1.68 -0.08
N VAL A 102 2.75 1.22 0.81
CA VAL A 102 1.97 -0.02 0.69
C VAL A 102 1.05 -0.02 -0.54
N ALA A 103 0.80 -1.22 -1.09
CA ALA A 103 -0.22 -1.49 -2.10
C ALA A 103 -1.42 -2.28 -1.53
N ASN A 104 -1.17 -3.41 -0.83
CA ASN A 104 -2.22 -4.24 -0.20
C ASN A 104 -1.86 -4.69 1.23
N ALA A 105 -2.90 -5.01 2.02
CA ALA A 105 -2.78 -5.83 3.24
C ALA A 105 -4.16 -6.41 3.67
N PRO A 106 -4.26 -7.75 3.81
CA PRO A 106 -5.28 -8.42 4.64
C PRO A 106 -4.67 -8.94 5.96
N VAL A 107 -5.36 -8.74 7.08
CA VAL A 107 -4.91 -9.15 8.43
C VAL A 107 -5.66 -10.43 8.85
N ASN A 108 -4.94 -11.51 9.15
CA ASN A 108 -5.56 -12.78 9.54
C ASN A 108 -6.07 -12.77 11.00
N PHE A 109 -7.30 -13.27 11.20
CA PHE A 109 -8.04 -13.20 12.46
C PHE A 109 -8.00 -14.47 13.32
N ALA A 110 -7.36 -15.55 12.83
CA ALA A 110 -7.15 -16.80 13.57
C ALA A 110 -5.68 -17.24 13.62
N LEU A 111 -4.92 -17.00 12.54
CA LEU A 111 -3.49 -17.29 12.44
C LEU A 111 -2.64 -16.21 13.12
N GLU A 112 -3.21 -15.03 13.38
CA GLU A 112 -2.58 -13.84 13.99
C GLU A 112 -1.55 -13.16 13.08
N THR A 113 -1.47 -13.51 11.79
CA THR A 113 -0.46 -12.98 10.86
C THR A 113 -1.10 -12.08 9.82
N VAL A 114 -0.63 -10.84 9.69
CA VAL A 114 -1.01 -9.96 8.55
C VAL A 114 -0.08 -10.24 7.38
N THR A 115 -0.62 -10.25 6.15
CA THR A 115 0.15 -10.26 4.91
C THR A 115 0.20 -8.83 4.38
N VAL A 116 1.36 -8.36 3.95
CA VAL A 116 1.57 -6.99 3.43
C VAL A 116 2.27 -7.05 2.07
N GLU A 117 1.81 -6.23 1.13
CA GLU A 117 2.32 -6.06 -0.23
C GLU A 117 2.67 -4.58 -0.43
N TYR A 118 3.94 -4.27 -0.72
CA TYR A 118 4.47 -2.90 -0.59
C TYR A 118 5.74 -2.62 -1.42
N ASN A 119 6.10 -1.34 -1.56
CA ASN A 119 7.41 -0.92 -2.06
C ASN A 119 8.43 -0.86 -0.89
N PRO A 120 9.54 -1.64 -0.94
CA PRO A 120 10.49 -1.77 0.17
C PRO A 120 11.49 -0.61 0.30
N LYS A 121 11.22 0.55 -0.31
CA LYS A 121 12.05 1.77 -0.18
C LYS A 121 11.27 3.04 0.19
N GLU A 122 9.96 3.11 -0.06
CA GLU A 122 9.12 4.24 0.34
C GLU A 122 8.84 4.24 1.85
N ALA A 123 8.69 3.06 2.46
CA ALA A 123 8.45 2.84 3.88
C ALA A 123 9.01 1.47 4.33
N SER A 124 9.00 1.18 5.63
CA SER A 124 9.49 -0.09 6.16
C SER A 124 8.90 -0.44 7.55
N VAL A 125 9.51 -1.38 8.27
CA VAL A 125 8.97 -2.00 9.50
C VAL A 125 8.82 -1.00 10.65
N SER A 126 9.46 0.17 10.59
CA SER A 126 9.23 1.28 11.51
C SER A 126 7.87 1.95 11.32
N ASP A 127 7.46 2.19 10.07
CA ASP A 127 6.15 2.80 9.73
C ASP A 127 5.00 1.82 10.02
N LEU A 128 5.22 0.54 9.71
CA LEU A 128 4.35 -0.58 10.07
C LEU A 128 4.23 -0.72 11.60
N LYS A 129 5.32 -0.60 12.35
CA LYS A 129 5.25 -0.46 13.81
C LYS A 129 4.39 0.73 14.21
N GLU A 130 4.69 1.97 13.80
CA GLU A 130 3.88 3.14 14.20
C GLU A 130 2.38 2.96 13.90
N ALA A 131 2.02 2.40 12.74
CA ALA A 131 0.62 2.15 12.36
C ALA A 131 -0.12 1.16 13.28
N VAL A 132 0.59 0.25 13.93
CA VAL A 132 0.05 -0.79 14.84
C VAL A 132 0.20 -0.43 16.32
N ASP A 133 1.28 0.27 16.69
CA ASP A 133 1.54 0.85 18.00
C ASP A 133 0.42 1.81 18.40
N LYS A 134 -0.05 2.60 17.44
CA LYS A 134 -1.19 3.52 17.53
C LYS A 134 -2.51 2.85 17.97
N LEU A 135 -2.71 1.56 17.69
CA LEU A 135 -3.90 0.78 18.08
C LEU A 135 -3.72 0.03 19.41
N GLY A 136 -2.51 -0.01 19.98
CA GLY A 136 -2.23 -0.65 21.28
C GLY A 136 -1.81 -2.12 21.17
N TYR A 137 -1.31 -2.55 20.01
CA TYR A 137 -0.62 -3.85 19.84
C TYR A 137 0.90 -3.60 19.64
N LYS A 138 1.64 -4.59 19.14
CA LYS A 138 2.86 -4.37 18.37
C LYS A 138 2.89 -5.38 17.22
N LEU A 139 3.80 -5.20 16.29
CA LEU A 139 4.16 -6.18 15.28
C LEU A 139 5.43 -6.92 15.70
N LYS A 140 5.52 -8.21 15.36
CA LYS A 140 6.81 -8.91 15.25
C LYS A 140 7.03 -9.43 13.82
N LEU A 141 8.26 -9.32 13.30
CA LEU A 141 8.61 -9.88 11.98
C LEU A 141 8.56 -11.40 11.98
N LYS A 142 8.45 -11.92 10.76
CA LYS A 142 8.46 -13.34 10.42
C LYS A 142 9.75 -13.54 9.61
N GLY A 143 10.58 -14.46 10.06
CA GLY A 143 12.02 -14.43 9.82
C GLY A 143 12.68 -13.55 10.87
N GLU A 144 12.71 -12.24 10.65
CA GLU A 144 13.51 -11.29 11.46
C GLU A 144 12.89 -10.89 12.82
N GLN A 145 12.43 -11.88 13.60
CA GLN A 145 11.99 -11.84 15.00
C GLN A 145 11.42 -13.22 15.37
N ASP A 146 10.15 -13.48 15.04
CA ASP A 146 9.39 -14.66 15.47
C ASP A 146 9.75 -15.93 14.70
N SER A 147 10.51 -15.77 13.60
CA SER A 147 11.00 -16.81 12.68
C SER A 147 9.88 -17.48 11.91
N MET A 1 -14.56 5.61 6.66
CA MET A 1 -13.99 6.88 7.17
C MET A 1 -13.16 7.51 6.07
N LEU A 2 -13.65 8.63 5.51
CA LEU A 2 -13.14 9.50 4.44
C LEU A 2 -14.28 9.89 3.49
N SER A 3 -14.17 11.05 2.87
CA SER A 3 -15.16 11.66 1.98
C SER A 3 -15.16 11.05 0.56
N GLU A 4 -14.92 9.74 0.47
CA GLU A 4 -15.06 8.86 -0.68
C GLU A 4 -13.79 8.90 -1.52
N GLN A 5 -13.12 10.05 -1.55
CA GLN A 5 -11.71 10.11 -1.89
C GLN A 5 -10.87 9.37 -0.84
N LYS A 6 -10.23 8.27 -1.26
CA LYS A 6 -9.06 7.71 -0.58
C LYS A 6 -7.79 8.03 -1.38
N GLU A 7 -6.67 8.27 -0.70
CA GLU A 7 -5.36 8.54 -1.31
C GLU A 7 -4.32 7.48 -0.95
N ILE A 8 -3.42 7.18 -1.88
CA ILE A 8 -2.30 6.21 -1.75
C ILE A 8 -1.14 6.68 -2.64
N ALA A 9 0.08 6.23 -2.34
CA ALA A 9 1.26 6.41 -3.19
C ALA A 9 2.10 5.13 -3.28
N MET A 10 2.70 4.87 -4.43
CA MET A 10 3.50 3.69 -4.78
C MET A 10 4.73 4.09 -5.60
N GLN A 11 5.85 3.41 -5.38
CA GLN A 11 7.13 3.69 -6.04
C GLN A 11 7.26 2.81 -7.29
N VAL A 12 7.51 3.44 -8.46
CA VAL A 12 7.48 2.80 -9.79
C VAL A 12 8.79 3.03 -10.57
N SER A 13 9.49 1.96 -10.92
CA SER A 13 10.76 1.98 -11.64
C SER A 13 10.60 1.86 -13.16
N GLY A 14 11.49 2.54 -13.90
CA GLY A 14 11.59 2.52 -15.37
C GLY A 14 11.25 3.86 -16.06
N MET A 15 11.07 4.96 -15.32
CA MET A 15 10.77 6.27 -15.88
C MET A 15 12.00 6.96 -16.51
N THR A 16 11.82 7.47 -17.73
CA THR A 16 12.79 8.25 -18.51
C THR A 16 12.11 9.46 -19.16
N CYS A 17 12.93 10.37 -19.71
CA CYS A 17 12.56 11.46 -20.63
C CYS A 17 11.64 12.55 -20.03
N ALA A 18 11.20 12.40 -18.78
CA ALA A 18 10.09 13.10 -18.12
C ALA A 18 8.70 12.80 -18.73
N ALA A 19 8.65 12.24 -19.94
CA ALA A 19 7.41 11.85 -20.63
C ALA A 19 6.83 10.52 -20.11
N CYS A 20 7.62 9.66 -19.45
CA CYS A 20 7.09 8.51 -18.71
C CYS A 20 6.02 8.91 -17.67
N ALA A 21 6.19 10.08 -17.04
CA ALA A 21 5.18 10.65 -16.15
C ALA A 21 3.84 10.90 -16.86
N ALA A 22 3.89 11.56 -18.03
CA ALA A 22 2.71 11.76 -18.89
C ALA A 22 2.03 10.43 -19.27
N ARG A 23 2.83 9.40 -19.60
CA ARG A 23 2.35 8.06 -19.92
C ARG A 23 1.68 7.35 -18.74
N ILE A 24 2.16 7.53 -17.50
CA ILE A 24 1.52 6.98 -16.28
C ILE A 24 0.18 7.69 -16.01
N GLU A 25 0.22 9.01 -15.86
CA GLU A 25 -0.93 9.84 -15.42
C GLU A 25 -2.11 9.70 -16.37
N LYS A 26 -1.94 9.91 -17.68
CA LYS A 26 -3.01 9.74 -18.65
C LYS A 26 -3.58 8.32 -18.67
N GLY A 27 -2.74 7.30 -18.38
CA GLY A 27 -3.13 5.90 -18.29
C GLY A 27 -4.03 5.56 -17.09
N LEU A 28 -3.84 6.20 -15.92
CA LEU A 28 -4.76 6.05 -14.78
C LEU A 28 -5.98 6.98 -14.91
N LYS A 29 -5.78 8.21 -15.36
CA LYS A 29 -6.82 9.21 -15.64
C LYS A 29 -7.87 8.78 -16.70
N ARG A 30 -7.67 7.61 -17.33
CA ARG A 30 -8.64 6.87 -18.15
C ARG A 30 -9.82 6.25 -17.37
N MET A 31 -9.65 5.84 -16.10
CA MET A 31 -10.70 5.11 -15.35
C MET A 31 -11.58 6.02 -14.48
N PRO A 32 -12.93 5.94 -14.55
CA PRO A 32 -13.85 6.90 -13.91
C PRO A 32 -13.83 6.86 -12.38
N GLY A 33 -13.30 5.79 -11.77
CA GLY A 33 -13.11 5.69 -10.31
C GLY A 33 -11.85 6.39 -9.80
N VAL A 34 -11.01 6.93 -10.67
CA VAL A 34 -9.81 7.73 -10.31
C VAL A 34 -10.16 9.20 -10.51
N THR A 35 -9.97 10.03 -9.46
CA THR A 35 -10.17 11.48 -9.54
C THR A 35 -8.86 12.19 -9.85
N ASP A 36 -7.70 11.66 -9.39
CA ASP A 36 -6.40 12.23 -9.75
C ASP A 36 -5.25 11.21 -9.65
N ALA A 37 -4.18 11.44 -10.42
CA ALA A 37 -2.94 10.68 -10.41
C ALA A 37 -1.79 11.60 -10.80
N ASN A 38 -0.74 11.65 -9.97
CA ASN A 38 0.41 12.53 -10.14
C ASN A 38 1.71 11.80 -9.77
N VAL A 39 2.66 11.68 -10.69
CA VAL A 39 3.93 10.99 -10.43
C VAL A 39 5.09 11.98 -10.33
N ASN A 40 5.70 12.02 -9.14
CA ASN A 40 6.88 12.80 -8.83
C ASN A 40 8.11 12.09 -9.41
N LEU A 41 8.67 12.63 -10.50
CA LEU A 41 9.86 12.07 -11.16
C LEU A 41 11.08 12.10 -10.22
N ALA A 42 11.30 13.22 -9.52
CA ALA A 42 12.41 13.47 -8.61
C ALA A 42 12.39 12.65 -7.30
N THR A 43 11.38 11.78 -7.10
CA THR A 43 11.31 10.79 -6.01
C THR A 43 10.69 9.46 -6.50
N GLU A 44 10.62 9.26 -7.82
CA GLU A 44 10.23 8.01 -8.50
C GLU A 44 8.87 7.38 -8.02
N THR A 45 7.95 8.23 -7.53
CA THR A 45 6.76 7.82 -6.76
C THR A 45 5.49 8.39 -7.38
N SER A 46 4.51 7.52 -7.64
CA SER A 46 3.18 7.86 -8.10
C SER A 46 2.22 8.01 -6.93
N ASN A 47 1.51 9.14 -6.85
CA ASN A 47 0.56 9.49 -5.79
C ASN A 47 -0.82 9.64 -6.43
N VAL A 48 -1.86 8.97 -5.92
CA VAL A 48 -3.17 8.90 -6.61
C VAL A 48 -4.33 9.04 -5.63
N ILE A 49 -5.47 9.52 -6.12
CA ILE A 49 -6.72 9.75 -5.37
C ILE A 49 -7.89 9.16 -6.17
N TYR A 50 -8.68 8.31 -5.49
CA TYR A 50 -9.60 7.33 -6.10
C TYR A 50 -10.76 6.94 -5.17
N ASP A 51 -11.81 6.35 -5.74
CA ASP A 51 -13.09 6.02 -5.08
C ASP A 51 -13.28 4.51 -4.83
N PRO A 52 -13.74 4.07 -3.64
CA PRO A 52 -13.81 2.66 -3.24
C PRO A 52 -15.07 1.96 -3.78
N ALA A 53 -15.19 1.90 -5.10
CA ALA A 53 -16.32 1.33 -5.83
C ALA A 53 -15.94 1.06 -7.30
N GLU A 54 -15.78 2.12 -8.08
CA GLU A 54 -15.50 2.07 -9.53
C GLU A 54 -14.01 1.81 -9.85
N THR A 55 -13.22 1.39 -8.85
CA THR A 55 -11.80 1.02 -8.86
C THR A 55 -11.40 0.56 -7.44
N GLY A 56 -10.12 0.23 -7.22
CA GLY A 56 -9.56 -0.15 -5.93
C GLY A 56 -8.03 -0.05 -5.90
N THR A 57 -7.44 -0.15 -4.69
CA THR A 57 -6.01 0.07 -4.44
C THR A 57 -5.12 -0.78 -5.34
N ALA A 58 -5.33 -2.09 -5.40
CA ALA A 58 -4.54 -2.98 -6.26
C ALA A 58 -4.70 -2.69 -7.77
N ALA A 59 -5.83 -2.13 -8.21
CA ALA A 59 -6.03 -1.71 -9.60
C ALA A 59 -5.18 -0.48 -9.97
N ILE A 60 -4.69 0.29 -8.99
CA ILE A 60 -3.69 1.35 -9.21
C ILE A 60 -2.37 0.73 -9.66
N GLN A 61 -1.78 -0.17 -8.86
CA GLN A 61 -0.46 -0.72 -9.16
C GLN A 61 -0.49 -1.63 -10.39
N GLU A 62 -1.56 -2.43 -10.60
CA GLU A 62 -1.72 -3.22 -11.81
C GLU A 62 -1.92 -2.34 -13.05
N LYS A 63 -2.59 -1.18 -12.95
CA LYS A 63 -2.61 -0.24 -14.07
C LYS A 63 -1.24 0.41 -14.30
N ILE A 64 -0.51 0.80 -13.25
CA ILE A 64 0.87 1.33 -13.38
C ILE A 64 1.76 0.35 -14.14
N GLU A 65 1.76 -0.93 -13.74
CA GLU A 65 2.41 -2.03 -14.48
C GLU A 65 1.96 -2.07 -15.94
N LYS A 66 0.65 -2.06 -16.19
CA LYS A 66 0.07 -2.06 -17.55
C LYS A 66 0.40 -0.83 -18.42
N LEU A 67 1.01 0.24 -17.90
CA LEU A 67 1.55 1.34 -18.72
C LEU A 67 3.00 1.11 -19.17
N GLY A 68 3.69 0.07 -18.66
CA GLY A 68 4.99 -0.40 -19.15
C GLY A 68 6.16 -0.18 -18.19
N TYR A 69 6.00 -0.57 -16.92
CA TYR A 69 6.97 -0.31 -15.83
C TYR A 69 7.17 -1.50 -14.89
N HIS A 70 8.02 -1.34 -13.86
CA HIS A 70 8.07 -2.23 -12.70
C HIS A 70 7.64 -1.46 -11.44
N VAL A 71 6.52 -1.79 -10.81
CA VAL A 71 6.20 -1.29 -9.46
C VAL A 71 7.06 -2.05 -8.43
N VAL A 72 7.75 -1.33 -7.53
CA VAL A 72 8.83 -1.92 -6.71
C VAL A 72 8.36 -2.31 -5.30
N THR A 73 7.26 -3.08 -5.24
CA THR A 73 6.62 -3.53 -4.00
C THR A 73 7.05 -4.95 -3.66
N GLU A 74 7.52 -5.17 -2.43
CA GLU A 74 7.90 -6.46 -1.87
C GLU A 74 6.75 -6.98 -0.99
N LYS A 75 6.45 -8.28 -1.10
CA LYS A 75 5.62 -9.00 -0.14
C LYS A 75 6.47 -9.55 1.01
N ALA A 76 5.98 -9.44 2.25
CA ALA A 76 6.52 -10.13 3.42
C ALA A 76 5.40 -10.50 4.40
N GLU A 77 5.69 -11.47 5.26
CA GLU A 77 4.74 -11.97 6.26
C GLU A 77 5.19 -11.49 7.64
N PHE A 78 4.35 -10.67 8.25
CA PHE A 78 4.56 -10.05 9.55
C PHE A 78 3.81 -10.82 10.65
N ASP A 79 4.36 -10.73 11.85
CA ASP A 79 4.09 -11.58 13.01
C ASP A 79 3.40 -10.74 14.11
N ILE A 80 2.28 -11.23 14.65
CA ILE A 80 1.53 -10.55 15.71
C ILE A 80 1.78 -11.26 17.05
N GLU A 81 1.82 -10.47 18.12
CA GLU A 81 1.57 -10.93 19.47
C GLU A 81 0.51 -9.97 20.04
N GLY A 82 -0.78 -10.32 19.91
CA GLY A 82 -1.79 -9.29 20.07
C GLY A 82 -3.28 -9.62 19.90
N MET A 83 -3.71 -10.76 19.33
CA MET A 83 -5.12 -10.92 18.90
C MET A 83 -5.72 -12.33 19.03
N THR A 84 -6.70 -12.47 19.93
CA THR A 84 -7.49 -13.69 20.15
C THR A 84 -8.90 -13.66 19.55
N CYS A 85 -9.24 -12.61 18.79
CA CYS A 85 -10.56 -12.42 18.18
C CYS A 85 -10.48 -11.78 16.78
N ALA A 86 -11.38 -12.17 15.87
CA ALA A 86 -11.48 -11.62 14.52
C ALA A 86 -11.72 -10.10 14.50
N ALA A 87 -12.40 -9.56 15.51
CA ALA A 87 -12.58 -8.12 15.69
C ALA A 87 -11.23 -7.37 15.82
N CYS A 88 -10.24 -7.97 16.50
CA CYS A 88 -8.88 -7.42 16.59
C CYS A 88 -8.17 -7.47 15.24
N ALA A 89 -8.22 -8.62 14.56
CA ALA A 89 -7.64 -8.79 13.23
C ALA A 89 -8.16 -7.73 12.25
N ASN A 90 -9.47 -7.58 12.10
CA ASN A 90 -10.03 -6.58 11.20
C ASN A 90 -9.79 -5.12 11.67
N ARG A 91 -9.75 -4.85 12.98
CA ARG A 91 -9.32 -3.55 13.52
C ARG A 91 -7.89 -3.17 13.08
N ILE A 92 -6.93 -4.10 13.14
CA ILE A 92 -5.55 -3.84 12.69
C ILE A 92 -5.45 -3.78 11.16
N GLU A 93 -6.15 -4.68 10.46
CA GLU A 93 -6.26 -4.75 9.00
C GLU A 93 -6.66 -3.39 8.41
N LYS A 94 -7.71 -2.76 8.96
CA LYS A 94 -8.22 -1.49 8.47
C LYS A 94 -7.27 -0.28 8.65
N ARG A 95 -6.08 -0.44 9.24
CA ARG A 95 -4.96 0.51 9.09
C ARG A 95 -3.80 -0.09 8.27
N LEU A 96 -3.43 -1.36 8.48
CA LEU A 96 -2.37 -2.07 7.75
C LEU A 96 -2.58 -2.05 6.22
N ASN A 97 -3.81 -2.31 5.79
CA ASN A 97 -4.21 -2.59 4.40
C ASN A 97 -3.69 -1.60 3.35
N LYS A 98 -3.48 -0.34 3.74
CA LYS A 98 -2.67 0.63 2.98
C LYS A 98 -2.16 1.76 3.89
N ILE A 99 -1.08 1.52 4.63
CA ILE A 99 -0.23 2.58 5.20
C ILE A 99 0.49 3.35 4.03
N GLU A 100 1.32 4.34 4.33
CA GLU A 100 1.91 5.23 3.33
C GLU A 100 3.06 4.47 2.66
N GLY A 101 2.94 4.23 1.35
CA GLY A 101 3.85 3.31 0.65
C GLY A 101 3.58 1.83 0.95
N VAL A 102 2.52 1.49 1.70
CA VAL A 102 2.02 0.11 1.79
C VAL A 102 0.88 -0.03 0.79
N ALA A 103 1.01 -0.99 -0.14
CA ALA A 103 0.08 -1.20 -1.24
C ALA A 103 -1.08 -2.12 -0.85
N ASN A 104 -0.81 -3.27 -0.21
CA ASN A 104 -1.86 -4.20 0.22
C ASN A 104 -1.53 -4.87 1.57
N ALA A 105 -2.55 -5.25 2.35
CA ALA A 105 -2.38 -6.21 3.46
C ALA A 105 -3.71 -6.87 3.90
N PRO A 106 -3.86 -8.21 3.75
CA PRO A 106 -4.86 -9.03 4.45
C PRO A 106 -4.27 -9.69 5.71
N VAL A 107 -5.02 -9.69 6.81
CA VAL A 107 -4.61 -10.24 8.12
C VAL A 107 -5.16 -11.66 8.30
N ASN A 108 -4.33 -12.59 8.78
CA ASN A 108 -4.65 -14.03 8.85
C ASN A 108 -5.34 -14.45 10.18
N PHE A 109 -5.75 -13.47 11.00
CA PHE A 109 -6.48 -13.62 12.28
C PHE A 109 -5.85 -14.67 13.21
N ALA A 110 -6.45 -15.86 13.35
CA ALA A 110 -6.11 -16.86 14.36
C ALA A 110 -4.77 -17.56 14.12
N LEU A 111 -4.09 -17.22 13.03
CA LEU A 111 -2.70 -17.55 12.72
C LEU A 111 -1.72 -16.55 13.36
N GLU A 112 -2.21 -15.54 14.09
CA GLU A 112 -1.52 -14.34 14.60
C GLU A 112 -0.40 -13.83 13.68
N THR A 113 -0.73 -13.68 12.38
CA THR A 113 0.14 -13.21 11.30
C THR A 113 -0.66 -12.33 10.32
N VAL A 114 0.04 -11.54 9.51
CA VAL A 114 -0.55 -10.68 8.45
C VAL A 114 0.41 -10.65 7.26
N THR A 115 -0.10 -10.72 6.03
CA THR A 115 0.72 -10.63 4.82
C THR A 115 0.66 -9.17 4.36
N VAL A 116 1.82 -8.55 4.12
CA VAL A 116 1.92 -7.12 3.78
C VAL A 116 2.72 -6.98 2.48
N GLU A 117 2.24 -6.13 1.57
CA GLU A 117 2.88 -5.79 0.30
C GLU A 117 3.10 -4.28 0.22
N TYR A 118 4.36 -3.86 0.04
CA TYR A 118 4.81 -2.50 0.34
C TYR A 118 6.10 -2.11 -0.41
N ASN A 119 6.34 -0.81 -0.61
CA ASN A 119 7.63 -0.31 -1.11
C ASN A 119 8.64 -0.20 0.07
N PRO A 120 9.69 -1.05 0.15
CA PRO A 120 10.67 -1.02 1.25
C PRO A 120 11.53 0.27 1.24
N LYS A 121 11.49 1.03 0.15
CA LYS A 121 11.99 2.40 0.06
C LYS A 121 11.38 3.35 1.12
N GLU A 122 10.05 3.51 1.12
CA GLU A 122 9.37 4.60 1.85
C GLU A 122 8.48 4.12 3.01
N ALA A 123 7.95 2.89 2.94
CA ALA A 123 7.36 2.22 4.09
C ALA A 123 8.46 1.55 4.92
N SER A 124 8.25 1.42 6.23
CA SER A 124 9.22 0.83 7.15
C SER A 124 8.56 0.23 8.39
N VAL A 125 9.35 -0.47 9.21
CA VAL A 125 8.93 -0.99 10.51
C VAL A 125 8.57 0.18 11.46
N SER A 126 9.09 1.38 11.22
CA SER A 126 8.60 2.62 11.86
C SER A 126 7.11 2.89 11.58
N ASP A 127 6.71 3.00 10.30
CA ASP A 127 5.34 3.33 9.89
C ASP A 127 4.32 2.30 10.38
N LEU A 128 4.74 1.02 10.35
CA LEU A 128 3.98 -0.11 10.88
C LEU A 128 3.82 0.02 12.40
N LYS A 129 4.90 0.03 13.16
CA LYS A 129 4.86 0.12 14.62
C LYS A 129 4.15 1.38 15.12
N GLU A 130 4.43 2.56 14.58
CA GLU A 130 3.80 3.81 15.02
C GLU A 130 2.28 3.85 14.73
N ALA A 131 1.82 3.18 13.68
CA ALA A 131 0.39 2.94 13.44
C ALA A 131 -0.22 1.85 14.33
N VAL A 132 0.53 0.78 14.62
CA VAL A 132 0.11 -0.37 15.44
C VAL A 132 0.01 -0.04 16.94
N ASP A 133 0.86 0.86 17.42
CA ASP A 133 0.90 1.42 18.78
C ASP A 133 -0.46 1.96 19.24
N LYS A 134 -1.19 2.60 18.33
CA LYS A 134 -2.55 3.13 18.52
C LYS A 134 -3.61 2.04 18.84
N LEU A 135 -3.35 0.79 18.45
CA LEU A 135 -4.19 -0.39 18.73
C LEU A 135 -3.70 -1.21 19.94
N GLY A 136 -2.53 -0.90 20.50
CA GLY A 136 -2.06 -1.45 21.79
C GLY A 136 -1.28 -2.77 21.72
N TYR A 137 -1.02 -3.30 20.53
CA TYR A 137 -0.20 -4.51 20.34
C TYR A 137 1.18 -4.16 19.72
N LYS A 138 1.97 -5.16 19.26
CA LYS A 138 3.21 -4.88 18.53
C LYS A 138 3.35 -5.79 17.30
N LEU A 139 3.96 -5.27 16.24
CA LEU A 139 4.31 -6.05 15.06
C LEU A 139 5.78 -6.45 15.11
N LYS A 140 5.96 -7.75 14.88
CA LYS A 140 7.22 -8.45 14.68
C LYS A 140 7.35 -8.90 13.21
N LEU A 141 8.49 -9.49 12.82
CA LEU A 141 8.70 -10.04 11.47
C LEU A 141 9.09 -11.50 11.51
N LYS A 142 8.58 -12.26 10.53
CA LYS A 142 8.68 -13.71 10.50
C LYS A 142 9.99 -14.09 9.80
N GLY A 143 10.98 -14.52 10.58
CA GLY A 143 12.38 -14.70 10.15
C GLY A 143 13.13 -13.37 10.09
N GLU A 144 12.52 -12.34 9.47
CA GLU A 144 13.11 -11.01 9.25
C GLU A 144 13.09 -10.10 10.51
N GLN A 145 13.42 -10.67 11.67
CA GLN A 145 13.93 -10.10 12.94
C GLN A 145 13.53 -10.95 14.16
N ASP A 146 12.24 -11.30 14.30
CA ASP A 146 11.74 -11.86 15.55
C ASP A 146 12.01 -13.36 15.65
N SER A 147 11.70 -14.07 14.56
CA SER A 147 11.82 -15.52 14.25
C SER A 147 10.45 -16.09 13.90
N MET A 1 -22.56 6.91 -2.96
CA MET A 1 -22.43 8.34 -2.64
C MET A 1 -21.28 8.54 -1.67
N LEU A 2 -20.29 9.37 -2.04
CA LEU A 2 -19.09 9.67 -1.24
C LEU A 2 -19.24 11.05 -0.55
N SER A 3 -18.13 11.74 -0.26
CA SER A 3 -18.04 13.08 0.37
C SER A 3 -16.57 13.55 0.45
N GLU A 4 -15.65 12.61 0.69
CA GLU A 4 -14.21 12.75 0.52
C GLU A 4 -13.69 11.64 -0.41
N GLN A 5 -12.46 11.77 -0.91
CA GLN A 5 -11.76 10.76 -1.71
C GLN A 5 -10.34 10.59 -1.11
N LYS A 6 -9.77 9.38 -1.23
CA LYS A 6 -8.64 8.89 -0.42
C LYS A 6 -7.34 8.71 -1.22
N GLU A 7 -6.22 8.62 -0.49
CA GLU A 7 -4.87 8.83 -0.98
C GLU A 7 -3.99 7.55 -0.96
N ILE A 8 -2.87 7.59 -1.70
CA ILE A 8 -1.76 6.62 -1.66
C ILE A 8 -0.50 7.24 -2.30
N ALA A 9 0.70 6.86 -1.84
CA ALA A 9 1.94 7.17 -2.55
C ALA A 9 2.82 5.92 -2.68
N MET A 10 3.55 5.79 -3.79
CA MET A 10 4.47 4.69 -4.10
C MET A 10 5.67 5.19 -4.93
N GLN A 11 6.65 4.33 -5.17
CA GLN A 11 7.74 4.58 -6.12
C GLN A 11 7.75 3.45 -7.16
N VAL A 12 8.09 3.78 -8.42
CA VAL A 12 7.93 2.86 -9.57
C VAL A 12 9.10 2.97 -10.55
N SER A 13 9.58 1.80 -11.02
CA SER A 13 10.71 1.65 -11.91
C SER A 13 10.32 1.44 -13.38
N GLY A 14 11.25 1.79 -14.27
CA GLY A 14 11.03 1.98 -15.71
C GLY A 14 10.68 3.43 -16.07
N MET A 15 10.69 4.35 -15.10
CA MET A 15 10.32 5.76 -15.30
C MET A 15 11.44 6.61 -15.92
N THR A 16 11.71 6.38 -17.21
CA THR A 16 12.60 7.19 -18.05
C THR A 16 11.77 8.07 -18.98
N CYS A 17 12.11 9.36 -19.07
CA CYS A 17 11.55 10.43 -19.92
C CYS A 17 10.23 10.96 -19.34
N ALA A 18 9.85 12.19 -19.67
CA ALA A 18 8.49 12.71 -19.48
C ALA A 18 7.37 11.81 -20.06
N ALA A 19 7.74 10.79 -20.86
CA ALA A 19 6.79 9.83 -21.43
C ALA A 19 6.28 8.79 -20.42
N CYS A 20 7.06 8.45 -19.38
CA CYS A 20 6.60 7.50 -18.36
C CYS A 20 5.50 8.09 -17.45
N ALA A 21 5.72 9.30 -16.94
CA ALA A 21 4.72 10.12 -16.27
C ALA A 21 3.45 10.29 -17.11
N ALA A 22 3.60 10.64 -18.40
CA ALA A 22 2.50 10.68 -19.36
C ALA A 22 1.73 9.34 -19.36
N ARG A 23 2.41 8.21 -19.60
CA ARG A 23 1.83 6.86 -19.58
C ARG A 23 1.10 6.50 -18.27
N ILE A 24 1.69 6.77 -17.10
CA ILE A 24 1.10 6.39 -15.81
C ILE A 24 -0.15 7.22 -15.52
N GLU A 25 -0.11 8.55 -15.69
CA GLU A 25 -1.31 9.39 -15.53
C GLU A 25 -2.35 9.04 -16.60
N LYS A 26 -1.99 8.91 -17.88
CA LYS A 26 -2.96 8.53 -18.94
C LYS A 26 -3.51 7.10 -18.79
N GLY A 27 -2.84 6.21 -18.05
CA GLY A 27 -3.37 4.90 -17.62
C GLY A 27 -4.37 5.00 -16.47
N LEU A 28 -4.02 5.72 -15.39
CA LEU A 28 -4.90 5.88 -14.23
C LEU A 28 -6.14 6.71 -14.55
N LYS A 29 -6.00 7.82 -15.28
CA LYS A 29 -7.06 8.82 -15.54
C LYS A 29 -8.34 8.25 -16.20
N ARG A 30 -8.28 7.03 -16.75
CA ARG A 30 -9.45 6.32 -17.30
C ARG A 30 -10.28 5.57 -16.25
N MET A 31 -9.73 5.13 -15.09
CA MET A 31 -10.55 4.46 -14.08
C MET A 31 -11.44 5.49 -13.34
N PRO A 32 -12.78 5.32 -13.34
CA PRO A 32 -13.73 6.36 -12.92
C PRO A 32 -13.65 6.72 -11.44
N GLY A 33 -12.89 5.98 -10.62
CA GLY A 33 -12.59 6.35 -9.25
C GLY A 33 -11.50 7.42 -9.12
N VAL A 34 -10.54 7.55 -10.05
CA VAL A 34 -9.40 8.47 -9.83
C VAL A 34 -9.82 9.93 -10.01
N THR A 35 -9.50 10.80 -9.06
CA THR A 35 -9.71 12.26 -9.15
C THR A 35 -8.41 13.05 -9.32
N ASP A 36 -7.27 12.48 -8.94
CA ASP A 36 -5.95 13.07 -9.18
C ASP A 36 -4.87 11.97 -9.25
N ALA A 37 -4.23 11.79 -10.39
CA ALA A 37 -2.96 11.06 -10.49
C ALA A 37 -1.83 12.09 -10.64
N ASN A 38 -0.80 12.01 -9.80
CA ASN A 38 0.38 12.88 -9.86
C ASN A 38 1.64 12.02 -9.92
N VAL A 39 2.42 12.17 -11.00
CA VAL A 39 3.75 11.56 -11.12
C VAL A 39 4.84 12.63 -11.03
N ASN A 40 5.85 12.33 -10.21
CA ASN A 40 7.13 13.04 -10.10
C ASN A 40 8.25 12.07 -10.49
N LEU A 41 8.49 11.91 -11.80
CA LEU A 41 9.47 10.94 -12.31
C LEU A 41 10.89 11.31 -11.88
N ALA A 42 11.18 12.60 -11.73
CA ALA A 42 12.46 13.13 -11.24
C ALA A 42 12.91 12.55 -9.88
N THR A 43 11.96 12.07 -9.04
CA THR A 43 12.25 11.37 -7.78
C THR A 43 11.42 10.07 -7.68
N GLU A 44 11.15 9.41 -8.81
CA GLU A 44 10.63 8.03 -8.91
C GLU A 44 9.19 7.86 -8.38
N THR A 45 8.47 8.95 -8.07
CA THR A 45 7.29 8.97 -7.20
C THR A 45 6.01 8.94 -8.02
N SER A 46 5.09 8.06 -7.64
CA SER A 46 3.69 8.10 -8.10
C SER A 46 2.80 8.31 -6.88
N ASN A 47 1.87 9.27 -6.93
CA ASN A 47 1.09 9.71 -5.78
C ASN A 47 -0.32 10.13 -6.21
N VAL A 48 -1.36 9.49 -5.64
CA VAL A 48 -2.67 9.34 -6.29
C VAL A 48 -3.82 9.51 -5.30
N ILE A 49 -4.92 10.12 -5.75
CA ILE A 49 -6.17 10.35 -4.99
C ILE A 49 -7.37 9.83 -5.80
N TYR A 50 -8.17 8.98 -5.16
CA TYR A 50 -9.18 8.08 -5.75
C TYR A 50 -10.41 7.86 -4.84
N ASP A 51 -11.52 7.44 -5.45
CA ASP A 51 -12.75 7.01 -4.79
C ASP A 51 -12.55 5.64 -4.11
N PRO A 52 -12.66 5.55 -2.76
CA PRO A 52 -12.37 4.32 -2.04
C PRO A 52 -13.45 3.23 -2.19
N ALA A 53 -14.61 3.53 -2.79
CA ALA A 53 -15.65 2.54 -3.08
C ALA A 53 -15.53 1.97 -4.50
N GLU A 54 -15.19 2.81 -5.50
CA GLU A 54 -14.97 2.33 -6.88
C GLU A 54 -13.57 1.73 -7.08
N THR A 55 -12.60 2.06 -6.21
CA THR A 55 -11.19 1.71 -6.40
C THR A 55 -10.58 1.21 -5.09
N GLY A 56 -10.29 -0.08 -5.05
CA GLY A 56 -9.50 -0.73 -3.99
C GLY A 56 -8.00 -0.52 -4.19
N THR A 57 -7.22 -0.63 -3.10
CA THR A 57 -5.78 -0.29 -3.07
C THR A 57 -4.99 -0.95 -4.19
N ALA A 58 -5.19 -2.26 -4.38
CA ALA A 58 -4.52 -3.08 -5.38
C ALA A 58 -4.77 -2.61 -6.84
N ALA A 59 -5.90 -1.97 -7.14
CA ALA A 59 -6.22 -1.50 -8.49
C ALA A 59 -5.30 -0.35 -8.95
N ILE A 60 -4.75 0.44 -8.03
CA ILE A 60 -3.72 1.46 -8.34
C ILE A 60 -2.39 0.79 -8.70
N GLN A 61 -1.94 -0.18 -7.89
CA GLN A 61 -0.75 -0.95 -8.12
C GLN A 61 -0.83 -1.72 -9.45
N GLU A 62 -1.95 -2.42 -9.70
CA GLU A 62 -2.21 -3.13 -10.94
C GLU A 62 -2.16 -2.19 -12.15
N LYS A 63 -2.89 -1.08 -12.15
CA LYS A 63 -2.91 -0.19 -13.33
C LYS A 63 -1.63 0.66 -13.49
N ILE A 64 -0.75 0.72 -12.48
CA ILE A 64 0.64 1.17 -12.65
C ILE A 64 1.48 0.09 -13.39
N GLU A 65 1.46 -1.16 -12.91
CA GLU A 65 2.22 -2.28 -13.51
C GLU A 65 1.79 -2.55 -14.96
N LYS A 66 0.49 -2.75 -15.19
CA LYS A 66 -0.11 -3.08 -16.50
C LYS A 66 0.13 -2.02 -17.59
N LEU A 67 0.65 -0.83 -17.26
CA LEU A 67 0.98 0.23 -18.20
C LEU A 67 2.37 0.12 -18.83
N GLY A 68 3.23 -0.82 -18.37
CA GLY A 68 4.56 -1.12 -18.93
C GLY A 68 5.73 -0.85 -17.99
N TYR A 69 5.50 -0.92 -16.67
CA TYR A 69 6.42 -0.50 -15.61
C TYR A 69 6.46 -1.52 -14.48
N HIS A 70 7.30 -1.34 -13.46
CA HIS A 70 7.30 -2.24 -12.30
C HIS A 70 7.49 -1.46 -10.98
N VAL A 71 6.58 -1.58 -10.01
CA VAL A 71 6.72 -0.91 -8.70
C VAL A 71 7.95 -1.41 -7.94
N VAL A 72 8.62 -0.54 -7.17
CA VAL A 72 9.95 -0.83 -6.57
C VAL A 72 9.88 -1.73 -5.31
N THR A 73 8.87 -2.59 -5.22
CA THR A 73 8.38 -3.16 -3.97
C THR A 73 9.24 -4.28 -3.41
N GLU A 74 9.13 -4.42 -2.09
CA GLU A 74 9.40 -5.63 -1.33
C GLU A 74 8.06 -6.15 -0.80
N LYS A 75 7.99 -7.44 -0.48
CA LYS A 75 6.90 -7.99 0.33
C LYS A 75 7.47 -8.74 1.54
N ALA A 76 6.80 -8.62 2.69
CA ALA A 76 7.20 -9.25 3.94
C ALA A 76 5.97 -9.76 4.69
N GLU A 77 6.19 -10.78 5.51
CA GLU A 77 5.16 -11.43 6.31
C GLU A 77 5.52 -11.29 7.79
N PHE A 78 4.53 -10.91 8.58
CA PHE A 78 4.66 -10.54 9.98
C PHE A 78 3.72 -11.38 10.83
N ASP A 79 4.13 -11.66 12.06
CA ASP A 79 3.36 -12.32 13.11
C ASP A 79 2.85 -11.29 14.13
N ILE A 80 1.56 -11.33 14.40
CA ILE A 80 0.96 -10.58 15.50
C ILE A 80 1.04 -11.43 16.75
N GLU A 81 1.46 -10.83 17.87
CA GLU A 81 1.03 -11.30 19.18
C GLU A 81 0.19 -10.19 19.81
N GLY A 82 -1.00 -10.56 20.27
CA GLY A 82 -2.01 -9.66 20.83
C GLY A 82 -3.42 -9.84 20.26
N MET A 83 -3.59 -10.61 19.18
CA MET A 83 -4.88 -10.85 18.53
C MET A 83 -5.27 -12.33 18.49
N THR A 84 -6.54 -12.64 18.77
CA THR A 84 -7.07 -13.99 19.03
C THR A 84 -8.45 -14.25 18.39
N CYS A 85 -8.85 -13.40 17.44
CA CYS A 85 -10.18 -13.34 16.83
C CYS A 85 -10.16 -12.47 15.55
N ALA A 86 -11.01 -12.76 14.56
CA ALA A 86 -11.14 -12.02 13.31
C ALA A 86 -11.45 -10.52 13.51
N ALA A 87 -12.21 -10.16 14.55
CA ALA A 87 -12.49 -8.76 14.89
C ALA A 87 -11.21 -7.99 15.30
N CYS A 88 -10.23 -8.67 15.89
CA CYS A 88 -8.93 -8.10 16.24
C CYS A 88 -8.03 -7.93 15.00
N ALA A 89 -8.03 -8.91 14.09
CA ALA A 89 -7.39 -8.80 12.79
C ALA A 89 -7.93 -7.60 12.01
N ASN A 90 -9.26 -7.48 11.86
CA ASN A 90 -9.88 -6.31 11.22
C ASN A 90 -9.48 -4.97 11.89
N ARG A 91 -9.42 -4.94 13.23
CA ARG A 91 -9.03 -3.73 13.97
C ARG A 91 -7.62 -3.21 13.64
N ILE A 92 -6.67 -4.05 13.19
CA ILE A 92 -5.43 -3.58 12.55
C ILE A 92 -5.52 -3.45 11.03
N GLU A 93 -6.16 -4.40 10.33
CA GLU A 93 -6.23 -4.47 8.86
C GLU A 93 -6.67 -3.15 8.23
N LYS A 94 -7.73 -2.55 8.77
CA LYS A 94 -8.28 -1.29 8.31
C LYS A 94 -7.22 -0.17 8.21
N ARG A 95 -6.25 -0.15 9.14
CA ARG A 95 -5.12 0.81 9.18
C ARG A 95 -3.96 0.32 8.32
N LEU A 96 -3.61 -0.97 8.38
CA LEU A 96 -2.55 -1.61 7.58
C LEU A 96 -2.75 -1.40 6.07
N ASN A 97 -3.99 -1.56 5.59
CA ASN A 97 -4.41 -1.37 4.19
C ASN A 97 -3.78 -0.14 3.53
N LYS A 98 -3.78 1.00 4.22
CA LYS A 98 -3.09 2.22 3.83
C LYS A 98 -2.48 2.93 5.06
N ILE A 99 -1.24 2.58 5.40
CA ILE A 99 -0.33 3.44 6.16
C ILE A 99 0.35 4.42 5.19
N GLU A 100 1.67 4.46 5.15
CA GLU A 100 2.47 5.30 4.27
C GLU A 100 3.21 4.34 3.34
N GLY A 101 3.01 4.39 2.02
CA GLY A 101 3.90 3.71 1.06
C GLY A 101 3.62 2.22 0.85
N VAL A 102 2.95 1.62 1.82
CA VAL A 102 2.25 0.32 1.72
C VAL A 102 1.21 0.31 0.60
N ALA A 103 1.09 -0.83 -0.10
CA ALA A 103 0.19 -1.02 -1.25
C ALA A 103 -0.84 -2.16 -1.04
N ASN A 104 -0.45 -3.24 -0.37
CA ASN A 104 -1.37 -4.30 0.07
C ASN A 104 -1.03 -4.79 1.49
N ALA A 105 -2.03 -5.24 2.25
CA ALA A 105 -1.86 -5.76 3.62
C ALA A 105 -3.09 -6.54 4.17
N PRO A 106 -3.46 -7.70 3.58
CA PRO A 106 -4.48 -8.60 4.14
C PRO A 106 -3.97 -9.32 5.40
N VAL A 107 -4.78 -9.31 6.47
CA VAL A 107 -4.46 -9.91 7.79
C VAL A 107 -5.22 -11.23 7.95
N ASN A 108 -4.55 -12.21 8.56
CA ASN A 108 -5.06 -13.56 8.84
C ASN A 108 -5.67 -13.68 10.25
N PHE A 109 -6.79 -14.38 10.38
CA PHE A 109 -7.58 -14.46 11.62
C PHE A 109 -7.35 -15.73 12.46
N ALA A 110 -6.61 -16.71 11.94
CA ALA A 110 -6.34 -17.99 12.61
C ALA A 110 -4.83 -18.24 12.75
N LEU A 111 -4.06 -17.95 11.71
CA LEU A 111 -2.59 -18.07 11.66
C LEU A 111 -1.88 -16.98 12.47
N GLU A 112 -2.58 -15.87 12.78
CA GLU A 112 -2.08 -14.68 13.50
C GLU A 112 -1.07 -13.85 12.69
N THR A 113 -1.03 -14.00 11.36
CA THR A 113 -0.08 -13.33 10.47
C THR A 113 -0.72 -12.17 9.71
N VAL A 114 0.10 -11.32 9.10
CA VAL A 114 -0.30 -10.36 8.06
C VAL A 114 0.80 -10.31 6.99
N THR A 115 0.40 -10.33 5.71
CA THR A 115 1.31 -10.35 4.55
C THR A 115 1.21 -9.00 3.85
N VAL A 116 2.31 -8.26 3.78
CA VAL A 116 2.34 -6.85 3.35
C VAL A 116 3.18 -6.70 2.08
N GLU A 117 2.69 -5.93 1.11
CA GLU A 117 3.39 -5.54 -0.13
C GLU A 117 3.53 -4.00 -0.16
N TYR A 118 4.76 -3.50 -0.32
CA TYR A 118 5.12 -2.11 -0.01
C TYR A 118 6.41 -1.65 -0.69
N ASN A 119 6.62 -0.33 -0.84
CA ASN A 119 7.92 0.18 -1.32
C ASN A 119 8.90 0.40 -0.14
N PRO A 120 10.10 -0.21 -0.13
CA PRO A 120 11.10 -0.03 0.92
C PRO A 120 11.81 1.33 0.82
N LYS A 121 11.49 2.16 -0.18
CA LYS A 121 12.00 3.52 -0.31
C LYS A 121 11.40 4.50 0.72
N GLU A 122 10.13 4.31 1.10
CA GLU A 122 9.45 5.14 2.11
C GLU A 122 8.61 4.39 3.15
N ALA A 123 8.20 3.13 2.93
CA ALA A 123 7.51 2.33 3.95
C ALA A 123 8.52 1.50 4.77
N SER A 124 8.33 1.42 6.08
CA SER A 124 9.35 0.98 7.03
C SER A 124 8.74 0.26 8.24
N VAL A 125 9.49 -0.62 8.91
CA VAL A 125 9.03 -1.35 10.12
C VAL A 125 8.77 -0.39 11.30
N SER A 126 9.33 0.82 11.27
CA SER A 126 8.88 1.92 12.15
C SER A 126 7.39 2.20 11.99
N ASP A 127 6.93 2.47 10.76
CA ASP A 127 5.59 2.95 10.45
C ASP A 127 4.54 1.89 10.82
N LEU A 128 4.89 0.62 10.56
CA LEU A 128 4.11 -0.56 10.90
C LEU A 128 3.98 -0.73 12.42
N LYS A 129 5.11 -0.85 13.14
CA LYS A 129 5.07 -1.07 14.60
C LYS A 129 4.46 0.12 15.36
N GLU A 130 4.79 1.37 14.98
CA GLU A 130 4.26 2.57 15.64
C GLU A 130 2.76 2.79 15.35
N ALA A 131 2.24 2.35 14.20
CA ALA A 131 0.80 2.30 13.97
C ALA A 131 0.10 1.22 14.82
N VAL A 132 0.65 0.01 14.84
CA VAL A 132 0.04 -1.15 15.55
C VAL A 132 0.10 -1.02 17.08
N ASP A 133 1.10 -0.32 17.63
CA ASP A 133 1.19 0.07 19.05
C ASP A 133 -0.10 0.71 19.57
N LYS A 134 -0.66 1.62 18.77
CA LYS A 134 -1.83 2.43 19.09
C LYS A 134 -3.15 1.62 19.03
N LEU A 135 -3.16 0.46 18.35
CA LEU A 135 -4.21 -0.56 18.47
C LEU A 135 -3.97 -1.52 19.65
N GLY A 136 -2.71 -1.72 20.07
CA GLY A 136 -2.32 -2.45 21.29
C GLY A 136 -1.48 -3.71 21.08
N TYR A 137 -1.16 -4.08 19.83
CA TYR A 137 -0.42 -5.33 19.52
C TYR A 137 1.05 -5.07 19.14
N LYS A 138 1.77 -6.08 18.63
CA LYS A 138 3.08 -5.93 18.00
C LYS A 138 3.26 -6.91 16.85
N LEU A 139 3.95 -6.45 15.83
CA LEU A 139 4.31 -7.17 14.62
C LEU A 139 5.74 -7.70 14.78
N LYS A 140 5.85 -8.88 15.36
CA LYS A 140 7.04 -9.72 15.23
C LYS A 140 7.32 -10.04 13.73
N LEU A 141 8.58 -9.99 13.26
CA LEU A 141 8.93 -10.27 11.84
C LEU A 141 9.39 -11.72 11.64
N LYS A 142 9.14 -12.21 10.43
CA LYS A 142 9.41 -13.59 10.01
C LYS A 142 10.80 -13.63 9.36
N GLY A 143 11.75 -14.26 10.04
CA GLY A 143 13.17 -14.32 9.64
C GLY A 143 13.94 -13.03 9.90
N GLU A 144 13.24 -11.93 10.19
CA GLU A 144 13.81 -10.58 10.27
C GLU A 144 13.54 -9.82 11.58
N GLN A 145 12.92 -10.45 12.59
CA GLN A 145 13.07 -10.06 13.99
C GLN A 145 13.00 -11.28 14.91
N ASP A 146 12.00 -12.16 14.74
CA ASP A 146 11.73 -13.24 15.70
C ASP A 146 12.30 -14.60 15.24
N SER A 147 12.11 -14.94 13.94
CA SER A 147 12.76 -15.97 13.10
C SER A 147 11.80 -16.64 12.09
N MET A 1 -24.28 7.14 -4.17
CA MET A 1 -23.49 8.26 -3.64
C MET A 1 -22.39 7.72 -2.75
N LEU A 2 -21.18 8.27 -2.82
CA LEU A 2 -20.07 7.95 -1.91
C LEU A 2 -19.28 9.23 -1.60
N SER A 3 -19.41 9.71 -0.36
CA SER A 3 -18.84 10.99 0.07
C SER A 3 -17.56 10.81 0.92
N GLU A 4 -16.55 10.17 0.32
CA GLU A 4 -15.15 10.23 0.76
C GLU A 4 -14.22 9.70 -0.34
N GLN A 5 -12.96 10.12 -0.31
CA GLN A 5 -11.90 9.64 -1.18
C GLN A 5 -10.70 9.24 -0.32
N LYS A 6 -9.81 8.40 -0.86
CA LYS A 6 -8.56 7.96 -0.23
C LYS A 6 -7.34 8.45 -1.02
N GLU A 7 -6.17 8.50 -0.37
CA GLU A 7 -4.90 8.88 -0.98
C GLU A 7 -3.88 7.73 -0.82
N ILE A 8 -3.02 7.53 -1.81
CA ILE A 8 -1.80 6.72 -1.73
C ILE A 8 -0.70 7.42 -2.54
N ALA A 9 0.56 7.23 -2.12
CA ALA A 9 1.73 7.46 -2.96
C ALA A 9 2.55 6.17 -3.00
N MET A 10 3.06 5.79 -4.18
CA MET A 10 3.84 4.56 -4.42
C MET A 10 5.00 4.82 -5.39
N GLN A 11 6.08 4.05 -5.27
CA GLN A 11 7.32 4.18 -6.04
C GLN A 11 7.32 3.16 -7.19
N VAL A 12 7.69 3.61 -8.38
CA VAL A 12 7.75 2.81 -9.62
C VAL A 12 9.06 3.10 -10.34
N SER A 13 9.83 2.05 -10.61
CA SER A 13 11.08 2.12 -11.37
C SER A 13 10.83 2.08 -12.87
N GLY A 14 11.34 3.11 -13.55
CA GLY A 14 11.28 3.27 -15.01
C GLY A 14 10.91 4.67 -15.50
N MET A 15 10.99 5.71 -14.66
CA MET A 15 10.60 7.07 -15.07
C MET A 15 11.74 7.95 -15.61
N THR A 16 12.93 7.37 -15.87
CA THR A 16 14.12 8.01 -16.48
C THR A 16 13.91 8.32 -17.97
N CYS A 17 13.01 9.29 -18.21
CA CYS A 17 12.41 9.70 -19.50
C CYS A 17 11.36 10.83 -19.30
N ALA A 18 10.78 10.92 -18.10
CA ALA A 18 9.83 11.95 -17.64
C ALA A 18 8.43 11.79 -18.25
N ALA A 19 8.30 11.58 -19.56
CA ALA A 19 7.02 11.26 -20.22
C ALA A 19 6.36 9.97 -19.70
N CYS A 20 7.12 9.11 -19.01
CA CYS A 20 6.60 8.02 -18.17
C CYS A 20 5.56 8.51 -17.15
N ALA A 21 5.79 9.66 -16.52
CA ALA A 21 4.83 10.33 -15.64
C ALA A 21 3.51 10.56 -16.38
N ALA A 22 3.57 11.24 -17.54
CA ALA A 22 2.40 11.52 -18.38
C ALA A 22 1.62 10.24 -18.75
N ARG A 23 2.32 9.11 -18.99
CA ARG A 23 1.69 7.80 -19.23
C ARG A 23 1.10 7.15 -17.97
N ILE A 24 1.66 7.37 -16.77
CA ILE A 24 1.07 6.94 -15.49
C ILE A 24 -0.16 7.79 -15.17
N GLU A 25 -0.04 9.11 -15.24
CA GLU A 25 -1.08 10.08 -14.89
C GLU A 25 -2.31 9.90 -15.80
N LYS A 26 -2.14 9.97 -17.13
CA LYS A 26 -3.18 9.64 -18.09
C LYS A 26 -3.51 8.12 -18.11
N GLY A 27 -2.72 7.27 -17.46
CA GLY A 27 -2.99 5.86 -17.21
C GLY A 27 -4.08 5.67 -16.16
N LEU A 28 -3.87 6.16 -14.93
CA LEU A 28 -4.88 6.10 -13.87
C LEU A 28 -6.08 6.98 -14.19
N LYS A 29 -5.89 8.23 -14.64
CA LYS A 29 -6.97 9.25 -14.73
C LYS A 29 -8.08 8.95 -15.76
N ARG A 30 -8.04 7.77 -16.40
CA ARG A 30 -9.12 7.19 -17.21
C ARG A 30 -10.07 6.24 -16.43
N MET A 31 -9.76 5.92 -15.17
CA MET A 31 -10.59 5.07 -14.30
C MET A 31 -11.81 5.86 -13.78
N PRO A 32 -13.03 5.29 -13.78
CA PRO A 32 -14.19 5.95 -13.17
C PRO A 32 -14.00 6.16 -11.66
N GLY A 33 -13.20 5.30 -11.01
CA GLY A 33 -12.89 5.35 -9.59
C GLY A 33 -11.63 6.14 -9.21
N VAL A 34 -11.16 7.09 -10.03
CA VAL A 34 -10.07 8.01 -9.64
C VAL A 34 -10.46 9.48 -9.86
N THR A 35 -9.98 10.37 -8.98
CA THR A 35 -10.19 11.82 -9.03
C THR A 35 -8.92 12.54 -9.48
N ASP A 36 -7.75 12.11 -9.02
CA ASP A 36 -6.46 12.69 -9.45
C ASP A 36 -5.30 11.70 -9.37
N ALA A 37 -4.29 11.90 -10.23
CA ALA A 37 -3.04 11.16 -10.25
C ALA A 37 -1.95 12.13 -10.73
N ASN A 38 -0.82 12.19 -10.03
CA ASN A 38 0.21 13.20 -10.22
C ASN A 38 1.59 12.74 -9.70
N VAL A 39 2.64 12.96 -10.48
CA VAL A 39 3.99 12.43 -10.20
C VAL A 39 4.78 13.28 -9.19
N ASN A 40 5.66 12.63 -8.43
CA ASN A 40 6.75 13.26 -7.68
C ASN A 40 8.02 13.42 -8.54
N LEU A 41 8.40 12.35 -9.25
CA LEU A 41 9.56 12.22 -10.15
C LEU A 41 10.91 12.28 -9.46
N ALA A 42 11.21 13.31 -8.65
CA ALA A 42 12.52 13.55 -8.03
C ALA A 42 13.05 12.38 -7.18
N THR A 43 12.15 11.71 -6.44
CA THR A 43 12.36 10.41 -5.78
C THR A 43 11.41 9.33 -6.33
N GLU A 44 10.88 9.55 -7.54
CA GLU A 44 10.32 8.53 -8.44
C GLU A 44 9.02 7.90 -7.91
N THR A 45 8.20 8.72 -7.23
CA THR A 45 6.88 8.35 -6.69
C THR A 45 5.79 8.80 -7.67
N SER A 46 4.67 8.11 -7.67
CA SER A 46 3.39 8.61 -8.18
C SER A 46 2.39 8.71 -7.02
N ASN A 47 1.54 9.72 -7.04
CA ASN A 47 0.58 10.08 -5.98
C ASN A 47 -0.84 10.00 -6.56
N VAL A 48 -1.77 9.32 -5.90
CA VAL A 48 -3.10 8.98 -6.45
C VAL A 48 -4.20 9.24 -5.43
N ILE A 49 -5.31 9.87 -5.86
CA ILE A 49 -6.49 10.23 -5.06
C ILE A 49 -7.76 9.65 -5.73
N TYR A 50 -8.47 8.77 -5.03
CA TYR A 50 -9.39 7.79 -5.63
C TYR A 50 -10.65 7.44 -4.80
N ASP A 51 -11.59 6.75 -5.44
CA ASP A 51 -12.87 6.27 -4.89
C ASP A 51 -12.76 4.82 -4.39
N PRO A 52 -13.08 4.51 -3.12
CA PRO A 52 -12.87 3.18 -2.54
C PRO A 52 -13.98 2.15 -2.87
N ALA A 53 -14.90 2.43 -3.81
CA ALA A 53 -15.87 1.46 -4.33
C ALA A 53 -15.64 1.10 -5.80
N GLU A 54 -15.35 2.06 -6.69
CA GLU A 54 -15.05 1.83 -8.11
C GLU A 54 -13.62 1.33 -8.37
N THR A 55 -12.81 1.16 -7.31
CA THR A 55 -11.52 0.48 -7.42
C THR A 55 -11.19 -0.37 -6.21
N GLY A 56 -10.04 -1.04 -6.29
CA GLY A 56 -9.50 -1.97 -5.32
C GLY A 56 -7.97 -1.94 -5.29
N THR A 57 -7.37 -2.38 -4.18
CA THR A 57 -5.99 -2.00 -3.82
C THR A 57 -4.91 -2.62 -4.72
N ALA A 58 -5.13 -3.83 -5.24
CA ALA A 58 -4.23 -4.42 -6.24
C ALA A 58 -4.57 -3.97 -7.68
N ALA A 59 -5.82 -3.57 -7.94
CA ALA A 59 -6.27 -3.20 -9.29
C ALA A 59 -5.63 -1.88 -9.75
N ILE A 60 -5.34 -0.99 -8.79
CA ILE A 60 -4.54 0.22 -9.03
C ILE A 60 -3.04 -0.06 -9.24
N GLN A 61 -2.44 -1.08 -8.60
CA GLN A 61 -1.03 -1.41 -8.84
C GLN A 61 -0.85 -2.12 -10.21
N GLU A 62 -1.79 -3.01 -10.57
CA GLU A 62 -1.88 -3.59 -11.91
C GLU A 62 -1.99 -2.48 -12.98
N LYS A 63 -2.76 -1.41 -12.72
CA LYS A 63 -2.83 -0.28 -13.66
C LYS A 63 -1.50 0.50 -13.81
N ILE A 64 -0.50 0.29 -12.94
CA ILE A 64 0.87 0.80 -13.15
C ILE A 64 1.68 -0.18 -14.01
N GLU A 65 1.67 -1.48 -13.68
CA GLU A 65 2.34 -2.52 -14.48
C GLU A 65 1.77 -2.63 -15.90
N LYS A 66 0.51 -2.22 -16.12
CA LYS A 66 -0.14 -2.02 -17.42
C LYS A 66 0.57 -1.02 -18.36
N LEU A 67 1.58 -0.28 -17.89
CA LEU A 67 2.45 0.56 -18.73
C LEU A 67 3.85 -0.07 -18.98
N GLY A 68 4.20 -1.19 -18.33
CA GLY A 68 5.42 -1.98 -18.61
C GLY A 68 6.62 -1.72 -17.71
N TYR A 69 6.47 -0.91 -16.66
CA TYR A 69 7.51 -0.56 -15.67
C TYR A 69 7.84 -1.70 -14.69
N HIS A 70 8.59 -1.41 -13.63
CA HIS A 70 8.51 -2.18 -12.38
C HIS A 70 8.00 -1.28 -11.24
N VAL A 71 6.71 -1.36 -10.88
CA VAL A 71 6.24 -0.82 -9.59
C VAL A 71 6.98 -1.59 -8.47
N VAL A 72 7.63 -0.90 -7.53
CA VAL A 72 8.66 -1.54 -6.66
C VAL A 72 8.02 -2.16 -5.41
N THR A 73 6.90 -2.85 -5.63
CA THR A 73 6.13 -3.53 -4.60
C THR A 73 6.69 -4.93 -4.40
N GLU A 74 7.11 -5.23 -3.18
CA GLU A 74 7.46 -6.59 -2.76
C GLU A 74 6.70 -6.91 -1.46
N LYS A 75 6.42 -8.19 -1.26
CA LYS A 75 5.63 -8.67 -0.12
C LYS A 75 6.49 -9.23 1.01
N ALA A 76 6.03 -9.03 2.25
CA ALA A 76 6.61 -9.52 3.49
C ALA A 76 5.48 -9.98 4.43
N GLU A 77 5.81 -10.94 5.31
CA GLU A 77 4.87 -11.52 6.27
C GLU A 77 5.39 -11.32 7.70
N PHE A 78 4.45 -11.04 8.61
CA PHE A 78 4.69 -10.64 9.98
C PHE A 78 3.76 -11.43 10.91
N ASP A 79 4.18 -11.58 12.16
CA ASP A 79 3.46 -12.27 13.22
C ASP A 79 3.00 -11.24 14.27
N ILE A 80 1.69 -11.26 14.56
CA ILE A 80 1.03 -10.50 15.62
C ILE A 80 1.33 -11.16 16.98
N GLU A 81 0.85 -10.55 18.06
CA GLU A 81 0.83 -11.03 19.45
C GLU A 81 0.11 -9.89 20.18
N GLY A 82 -1.04 -10.20 20.78
CA GLY A 82 -1.94 -9.22 21.38
C GLY A 82 -3.40 -9.30 20.86
N MET A 83 -3.59 -9.73 19.61
CA MET A 83 -4.91 -9.87 18.98
C MET A 83 -5.52 -11.25 19.30
N THR A 84 -6.86 -11.38 19.28
CA THR A 84 -7.58 -12.62 19.62
C THR A 84 -8.83 -12.93 18.78
N CYS A 85 -9.23 -12.05 17.85
CA CYS A 85 -10.50 -12.14 17.11
C CYS A 85 -10.50 -11.16 15.92
N ALA A 86 -11.41 -11.33 14.96
CA ALA A 86 -11.44 -10.54 13.72
C ALA A 86 -11.56 -9.03 13.94
N ALA A 87 -12.32 -8.59 14.96
CA ALA A 87 -12.34 -7.19 15.40
C ALA A 87 -10.95 -6.63 15.78
N CYS A 88 -10.08 -7.44 16.39
CA CYS A 88 -8.71 -7.04 16.77
C CYS A 88 -7.82 -6.90 15.54
N ALA A 89 -7.92 -7.84 14.59
CA ALA A 89 -7.28 -7.74 13.28
C ALA A 89 -7.75 -6.48 12.54
N ASN A 90 -9.06 -6.28 12.38
CA ASN A 90 -9.65 -5.11 11.71
C ASN A 90 -9.21 -3.77 12.33
N ARG A 91 -9.08 -3.68 13.67
CA ARG A 91 -8.63 -2.48 14.37
C ARG A 91 -7.20 -2.04 14.04
N ILE A 92 -6.27 -2.95 13.72
CA ILE A 92 -4.99 -2.55 13.08
C ILE A 92 -5.11 -2.45 11.55
N GLU A 93 -5.79 -3.42 10.91
CA GLU A 93 -5.82 -3.57 9.46
C GLU A 93 -6.29 -2.30 8.74
N LYS A 94 -7.36 -1.63 9.17
CA LYS A 94 -7.86 -0.45 8.47
C LYS A 94 -6.86 0.73 8.42
N ARG A 95 -5.82 0.75 9.26
CA ARG A 95 -4.66 1.64 9.10
C ARG A 95 -3.48 0.97 8.38
N LEU A 96 -3.20 -0.31 8.63
CA LEU A 96 -2.08 -1.06 8.02
C LEU A 96 -2.25 -1.28 6.50
N ASN A 97 -3.49 -1.51 6.04
CA ASN A 97 -3.84 -1.91 4.68
C ASN A 97 -3.11 -1.14 3.58
N LYS A 98 -3.02 0.20 3.71
CA LYS A 98 -2.21 1.09 2.88
C LYS A 98 -1.63 2.25 3.72
N ILE A 99 -0.49 2.05 4.38
CA ILE A 99 0.36 3.16 4.86
C ILE A 99 1.18 3.75 3.67
N GLU A 100 2.25 4.48 3.93
CA GLU A 100 2.88 5.46 3.05
C GLU A 100 3.89 4.71 2.17
N GLY A 101 3.54 4.46 0.91
CA GLY A 101 4.25 3.50 0.06
C GLY A 101 3.76 2.06 0.21
N VAL A 102 2.64 1.79 0.91
CA VAL A 102 2.07 0.43 1.03
C VAL A 102 0.95 0.23 0.00
N ALA A 103 0.95 -0.91 -0.70
CA ALA A 103 -0.04 -1.29 -1.71
C ALA A 103 -1.15 -2.20 -1.14
N ASN A 104 -0.78 -3.22 -0.35
CA ASN A 104 -1.73 -4.16 0.27
C ASN A 104 -1.29 -4.48 1.71
N ALA A 105 -2.25 -4.80 2.61
CA ALA A 105 -1.97 -5.55 3.85
C ALA A 105 -3.25 -6.18 4.49
N PRO A 106 -3.54 -7.48 4.26
CA PRO A 106 -4.60 -8.21 4.96
C PRO A 106 -4.06 -8.95 6.19
N VAL A 107 -4.79 -8.86 7.31
CA VAL A 107 -4.45 -9.49 8.60
C VAL A 107 -5.28 -10.77 8.81
N ASN A 108 -4.66 -11.83 9.32
CA ASN A 108 -5.30 -13.09 9.69
C ASN A 108 -5.75 -13.10 11.16
N PHE A 109 -6.96 -13.63 11.41
CA PHE A 109 -7.61 -13.59 12.73
C PHE A 109 -7.58 -14.93 13.50
N ALA A 110 -6.98 -15.98 12.92
CA ALA A 110 -6.84 -17.30 13.53
C ALA A 110 -5.37 -17.76 13.56
N LEU A 111 -4.60 -17.45 12.53
CA LEU A 111 -3.18 -17.80 12.40
C LEU A 111 -2.27 -16.85 13.20
N GLU A 112 -2.78 -15.67 13.59
CA GLU A 112 -2.05 -14.56 14.22
C GLU A 112 -1.04 -13.89 13.25
N THR A 113 -1.12 -14.11 11.93
CA THR A 113 -0.21 -13.52 10.93
C THR A 113 -0.82 -12.30 10.25
N VAL A 114 -0.01 -11.52 9.54
CA VAL A 114 -0.45 -10.48 8.60
C VAL A 114 0.52 -10.47 7.40
N THR A 115 -0.02 -10.27 6.19
CA THR A 115 0.76 -10.08 4.96
C THR A 115 0.80 -8.58 4.68
N VAL A 116 1.94 -8.06 4.22
CA VAL A 116 2.09 -6.68 3.72
C VAL A 116 2.72 -6.74 2.33
N GLU A 117 2.35 -5.83 1.42
CA GLU A 117 2.95 -5.63 0.10
C GLU A 117 3.18 -4.14 -0.11
N TYR A 118 4.44 -3.74 -0.25
CA TYR A 118 4.88 -2.34 -0.07
C TYR A 118 6.18 -1.98 -0.81
N ASN A 119 6.54 -0.70 -0.78
CA ASN A 119 7.76 -0.15 -1.37
C ASN A 119 8.86 0.04 -0.31
N PRO A 120 9.88 -0.84 -0.21
CA PRO A 120 10.95 -0.71 0.78
C PRO A 120 11.82 0.55 0.60
N LYS A 121 11.73 1.24 -0.55
CA LYS A 121 12.35 2.53 -0.80
C LYS A 121 11.87 3.68 0.12
N GLU A 122 10.75 3.52 0.84
CA GLU A 122 10.09 4.55 1.68
C GLU A 122 9.30 3.96 2.87
N ALA A 123 8.82 2.72 2.78
CA ALA A 123 8.07 2.03 3.83
C ALA A 123 8.95 1.02 4.59
N SER A 124 8.70 0.85 5.88
CA SER A 124 9.60 0.12 6.78
C SER A 124 8.89 -0.51 7.98
N VAL A 125 9.62 -1.36 8.72
CA VAL A 125 9.20 -1.86 10.05
C VAL A 125 8.93 -0.72 11.03
N SER A 126 9.48 0.49 10.85
CA SER A 126 9.20 1.64 11.71
C SER A 126 7.77 2.16 11.51
N ASP A 127 7.34 2.33 10.26
CA ASP A 127 5.99 2.80 9.90
C ASP A 127 4.93 1.80 10.38
N LEU A 128 5.20 0.50 10.18
CA LEU A 128 4.36 -0.61 10.61
C LEU A 128 4.30 -0.69 12.14
N LYS A 129 5.45 -0.63 12.84
CA LYS A 129 5.51 -0.49 14.30
C LYS A 129 4.63 0.66 14.79
N GLU A 130 4.85 1.90 14.36
CA GLU A 130 4.07 3.05 14.85
C GLU A 130 2.56 2.86 14.62
N ALA A 131 2.15 2.34 13.46
CA ALA A 131 0.73 2.11 13.16
C ALA A 131 0.09 0.96 13.97
N VAL A 132 0.87 -0.04 14.41
CA VAL A 132 0.41 -1.11 15.31
C VAL A 132 0.48 -0.69 16.80
N ASP A 133 1.47 0.11 17.21
CA ASP A 133 1.60 0.65 18.58
C ASP A 133 0.52 1.70 18.89
N LYS A 134 0.01 2.39 17.86
CA LYS A 134 -1.20 3.23 17.92
C LYS A 134 -2.43 2.47 18.47
N LEU A 135 -2.47 1.14 18.36
CA LEU A 135 -3.43 0.25 19.03
C LEU A 135 -2.82 -0.44 20.28
N GLY A 136 -1.53 -0.79 20.24
CA GLY A 136 -0.73 -1.27 21.38
C GLY A 136 0.00 -2.59 21.19
N TYR A 137 -0.27 -3.33 20.11
CA TYR A 137 0.34 -4.65 19.84
C TYR A 137 1.80 -4.54 19.32
N LYS A 138 2.38 -5.63 18.81
CA LYS A 138 3.71 -5.65 18.18
C LYS A 138 3.70 -6.47 16.89
N LEU A 139 4.79 -6.35 16.15
CA LEU A 139 5.10 -7.11 14.95
C LEU A 139 6.46 -7.80 15.12
N LYS A 140 6.43 -9.12 15.28
CA LYS A 140 7.62 -9.97 15.09
C LYS A 140 7.72 -10.28 13.57
N LEU A 141 8.89 -10.11 12.93
CA LEU A 141 9.03 -10.41 11.49
C LEU A 141 9.41 -11.87 11.27
N LYS A 142 8.78 -12.46 10.27
CA LYS A 142 8.79 -13.89 9.97
C LYS A 142 9.71 -14.08 8.77
N GLY A 143 10.81 -14.80 8.98
CA GLY A 143 11.98 -14.74 8.10
C GLY A 143 12.95 -13.64 8.54
N GLU A 144 12.48 -12.38 8.58
CA GLU A 144 13.39 -11.22 8.67
C GLU A 144 14.06 -11.02 10.06
N GLN A 145 13.41 -11.41 11.16
CA GLN A 145 14.01 -11.37 12.51
C GLN A 145 13.85 -12.71 13.25
N ASP A 146 12.60 -13.13 13.46
CA ASP A 146 12.28 -14.36 14.19
C ASP A 146 12.67 -15.61 13.38
N SER A 147 12.82 -15.44 12.06
CA SER A 147 12.94 -16.52 11.07
C SER A 147 11.68 -17.38 11.14
N MET A 1 -24.96 6.35 -2.03
CA MET A 1 -24.40 6.31 -0.66
C MET A 1 -22.94 6.75 -0.62
N LEU A 2 -22.04 6.17 -1.43
CA LEU A 2 -20.58 6.44 -1.47
C LEU A 2 -19.93 6.44 -0.06
N SER A 3 -18.84 7.20 0.17
CA SER A 3 -18.36 7.57 1.53
C SER A 3 -17.34 8.72 1.54
N GLU A 4 -16.20 8.55 0.84
CA GLU A 4 -15.02 9.43 0.86
C GLU A 4 -13.85 8.80 0.09
N GLN A 5 -13.10 9.64 -0.65
CA GLN A 5 -11.98 9.23 -1.50
C GLN A 5 -10.69 9.02 -0.68
N LYS A 6 -9.71 8.32 -1.23
CA LYS A 6 -8.62 7.65 -0.48
C LYS A 6 -7.25 7.76 -1.18
N GLU A 7 -6.17 7.60 -0.42
CA GLU A 7 -4.78 7.90 -0.78
C GLU A 7 -3.88 6.66 -0.98
N ILE A 8 -2.80 6.81 -1.76
CA ILE A 8 -1.62 5.93 -1.87
C ILE A 8 -0.47 6.62 -2.64
N ALA A 9 0.77 6.24 -2.37
CA ALA A 9 1.91 6.44 -3.26
C ALA A 9 2.74 5.15 -3.46
N MET A 10 3.42 5.07 -4.61
CA MET A 10 4.29 3.95 -5.04
C MET A 10 5.46 4.48 -5.90
N GLN A 11 6.61 3.81 -5.86
CA GLN A 11 7.77 4.16 -6.69
C GLN A 11 7.76 3.31 -7.96
N VAL A 12 7.74 3.99 -9.12
CA VAL A 12 7.58 3.46 -10.47
C VAL A 12 8.89 3.67 -11.24
N SER A 13 9.44 2.58 -11.78
CA SER A 13 10.82 2.53 -12.26
C SER A 13 10.94 2.57 -13.79
N GLY A 14 11.86 3.40 -14.27
CA GLY A 14 12.28 3.54 -15.67
C GLY A 14 12.20 4.97 -16.21
N MET A 15 12.12 6.00 -15.35
CA MET A 15 11.90 7.38 -15.80
C MET A 15 13.20 8.09 -16.20
N THR A 16 13.64 7.89 -17.45
CA THR A 16 14.66 8.73 -18.14
C THR A 16 14.24 8.89 -19.61
N CYS A 17 13.01 9.41 -19.81
CA CYS A 17 12.31 9.50 -21.10
C CYS A 17 11.28 10.66 -21.19
N ALA A 18 10.93 11.31 -20.07
CA ALA A 18 9.85 12.30 -19.89
C ALA A 18 8.43 11.72 -20.09
N ALA A 19 8.16 11.10 -21.23
CA ALA A 19 6.86 10.50 -21.61
C ALA A 19 6.38 9.38 -20.66
N CYS A 20 7.31 8.82 -19.87
CA CYS A 20 7.04 7.93 -18.75
C CYS A 20 6.01 8.51 -17.75
N ALA A 21 6.16 9.77 -17.34
CA ALA A 21 5.15 10.46 -16.52
C ALA A 21 3.79 10.56 -17.23
N ALA A 22 3.81 11.02 -18.49
CA ALA A 22 2.63 11.19 -19.34
C ALA A 22 1.87 9.89 -19.61
N ARG A 23 2.52 8.72 -19.52
CA ARG A 23 1.86 7.41 -19.51
C ARG A 23 1.08 7.14 -18.22
N ILE A 24 1.67 7.36 -17.05
CA ILE A 24 1.08 6.95 -15.75
C ILE A 24 -0.15 7.79 -15.42
N GLU A 25 -0.02 9.12 -15.40
CA GLU A 25 -1.10 10.02 -14.97
C GLU A 25 -2.32 9.94 -15.91
N LYS A 26 -2.09 9.88 -17.23
CA LYS A 26 -3.13 9.66 -18.21
C LYS A 26 -3.79 8.27 -18.08
N GLY A 27 -3.00 7.20 -17.86
CA GLY A 27 -3.51 5.85 -17.67
C GLY A 27 -4.39 5.74 -16.43
N LEU A 28 -4.03 6.42 -15.33
CA LEU A 28 -4.86 6.50 -14.13
C LEU A 28 -6.12 7.34 -14.35
N LYS A 29 -6.04 8.54 -14.95
CA LYS A 29 -7.23 9.38 -15.17
C LYS A 29 -8.23 8.82 -16.22
N ARG A 30 -7.86 7.77 -16.96
CA ARG A 30 -8.75 6.96 -17.82
C ARG A 30 -9.67 6.01 -17.01
N MET A 31 -9.45 5.82 -15.70
CA MET A 31 -10.30 5.01 -14.81
C MET A 31 -11.60 5.76 -14.43
N PRO A 32 -12.69 5.06 -14.06
CA PRO A 32 -13.85 5.66 -13.40
C PRO A 32 -13.52 6.14 -11.97
N GLY A 33 -13.08 5.22 -11.10
CA GLY A 33 -12.90 5.45 -9.66
C GLY A 33 -11.57 6.11 -9.29
N VAL A 34 -11.12 7.10 -10.04
CA VAL A 34 -9.84 7.81 -9.81
C VAL A 34 -10.03 9.31 -10.03
N THR A 35 -9.70 10.12 -9.00
CA THR A 35 -9.95 11.57 -9.03
C THR A 35 -8.69 12.36 -9.38
N ASP A 36 -7.49 11.94 -8.94
CA ASP A 36 -6.25 12.71 -9.19
C ASP A 36 -5.00 11.83 -9.10
N ALA A 37 -4.01 12.02 -9.99
CA ALA A 37 -2.72 11.32 -9.94
C ALA A 37 -1.58 12.27 -10.32
N ASN A 38 -0.49 12.28 -9.53
CA ASN A 38 0.64 13.20 -9.70
C ASN A 38 1.97 12.52 -9.37
N VAL A 39 2.94 12.52 -10.30
CA VAL A 39 4.28 11.96 -10.10
C VAL A 39 5.30 13.02 -9.64
N ASN A 40 6.05 12.69 -8.60
CA ASN A 40 7.34 13.32 -8.29
C ASN A 40 8.43 12.56 -9.06
N LEU A 41 8.66 12.95 -10.32
CA LEU A 41 9.62 12.26 -11.21
C LEU A 41 11.04 12.26 -10.65
N ALA A 42 11.46 13.34 -9.98
CA ALA A 42 12.76 13.46 -9.30
C ALA A 42 12.97 12.43 -8.16
N THR A 43 11.92 11.71 -7.76
CA THR A 43 11.94 10.60 -6.77
C THR A 43 11.26 9.35 -7.34
N GLU A 44 10.97 9.31 -8.65
CA GLU A 44 10.27 8.22 -9.35
C GLU A 44 8.97 7.74 -8.66
N THR A 45 8.32 8.60 -7.87
CA THR A 45 7.22 8.23 -6.96
C THR A 45 5.92 8.87 -7.41
N SER A 46 4.93 8.03 -7.69
CA SER A 46 3.59 8.43 -8.14
C SER A 46 2.62 8.40 -6.95
N ASN A 47 1.88 9.49 -6.75
CA ASN A 47 0.99 9.73 -5.62
C ASN A 47 -0.44 9.89 -6.16
N VAL A 48 -1.40 9.11 -5.64
CA VAL A 48 -2.69 8.90 -6.31
C VAL A 48 -3.86 8.98 -5.31
N ILE A 49 -4.94 9.64 -5.74
CA ILE A 49 -6.20 9.79 -5.01
C ILE A 49 -7.34 9.21 -5.85
N TYR A 50 -8.01 8.22 -5.25
CA TYR A 50 -8.96 7.29 -5.88
C TYR A 50 -10.21 7.03 -5.03
N ASP A 51 -11.21 6.37 -5.59
CA ASP A 51 -12.53 6.20 -4.96
C ASP A 51 -12.80 4.74 -4.52
N PRO A 52 -12.80 4.45 -3.20
CA PRO A 52 -12.98 3.10 -2.67
C PRO A 52 -14.42 2.57 -2.84
N ALA A 53 -15.32 3.33 -3.46
CA ALA A 53 -16.67 2.88 -3.80
C ALA A 53 -16.65 1.94 -5.02
N GLU A 54 -15.77 2.22 -6.00
CA GLU A 54 -15.69 1.49 -7.27
C GLU A 54 -14.30 0.90 -7.57
N THR A 55 -13.24 1.23 -6.82
CA THR A 55 -11.88 0.70 -7.08
C THR A 55 -11.16 0.30 -5.79
N GLY A 56 -10.51 -0.86 -5.82
CA GLY A 56 -9.54 -1.27 -4.80
C GLY A 56 -8.13 -0.81 -5.19
N THR A 57 -7.31 -0.50 -4.18
CA THR A 57 -6.00 0.18 -4.33
C THR A 57 -5.02 -0.56 -5.24
N ALA A 58 -5.00 -1.89 -5.23
CA ALA A 58 -4.11 -2.68 -6.09
C ALA A 58 -4.27 -2.35 -7.59
N ALA A 59 -5.46 -1.96 -8.06
CA ALA A 59 -5.71 -1.52 -9.43
C ALA A 59 -4.86 -0.31 -9.85
N ILE A 60 -4.36 0.49 -8.90
CA ILE A 60 -3.45 1.61 -9.16
C ILE A 60 -2.08 1.11 -9.63
N GLN A 61 -1.47 0.13 -8.93
CA GLN A 61 -0.18 -0.42 -9.37
C GLN A 61 -0.33 -1.34 -10.58
N GLU A 62 -1.48 -2.04 -10.76
CA GLU A 62 -1.80 -2.72 -12.02
C GLU A 62 -1.75 -1.75 -13.21
N LYS A 63 -2.34 -0.57 -13.08
CA LYS A 63 -2.32 0.46 -14.13
C LYS A 63 -1.03 1.30 -14.18
N ILE A 64 -0.06 1.05 -13.29
CA ILE A 64 1.36 1.40 -13.52
C ILE A 64 2.00 0.33 -14.43
N GLU A 65 1.92 -0.94 -14.01
CA GLU A 65 2.56 -2.08 -14.69
C GLU A 65 2.10 -2.24 -16.15
N LYS A 66 0.79 -2.15 -16.43
CA LYS A 66 0.25 -2.21 -17.80
C LYS A 66 0.56 -0.98 -18.67
N LEU A 67 1.13 0.10 -18.11
CA LEU A 67 1.50 1.33 -18.82
C LEU A 67 3.00 1.40 -19.16
N GLY A 68 3.79 0.38 -18.82
CA GLY A 68 5.14 0.12 -19.36
C GLY A 68 6.31 0.40 -18.42
N TYR A 69 6.05 0.71 -17.16
CA TYR A 69 7.08 1.08 -16.16
C TYR A 69 6.89 0.27 -14.87
N HIS A 70 7.98 -0.10 -14.20
CA HIS A 70 7.95 -1.22 -13.24
C HIS A 70 7.84 -0.75 -11.78
N VAL A 71 6.80 -1.20 -11.06
CA VAL A 71 6.57 -0.78 -9.66
C VAL A 71 7.54 -1.51 -8.71
N VAL A 72 8.17 -0.80 -7.76
CA VAL A 72 9.23 -1.36 -6.88
C VAL A 72 8.71 -2.27 -5.74
N THR A 73 7.43 -2.68 -5.78
CA THR A 73 6.72 -3.42 -4.73
C THR A 73 7.39 -4.76 -4.40
N GLU A 74 7.41 -5.12 -3.11
CA GLU A 74 7.86 -6.42 -2.57
C GLU A 74 6.90 -6.85 -1.43
N LYS A 75 6.91 -8.13 -1.02
CA LYS A 75 5.99 -8.66 0.00
C LYS A 75 6.69 -9.44 1.14
N ALA A 76 6.06 -9.51 2.31
CA ALA A 76 6.53 -10.21 3.51
C ALA A 76 5.36 -10.61 4.43
N GLU A 77 5.63 -11.46 5.43
CA GLU A 77 4.64 -11.88 6.44
C GLU A 77 5.10 -11.62 7.89
N PHE A 78 4.14 -11.23 8.74
CA PHE A 78 4.33 -10.79 10.11
C PHE A 78 3.37 -11.50 11.09
N ASP A 79 3.79 -11.55 12.34
CA ASP A 79 3.09 -12.02 13.54
C ASP A 79 2.53 -10.81 14.31
N ILE A 80 1.28 -10.89 14.76
CA ILE A 80 0.61 -9.86 15.57
C ILE A 80 0.40 -10.37 17.02
N GLU A 81 1.45 -10.76 17.71
CA GLU A 81 1.27 -11.06 19.14
C GLU A 81 0.79 -9.81 19.90
N GLY A 82 -0.11 -10.06 20.85
CA GLY A 82 -0.90 -9.03 21.53
C GLY A 82 -2.28 -8.80 20.92
N MET A 83 -2.55 -9.28 19.70
CA MET A 83 -3.93 -9.47 19.23
C MET A 83 -4.43 -10.90 19.50
N THR A 84 -5.76 -11.08 19.48
CA THR A 84 -6.44 -12.34 19.83
C THR A 84 -7.34 -12.86 18.72
N CYS A 85 -8.17 -12.00 18.11
CA CYS A 85 -9.18 -12.39 17.11
C CYS A 85 -9.63 -11.17 16.27
N ALA A 86 -10.71 -11.35 15.48
CA ALA A 86 -11.19 -10.43 14.44
C ALA A 86 -11.23 -8.95 14.85
N ALA A 87 -11.85 -8.60 15.98
CA ALA A 87 -11.98 -7.22 16.45
C ALA A 87 -10.63 -6.53 16.72
N CYS A 88 -9.54 -7.27 16.96
CA CYS A 88 -8.19 -6.72 17.08
C CYS A 88 -7.48 -6.64 15.72
N ALA A 89 -7.66 -7.66 14.87
CA ALA A 89 -7.16 -7.69 13.50
C ALA A 89 -7.74 -6.53 12.66
N ASN A 90 -9.07 -6.45 12.52
CA ASN A 90 -9.73 -5.44 11.68
C ASN A 90 -9.42 -4.00 12.14
N ARG A 91 -9.21 -3.77 13.45
CA ARG A 91 -8.77 -2.47 13.98
C ARG A 91 -7.40 -2.01 13.45
N ILE A 92 -6.42 -2.89 13.25
CA ILE A 92 -5.16 -2.52 12.56
C ILE A 92 -5.29 -2.61 11.04
N GLU A 93 -6.08 -3.54 10.50
CA GLU A 93 -6.24 -3.80 9.07
C GLU A 93 -6.56 -2.54 8.26
N LYS A 94 -7.39 -1.63 8.79
CA LYS A 94 -7.74 -0.39 8.10
C LYS A 94 -6.54 0.51 7.79
N ARG A 95 -5.48 0.51 8.63
CA ARG A 95 -4.21 1.18 8.29
C ARG A 95 -3.19 0.22 7.68
N LEU A 96 -3.08 -1.04 8.13
CA LEU A 96 -2.13 -2.02 7.59
C LEU A 96 -2.34 -2.25 6.08
N ASN A 97 -3.58 -2.22 5.61
CA ASN A 97 -3.94 -2.06 4.19
C ASN A 97 -2.97 -1.12 3.46
N LYS A 98 -3.05 0.16 3.80
CA LYS A 98 -2.25 1.22 3.22
C LYS A 98 -1.79 2.17 4.35
N ILE A 99 -0.54 2.01 4.81
CA ILE A 99 0.06 2.87 5.87
C ILE A 99 0.33 4.32 5.43
N GLU A 100 0.11 4.55 4.15
CA GLU A 100 1.03 5.18 3.23
C GLU A 100 2.24 4.25 3.01
N GLY A 101 2.55 4.08 1.74
CA GLY A 101 3.73 3.42 1.17
C GLY A 101 3.67 1.89 1.22
N VAL A 102 2.96 1.35 2.20
CA VAL A 102 2.39 0.00 2.14
C VAL A 102 1.21 -0.01 1.16
N ALA A 103 1.18 -1.01 0.27
CA ALA A 103 0.25 -1.12 -0.86
C ALA A 103 -0.98 -1.98 -0.54
N ASN A 104 -0.78 -3.17 0.04
CA ASN A 104 -1.87 -4.07 0.47
C ASN A 104 -1.52 -4.85 1.74
N ALA A 105 -2.50 -5.15 2.60
CA ALA A 105 -2.35 -6.14 3.68
C ALA A 105 -3.71 -6.63 4.25
N PRO A 106 -4.13 -7.87 3.97
CA PRO A 106 -5.23 -8.54 4.67
C PRO A 106 -4.68 -9.20 5.94
N VAL A 107 -5.25 -8.86 7.11
CA VAL A 107 -4.79 -9.34 8.42
C VAL A 107 -5.54 -10.63 8.78
N ASN A 108 -4.81 -11.63 9.28
CA ASN A 108 -5.32 -12.96 9.59
C ASN A 108 -5.93 -13.04 11.00
N PHE A 109 -7.26 -13.11 11.05
CA PHE A 109 -8.05 -13.09 12.28
C PHE A 109 -7.98 -14.39 13.10
N ALA A 110 -7.58 -15.52 12.49
CA ALA A 110 -7.54 -16.85 13.13
C ALA A 110 -6.11 -17.38 13.34
N LEU A 111 -5.16 -17.00 12.48
CA LEU A 111 -3.75 -17.38 12.57
C LEU A 111 -2.88 -16.28 13.21
N GLU A 112 -3.48 -15.18 13.68
CA GLU A 112 -2.85 -14.14 14.50
C GLU A 112 -1.64 -13.46 13.81
N THR A 113 -1.70 -13.36 12.48
CA THR A 113 -0.64 -12.95 11.56
C THR A 113 -1.18 -11.93 10.55
N VAL A 114 -0.35 -11.45 9.62
CA VAL A 114 -0.75 -10.63 8.45
C VAL A 114 0.22 -10.86 7.30
N THR A 115 -0.28 -10.86 6.05
CA THR A 115 0.50 -10.87 4.82
C THR A 115 0.56 -9.44 4.28
N VAL A 116 1.75 -8.88 4.05
CA VAL A 116 1.96 -7.45 3.76
C VAL A 116 2.67 -7.28 2.41
N GLU A 117 2.22 -6.29 1.63
CA GLU A 117 2.76 -5.89 0.32
C GLU A 117 3.05 -4.37 0.35
N TYR A 118 4.28 -3.95 0.02
CA TYR A 118 4.78 -2.59 0.30
C TYR A 118 5.87 -2.08 -0.66
N ASN A 119 6.07 -0.76 -0.66
CA ASN A 119 7.17 -0.07 -1.34
C ASN A 119 8.25 0.35 -0.32
N PRO A 120 9.45 -0.28 -0.32
CA PRO A 120 10.51 -0.01 0.65
C PRO A 120 11.18 1.37 0.49
N LYS A 121 10.88 2.15 -0.56
CA LYS A 121 11.42 3.50 -0.75
C LYS A 121 10.84 4.57 0.20
N GLU A 122 9.83 4.25 1.01
CA GLU A 122 9.29 5.16 2.04
C GLU A 122 8.81 4.45 3.32
N ALA A 123 8.22 3.25 3.24
CA ALA A 123 7.73 2.52 4.42
C ALA A 123 8.78 1.53 4.94
N SER A 124 9.10 1.61 6.22
CA SER A 124 10.02 0.69 6.92
C SER A 124 9.34 -0.01 8.13
N VAL A 125 10.06 -0.89 8.85
CA VAL A 125 9.50 -1.66 9.99
C VAL A 125 9.20 -0.74 11.19
N SER A 126 9.83 0.44 11.24
CA SER A 126 9.47 1.57 12.10
C SER A 126 7.98 1.93 11.98
N ASP A 127 7.49 2.21 10.77
CA ASP A 127 6.14 2.71 10.50
C ASP A 127 5.08 1.64 10.78
N LEU A 128 5.40 0.40 10.43
CA LEU A 128 4.62 -0.81 10.76
C LEU A 128 4.48 -0.96 12.27
N LYS A 129 5.58 -0.88 13.03
CA LYS A 129 5.52 -0.86 14.50
C LYS A 129 4.69 0.33 15.00
N GLU A 130 4.96 1.57 14.59
CA GLU A 130 4.24 2.77 15.08
C GLU A 130 2.73 2.71 14.81
N ALA A 131 2.29 2.12 13.69
CA ALA A 131 0.87 1.92 13.40
C ALA A 131 0.19 0.95 14.37
N VAL A 132 0.88 -0.11 14.79
CA VAL A 132 0.34 -1.16 15.70
C VAL A 132 0.52 -0.81 17.20
N ASP A 133 1.58 -0.08 17.55
CA ASP A 133 1.93 0.35 18.92
C ASP A 133 0.81 1.20 19.55
N LYS A 134 0.19 2.07 18.75
CA LYS A 134 -0.93 2.92 19.14
C LYS A 134 -2.20 2.12 19.54
N LEU A 135 -2.39 0.91 19.01
CA LEU A 135 -3.43 -0.03 19.48
C LEU A 135 -2.93 -0.82 20.71
N GLY A 136 -1.66 -1.21 20.74
CA GLY A 136 -1.01 -1.81 21.92
C GLY A 136 -0.72 -3.31 21.80
N TYR A 137 -0.49 -3.81 20.58
CA TYR A 137 -0.01 -5.19 20.34
C TYR A 137 1.54 -5.19 20.25
N LYS A 138 2.17 -5.96 19.35
CA LYS A 138 3.36 -5.55 18.63
C LYS A 138 3.32 -6.17 17.23
N LEU A 139 4.46 -6.12 16.52
CA LEU A 139 4.71 -6.91 15.33
C LEU A 139 6.01 -7.68 15.50
N LYS A 140 6.05 -8.90 14.98
CA LYS A 140 7.29 -9.68 14.82
C LYS A 140 7.40 -10.19 13.37
N LEU A 141 8.61 -10.28 12.81
CA LEU A 141 8.84 -10.79 11.44
C LEU A 141 9.03 -12.30 11.42
N LYS A 142 8.52 -12.96 10.38
CA LYS A 142 8.59 -14.41 10.18
C LYS A 142 9.82 -14.67 9.31
N GLY A 143 10.74 -15.47 9.82
CA GLY A 143 12.09 -15.68 9.27
C GLY A 143 13.08 -14.57 9.65
N GLU A 144 12.62 -13.46 10.26
CA GLU A 144 13.49 -12.31 10.55
C GLU A 144 13.47 -11.76 12.00
N GLN A 145 12.53 -12.13 12.86
CA GLN A 145 12.62 -11.85 14.32
C GLN A 145 12.00 -12.98 15.15
N ASP A 146 10.83 -13.50 14.74
CA ASP A 146 10.08 -14.57 15.41
C ASP A 146 10.60 -15.98 15.07
N SER A 147 11.26 -16.08 13.90
CA SER A 147 11.64 -17.32 13.18
C SER A 147 10.41 -17.97 12.53
N MET A 1 -23.94 11.21 3.81
CA MET A 1 -23.29 11.17 2.49
C MET A 1 -21.85 11.69 2.56
N LEU A 2 -20.90 11.00 1.91
CA LEU A 2 -19.49 11.40 1.79
C LEU A 2 -18.94 11.04 0.39
N SER A 3 -17.97 11.81 -0.12
CA SER A 3 -17.31 11.52 -1.42
C SER A 3 -16.25 10.39 -1.32
N GLU A 4 -15.66 10.18 -0.13
CA GLU A 4 -15.17 8.92 0.42
C GLU A 4 -13.84 8.45 -0.16
N GLN A 5 -13.07 9.33 -0.81
CA GLN A 5 -11.85 8.88 -1.49
C GLN A 5 -10.77 8.35 -0.53
N LYS A 6 -9.95 7.42 -1.02
CA LYS A 6 -8.72 6.93 -0.37
C LYS A 6 -7.47 7.54 -1.03
N GLU A 7 -6.41 7.75 -0.25
CA GLU A 7 -5.09 8.16 -0.75
C GLU A 7 -4.06 7.04 -0.54
N ILE A 8 -3.10 6.92 -1.47
CA ILE A 8 -2.02 5.93 -1.50
C ILE A 8 -0.91 6.43 -2.43
N ALA A 9 0.32 5.95 -2.25
CA ALA A 9 1.47 6.33 -3.07
C ALA A 9 2.40 5.12 -3.30
N MET A 10 2.69 4.79 -4.56
CA MET A 10 3.57 3.68 -4.95
C MET A 10 4.89 4.20 -5.50
N GLN A 11 6.02 3.64 -5.08
CA GLN A 11 7.30 3.89 -5.75
C GLN A 11 7.43 2.96 -6.97
N VAL A 12 7.69 3.54 -8.14
CA VAL A 12 7.69 2.85 -9.44
C VAL A 12 9.11 2.41 -9.84
N SER A 13 9.22 1.59 -10.89
CA SER A 13 10.48 1.31 -11.57
C SER A 13 10.28 1.44 -13.09
N GLY A 14 10.45 2.68 -13.57
CA GLY A 14 10.24 3.02 -14.98
C GLY A 14 10.14 4.51 -15.32
N MET A 15 9.97 5.42 -14.36
CA MET A 15 9.56 6.81 -14.66
C MET A 15 10.72 7.80 -14.87
N THR A 16 11.99 7.37 -14.76
CA THR A 16 13.19 8.21 -14.98
C THR A 16 13.43 8.52 -16.48
N CYS A 17 12.46 9.14 -17.16
CA CYS A 17 12.53 9.54 -18.57
C CYS A 17 11.47 10.62 -18.90
N ALA A 18 11.16 11.48 -17.91
CA ALA A 18 10.24 12.62 -17.97
C ALA A 18 8.78 12.21 -18.27
N ALA A 19 8.45 11.98 -19.54
CA ALA A 19 7.08 11.79 -20.05
C ALA A 19 6.42 10.48 -19.61
N CYS A 20 7.21 9.55 -19.05
CA CYS A 20 6.67 8.42 -18.29
C CYS A 20 5.68 8.88 -17.19
N ALA A 21 5.94 10.03 -16.54
CA ALA A 21 5.00 10.69 -15.62
C ALA A 21 3.66 10.91 -16.31
N ALA A 22 3.65 11.75 -17.36
CA ALA A 22 2.48 12.09 -18.14
C ALA A 22 1.71 10.85 -18.61
N ARG A 23 2.42 9.81 -19.06
CA ARG A 23 1.83 8.54 -19.51
C ARG A 23 1.24 7.70 -18.38
N ILE A 24 1.85 7.65 -17.19
CA ILE A 24 1.29 6.94 -16.02
C ILE A 24 0.08 7.71 -15.48
N GLU A 25 0.24 9.01 -15.23
CA GLU A 25 -0.77 9.90 -14.68
C GLU A 25 -2.04 9.87 -15.54
N LYS A 26 -1.93 10.11 -16.84
CA LYS A 26 -3.09 10.05 -17.75
C LYS A 26 -3.60 8.62 -18.03
N GLY A 27 -2.79 7.59 -17.76
CA GLY A 27 -3.13 6.16 -17.72
C GLY A 27 -4.01 5.76 -16.55
N LEU A 28 -3.72 6.23 -15.33
CA LEU A 28 -4.64 6.06 -14.19
C LEU A 28 -5.88 6.94 -14.38
N LYS A 29 -5.71 8.20 -14.79
CA LYS A 29 -6.84 9.13 -15.02
C LYS A 29 -7.83 8.66 -16.10
N ARG A 30 -7.47 7.66 -16.90
CA ARG A 30 -8.29 6.98 -17.89
C ARG A 30 -9.43 6.14 -17.29
N MET A 31 -9.30 5.62 -16.05
CA MET A 31 -10.41 4.94 -15.35
C MET A 31 -11.20 5.93 -14.47
N PRO A 32 -12.56 5.85 -14.44
CA PRO A 32 -13.39 6.83 -13.74
C PRO A 32 -13.17 6.80 -12.23
N GLY A 33 -12.72 5.68 -11.65
CA GLY A 33 -12.52 5.53 -10.21
C GLY A 33 -11.25 6.16 -9.65
N VAL A 34 -10.50 6.97 -10.40
CA VAL A 34 -9.41 7.81 -9.85
C VAL A 34 -9.84 9.28 -9.80
N THR A 35 -9.55 9.96 -8.69
CA THR A 35 -9.82 11.39 -8.46
C THR A 35 -8.61 12.24 -8.89
N ASP A 36 -7.39 11.78 -8.63
CA ASP A 36 -6.11 12.43 -9.00
C ASP A 36 -4.93 11.46 -8.97
N ALA A 37 -3.89 11.71 -9.78
CA ALA A 37 -2.58 11.05 -9.72
C ALA A 37 -1.47 12.06 -10.08
N ASN A 38 -0.33 12.01 -9.38
CA ASN A 38 0.88 12.80 -9.73
C ASN A 38 2.18 12.18 -9.17
N VAL A 39 3.26 12.14 -9.97
CA VAL A 39 4.55 11.57 -9.56
C VAL A 39 5.55 12.66 -9.14
N ASN A 40 6.26 12.45 -8.02
CA ASN A 40 7.49 13.19 -7.70
C ASN A 40 8.70 12.49 -8.35
N LEU A 41 8.83 12.66 -9.68
CA LEU A 41 9.71 11.89 -10.58
C LEU A 41 11.12 11.66 -10.03
N ALA A 42 11.74 12.67 -9.42
CA ALA A 42 13.11 12.63 -8.87
C ALA A 42 13.41 11.53 -7.82
N THR A 43 12.41 10.77 -7.37
CA THR A 43 12.57 9.50 -6.62
C THR A 43 11.47 8.48 -6.94
N GLU A 44 10.72 8.66 -8.03
CA GLU A 44 9.76 7.68 -8.59
C GLU A 44 8.55 7.35 -7.69
N THR A 45 8.17 8.20 -6.71
CA THR A 45 6.94 8.00 -5.90
C THR A 45 5.76 8.63 -6.62
N SER A 46 4.78 7.79 -6.97
CA SER A 46 3.54 8.14 -7.65
C SER A 46 2.39 8.21 -6.65
N ASN A 47 1.90 9.41 -6.37
CA ASN A 47 0.94 9.70 -5.31
C ASN A 47 -0.48 9.82 -5.91
N VAL A 48 -1.45 9.04 -5.44
CA VAL A 48 -2.75 8.87 -6.11
C VAL A 48 -3.92 8.88 -5.11
N ILE A 49 -5.07 9.38 -5.54
CA ILE A 49 -6.29 9.53 -4.74
C ILE A 49 -7.48 9.02 -5.57
N TYR A 50 -8.25 8.07 -5.02
CA TYR A 50 -9.18 7.19 -5.77
C TYR A 50 -10.50 6.87 -5.04
N ASP A 51 -11.47 6.34 -5.78
CA ASP A 51 -12.83 6.02 -5.36
C ASP A 51 -12.98 4.51 -5.02
N PRO A 52 -13.25 4.15 -3.75
CA PRO A 52 -13.20 2.78 -3.26
C PRO A 52 -14.48 2.00 -3.60
N ALA A 53 -14.68 1.67 -4.89
CA ALA A 53 -15.76 0.82 -5.37
C ALA A 53 -15.44 0.25 -6.77
N GLU A 54 -15.23 1.18 -7.71
CA GLU A 54 -14.84 0.95 -9.10
C GLU A 54 -13.34 0.66 -9.23
N THR A 55 -12.50 1.42 -8.52
CA THR A 55 -11.05 1.17 -8.41
C THR A 55 -10.80 0.47 -7.08
N GLY A 56 -10.33 -0.78 -7.17
CA GLY A 56 -9.74 -1.50 -6.05
C GLY A 56 -8.23 -1.29 -6.02
N THR A 57 -7.60 -1.53 -4.86
CA THR A 57 -6.21 -1.13 -4.62
C THR A 57 -5.22 -1.81 -5.56
N ALA A 58 -5.42 -3.09 -5.88
CA ALA A 58 -4.51 -3.84 -6.76
C ALA A 58 -4.58 -3.43 -8.25
N ALA A 59 -5.64 -2.71 -8.67
CA ALA A 59 -5.75 -2.15 -10.02
C ALA A 59 -4.77 -0.99 -10.26
N ILE A 60 -4.23 -0.39 -9.19
CA ILE A 60 -3.31 0.75 -9.29
C ILE A 60 -1.99 0.33 -9.93
N GLN A 61 -1.36 -0.76 -9.47
CA GLN A 61 -0.19 -1.30 -10.17
C GLN A 61 -0.55 -1.96 -11.51
N GLU A 62 -1.80 -2.40 -11.73
CA GLU A 62 -2.20 -2.94 -13.03
C GLU A 62 -2.05 -1.89 -14.14
N LYS A 63 -2.38 -0.61 -13.92
CA LYS A 63 -2.10 0.42 -14.94
C LYS A 63 -0.61 0.71 -15.11
N ILE A 64 0.25 0.38 -14.15
CA ILE A 64 1.72 0.45 -14.31
C ILE A 64 2.21 -0.66 -15.24
N GLU A 65 1.75 -1.91 -15.04
CA GLU A 65 2.00 -3.00 -16.00
C GLU A 65 1.43 -2.65 -17.40
N LYS A 66 0.18 -2.20 -17.45
CA LYS A 66 -0.54 -1.89 -18.69
C LYS A 66 -0.02 -0.66 -19.45
N LEU A 67 0.87 0.15 -18.85
CA LEU A 67 1.65 1.18 -19.56
C LEU A 67 3.04 0.69 -19.99
N GLY A 68 3.53 -0.45 -19.48
CA GLY A 68 4.80 -1.07 -19.90
C GLY A 68 5.99 -0.69 -19.03
N TYR A 69 5.82 -0.67 -17.71
CA TYR A 69 6.88 -0.42 -16.72
C TYR A 69 6.88 -1.48 -15.60
N HIS A 70 7.77 -1.36 -14.62
CA HIS A 70 7.74 -2.14 -13.37
C HIS A 70 7.32 -1.20 -12.22
N VAL A 71 6.99 -1.75 -11.05
CA VAL A 71 6.77 -1.01 -9.79
C VAL A 71 7.64 -1.67 -8.72
N VAL A 72 8.26 -0.90 -7.80
CA VAL A 72 9.28 -1.45 -6.88
C VAL A 72 8.67 -1.86 -5.53
N THR A 73 7.59 -2.66 -5.63
CA THR A 73 6.85 -3.23 -4.50
C THR A 73 7.24 -4.68 -4.30
N GLU A 74 7.38 -5.06 -3.04
CA GLU A 74 7.61 -6.42 -2.59
C GLU A 74 6.42 -6.91 -1.76
N LYS A 75 6.30 -8.24 -1.65
CA LYS A 75 5.49 -8.90 -0.63
C LYS A 75 6.35 -9.22 0.61
N ALA A 76 5.77 -9.08 1.79
CA ALA A 76 6.37 -9.41 3.08
C ALA A 76 5.33 -10.04 4.01
N GLU A 77 5.79 -10.76 5.03
CA GLU A 77 4.94 -11.41 6.03
C GLU A 77 5.44 -11.05 7.43
N PHE A 78 4.51 -10.67 8.30
CA PHE A 78 4.71 -10.21 9.66
C PHE A 78 3.92 -11.07 10.64
N ASP A 79 4.31 -10.97 11.91
CA ASP A 79 3.72 -11.66 13.06
C ASP A 79 3.12 -10.63 14.05
N ILE A 80 2.09 -11.04 14.77
CA ILE A 80 1.45 -10.26 15.83
C ILE A 80 1.75 -10.90 17.19
N GLU A 81 2.06 -10.10 18.20
CA GLU A 81 2.00 -10.50 19.61
C GLU A 81 0.99 -9.60 20.32
N GLY A 82 -0.30 -9.95 20.18
CA GLY A 82 -1.37 -9.04 20.60
C GLY A 82 -2.82 -9.42 20.29
N MET A 83 -3.13 -10.59 19.70
CA MET A 83 -4.54 -10.89 19.35
C MET A 83 -4.88 -12.39 19.21
N THR A 84 -6.12 -12.72 19.58
CA THR A 84 -6.70 -14.08 19.47
C THR A 84 -7.93 -14.14 18.57
N CYS A 85 -8.63 -13.03 18.35
CA CYS A 85 -9.98 -12.98 17.79
C CYS A 85 -10.14 -11.96 16.64
N ALA A 86 -11.15 -12.19 15.79
CA ALA A 86 -11.38 -11.48 14.54
C ALA A 86 -11.56 -9.96 14.67
N ALA A 87 -12.13 -9.46 15.77
CA ALA A 87 -12.26 -8.02 16.03
C ALA A 87 -10.89 -7.29 16.07
N CYS A 88 -9.86 -7.93 16.62
CA CYS A 88 -8.50 -7.38 16.66
C CYS A 88 -7.79 -7.50 15.30
N ALA A 89 -8.00 -8.60 14.56
CA ALA A 89 -7.54 -8.70 13.18
C ALA A 89 -8.12 -7.57 12.32
N ASN A 90 -9.41 -7.24 12.45
CA ASN A 90 -10.02 -6.11 11.73
C ASN A 90 -9.49 -4.74 12.21
N ARG A 91 -9.31 -4.52 13.52
CA ARG A 91 -8.66 -3.30 14.05
C ARG A 91 -7.37 -2.99 13.30
N ILE A 92 -6.50 -4.01 13.14
CA ILE A 92 -5.20 -3.81 12.48
C ILE A 92 -5.34 -3.81 10.96
N GLU A 93 -6.14 -4.70 10.36
CA GLU A 93 -6.37 -4.82 8.91
C GLU A 93 -6.69 -3.47 8.27
N LYS A 94 -7.71 -2.77 8.75
CA LYS A 94 -8.18 -1.54 8.10
C LYS A 94 -7.12 -0.43 8.05
N ARG A 95 -6.08 -0.52 8.88
CA ARG A 95 -4.89 0.34 8.84
C ARG A 95 -3.67 -0.31 8.16
N LEU A 96 -3.47 -1.63 8.25
CA LEU A 96 -2.42 -2.39 7.54
C LEU A 96 -2.64 -2.38 6.03
N ASN A 97 -3.87 -2.64 5.59
CA ASN A 97 -4.37 -2.72 4.20
C ASN A 97 -4.45 -1.34 3.49
N LYS A 98 -3.44 -0.49 3.75
CA LYS A 98 -3.18 0.92 3.42
C LYS A 98 -2.76 1.71 4.69
N ILE A 99 -1.51 1.52 5.14
CA ILE A 99 -0.89 2.34 6.20
C ILE A 99 -0.71 3.76 5.65
N GLU A 100 0.45 4.03 5.05
CA GLU A 100 0.59 5.03 4.02
C GLU A 100 1.49 4.38 2.97
N GLY A 101 1.07 4.42 1.72
CA GLY A 101 1.83 3.92 0.56
C GLY A 101 1.69 2.41 0.33
N VAL A 102 1.51 1.66 1.42
CA VAL A 102 1.13 0.23 1.40
C VAL A 102 -0.07 -0.02 0.48
N ALA A 103 0.00 -1.05 -0.38
CA ALA A 103 -1.03 -1.40 -1.35
C ALA A 103 -2.06 -2.37 -0.75
N ASN A 104 -1.65 -3.58 -0.36
CA ASN A 104 -2.61 -4.60 0.14
C ASN A 104 -2.11 -5.26 1.43
N ALA A 105 -3.02 -5.73 2.31
CA ALA A 105 -2.62 -6.57 3.46
C ALA A 105 -3.73 -7.48 4.03
N PRO A 106 -3.77 -8.79 3.69
CA PRO A 106 -4.66 -9.75 4.33
C PRO A 106 -4.07 -10.24 5.66
N VAL A 107 -4.76 -9.90 6.76
CA VAL A 107 -4.44 -10.31 8.14
C VAL A 107 -5.12 -11.66 8.47
N ASN A 108 -4.40 -12.54 9.16
CA ASN A 108 -4.92 -13.80 9.70
C ASN A 108 -5.51 -13.62 11.12
N PHE A 109 -6.67 -14.24 11.39
CA PHE A 109 -7.46 -14.02 12.60
C PHE A 109 -7.39 -15.16 13.65
N ALA A 110 -6.46 -16.11 13.48
CA ALA A 110 -6.21 -17.18 14.46
C ALA A 110 -4.71 -17.56 14.56
N LEU A 111 -3.94 -17.39 13.48
CA LEU A 111 -2.51 -17.70 13.41
C LEU A 111 -1.61 -16.51 13.78
N GLU A 112 -2.18 -15.31 13.98
CA GLU A 112 -1.47 -14.06 14.29
C GLU A 112 -0.42 -13.66 13.24
N THR A 113 -0.61 -14.03 11.98
CA THR A 113 0.19 -13.55 10.84
C THR A 113 -0.56 -12.43 10.12
N VAL A 114 0.17 -11.63 9.36
CA VAL A 114 -0.40 -10.74 8.32
C VAL A 114 0.59 -10.67 7.14
N THR A 115 0.06 -10.75 5.92
CA THR A 115 0.82 -10.59 4.68
C THR A 115 0.63 -9.16 4.21
N VAL A 116 1.68 -8.54 3.68
CA VAL A 116 1.70 -7.13 3.25
C VAL A 116 2.30 -7.04 1.83
N GLU A 117 1.69 -6.20 0.99
CA GLU A 117 2.10 -5.86 -0.38
C GLU A 117 2.35 -4.35 -0.42
N TYR A 118 3.62 -3.94 -0.61
CA TYR A 118 4.06 -2.55 -0.39
C TYR A 118 5.45 -2.21 -0.97
N ASN A 119 5.84 -0.93 -0.94
CA ASN A 119 7.21 -0.49 -1.24
C ASN A 119 8.09 -0.48 0.02
N PRO A 120 9.13 -1.33 0.13
CA PRO A 120 10.13 -1.27 1.20
C PRO A 120 11.16 -0.12 1.00
N LYS A 121 10.82 0.89 0.19
CA LYS A 121 11.70 1.99 -0.24
C LYS A 121 11.35 3.38 0.34
N GLU A 122 10.16 3.52 0.94
CA GLU A 122 9.65 4.78 1.51
C GLU A 122 9.35 4.67 3.02
N ALA A 123 9.05 3.47 3.50
CA ALA A 123 8.78 3.18 4.91
C ALA A 123 9.65 2.00 5.38
N SER A 124 10.02 2.01 6.65
CA SER A 124 10.72 0.88 7.28
C SER A 124 10.11 0.54 8.65
N VAL A 125 10.71 -0.36 9.45
CA VAL A 125 10.02 -0.97 10.60
C VAL A 125 9.71 0.06 11.70
N SER A 126 10.45 1.16 11.79
CA SER A 126 10.08 2.29 12.67
C SER A 126 8.75 2.94 12.29
N ASP A 127 8.47 3.14 10.99
CA ASP A 127 7.22 3.77 10.51
C ASP A 127 6.03 2.85 10.80
N LEU A 128 6.22 1.54 10.60
CA LEU A 128 5.23 0.49 10.91
C LEU A 128 4.94 0.48 12.41
N LYS A 129 5.98 0.32 13.24
CA LYS A 129 5.90 0.41 14.70
C LYS A 129 5.21 1.69 15.20
N GLU A 130 5.57 2.89 14.71
CA GLU A 130 4.92 4.15 15.13
C GLU A 130 3.41 4.19 14.80
N ALA A 131 2.98 3.62 13.67
CA ALA A 131 1.55 3.46 13.38
C ALA A 131 0.89 2.40 14.29
N VAL A 132 1.57 1.27 14.48
CA VAL A 132 1.10 0.10 15.26
C VAL A 132 0.99 0.39 16.77
N ASP A 133 1.79 1.32 17.29
CA ASP A 133 1.69 1.84 18.66
C ASP A 133 0.35 2.54 18.89
N LYS A 134 -0.17 3.26 17.88
CA LYS A 134 -1.50 3.87 17.92
C LYS A 134 -2.65 2.87 17.69
N LEU A 135 -2.42 1.70 17.06
CA LEU A 135 -3.35 0.58 17.15
C LEU A 135 -3.30 -0.10 18.54
N GLY A 136 -2.19 0.02 19.27
CA GLY A 136 -2.06 -0.42 20.67
C GLY A 136 -1.28 -1.72 20.88
N TYR A 137 -0.52 -2.20 19.90
CA TYR A 137 0.22 -3.47 19.97
C TYR A 137 1.67 -3.35 19.41
N LYS A 138 2.32 -4.45 19.03
CA LYS A 138 3.61 -4.43 18.34
C LYS A 138 3.63 -5.44 17.18
N LEU A 139 4.41 -5.14 16.15
CA LEU A 139 4.61 -6.03 15.01
C LEU A 139 5.96 -6.72 15.16
N LYS A 140 5.93 -8.02 14.97
CA LYS A 140 7.07 -8.92 14.79
C LYS A 140 7.24 -9.27 13.28
N LEU A 141 8.37 -9.86 12.88
CA LEU A 141 8.69 -10.20 11.48
C LEU A 141 9.05 -11.67 11.28
N LYS A 142 8.57 -12.27 10.18
CA LYS A 142 8.33 -13.72 10.04
C LYS A 142 9.56 -14.49 9.54
N GLY A 143 10.71 -14.17 10.15
CA GLY A 143 12.06 -14.45 9.66
C GLY A 143 12.94 -13.23 9.86
N GLU A 144 12.45 -12.04 9.48
CA GLU A 144 13.18 -10.77 9.64
C GLU A 144 13.11 -10.18 11.07
N GLN A 145 13.32 -11.04 12.09
CA GLN A 145 13.66 -10.81 13.51
C GLN A 145 13.12 -11.92 14.41
N ASP A 146 11.83 -12.23 14.29
CA ASP A 146 11.09 -12.96 15.32
C ASP A 146 10.79 -14.42 14.96
N SER A 147 10.99 -14.75 13.69
CA SER A 147 11.14 -16.09 13.07
C SER A 147 9.79 -16.69 12.66
N MET A 1 -23.76 3.23 -1.12
CA MET A 1 -23.28 4.63 -1.15
C MET A 1 -21.97 4.75 -0.37
N LEU A 2 -20.83 4.63 -1.07
CA LEU A 2 -19.49 4.91 -0.53
C LEU A 2 -18.87 6.08 -1.30
N SER A 3 -17.96 6.80 -0.64
CA SER A 3 -17.42 8.09 -1.09
C SER A 3 -16.42 8.59 -0.03
N GLU A 4 -15.22 8.00 0.00
CA GLU A 4 -14.20 8.26 1.01
C GLU A 4 -12.83 8.36 0.33
N GLN A 5 -12.42 9.57 -0.10
CA GLN A 5 -11.18 9.74 -0.85
C GLN A 5 -9.95 9.50 0.02
N LYS A 6 -9.02 8.70 -0.49
CA LYS A 6 -7.82 8.20 0.18
C LYS A 6 -6.60 8.16 -0.75
N GLU A 7 -5.44 7.85 -0.15
CA GLU A 7 -4.12 8.08 -0.70
C GLU A 7 -3.28 6.79 -0.81
N ILE A 8 -2.26 6.83 -1.67
CA ILE A 8 -1.16 5.85 -1.77
C ILE A 8 0.02 6.47 -2.53
N ALA A 9 1.24 6.07 -2.18
CA ALA A 9 2.47 6.41 -2.89
C ALA A 9 3.36 5.16 -3.06
N MET A 10 4.16 5.11 -4.13
CA MET A 10 5.15 4.04 -4.39
C MET A 10 6.34 4.58 -5.18
N GLN A 11 7.52 3.97 -5.05
CA GLN A 11 8.67 4.25 -5.92
C GLN A 11 8.41 3.59 -7.28
N VAL A 12 8.47 4.38 -8.36
CA VAL A 12 8.07 3.99 -9.72
C VAL A 12 9.32 3.99 -10.63
N SER A 13 9.56 2.91 -11.36
CA SER A 13 10.76 2.75 -12.23
C SER A 13 10.38 2.70 -13.72
N GLY A 14 11.33 3.08 -14.59
CA GLY A 14 11.17 3.06 -16.04
C GLY A 14 10.66 4.36 -16.65
N MET A 15 10.95 5.51 -16.03
CA MET A 15 10.52 6.84 -16.49
C MET A 15 11.47 7.50 -17.52
N THR A 16 12.29 6.72 -18.23
CA THR A 16 13.41 7.18 -19.07
C THR A 16 12.95 7.63 -20.47
N CYS A 17 12.19 8.72 -20.54
CA CYS A 17 11.75 9.42 -21.76
C CYS A 17 11.04 10.77 -21.50
N ALA A 18 11.03 11.26 -20.25
CA ALA A 18 10.28 12.42 -19.72
C ALA A 18 8.75 12.22 -19.76
N ALA A 19 8.16 12.04 -20.95
CA ALA A 19 6.74 11.79 -21.19
C ALA A 19 6.19 10.53 -20.51
N CYS A 20 7.06 9.66 -19.96
CA CYS A 20 6.71 8.67 -18.95
C CYS A 20 5.83 9.27 -17.83
N ALA A 21 6.19 10.45 -17.31
CA ALA A 21 5.39 11.17 -16.31
C ALA A 21 3.95 11.39 -16.80
N ALA A 22 3.81 11.98 -17.99
CA ALA A 22 2.54 12.24 -18.64
C ALA A 22 1.73 10.94 -18.90
N ARG A 23 2.40 9.85 -19.30
CA ARG A 23 1.81 8.52 -19.46
C ARG A 23 1.26 7.96 -18.15
N ILE A 24 1.96 8.11 -17.00
CA ILE A 24 1.45 7.61 -15.71
C ILE A 24 0.22 8.41 -15.27
N GLU A 25 0.32 9.74 -15.20
CA GLU A 25 -0.76 10.59 -14.69
C GLU A 25 -2.03 10.48 -15.55
N LYS A 26 -1.92 10.65 -16.87
CA LYS A 26 -3.05 10.55 -17.78
C LYS A 26 -3.59 9.10 -17.88
N GLY A 27 -2.72 8.09 -17.73
CA GLY A 27 -3.06 6.67 -17.75
C GLY A 27 -3.85 6.22 -16.52
N LEU A 28 -3.57 6.79 -15.34
CA LEU A 28 -4.43 6.65 -14.16
C LEU A 28 -5.74 7.43 -14.34
N LYS A 29 -5.67 8.69 -14.79
CA LYS A 29 -6.80 9.61 -14.97
C LYS A 29 -7.95 9.08 -15.87
N ARG A 30 -7.77 7.95 -16.56
CA ARG A 30 -8.82 7.26 -17.31
C ARG A 30 -9.76 6.37 -16.45
N MET A 31 -9.37 5.94 -15.25
CA MET A 31 -10.24 5.15 -14.36
C MET A 31 -11.07 6.07 -13.44
N PRO A 32 -12.42 5.99 -13.45
CA PRO A 32 -13.28 6.96 -12.77
C PRO A 32 -13.14 6.96 -11.23
N GLY A 33 -12.55 5.89 -10.66
CA GLY A 33 -12.23 5.83 -9.23
C GLY A 33 -11.01 6.67 -8.81
N VAL A 34 -10.20 7.20 -9.74
CA VAL A 34 -9.11 8.14 -9.39
C VAL A 34 -9.64 9.58 -9.43
N THR A 35 -9.32 10.41 -8.42
CA THR A 35 -9.52 11.86 -8.49
C THR A 35 -8.29 12.52 -9.08
N ASP A 36 -7.09 12.19 -8.56
CA ASP A 36 -5.85 12.89 -8.89
C ASP A 36 -4.64 11.94 -8.88
N ALA A 37 -3.72 12.12 -9.83
CA ALA A 37 -2.46 11.39 -9.92
C ALA A 37 -1.30 12.38 -10.08
N ASN A 38 -0.24 12.18 -9.31
CA ASN A 38 0.91 13.10 -9.24
C ASN A 38 2.23 12.32 -9.17
N VAL A 39 3.06 12.39 -10.21
CA VAL A 39 4.35 11.66 -10.28
C VAL A 39 5.53 12.64 -10.19
N ASN A 40 6.42 12.38 -9.23
CA ASN A 40 7.60 13.19 -8.93
C ASN A 40 8.89 12.41 -9.28
N LEU A 41 9.59 12.85 -10.33
CA LEU A 41 10.84 12.22 -10.78
C LEU A 41 11.95 12.36 -9.75
N ALA A 42 12.05 13.52 -9.09
CA ALA A 42 13.16 13.84 -8.21
C ALA A 42 13.18 12.98 -6.93
N THR A 43 12.01 12.47 -6.51
CA THR A 43 11.85 11.48 -5.43
C THR A 43 11.50 10.08 -5.94
N GLU A 44 11.45 9.91 -7.26
CA GLU A 44 11.14 8.66 -7.98
C GLU A 44 9.77 8.06 -7.59
N THR A 45 8.84 8.92 -7.13
CA THR A 45 7.57 8.55 -6.48
C THR A 45 6.39 8.75 -7.43
N SER A 46 5.53 7.75 -7.54
CA SER A 46 4.16 7.94 -8.05
C SER A 46 3.18 8.01 -6.87
N ASN A 47 2.41 9.10 -6.79
CA ASN A 47 1.38 9.33 -5.77
C ASN A 47 0.00 9.28 -6.42
N VAL A 48 -0.97 8.58 -5.80
CA VAL A 48 -2.31 8.39 -6.36
C VAL A 48 -3.37 8.69 -5.30
N ILE A 49 -4.42 9.44 -5.68
CA ILE A 49 -5.53 9.83 -4.82
C ILE A 49 -6.84 9.43 -5.50
N TYR A 50 -7.61 8.59 -4.80
CA TYR A 50 -8.69 7.76 -5.33
C TYR A 50 -9.88 7.65 -4.35
N ASP A 51 -11.03 7.18 -4.81
CA ASP A 51 -12.17 6.77 -3.96
C ASP A 51 -12.38 5.24 -4.10
N PRO A 52 -12.22 4.45 -3.01
CA PRO A 52 -12.12 2.99 -3.09
C PRO A 52 -13.46 2.29 -3.42
N ALA A 53 -14.56 3.03 -3.50
CA ALA A 53 -15.88 2.52 -3.88
C ALA A 53 -15.89 1.85 -5.28
N GLU A 54 -15.15 2.44 -6.23
CA GLU A 54 -15.18 2.06 -7.65
C GLU A 54 -13.89 1.36 -8.11
N THR A 55 -12.86 1.26 -7.24
CA THR A 55 -11.54 0.70 -7.57
C THR A 55 -10.83 0.25 -6.29
N GLY A 56 -10.49 -1.04 -6.18
CA GLY A 56 -9.61 -1.57 -5.14
C GLY A 56 -8.14 -1.28 -5.46
N THR A 57 -7.30 -1.02 -4.45
CA THR A 57 -5.92 -0.53 -4.62
C THR A 57 -5.04 -1.42 -5.49
N ALA A 58 -5.21 -2.75 -5.45
CA ALA A 58 -4.46 -3.65 -6.34
C ALA A 58 -4.69 -3.33 -7.84
N ALA A 59 -5.95 -3.07 -8.23
CA ALA A 59 -6.33 -2.75 -9.61
C ALA A 59 -5.70 -1.43 -10.12
N ILE A 60 -5.22 -0.56 -9.24
CA ILE A 60 -4.43 0.61 -9.62
C ILE A 60 -3.06 0.17 -10.18
N GLN A 61 -2.42 -0.85 -9.60
CA GLN A 61 -1.06 -1.25 -9.99
C GLN A 61 -1.01 -1.87 -11.40
N GLU A 62 -2.06 -2.60 -11.80
CA GLU A 62 -2.29 -3.06 -13.17
C GLU A 62 -2.41 -1.88 -14.15
N LYS A 63 -3.12 -0.81 -13.75
CA LYS A 63 -3.23 0.39 -14.57
C LYS A 63 -1.91 1.16 -14.71
N ILE A 64 -0.89 0.91 -13.88
CA ILE A 64 0.48 1.38 -14.11
C ILE A 64 1.24 0.42 -15.06
N GLU A 65 1.11 -0.91 -14.89
CA GLU A 65 1.74 -1.89 -15.81
C GLU A 65 1.30 -1.64 -17.27
N LYS A 66 0.02 -1.27 -17.47
CA LYS A 66 -0.58 -0.92 -18.76
C LYS A 66 0.11 0.21 -19.56
N LEU A 67 1.10 0.93 -18.98
CA LEU A 67 1.94 1.91 -19.71
C LEU A 67 3.30 1.34 -20.15
N GLY A 68 3.77 0.23 -19.57
CA GLY A 68 5.12 -0.32 -19.81
C GLY A 68 6.18 0.27 -18.87
N TYR A 69 5.96 0.13 -17.56
CA TYR A 69 6.90 0.57 -16.51
C TYR A 69 7.53 -0.62 -15.73
N HIS A 70 8.23 -0.33 -14.64
CA HIS A 70 8.81 -1.31 -13.70
C HIS A 70 8.58 -0.86 -12.24
N VAL A 71 8.60 -1.79 -11.27
CA VAL A 71 8.35 -1.48 -9.85
C VAL A 71 9.09 -2.48 -8.95
N VAL A 72 9.31 -2.11 -7.70
CA VAL A 72 9.88 -2.96 -6.65
C VAL A 72 8.82 -3.22 -5.57
N THR A 73 8.33 -4.47 -5.50
CA THR A 73 7.21 -4.89 -4.63
C THR A 73 7.36 -6.36 -4.25
N GLU A 74 6.89 -6.74 -3.06
CA GLU A 74 6.66 -8.14 -2.69
C GLU A 74 5.58 -8.19 -1.58
N LYS A 75 5.33 -9.38 -1.03
CA LYS A 75 4.62 -9.50 0.25
C LYS A 75 5.58 -9.45 1.45
N ALA A 76 5.26 -8.64 2.46
CA ALA A 76 5.82 -8.72 3.80
C ALA A 76 4.82 -9.47 4.71
N GLU A 77 5.32 -10.22 5.70
CA GLU A 77 4.48 -11.04 6.60
C GLU A 77 5.00 -10.93 8.03
N PHE A 78 4.05 -10.79 8.95
CA PHE A 78 4.27 -10.42 10.34
C PHE A 78 3.39 -11.25 11.28
N ASP A 79 3.81 -11.27 12.54
CA ASP A 79 3.10 -11.80 13.71
C ASP A 79 2.47 -10.62 14.48
N ILE A 80 1.25 -10.85 15.02
CA ILE A 80 0.54 -9.92 15.91
C ILE A 80 0.33 -10.58 17.27
N GLU A 81 1.42 -10.85 17.98
CA GLU A 81 1.37 -11.08 19.42
C GLU A 81 0.65 -9.91 20.11
N GLY A 82 -0.60 -10.14 20.50
CA GLY A 82 -1.51 -9.12 21.02
C GLY A 82 -2.96 -9.36 20.64
N MET A 83 -3.23 -9.88 19.42
CA MET A 83 -4.60 -10.16 18.95
C MET A 83 -4.97 -11.64 19.09
N THR A 84 -6.21 -11.93 19.51
CA THR A 84 -6.74 -13.31 19.63
C THR A 84 -8.18 -13.45 19.12
N CYS A 85 -8.71 -12.47 18.36
CA CYS A 85 -10.07 -12.43 17.85
C CYS A 85 -10.19 -11.51 16.62
N ALA A 86 -11.20 -11.72 15.76
CA ALA A 86 -11.51 -10.88 14.60
C ALA A 86 -11.66 -9.39 14.97
N ALA A 87 -12.32 -9.07 16.08
CA ALA A 87 -12.49 -7.71 16.58
C ALA A 87 -11.17 -7.05 17.05
N CYS A 88 -10.11 -7.83 17.30
CA CYS A 88 -8.76 -7.32 17.55
C CYS A 88 -8.01 -7.05 16.24
N ALA A 89 -8.07 -7.98 15.30
CA ALA A 89 -7.44 -7.90 13.98
C ALA A 89 -7.95 -6.71 13.16
N ASN A 90 -9.26 -6.63 12.93
CA ASN A 90 -9.83 -5.65 12.01
C ASN A 90 -9.53 -4.19 12.42
N ARG A 91 -9.34 -3.94 13.73
CA ARG A 91 -8.97 -2.64 14.28
C ARG A 91 -7.59 -2.13 13.85
N ILE A 92 -6.62 -3.01 13.52
CA ILE A 92 -5.38 -2.62 12.82
C ILE A 92 -5.51 -2.70 11.30
N GLU A 93 -6.23 -3.71 10.79
CA GLU A 93 -6.39 -4.02 9.36
C GLU A 93 -6.79 -2.80 8.52
N LYS A 94 -7.80 -2.04 8.95
CA LYS A 94 -8.30 -0.88 8.21
C LYS A 94 -7.25 0.24 8.03
N ARG A 95 -6.21 0.30 8.88
CA ARG A 95 -5.02 1.13 8.67
C ARG A 95 -3.97 0.37 7.85
N LEU A 96 -3.57 -0.84 8.26
CA LEU A 96 -2.57 -1.71 7.62
C LEU A 96 -2.71 -1.76 6.09
N ASN A 97 -3.95 -1.97 5.60
CA ASN A 97 -4.30 -2.03 4.18
C ASN A 97 -3.64 -0.92 3.36
N LYS A 98 -3.72 0.34 3.82
CA LYS A 98 -3.04 1.50 3.25
C LYS A 98 -2.47 2.41 4.36
N ILE A 99 -1.25 2.12 4.83
CA ILE A 99 -0.44 3.04 5.66
C ILE A 99 0.40 3.98 4.80
N GLU A 100 1.53 3.50 4.32
CA GLU A 100 2.47 4.18 3.45
C GLU A 100 3.23 3.07 2.72
N GLY A 101 3.09 3.06 1.40
CA GLY A 101 3.90 2.25 0.47
C GLY A 101 3.41 0.80 0.34
N VAL A 102 2.75 0.33 1.39
CA VAL A 102 1.79 -0.77 1.40
C VAL A 102 0.59 -0.47 0.47
N ALA A 103 0.23 -1.43 -0.40
CA ALA A 103 -0.93 -1.42 -1.28
C ALA A 103 -2.12 -2.24 -0.76
N ASN A 104 -1.88 -3.42 -0.17
CA ASN A 104 -2.98 -4.25 0.39
C ASN A 104 -2.57 -5.01 1.67
N ALA A 105 -3.52 -5.42 2.52
CA ALA A 105 -3.26 -6.26 3.69
C ALA A 105 -4.52 -6.96 4.26
N PRO A 106 -4.59 -8.31 4.27
CA PRO A 106 -5.50 -9.09 5.12
C PRO A 106 -4.81 -9.56 6.41
N VAL A 107 -5.46 -9.38 7.56
CA VAL A 107 -4.96 -9.81 8.89
C VAL A 107 -5.57 -11.18 9.24
N ASN A 108 -4.73 -12.16 9.61
CA ASN A 108 -5.12 -13.54 9.87
C ASN A 108 -5.50 -13.73 11.36
N PHE A 109 -6.72 -13.33 11.71
CA PHE A 109 -7.18 -13.12 13.09
C PHE A 109 -7.14 -14.35 14.02
N ALA A 110 -7.22 -15.55 13.45
CA ALA A 110 -7.18 -16.83 14.17
C ALA A 110 -5.77 -17.44 14.25
N LEU A 111 -4.89 -17.06 13.30
CA LEU A 111 -3.51 -17.53 13.15
C LEU A 111 -2.53 -16.66 13.97
N GLU A 112 -2.93 -15.42 14.28
CA GLU A 112 -2.17 -14.42 15.06
C GLU A 112 -1.03 -13.80 14.22
N THR A 113 -1.29 -13.61 12.91
CA THR A 113 -0.35 -13.08 11.90
C THR A 113 -1.06 -12.14 10.92
N VAL A 114 -0.34 -11.50 10.01
CA VAL A 114 -0.87 -10.62 8.93
C VAL A 114 0.10 -10.65 7.74
N THR A 115 -0.44 -10.57 6.51
CA THR A 115 0.33 -10.51 5.25
C THR A 115 0.00 -9.21 4.54
N VAL A 116 0.99 -8.59 3.90
CA VAL A 116 0.90 -7.23 3.36
C VAL A 116 1.58 -7.16 1.98
N GLU A 117 0.88 -6.67 0.96
CA GLU A 117 1.36 -6.38 -0.41
C GLU A 117 1.91 -4.95 -0.45
N TYR A 118 3.20 -4.78 -0.79
CA TYR A 118 4.00 -3.62 -0.38
C TYR A 118 5.26 -3.32 -1.21
N ASN A 119 5.58 -2.02 -1.33
CA ASN A 119 6.81 -1.45 -1.91
C ASN A 119 7.74 -0.92 -0.80
N PRO A 120 9.01 -1.37 -0.71
CA PRO A 120 9.90 -1.13 0.43
C PRO A 120 10.63 0.23 0.43
N LYS A 121 10.46 1.07 -0.60
CA LYS A 121 11.30 2.27 -0.78
C LYS A 121 10.82 3.51 0.01
N GLU A 122 9.52 3.73 0.14
CA GLU A 122 8.97 5.02 0.61
C GLU A 122 8.96 5.19 2.14
N ALA A 123 9.04 4.09 2.90
CA ALA A 123 9.05 4.01 4.36
C ALA A 123 9.63 2.65 4.80
N SER A 124 9.31 2.15 5.99
CA SER A 124 9.59 0.78 6.40
C SER A 124 8.74 0.38 7.62
N VAL A 125 9.04 -0.78 8.20
CA VAL A 125 8.32 -1.44 9.30
C VAL A 125 8.40 -0.64 10.61
N SER A 126 9.30 0.35 10.70
CA SER A 126 9.37 1.36 11.75
C SER A 126 8.03 2.07 11.97
N ASP A 127 7.49 2.74 10.95
CA ASP A 127 6.22 3.46 11.01
C ASP A 127 5.01 2.51 11.13
N LEU A 128 5.10 1.31 10.54
CA LEU A 128 4.07 0.27 10.70
C LEU A 128 4.00 -0.19 12.17
N LYS A 129 5.15 -0.38 12.82
CA LYS A 129 5.24 -0.67 14.25
C LYS A 129 4.63 0.46 15.07
N GLU A 130 4.95 1.74 14.83
CA GLU A 130 4.31 2.86 15.56
C GLU A 130 2.78 2.87 15.42
N ALA A 131 2.24 2.57 14.23
CA ALA A 131 0.80 2.50 14.01
C ALA A 131 0.13 1.34 14.77
N VAL A 132 0.78 0.17 14.82
CA VAL A 132 0.27 -1.03 15.53
C VAL A 132 0.48 -0.95 17.05
N ASP A 133 1.54 -0.28 17.51
CA ASP A 133 1.83 -0.02 18.93
C ASP A 133 0.72 0.80 19.60
N LYS A 134 0.23 1.82 18.88
CA LYS A 134 -0.87 2.69 19.29
C LYS A 134 -2.20 1.94 19.44
N LEU A 135 -2.37 0.82 18.73
CA LEU A 135 -3.52 -0.10 18.87
C LEU A 135 -3.29 -1.20 19.92
N GLY A 136 -2.09 -1.31 20.51
CA GLY A 136 -1.79 -2.16 21.67
C GLY A 136 -1.06 -3.46 21.34
N TYR A 137 -0.54 -3.63 20.13
CA TYR A 137 0.21 -4.84 19.72
C TYR A 137 1.63 -4.49 19.18
N LYS A 138 2.21 -5.38 18.37
CA LYS A 138 3.44 -5.16 17.61
C LYS A 138 3.49 -6.13 16.42
N LEU A 139 4.17 -5.72 15.35
CA LEU A 139 4.41 -6.51 14.15
C LEU A 139 5.76 -7.21 14.27
N LYS A 140 5.79 -8.42 14.81
CA LYS A 140 7.01 -9.22 14.82
C LYS A 140 7.26 -9.83 13.42
N LEU A 141 8.27 -9.35 12.68
CA LEU A 141 8.61 -9.87 11.33
C LEU A 141 9.05 -11.35 11.35
N LYS A 142 8.66 -12.09 10.31
CA LYS A 142 8.94 -13.52 10.11
C LYS A 142 10.32 -13.64 9.45
N GLY A 143 11.29 -14.31 10.09
CA GLY A 143 12.67 -14.39 9.61
C GLY A 143 13.48 -13.10 9.82
N GLU A 144 12.80 -11.98 10.13
CA GLU A 144 13.29 -10.61 10.01
C GLU A 144 13.22 -9.78 11.31
N GLN A 145 12.74 -10.35 12.43
CA GLN A 145 12.69 -9.72 13.76
C GLN A 145 12.41 -10.73 14.87
N ASP A 146 11.43 -11.63 14.70
CA ASP A 146 11.27 -12.79 15.58
C ASP A 146 12.17 -13.95 15.16
N SER A 147 12.33 -14.09 13.84
CA SER A 147 12.75 -15.30 13.12
C SER A 147 11.55 -16.24 13.00
N MET A 1 -24.56 13.22 -1.25
CA MET A 1 -24.12 12.09 -0.40
C MET A 1 -23.33 12.55 0.82
N LEU A 2 -21.99 12.65 0.76
CA LEU A 2 -21.08 12.47 1.90
C LEU A 2 -19.64 12.90 1.51
N SER A 3 -18.62 12.48 2.26
CA SER A 3 -17.22 12.81 1.98
C SER A 3 -16.23 11.87 2.70
N GLU A 4 -15.79 10.80 2.02
CA GLU A 4 -14.46 10.21 2.23
C GLU A 4 -14.02 9.41 0.98
N GLN A 5 -12.81 9.69 0.52
CA GLN A 5 -12.08 9.01 -0.55
C GLN A 5 -10.62 8.93 -0.09
N LYS A 6 -9.79 8.03 -0.62
CA LYS A 6 -8.52 7.65 0.03
C LYS A 6 -7.30 7.61 -0.89
N GLU A 7 -6.13 7.89 -0.31
CA GLU A 7 -4.83 7.92 -0.97
C GLU A 7 -4.13 6.54 -1.02
N ILE A 8 -3.05 6.48 -1.81
CA ILE A 8 -2.02 5.44 -1.86
C ILE A 8 -0.76 6.02 -2.56
N ALA A 9 0.45 5.61 -2.17
CA ALA A 9 1.68 6.00 -2.84
C ALA A 9 2.59 4.78 -3.11
N MET A 10 3.38 4.85 -4.19
CA MET A 10 4.32 3.83 -4.65
C MET A 10 5.53 4.48 -5.36
N GLN A 11 6.66 3.78 -5.42
CA GLN A 11 7.69 4.05 -6.41
C GLN A 11 7.37 3.25 -7.70
N VAL A 12 7.73 3.79 -8.87
CA VAL A 12 7.49 3.16 -10.19
C VAL A 12 8.65 3.51 -11.15
N SER A 13 9.35 2.49 -11.62
CA SER A 13 10.55 2.62 -12.45
C SER A 13 10.28 2.41 -13.95
N GLY A 14 11.22 2.91 -14.78
CA GLY A 14 11.14 2.92 -16.24
C GLY A 14 10.74 4.26 -16.84
N MET A 15 10.61 5.33 -16.02
CA MET A 15 10.27 6.70 -16.45
C MET A 15 11.48 7.46 -17.02
N THR A 16 12.22 6.86 -17.96
CA THR A 16 13.57 7.29 -18.39
C THR A 16 13.54 8.42 -19.46
N CYS A 17 12.54 9.31 -19.34
CA CYS A 17 12.23 10.49 -20.14
C CYS A 17 10.98 11.15 -19.53
N ALA A 18 10.94 12.48 -19.40
CA ALA A 18 9.80 13.20 -18.80
C ALA A 18 8.41 12.86 -19.39
N ALA A 19 8.34 12.41 -20.65
CA ALA A 19 7.09 12.01 -21.30
C ALA A 19 6.48 10.70 -20.75
N CYS A 20 7.20 10.00 -19.86
CA CYS A 20 6.65 8.89 -19.08
C CYS A 20 5.68 9.37 -18.01
N ALA A 21 5.99 10.47 -17.30
CA ALA A 21 5.08 11.12 -16.34
C ALA A 21 3.73 11.48 -16.99
N ALA A 22 3.79 12.13 -18.16
CA ALA A 22 2.65 12.43 -19.05
C ALA A 22 1.82 11.18 -19.44
N ARG A 23 2.37 9.97 -19.30
CA ARG A 23 1.67 8.70 -19.49
C ARG A 23 1.17 8.03 -18.19
N ILE A 24 1.78 8.29 -17.03
CA ILE A 24 1.26 7.78 -15.75
C ILE A 24 -0.01 8.55 -15.37
N GLU A 25 0.04 9.88 -15.30
CA GLU A 25 -1.09 10.70 -14.88
C GLU A 25 -2.28 10.54 -15.83
N LYS A 26 -2.09 10.72 -17.15
CA LYS A 26 -3.21 10.55 -18.09
C LYS A 26 -3.64 9.07 -18.22
N GLY A 27 -2.70 8.12 -18.13
CA GLY A 27 -2.97 6.68 -18.06
C GLY A 27 -3.85 6.26 -16.88
N LEU A 28 -3.72 6.88 -15.71
CA LEU A 28 -4.59 6.59 -14.56
C LEU A 28 -5.91 7.37 -14.61
N LYS A 29 -5.89 8.69 -14.83
CA LYS A 29 -7.03 9.62 -14.53
C LYS A 29 -8.40 9.23 -15.13
N ARG A 30 -8.40 8.35 -16.13
CA ARG A 30 -9.54 7.81 -16.87
C ARG A 30 -10.25 6.63 -16.17
N MET A 31 -9.66 6.02 -15.14
CA MET A 31 -10.32 4.98 -14.32
C MET A 31 -11.50 5.60 -13.56
N PRO A 32 -12.69 4.97 -13.56
CA PRO A 32 -13.96 5.64 -13.26
C PRO A 32 -14.00 6.28 -11.88
N GLY A 33 -13.30 5.71 -10.89
CA GLY A 33 -13.22 6.23 -9.53
C GLY A 33 -11.87 6.85 -9.14
N VAL A 34 -10.90 7.03 -10.05
CA VAL A 34 -9.64 7.71 -9.64
C VAL A 34 -9.88 9.22 -9.68
N THR A 35 -9.84 9.88 -8.51
CA THR A 35 -10.15 11.31 -8.41
C THR A 35 -8.94 12.16 -8.73
N ASP A 36 -7.71 11.73 -8.39
CA ASP A 36 -6.50 12.42 -8.89
C ASP A 36 -5.21 11.62 -8.73
N ALA A 37 -4.15 12.03 -9.44
CA ALA A 37 -2.78 11.56 -9.23
C ALA A 37 -1.77 12.71 -9.34
N ASN A 38 -0.63 12.57 -8.67
CA ASN A 38 0.61 13.31 -8.92
C ASN A 38 1.74 12.29 -9.16
N VAL A 39 2.52 12.43 -10.22
CA VAL A 39 3.74 11.63 -10.44
C VAL A 39 4.99 12.53 -10.41
N ASN A 40 6.12 12.00 -9.94
CA ASN A 40 7.41 12.70 -9.93
C ASN A 40 8.55 11.81 -10.44
N LEU A 41 9.31 12.34 -11.41
CA LEU A 41 10.55 11.74 -11.92
C LEU A 41 11.61 11.70 -10.83
N ALA A 42 11.84 12.84 -10.17
CA ALA A 42 13.02 13.06 -9.32
C ALA A 42 13.06 12.20 -8.06
N THR A 43 11.91 11.62 -7.66
CA THR A 43 11.78 10.62 -6.58
C THR A 43 11.17 9.31 -7.06
N GLU A 44 10.96 9.15 -8.37
CA GLU A 44 10.44 7.93 -9.02
C GLU A 44 9.05 7.51 -8.48
N THR A 45 8.23 8.47 -7.99
CA THR A 45 7.04 8.23 -7.16
C THR A 45 5.75 8.45 -7.94
N SER A 46 4.76 7.60 -7.72
CA SER A 46 3.35 7.87 -8.00
C SER A 46 2.55 8.02 -6.71
N ASN A 47 1.68 9.02 -6.65
CA ASN A 47 0.84 9.37 -5.50
C ASN A 47 -0.60 9.49 -6.02
N VAL A 48 -1.53 8.65 -5.56
CA VAL A 48 -2.84 8.46 -6.22
C VAL A 48 -3.98 8.52 -5.20
N ILE A 49 -5.13 9.10 -5.57
CA ILE A 49 -6.32 9.27 -4.72
C ILE A 49 -7.56 8.80 -5.48
N TYR A 50 -8.35 7.90 -4.86
CA TYR A 50 -9.48 7.20 -5.48
C TYR A 50 -10.70 6.94 -4.56
N ASP A 51 -11.83 6.62 -5.20
CA ASP A 51 -13.13 6.28 -4.62
C ASP A 51 -13.35 4.75 -4.54
N PRO A 52 -13.77 4.20 -3.38
CA PRO A 52 -13.83 2.75 -3.14
C PRO A 52 -15.09 2.06 -3.71
N ALA A 53 -15.90 2.71 -4.56
CA ALA A 53 -17.08 2.09 -5.15
C ALA A 53 -16.85 1.67 -6.60
N GLU A 54 -16.18 2.52 -7.39
CA GLU A 54 -15.93 2.27 -8.81
C GLU A 54 -14.66 1.45 -9.07
N THR A 55 -13.86 1.12 -8.04
CA THR A 55 -12.52 0.54 -8.18
C THR A 55 -11.95 -0.04 -6.89
N GLY A 56 -10.95 -0.89 -7.02
CA GLY A 56 -9.94 -1.16 -5.99
C GLY A 56 -8.60 -0.47 -6.32
N THR A 57 -7.61 -0.65 -5.45
CA THR A 57 -6.27 -0.07 -5.58
C THR A 57 -5.35 -0.83 -6.54
N ALA A 58 -5.60 -2.12 -6.79
CA ALA A 58 -4.72 -2.96 -7.61
C ALA A 58 -4.77 -2.56 -9.09
N ALA A 59 -5.88 -2.01 -9.56
CA ALA A 59 -6.04 -1.39 -10.89
C ALA A 59 -4.97 -0.34 -11.23
N ILE A 60 -4.35 0.27 -10.21
CA ILE A 60 -3.20 1.18 -10.38
C ILE A 60 -1.95 0.40 -10.84
N GLN A 61 -1.63 -0.74 -10.20
CA GLN A 61 -0.51 -1.57 -10.63
C GLN A 61 -0.77 -2.17 -12.01
N GLU A 62 -2.01 -2.59 -12.31
CA GLU A 62 -2.40 -3.04 -13.66
C GLU A 62 -2.13 -1.98 -14.73
N LYS A 63 -2.58 -0.73 -14.53
CA LYS A 63 -2.31 0.32 -15.51
C LYS A 63 -0.83 0.67 -15.62
N ILE A 64 -0.09 0.61 -14.52
CA ILE A 64 1.37 0.82 -14.50
C ILE A 64 2.10 -0.26 -15.29
N GLU A 65 1.79 -1.56 -15.10
CA GLU A 65 2.39 -2.63 -15.90
C GLU A 65 2.14 -2.41 -17.40
N LYS A 66 0.91 -2.00 -17.74
CA LYS A 66 0.46 -1.74 -19.12
C LYS A 66 1.16 -0.55 -19.81
N LEU A 67 2.06 0.20 -19.13
CA LEU A 67 2.99 1.13 -19.78
C LEU A 67 4.35 0.48 -20.11
N GLY A 68 4.77 -0.59 -19.43
CA GLY A 68 6.09 -1.24 -19.59
C GLY A 68 7.08 -0.91 -18.47
N TYR A 69 6.59 -0.89 -17.22
CA TYR A 69 7.33 -0.48 -16.02
C TYR A 69 8.45 -1.43 -15.54
N HIS A 70 9.05 -1.03 -14.42
CA HIS A 70 9.74 -1.86 -13.42
C HIS A 70 9.50 -1.25 -12.01
N VAL A 71 9.95 -1.86 -10.91
CA VAL A 71 9.46 -1.50 -9.55
C VAL A 71 10.28 -2.11 -8.39
N VAL A 72 10.34 -1.40 -7.26
CA VAL A 72 10.84 -1.88 -5.96
C VAL A 72 9.65 -2.24 -5.08
N THR A 73 9.18 -3.49 -5.18
CA THR A 73 8.04 -4.03 -4.40
C THR A 73 8.30 -5.48 -4.03
N GLU A 74 7.77 -5.89 -2.88
CA GLU A 74 7.88 -7.24 -2.33
C GLU A 74 6.73 -7.51 -1.34
N LYS A 75 6.63 -8.75 -0.86
CA LYS A 75 5.72 -9.12 0.22
C LYS A 75 6.46 -9.58 1.48
N ALA A 76 5.87 -9.31 2.66
CA ALA A 76 6.45 -9.62 3.97
C ALA A 76 5.38 -10.13 4.94
N GLU A 77 5.80 -10.94 5.91
CA GLU A 77 4.96 -11.48 6.97
C GLU A 77 5.42 -10.94 8.33
N PHE A 78 4.52 -10.27 9.05
CA PHE A 78 4.71 -9.78 10.42
C PHE A 78 3.91 -10.63 11.40
N ASP A 79 4.42 -10.78 12.63
CA ASP A 79 3.81 -11.53 13.75
C ASP A 79 3.11 -10.55 14.71
N ILE A 80 1.89 -10.88 15.14
CA ILE A 80 1.03 -10.03 15.98
C ILE A 80 0.73 -10.71 17.32
N GLU A 81 1.77 -11.01 18.08
CA GLU A 81 1.69 -11.47 19.46
C GLU A 81 0.86 -10.53 20.34
N GLY A 82 -0.44 -10.84 20.49
CA GLY A 82 -1.40 -9.98 21.16
C GLY A 82 -2.85 -10.19 20.71
N MET A 83 -3.08 -10.54 19.44
CA MET A 83 -4.44 -10.72 18.89
C MET A 83 -4.97 -12.16 19.04
N THR A 84 -6.28 -12.29 19.29
CA THR A 84 -6.90 -13.50 19.86
C THR A 84 -8.17 -13.98 19.15
N CYS A 85 -8.69 -13.19 18.21
CA CYS A 85 -10.01 -13.29 17.59
C CYS A 85 -10.07 -12.40 16.34
N ALA A 86 -11.04 -12.62 15.44
CA ALA A 86 -11.25 -11.79 14.26
C ALA A 86 -11.50 -10.31 14.60
N ALA A 87 -12.23 -10.01 15.68
CA ALA A 87 -12.44 -8.65 16.18
C ALA A 87 -11.14 -7.93 16.63
N CYS A 88 -10.08 -8.67 16.98
CA CYS A 88 -8.76 -8.11 17.31
C CYS A 88 -7.97 -7.82 16.03
N ALA A 89 -7.86 -8.83 15.16
CA ALA A 89 -7.22 -8.73 13.86
C ALA A 89 -7.79 -7.60 13.00
N ASN A 90 -9.12 -7.55 12.81
CA ASN A 90 -9.73 -6.60 11.88
C ASN A 90 -9.56 -5.12 12.32
N ARG A 91 -9.49 -4.83 13.63
CA ARG A 91 -9.20 -3.48 14.13
C ARG A 91 -7.84 -2.94 13.65
N ILE A 92 -6.81 -3.79 13.55
CA ILE A 92 -5.50 -3.42 12.98
C ILE A 92 -5.43 -3.60 11.46
N GLU A 93 -6.10 -4.60 10.89
CA GLU A 93 -6.26 -4.81 9.43
C GLU A 93 -6.69 -3.53 8.72
N LYS A 94 -7.62 -2.81 9.32
CA LYS A 94 -8.19 -1.56 8.86
C LYS A 94 -7.15 -0.44 8.69
N ARG A 95 -6.03 -0.46 9.46
CA ARG A 95 -4.85 0.37 9.23
C ARG A 95 -3.82 -0.30 8.31
N LEU A 96 -3.54 -1.60 8.51
CA LEU A 96 -2.56 -2.38 7.74
C LEU A 96 -2.82 -2.32 6.23
N ASN A 97 -4.09 -2.41 5.80
CA ASN A 97 -4.52 -2.53 4.40
C ASN A 97 -3.77 -1.59 3.43
N LYS A 98 -3.56 -0.34 3.84
CA LYS A 98 -2.79 0.67 3.11
C LYS A 98 -2.05 1.62 4.07
N ILE A 99 -0.98 1.15 4.71
CA ILE A 99 0.03 2.06 5.30
C ILE A 99 0.85 2.72 4.15
N GLU A 100 1.92 3.42 4.49
CA GLU A 100 2.49 4.53 3.74
C GLU A 100 3.53 4.00 2.76
N GLY A 101 3.09 3.65 1.54
CA GLY A 101 3.82 2.77 0.62
C GLY A 101 3.27 1.33 0.53
N VAL A 102 2.15 1.01 1.19
CA VAL A 102 1.55 -0.34 1.18
C VAL A 102 0.49 -0.47 0.07
N ALA A 103 0.48 -1.61 -0.64
CA ALA A 103 -0.53 -1.99 -1.62
C ALA A 103 -1.68 -2.77 -0.96
N ASN A 104 -1.39 -3.87 -0.26
CA ASN A 104 -2.39 -4.76 0.35
C ASN A 104 -1.91 -5.35 1.68
N ALA A 105 -2.83 -5.71 2.60
CA ALA A 105 -2.49 -6.43 3.84
C ALA A 105 -3.70 -7.07 4.58
N PRO A 106 -4.10 -8.32 4.23
CA PRO A 106 -5.03 -9.11 5.02
C PRO A 106 -4.34 -9.72 6.26
N VAL A 107 -5.02 -9.67 7.41
CA VAL A 107 -4.45 -10.13 8.70
C VAL A 107 -4.86 -11.59 8.97
N ASN A 108 -3.87 -12.43 9.32
CA ASN A 108 -4.01 -13.87 9.55
C ASN A 108 -4.59 -14.19 10.94
N PHE A 109 -5.88 -13.93 11.14
CA PHE A 109 -6.51 -13.74 12.46
C PHE A 109 -6.44 -14.90 13.47
N ALA A 110 -6.23 -16.15 13.02
CA ALA A 110 -6.07 -17.33 13.88
C ALA A 110 -4.63 -17.87 13.91
N LEU A 111 -3.83 -17.58 12.87
CA LEU A 111 -2.43 -17.96 12.74
C LEU A 111 -1.51 -17.01 13.53
N GLU A 112 -1.99 -15.77 13.73
CA GLU A 112 -1.41 -14.66 14.49
C GLU A 112 -0.40 -13.81 13.69
N THR A 113 -0.38 -13.88 12.34
CA THR A 113 0.45 -12.99 11.51
C THR A 113 -0.39 -11.95 10.80
N VAL A 114 0.24 -11.08 10.01
CA VAL A 114 -0.39 -10.33 8.90
C VAL A 114 0.55 -10.40 7.70
N THR A 115 -0.01 -10.62 6.51
CA THR A 115 0.73 -10.80 5.26
C THR A 115 0.57 -9.55 4.42
N VAL A 116 1.66 -8.83 4.16
CA VAL A 116 1.70 -7.48 3.59
C VAL A 116 2.31 -7.51 2.18
N GLU A 117 1.75 -6.75 1.24
CA GLU A 117 2.25 -6.46 -0.11
C GLU A 117 2.54 -4.95 -0.19
N TYR A 118 3.80 -4.56 -0.47
CA TYR A 118 4.25 -3.17 -0.30
C TYR A 118 5.51 -2.78 -1.10
N ASN A 119 5.81 -1.48 -1.11
CA ASN A 119 6.98 -0.86 -1.74
C ASN A 119 8.04 -0.50 -0.66
N PRO A 120 9.07 -1.34 -0.43
CA PRO A 120 10.01 -1.18 0.69
C PRO A 120 11.05 -0.07 0.48
N LYS A 121 11.04 0.67 -0.65
CA LYS A 121 11.96 1.79 -0.86
C LYS A 121 11.71 2.94 0.15
N GLU A 122 10.44 3.25 0.45
CA GLU A 122 10.02 4.37 1.30
C GLU A 122 9.08 3.91 2.43
N ALA A 123 9.19 2.65 2.90
CA ALA A 123 8.35 2.07 3.93
C ALA A 123 9.13 1.05 4.77
N SER A 124 8.95 1.07 6.10
CA SER A 124 9.79 0.28 7.00
C SER A 124 9.12 -0.03 8.35
N VAL A 125 9.78 -0.83 9.20
CA VAL A 125 9.26 -1.30 10.51
C VAL A 125 8.83 -0.14 11.45
N SER A 126 9.29 1.10 11.22
CA SER A 126 8.78 2.26 11.98
C SER A 126 7.31 2.54 11.66
N ASP A 127 6.94 2.66 10.37
CA ASP A 127 5.56 2.95 9.94
C ASP A 127 4.59 1.87 10.45
N LEU A 128 5.03 0.62 10.39
CA LEU A 128 4.28 -0.57 10.82
C LEU A 128 4.06 -0.55 12.34
N LYS A 129 5.13 -0.48 13.13
CA LYS A 129 5.00 -0.42 14.60
C LYS A 129 4.19 0.82 15.02
N GLU A 130 4.48 2.00 14.50
CA GLU A 130 3.82 3.25 14.94
C GLU A 130 2.35 3.33 14.50
N ALA A 131 1.94 2.68 13.40
CA ALA A 131 0.53 2.53 13.05
C ALA A 131 -0.23 1.55 13.98
N VAL A 132 0.44 0.55 14.53
CA VAL A 132 -0.14 -0.47 15.43
C VAL A 132 -0.05 -0.11 16.94
N ASP A 133 0.92 0.73 17.34
CA ASP A 133 1.07 1.25 18.72
C ASP A 133 -0.24 1.87 19.23
N LYS A 134 -0.83 2.71 18.39
CA LYS A 134 -2.10 3.40 18.59
C LYS A 134 -3.27 2.43 18.89
N LEU A 135 -3.21 1.18 18.42
CA LEU A 135 -4.21 0.13 18.62
C LEU A 135 -3.86 -0.83 19.77
N GLY A 136 -2.64 -0.78 20.34
CA GLY A 136 -2.28 -1.48 21.58
C GLY A 136 -1.71 -2.89 21.40
N TYR A 137 -1.13 -3.21 20.24
CA TYR A 137 -0.40 -4.46 19.98
C TYR A 137 1.10 -4.17 19.71
N LYS A 138 1.92 -5.19 19.45
CA LYS A 138 3.27 -5.01 18.91
C LYS A 138 3.45 -5.90 17.69
N LEU A 139 4.28 -5.46 16.74
CA LEU A 139 4.58 -6.20 15.52
C LEU A 139 6.00 -6.77 15.61
N LYS A 140 6.05 -8.08 15.79
CA LYS A 140 7.26 -8.88 15.61
C LYS A 140 7.47 -9.19 14.12
N LEU A 141 8.66 -9.70 13.76
CA LEU A 141 9.02 -10.05 12.39
C LEU A 141 9.56 -11.47 12.28
N LYS A 142 9.30 -12.04 11.12
CA LYS A 142 9.58 -13.43 10.75
C LYS A 142 11.01 -13.46 10.20
N GLY A 143 11.93 -14.05 10.97
CA GLY A 143 13.38 -13.95 10.75
C GLY A 143 13.91 -12.61 11.26
N GLU A 144 13.32 -11.50 10.81
CA GLU A 144 13.86 -10.16 11.04
C GLU A 144 13.65 -9.59 12.47
N GLN A 145 13.07 -10.35 13.40
CA GLN A 145 13.10 -10.06 14.84
C GLN A 145 13.00 -11.30 15.70
N ASP A 146 11.84 -11.95 15.67
CA ASP A 146 11.47 -12.98 16.65
C ASP A 146 11.84 -14.39 16.18
N SER A 147 11.77 -14.55 14.86
CA SER A 147 12.16 -15.68 13.99
C SER A 147 10.92 -16.34 13.41
N MET A 1 -21.21 14.08 -4.50
CA MET A 1 -21.02 13.56 -3.13
C MET A 1 -20.29 12.21 -3.14
N LEU A 2 -19.95 11.68 -1.97
CA LEU A 2 -19.29 10.37 -1.75
C LEU A 2 -19.36 9.96 -0.26
N SER A 3 -18.79 8.82 0.13
CA SER A 3 -18.66 8.42 1.54
C SER A 3 -17.24 8.56 2.12
N GLU A 4 -16.23 8.45 1.26
CA GLU A 4 -14.80 8.52 1.58
C GLU A 4 -14.01 8.60 0.26
N GLN A 5 -12.78 9.09 0.34
CA GLN A 5 -11.74 8.89 -0.67
C GLN A 5 -10.57 8.18 0.03
N LYS A 6 -9.67 7.54 -0.72
CA LYS A 6 -8.41 7.03 -0.18
C LYS A 6 -7.21 7.61 -0.97
N GLU A 7 -6.09 7.87 -0.29
CA GLU A 7 -4.84 8.33 -0.91
C GLU A 7 -3.72 7.32 -0.63
N ILE A 8 -2.88 7.03 -1.63
CA ILE A 8 -1.68 6.18 -1.51
C ILE A 8 -0.55 6.68 -2.42
N ALA A 9 0.68 6.22 -2.16
CA ALA A 9 1.87 6.50 -2.96
C ALA A 9 2.87 5.33 -2.91
N MET A 10 3.74 5.22 -3.92
CA MET A 10 4.86 4.27 -4.04
C MET A 10 5.96 4.81 -4.97
N GLN A 11 7.19 4.32 -4.81
CA GLN A 11 8.27 4.52 -5.78
C GLN A 11 8.11 3.50 -6.94
N VAL A 12 8.51 3.87 -8.17
CA VAL A 12 8.09 3.17 -9.41
C VAL A 12 9.23 3.10 -10.46
N SER A 13 9.30 2.01 -11.25
CA SER A 13 10.43 1.69 -12.12
C SER A 13 10.20 1.98 -13.62
N GLY A 14 11.24 2.57 -14.24
CA GLY A 14 11.39 2.74 -15.70
C GLY A 14 11.15 4.16 -16.22
N MET A 15 10.92 5.15 -15.35
CA MET A 15 10.43 6.48 -15.73
C MET A 15 11.43 7.45 -16.38
N THR A 16 12.57 6.95 -16.86
CA THR A 16 13.77 7.70 -17.29
C THR A 16 13.62 8.55 -18.56
N CYS A 17 12.43 8.60 -19.18
CA CYS A 17 12.14 9.33 -20.43
C CYS A 17 11.10 10.47 -20.22
N ALA A 18 10.99 10.98 -18.99
CA ALA A 18 10.17 12.12 -18.53
C ALA A 18 8.65 11.89 -18.63
N ALA A 19 8.13 11.71 -19.85
CA ALA A 19 6.71 11.52 -20.18
C ALA A 19 6.11 10.25 -19.58
N CYS A 20 6.95 9.34 -19.05
CA CYS A 20 6.58 8.21 -18.23
C CYS A 20 5.69 8.61 -17.04
N ALA A 21 5.99 9.76 -16.40
CA ALA A 21 5.14 10.38 -15.40
C ALA A 21 3.74 10.67 -15.97
N ALA A 22 3.68 11.39 -17.09
CA ALA A 22 2.42 11.72 -17.79
C ALA A 22 1.60 10.45 -18.10
N ARG A 23 2.19 9.42 -18.74
CA ARG A 23 1.60 8.09 -18.98
C ARG A 23 0.91 7.51 -17.74
N ILE A 24 1.53 7.56 -16.56
CA ILE A 24 0.94 7.02 -15.30
C ILE A 24 -0.18 7.92 -14.78
N GLU A 25 0.03 9.24 -14.72
CA GLU A 25 -0.99 10.20 -14.27
C GLU A 25 -2.24 10.08 -15.13
N LYS A 26 -2.07 10.10 -16.45
CA LYS A 26 -3.10 9.90 -17.45
C LYS A 26 -3.77 8.53 -17.33
N GLY A 27 -2.99 7.44 -17.28
CA GLY A 27 -3.51 6.07 -17.16
C GLY A 27 -4.41 5.86 -15.94
N LEU A 28 -4.12 6.52 -14.81
CA LEU A 28 -5.00 6.53 -13.63
C LEU A 28 -6.17 7.50 -13.79
N LYS A 29 -5.91 8.77 -14.15
CA LYS A 29 -6.94 9.83 -14.32
C LYS A 29 -8.02 9.48 -15.37
N ARG A 30 -7.74 8.56 -16.30
CA ARG A 30 -8.71 7.99 -17.26
C ARG A 30 -9.82 7.15 -16.61
N MET A 31 -9.64 6.66 -15.38
CA MET A 31 -10.61 5.83 -14.63
C MET A 31 -11.70 6.70 -13.96
N PRO A 32 -12.97 6.24 -13.88
CA PRO A 32 -14.04 6.98 -13.20
C PRO A 32 -13.82 7.00 -11.67
N GLY A 33 -13.64 5.83 -11.06
CA GLY A 33 -13.48 5.65 -9.60
C GLY A 33 -12.10 6.03 -9.07
N VAL A 34 -11.47 7.03 -9.68
CA VAL A 34 -10.15 7.58 -9.36
C VAL A 34 -10.32 9.10 -9.40
N THR A 35 -9.87 9.79 -8.33
CA THR A 35 -9.96 11.25 -8.20
C THR A 35 -8.88 11.85 -9.08
N ASP A 36 -7.62 11.57 -8.75
CA ASP A 36 -6.47 12.14 -9.46
C ASP A 36 -5.14 11.45 -9.10
N ALA A 37 -4.11 11.75 -9.90
CA ALA A 37 -2.77 11.18 -9.79
C ALA A 37 -1.70 12.23 -10.11
N ASN A 38 -0.58 12.13 -9.41
CA ASN A 38 0.50 13.13 -9.38
C ASN A 38 1.85 12.39 -9.22
N VAL A 39 2.75 12.51 -10.19
CA VAL A 39 4.05 11.80 -10.18
C VAL A 39 5.19 12.76 -9.86
N ASN A 40 5.82 12.55 -8.71
CA ASN A 40 7.07 13.18 -8.29
C ASN A 40 8.26 12.38 -8.84
N LEU A 41 8.54 12.54 -10.14
CA LEU A 41 9.70 11.94 -10.81
C LEU A 41 11.01 12.31 -10.09
N ALA A 42 11.12 13.53 -9.57
CA ALA A 42 12.29 14.03 -8.84
C ALA A 42 12.56 13.33 -7.48
N THR A 43 11.71 12.40 -7.04
CA THR A 43 11.98 11.45 -5.94
C THR A 43 11.78 9.99 -6.37
N GLU A 44 11.23 9.76 -7.57
CA GLU A 44 10.89 8.48 -8.22
C GLU A 44 9.52 7.92 -7.74
N THR A 45 8.67 8.80 -7.18
CA THR A 45 7.46 8.46 -6.41
C THR A 45 6.19 8.86 -7.17
N SER A 46 5.24 7.94 -7.31
CA SER A 46 3.88 8.19 -7.82
C SER A 46 2.87 8.27 -6.66
N ASN A 47 1.91 9.20 -6.73
CA ASN A 47 0.95 9.51 -5.66
C ASN A 47 -0.48 9.56 -6.25
N VAL A 48 -1.46 8.89 -5.62
CA VAL A 48 -2.78 8.61 -6.23
C VAL A 48 -3.92 8.76 -5.22
N ILE A 49 -5.05 9.34 -5.63
CA ILE A 49 -6.27 9.54 -4.81
C ILE A 49 -7.49 8.97 -5.55
N TYR A 50 -8.31 8.13 -4.89
CA TYR A 50 -9.34 7.29 -5.53
C TYR A 50 -10.65 7.05 -4.71
N ASP A 51 -11.69 6.49 -5.37
CA ASP A 51 -13.02 6.14 -4.85
C ASP A 51 -13.06 4.65 -4.40
N PRO A 52 -13.13 4.35 -3.09
CA PRO A 52 -13.04 3.00 -2.54
C PRO A 52 -14.39 2.26 -2.49
N ALA A 53 -15.32 2.56 -3.41
CA ALA A 53 -16.52 1.75 -3.66
C ALA A 53 -16.64 1.33 -5.14
N GLU A 54 -16.07 2.09 -6.07
CA GLU A 54 -15.93 1.73 -7.48
C GLU A 54 -14.56 1.08 -7.78
N THR A 55 -13.48 1.49 -7.09
CA THR A 55 -12.10 1.04 -7.35
C THR A 55 -11.51 0.30 -6.14
N GLY A 56 -10.83 -0.82 -6.40
CA GLY A 56 -10.03 -1.58 -5.41
C GLY A 56 -8.52 -1.28 -5.53
N THR A 57 -7.76 -1.52 -4.45
CA THR A 57 -6.32 -1.20 -4.30
C THR A 57 -5.48 -1.66 -5.50
N ALA A 58 -5.66 -2.92 -5.92
CA ALA A 58 -4.88 -3.54 -6.98
C ALA A 58 -5.07 -2.89 -8.37
N ALA A 59 -6.14 -2.13 -8.59
CA ALA A 59 -6.35 -1.37 -9.83
C ALA A 59 -5.21 -0.39 -10.11
N ILE A 60 -4.59 0.16 -9.05
CA ILE A 60 -3.50 1.15 -9.16
C ILE A 60 -2.18 0.49 -9.58
N GLN A 61 -1.80 -0.65 -8.98
CA GLN A 61 -0.61 -1.38 -9.40
C GLN A 61 -0.82 -2.01 -10.80
N GLU A 62 -2.02 -2.53 -11.08
CA GLU A 62 -2.42 -3.01 -12.40
C GLU A 62 -2.28 -1.92 -13.48
N LYS A 63 -2.64 -0.66 -13.18
CA LYS A 63 -2.54 0.44 -14.15
C LYS A 63 -1.09 0.84 -14.48
N ILE A 64 -0.13 0.61 -13.59
CA ILE A 64 1.30 0.83 -13.87
C ILE A 64 1.80 -0.22 -14.85
N GLU A 65 1.62 -1.50 -14.51
CA GLU A 65 2.04 -2.64 -15.33
C GLU A 65 1.36 -2.62 -16.73
N LYS A 66 0.12 -2.11 -16.84
CA LYS A 66 -0.60 -1.93 -18.11
C LYS A 66 0.08 -0.99 -19.11
N LEU A 67 0.93 -0.06 -18.66
CA LEU A 67 1.61 0.90 -19.54
C LEU A 67 2.99 0.41 -20.01
N GLY A 68 3.56 -0.62 -19.37
CA GLY A 68 4.90 -1.16 -19.70
C GLY A 68 6.03 -0.61 -18.83
N TYR A 69 5.71 0.27 -17.87
CA TYR A 69 6.55 0.55 -16.71
C TYR A 69 6.30 -0.49 -15.61
N HIS A 70 7.12 -0.57 -14.56
CA HIS A 70 6.91 -1.59 -13.53
C HIS A 70 6.77 -1.02 -12.12
N VAL A 71 5.97 -1.66 -11.27
CA VAL A 71 6.08 -1.47 -9.81
C VAL A 71 7.30 -2.23 -9.27
N VAL A 72 7.85 -1.78 -8.14
CA VAL A 72 8.79 -2.56 -7.33
C VAL A 72 8.20 -2.70 -5.93
N THR A 73 8.07 -3.96 -5.49
CA THR A 73 7.46 -4.35 -4.22
C THR A 73 8.13 -5.62 -3.71
N GLU A 74 8.24 -5.75 -2.39
CA GLU A 74 8.51 -7.02 -1.73
C GLU A 74 7.25 -7.44 -0.95
N LYS A 75 7.11 -8.75 -0.73
CA LYS A 75 6.11 -9.31 0.17
C LYS A 75 6.76 -9.85 1.45
N ALA A 76 6.11 -9.62 2.60
CA ALA A 76 6.60 -10.02 3.92
C ALA A 76 5.45 -10.54 4.79
N GLU A 77 5.77 -11.47 5.68
CA GLU A 77 4.87 -12.00 6.70
C GLU A 77 5.29 -11.43 8.06
N PHE A 78 4.45 -10.55 8.61
CA PHE A 78 4.64 -9.94 9.93
C PHE A 78 3.94 -10.78 11.00
N ASP A 79 4.51 -10.81 12.21
CA ASP A 79 4.10 -11.64 13.35
C ASP A 79 3.46 -10.74 14.44
N ILE A 80 2.18 -10.99 14.77
CA ILE A 80 1.26 -10.01 15.38
C ILE A 80 0.74 -10.51 16.74
N GLU A 81 1.65 -10.72 17.66
CA GLU A 81 1.38 -11.20 19.02
C GLU A 81 0.45 -10.24 19.77
N GLY A 82 -0.85 -10.51 19.77
CA GLY A 82 -1.85 -9.60 20.33
C GLY A 82 -3.27 -9.71 19.78
N MET A 83 -3.58 -10.64 18.87
CA MET A 83 -4.86 -10.68 18.12
C MET A 83 -5.33 -12.09 17.70
N THR A 84 -5.63 -12.93 18.69
CA THR A 84 -6.24 -14.27 18.54
C THR A 84 -7.70 -14.24 18.04
N CYS A 85 -8.16 -13.14 17.44
CA CYS A 85 -9.56 -12.85 17.15
C CYS A 85 -9.74 -11.90 15.94
N ALA A 86 -10.75 -12.20 15.12
CA ALA A 86 -11.11 -11.44 13.91
C ALA A 86 -11.30 -9.94 14.16
N ALA A 87 -12.03 -9.53 15.21
CA ALA A 87 -12.28 -8.11 15.48
C ALA A 87 -10.99 -7.31 15.76
N CYS A 88 -9.97 -7.95 16.34
CA CYS A 88 -8.64 -7.35 16.56
C CYS A 88 -7.87 -7.19 15.24
N ALA A 89 -7.86 -8.24 14.42
CA ALA A 89 -7.30 -8.19 13.06
C ALA A 89 -7.99 -7.12 12.20
N ASN A 90 -9.33 -7.08 12.17
CA ASN A 90 -10.12 -6.08 11.45
C ASN A 90 -9.70 -4.64 11.81
N ARG A 91 -9.41 -4.37 13.10
CA ARG A 91 -8.96 -3.05 13.57
C ARG A 91 -7.54 -2.66 13.14
N ILE A 92 -6.65 -3.60 12.78
CA ILE A 92 -5.42 -3.23 12.02
C ILE A 92 -5.67 -3.17 10.51
N GLU A 93 -6.48 -4.10 9.97
CA GLU A 93 -6.72 -4.29 8.54
C GLU A 93 -7.06 -2.98 7.83
N LYS A 94 -8.07 -2.23 8.29
CA LYS A 94 -8.51 -1.00 7.64
C LYS A 94 -7.38 0.04 7.41
N ARG A 95 -6.32 0.02 8.25
CA ARG A 95 -5.11 0.83 8.07
C ARG A 95 -4.00 0.06 7.32
N LEU A 96 -3.78 -1.23 7.62
CA LEU A 96 -2.79 -2.11 6.95
C LEU A 96 -3.00 -2.19 5.44
N ASN A 97 -4.25 -2.22 4.98
CA ASN A 97 -4.63 -2.15 3.56
C ASN A 97 -3.90 -1.02 2.81
N LYS A 98 -3.95 0.19 3.34
CA LYS A 98 -3.37 1.41 2.78
C LYS A 98 -2.78 2.31 3.89
N ILE A 99 -1.57 1.98 4.36
CA ILE A 99 -0.86 2.74 5.42
C ILE A 99 -0.37 4.11 4.96
N GLU A 100 0.36 4.10 3.84
CA GLU A 100 1.30 5.08 3.27
C GLU A 100 2.53 4.25 2.87
N GLY A 101 2.48 3.63 1.67
CA GLY A 101 3.60 2.88 1.05
C GLY A 101 3.41 1.37 0.83
N VAL A 102 2.19 0.87 1.07
CA VAL A 102 1.74 -0.53 0.95
C VAL A 102 0.69 -0.67 -0.16
N ALA A 103 0.54 -1.87 -0.73
CA ALA A 103 -0.48 -2.18 -1.74
C ALA A 103 -1.54 -3.18 -1.23
N ASN A 104 -1.12 -4.29 -0.60
CA ASN A 104 -2.05 -5.33 -0.12
C ASN A 104 -1.67 -5.86 1.28
N ALA A 105 -2.63 -6.29 2.10
CA ALA A 105 -2.38 -6.78 3.47
C ALA A 105 -3.47 -7.69 4.09
N PRO A 106 -3.66 -8.94 3.61
CA PRO A 106 -4.56 -9.92 4.24
C PRO A 106 -4.03 -10.39 5.61
N VAL A 107 -4.69 -9.94 6.69
CA VAL A 107 -4.40 -10.29 8.09
C VAL A 107 -4.97 -11.67 8.46
N ASN A 108 -4.24 -12.45 9.28
CA ASN A 108 -4.60 -13.81 9.70
C ASN A 108 -5.29 -13.83 11.09
N PHE A 109 -6.62 -13.98 11.10
CA PHE A 109 -7.54 -13.60 12.20
C PHE A 109 -7.49 -14.43 13.52
N ALA A 110 -6.51 -15.31 13.68
CA ALA A 110 -6.32 -16.15 14.87
C ALA A 110 -4.89 -16.70 14.97
N LEU A 111 -4.30 -17.00 13.81
CA LEU A 111 -2.91 -17.41 13.61
C LEU A 111 -1.90 -16.31 13.97
N GLU A 112 -2.33 -15.04 14.01
CA GLU A 112 -1.56 -13.88 14.44
C GLU A 112 -0.38 -13.56 13.51
N THR A 113 -0.59 -13.67 12.19
CA THR A 113 0.29 -13.03 11.20
C THR A 113 -0.50 -12.00 10.39
N VAL A 114 0.20 -11.22 9.56
CA VAL A 114 -0.39 -10.57 8.37
C VAL A 114 0.62 -10.67 7.23
N THR A 115 0.16 -11.13 6.07
CA THR A 115 0.96 -11.18 4.84
C THR A 115 0.74 -9.87 4.10
N VAL A 116 1.82 -9.15 3.81
CA VAL A 116 1.79 -7.79 3.26
C VAL A 116 2.56 -7.75 1.93
N GLU A 117 2.08 -6.99 0.95
CA GLU A 117 2.81 -6.60 -0.28
C GLU A 117 2.92 -5.07 -0.33
N TYR A 118 4.16 -4.58 -0.43
CA TYR A 118 4.54 -3.18 -0.20
C TYR A 118 5.85 -2.77 -0.90
N ASN A 119 6.11 -1.46 -1.04
CA ASN A 119 7.40 -0.96 -1.52
C ASN A 119 8.28 -0.50 -0.34
N PRO A 120 9.43 -1.17 -0.06
CA PRO A 120 10.33 -0.79 1.04
C PRO A 120 11.12 0.50 0.79
N LYS A 121 11.25 0.99 -0.45
CA LYS A 121 12.09 2.16 -0.77
C LYS A 121 11.61 3.49 -0.15
N GLU A 122 10.40 3.54 0.42
CA GLU A 122 9.79 4.74 1.02
C GLU A 122 9.49 4.61 2.54
N ALA A 123 9.86 3.51 3.21
CA ALA A 123 9.50 3.27 4.62
C ALA A 123 10.52 2.39 5.39
N SER A 124 10.29 2.21 6.69
CA SER A 124 11.01 1.25 7.54
C SER A 124 10.03 0.52 8.48
N VAL A 125 10.46 -0.58 9.12
CA VAL A 125 9.66 -1.28 10.15
C VAL A 125 9.56 -0.46 11.44
N SER A 126 10.37 0.59 11.64
CA SER A 126 10.14 1.54 12.75
C SER A 126 8.85 2.34 12.51
N ASP A 127 8.64 2.87 11.30
CA ASP A 127 7.40 3.57 10.93
C ASP A 127 6.17 2.66 11.12
N LEU A 128 6.29 1.37 10.73
CA LEU A 128 5.23 0.39 10.86
C LEU A 128 4.93 0.04 12.33
N LYS A 129 5.97 -0.19 13.16
CA LYS A 129 5.80 -0.39 14.61
C LYS A 129 5.12 0.83 15.26
N GLU A 130 5.59 2.04 14.96
CA GLU A 130 5.03 3.30 15.49
C GLU A 130 3.57 3.52 15.07
N ALA A 131 3.18 3.07 13.87
CA ALA A 131 1.80 3.09 13.40
C ALA A 131 0.91 2.03 14.09
N VAL A 132 1.35 0.76 14.14
CA VAL A 132 0.56 -0.35 14.72
C VAL A 132 0.44 -0.27 16.25
N ASP A 133 1.40 0.40 16.91
CA ASP A 133 1.31 0.80 18.32
C ASP A 133 -0.03 1.49 18.65
N LYS A 134 -0.44 2.46 17.82
CA LYS A 134 -1.68 3.23 18.01
C LYS A 134 -2.95 2.35 17.83
N LEU A 135 -2.89 1.28 17.04
CA LEU A 135 -4.00 0.31 16.93
C LEU A 135 -4.04 -0.69 18.10
N GLY A 136 -2.97 -0.82 18.90
CA GLY A 136 -2.99 -1.56 20.17
C GLY A 136 -2.26 -2.90 20.18
N TYR A 137 -1.18 -3.07 19.41
CA TYR A 137 -0.45 -4.35 19.27
C TYR A 137 1.09 -4.14 19.28
N LYS A 138 1.89 -5.11 18.80
CA LYS A 138 3.27 -4.90 18.39
C LYS A 138 3.55 -5.77 17.16
N LEU A 139 4.39 -5.29 16.25
CA LEU A 139 4.80 -6.04 15.06
C LEU A 139 6.17 -6.67 15.30
N LYS A 140 6.18 -7.98 15.48
CA LYS A 140 7.38 -8.78 15.23
C LYS A 140 7.43 -9.18 13.73
N LEU A 141 8.46 -9.92 13.32
CA LEU A 141 8.70 -10.32 11.93
C LEU A 141 9.34 -11.70 11.87
N LYS A 142 9.14 -12.31 10.70
CA LYS A 142 9.59 -13.66 10.38
C LYS A 142 10.97 -13.54 9.74
N GLY A 143 11.95 -14.20 10.36
CA GLY A 143 13.35 -13.82 10.27
C GLY A 143 13.59 -12.61 11.15
N GLU A 144 13.10 -11.44 10.74
CA GLU A 144 13.66 -10.17 11.18
C GLU A 144 13.49 -9.80 12.67
N GLN A 145 12.55 -10.38 13.43
CA GLN A 145 12.39 -10.03 14.86
C GLN A 145 11.92 -11.18 15.78
N ASP A 146 11.26 -12.23 15.28
CA ASP A 146 10.93 -13.46 16.04
C ASP A 146 11.35 -14.76 15.33
N SER A 147 12.10 -14.62 14.23
CA SER A 147 12.78 -15.67 13.45
C SER A 147 11.80 -16.71 12.86
#